data_9FTZ
#
_entry.id   9FTZ
#
_cell.length_a   1.00
_cell.length_b   1.00
_cell.length_c   1.00
_cell.angle_alpha   90.00
_cell.angle_beta   90.00
_cell.angle_gamma   90.00
#
_symmetry.space_group_name_H-M   'P 1'
#
loop_
_entity.id
_entity.type
_entity.pdbx_description
1 polymer 'Cytochrome bc1 complex cytochrome c subunit'
2 polymer 'Cytochrome bc1 complex cytochrome c subunit'
3 polymer 'Cytochrome bc1 complex cytochrome b subunit'
4 polymer 'Transmembrane protein'
5 polymer 'Probable cytochrome c oxidase subunit 3'
6 polymer 'Cytochrome c oxidase polypeptide 4'
7 polymer 'Cytochrome c oxidase subunit 1'
8 polymer 'cytochrome-c oxidase'
9 polymer 'Cytochrome c oxidase subunit'
10 polymer 'Uncharacterized protein MSMEG_4692/MSMEI_4575'
11 polymer 'LpqE protein'
12 polymer 'Superoxide dismutase [Cu-Zn]'
13 non-polymer MENAQUINONE-9
14 non-polymer 'acyl-phosphatidyl-myo-inositol dimannoside (AcPIM2)'
15 non-polymer 'HEME C'
16 non-polymer 'FE2/S2 (INORGANIC) CLUSTER'
17 non-polymer '(2R)-2-(hexadecanoyloxy)-3-{[(S)-hydroxy{[(1R,2R,3R,4R,5R,6S)-2,3,4,5,6-pentahydroxycyclohexyl]oxy}phosphoryl]oxy}propyl (9S)-9-methyloctadecanoate'
18 non-polymer '(1R)-2-(dodecanoyloxy)-1-[(phosphonooxy)methyl]ethyl tetradecanoate'
19 non-polymer '[(2~{R})-3-[[(1~{S},2~{R},3~{S},4~{S},5~{R},6~{R})-2-[(2~{R},3~{S},4~{S},5~{S},6~{R})-6-[[(2~{S},3~{S},4~{S},5~{S},6~{R})-6-[[(2~{S},3~{S},4~{S},5~{S},6~{R})-6-(hydroxymethyl)-3-[(2~{R},3~{S},4~{S},5~{S},6~{R})-6-(hydroxymethyl)-3,4,5-tris(oxidanyl)oxan-2-yl]oxy-4,5-bis(oxidanyl)oxan-2-yl]oxymethyl]-3,4,5-tris(oxidanyl)oxan-2-yl]oxymethyl]-3,4,5-tris(oxidanyl)oxan-2-yl]oxy-3,4,5-tris(oxidanyl)-6-[(2~{R},3~{S},4~{S},5~{S},6~{R})-3,4,5-tris(oxidanyl)-6-(undecanoyloxymethyl)oxan-2-yl]oxy-cyclohexyl]oxy-oxidanyl-phosphoryl]oxy-2-undecanoyloxy-propyl] (10~{R})-10-methyldodecanoate'
20 non-polymer 'PROTOPORPHYRIN IX CONTAINING FE'
21 non-polymer CARDIOLIPIN
22 non-polymer 'Lansoprazole sulfide'
23 non-polymer TRIDECANE
24 non-polymer 1,2-Distearoyl-sn-glycerophosphoethanolamine
25 non-polymer HEME-A
26 non-polymer 'COPPER (II) ION'
27 non-polymer 'CALCIUM ION'
28 non-polymer '(2S)-1-(hexadecanoyloxy)propan-2-yl (10S)-10-methyloctadecanoate'
29 non-polymer 'MAGNESIUM ION'
30 non-polymer 'PALMITIC ACID'
31 water water
#
loop_
_entity_poly.entity_id
_entity_poly.type
_entity_poly.pdbx_seq_one_letter_code
_entity_poly.pdbx_strand_id
1 'polypeptide(L)'
;MHHHHHHMGSMTSKSRRRLRRRLSAGLLLLIGLAVAGGVAATLTPQPQVAVADESQSALLRTGKQLFETSCVSCHGANLQ
GVPDRGPSLIGTGEAAVYFQVSTGRMPAMRGEAQAPSKPPHFDESQIDALGAYVQANGGGPTVPRDDHGAVAQESLIGGD
VARGGDLFRLNCASCHNFTGKGGALSSGKYAPDLGDANPAQIYTAMLTGPQNMPKFSDRQLTPDEKRDIVAYVRESAETP
SYGGYGLGGFGPAPEGMAMWIIGMVAAIGVAMWIGSRA
;
O
2 'polypeptide(L)'
;MDRIASMSQDSPDIKGTDAPGQTGVPGQPTDAELAEMSREELVKLGGKIDGVETIFKEPRWPVPGTKAEKRTERLVAYWL
MLGGLSGLALLLVFLFWPWEYQPFGSEGEFLYSLATPLYGLTFGLSILSIGIGAVLFQKKFIPEEISVQDRHDGRSPEVH
RKTVAANLTDALEGSTLKRRKVIGLSLGIGLGAFGAGTLVAFIGGLIKNPWKPVVPTAEGKKAVLWTSGWTPRFKGETIY
LARATGRPGESPFVKMRPEDIDAGGMETVFPWRESDGDGTTVESEHKLTEIAMGVRNPVMLIRIKPADMHRVIKRKGQES
FNFGELFAYTKVCSHLGCPSSLYEQQTYRILCPCHQSQFDALEFAKPIFGPAARALAQLPITIDEDGYLVANGDFVEPVG
PAFWERKS
;
M,G
3 'polypeptide(L)'
;MSPDFAKLAAAQGDAIDSRYHPSAAVRRQLNKVFPTHWSFLLGEIALYSFIILLLTGVWLTLFFDPSMAHVTYDGVYQPL
RGVQMSRAYETALDISFEVRGGLFVRQVHHWAALMFAASIMVHLARIFFTGAFRRPREANWVIGSLLLILAMFEGFFGYS
LPDDLLSGTGIRAALSGITMGIPVIGTWMHWALFGGDFPGEILIPRLYALHILLIPGIILALIGAHLALVWFQKHTQFPG
PGRTETNVVGVRVMPVFAVKSGAFFAMITGVLGLMGGLLTINPIWNLGPYKPSQVSAGSQPDFYMMWTDGLIRLWPAWEF
YPFGHTIPQGVWVAVGMGLVFALLIAYPFIEKKVTGDDAHHNLLQRPRDVPVRTAIGSMAIALYLLLTFACMNDIIALKF
HISLNATTWIGRIGMVVLPAIVYFVAYRWAISLQRSDREVLEHGVETGIIKRLPHGAYVELHQPLGPVDEHGHPIPLEYA
GAPLPKRMNKLGSGGAPGTGSFLFPDPAVEHEALTEAAHASEHKSLTALKEHQDRIHGNGETNGHHKLDYKDDDDK
;
N,H
4 'polypeptide(L)'
;MSSTQDRSQLDPEEQPVANTEVERHTGVDVEDVPSAEWGWSHMPIGVMHIGGLLSAAFLLVMMRGNHVGHVEDWFLIGFA
AVIVALVGRNWWLRRRGWIR
;
P
5 'polypeptide(L)'
;MTSAVGTSGTAITSRVHSLNRPNMVSVGTIVWLSSELMFFAGLFAMYFTARAQAGGAWPPEPTELNLALAVPVTLVLIAS
SFTCQMGVFAAERGDVFGLRRWYVITFLMGLFFVLGQGYEYIHLVEHGTTIPGSAYGSVFYLATGFHGLHVIGGLVAFVL
LLARTKMSKFTPAQATAAIVVSYYWHFVDIVWIALFATIYFVR
;
S
6 'polypeptide(L)'
;MHIEARLFEILTAFFALAAVVYAVLTAMFATGGVEWAGTTALVLTTGLTLITGTFFRFVARRLDTRPEDYEDAEISDGAG
ELGFFAPHSWWPILISLSFSTAAVGAALWLPWLIAAGVAFVITSVCGLVFEYYWGPEKH
;
T
7 'polypeptide(L)'
;MVAEAPPIGELEARRPFPERMGPKGNLIYKLITTTDHKLIGIMYCVVCFAFFLVGGLMALFMRTELAMPGLQFLSNEQFN
QLFTMHGTVMLLFYATPIVFGFANLVLPLQIGAPDVAFPRLNALSFWLFLFGALIAIAGFITPGGAADFGWTAYSPLTDA
IHSPGAGGDLWIMGLAVGGLGTILGGVNMITTVVCMRAPGMTMFRMPIFTWNILVTSILVLIAFPILTAALFGLAADRHL
GAHIYDPANGGVLLWQHLFWFFGHPEVYIIALPFFGIVSEIFPVFSRKPIFGYTTLIYATLAIAALSVAVWAHHMYATGA
VLLPFFSFMTFLIAVPTGIKFFNWIGTMWKGQLTFETPMLFSVGFLITFLLGGLSGVLLASPPLDFHVTDSYFVIAHFHY
VLFGTIVFATYAGIYFWFPKMTGRLLDERLGKLHFWLTFIGFHTTFLVQHWLGDEGMPRRYADYLPTDGFTTLNVISTVG
AFILGVSMLPFVWNVFKSWRYGEPVTVDDPWGYGNSLEWATSCPPPRHNFTELPRIRSERPAFELHYPHMVERMRAEAHV
GRAHHPELETADKSS
;
R
8 'polypeptide(L)'
;MTPRGFRVVALSIVLGGSALLLSGCSWSDALALGWPTGITPEAKLNRELWIGSVIASFAVGAIVWGLIFWTSAFHRKKAT
DTELPRQFGYNMPLELTLTVIPFLIISVLFYFTVVVQERMMHKDPNPEVVIDVTAFQWNWKFGYQKIAFADGSFDYDGAD
PERKEAMTSRPEGKDEHGIEKVGPIRGMTPEDRTYLNFDKIETLGTSSEIPVLVLPAGKRIEFVLNSADVIHGFWVPEFL
FKRDVLPEPKANNSDNVFQVSEIQQTGAFVGRCTEMCGTFHAMMNFEVRVVEPNDFKAYIDQRNAGKTNAEALAAINQPP
LAITTEPFESRRGELVPQASK
;
Q
9 'polypeptide(L)' MSTALTHGLIGGVPLVLFAVLALIFLTRKGPHPDTYKMSDPWTHAPILWAAEEPREHGHGGHGHDSHGVVIGGGASGKW U
10 'polypeptide(L)'
;MASGDIATVANAELDLPYGSALTSSGRISAVTEPGELSVHYPFPTMDLVVLDDALKYGSRAAKARFAVYIGPLGADTAAT
AREILANVPTPENAVLLAVSPDQRAIEVVYGADVKGRGIESAAPLGVSAAAASFKEGNLIDGLISAVRVMSAGVSPA
;
V
11 'polypeptide(L)'
;MNRFSSRAGLAVCGLATAVALTACSAGQISQTTTQEPAVNGVNAQAGQVSLRNVHLRAPQQTDYVEPGTTVELLFVAAND
STEGSNKLKSITSDVGEVTLTGDSTVPADGVLIVGEPDGQIQAVENAEAADAVTAEVELTKPITNGLLYDFTFTFEDGET
TVAVPISAGEQPRRPVPPAGPGSSEH
;
W
12 'polypeptide(L)'
;MLKPVSVAVLFATPVLALSACSPPGETASSEPGTTPAIWTGSPSPAAPSGEDHGGGHGAGAAGAGETLTAELKTADGTSV
ATADFQFADGFATVTIETTTPGRLTPGFHGVHIHSVGKCEANSVAPTGGAPGDFNSAGGHFQVSGHSGHPASGDLSSLQV
RADGSGKLVTTTDAFTAEDLLDGAKTAIIIHEKADNFANIPPERYQQVNGAPGPDQTTMATGDAGSRVACGVISAG
;
Y,c
#
# COMPACT_ATOMS: atom_id res chain seq x y z
N GLN A 56 12.66 -28.62 -44.98
CA GLN A 56 12.94 -29.98 -44.55
C GLN A 56 11.64 -30.73 -44.27
N SER A 57 11.39 -31.79 -45.04
CA SER A 57 10.17 -32.57 -44.87
C SER A 57 10.10 -33.21 -43.50
N ALA A 58 11.24 -33.52 -42.89
CA ALA A 58 11.24 -34.06 -41.53
C ALA A 58 10.68 -33.05 -40.55
N LEU A 59 11.03 -31.78 -40.71
CA LEU A 59 10.56 -30.75 -39.78
C LEU A 59 9.08 -30.46 -39.97
N LEU A 60 8.58 -30.55 -41.20
CA LEU A 60 7.16 -30.27 -41.45
C LEU A 60 6.26 -31.36 -40.89
N ARG A 61 6.57 -32.65 -41.15
CA ARG A 61 5.67 -33.69 -40.65
C ARG A 61 5.76 -33.84 -39.14
N THR A 62 6.92 -33.55 -38.54
CA THR A 62 7.00 -33.53 -37.08
C THR A 62 6.13 -32.42 -36.51
N GLY A 63 6.12 -31.24 -37.14
CA GLY A 63 5.29 -30.16 -36.66
C GLY A 63 3.80 -30.46 -36.77
N LYS A 64 3.38 -31.02 -37.91
CA LYS A 64 1.98 -31.40 -38.06
C LYS A 64 1.60 -32.50 -37.09
N GLN A 65 2.49 -33.47 -36.88
CA GLN A 65 2.21 -34.56 -35.96
C GLN A 65 2.06 -34.04 -34.53
N LEU A 66 2.89 -33.07 -34.15
CA LEU A 66 2.71 -32.40 -32.86
C LEU A 66 1.42 -31.58 -32.85
N PHE A 67 1.10 -30.93 -33.97
CA PHE A 67 -0.06 -30.05 -34.03
C PHE A 67 -1.37 -30.83 -33.86
N GLU A 68 -1.45 -32.04 -34.40
CA GLU A 68 -2.72 -32.76 -34.43
C GLU A 68 -3.24 -33.08 -33.03
N THR A 69 -2.36 -33.44 -32.10
CA THR A 69 -2.77 -33.86 -30.77
C THR A 69 -2.69 -32.74 -29.75
N SER A 70 -2.41 -31.51 -30.19
CA SER A 70 -2.27 -30.40 -29.25
C SER A 70 -3.00 -29.12 -29.65
N CYS A 71 -3.21 -28.93 -30.96
CA CYS A 71 -3.76 -27.64 -31.46
C CYS A 71 -4.96 -27.76 -32.44
N VAL A 72 -5.63 -28.93 -32.59
CA VAL A 72 -6.80 -29.02 -33.46
C VAL A 72 -8.07 -28.61 -32.72
N SER A 73 -8.16 -28.89 -31.42
CA SER A 73 -9.39 -28.65 -30.69
C SER A 73 -9.80 -27.18 -30.73
N CYS A 74 -8.84 -26.26 -30.78
CA CYS A 74 -9.15 -24.84 -30.80
C CYS A 74 -8.81 -24.15 -32.11
N HIS A 75 -7.86 -24.67 -32.89
CA HIS A 75 -7.43 -24.02 -34.11
C HIS A 75 -7.83 -24.75 -35.38
N GLY A 76 -8.41 -25.94 -35.27
CA GLY A 76 -8.84 -26.67 -36.45
C GLY A 76 -7.75 -27.56 -37.02
N ALA A 77 -8.18 -28.54 -37.81
CA ALA A 77 -7.23 -29.45 -38.44
C ALA A 77 -6.45 -28.77 -39.56
N ASN A 78 -7.08 -27.86 -40.30
CA ASN A 78 -6.45 -27.14 -41.39
C ASN A 78 -6.06 -25.71 -40.99
N LEU A 79 -5.95 -25.44 -39.69
CA LEU A 79 -5.48 -24.16 -39.17
C LEU A 79 -6.43 -23.01 -39.52
N GLN A 80 -7.70 -23.32 -39.77
CA GLN A 80 -8.66 -22.26 -40.10
C GLN A 80 -9.29 -21.62 -38.88
N GLY A 81 -9.07 -22.19 -37.70
CA GLY A 81 -9.68 -21.67 -36.49
C GLY A 81 -11.03 -22.31 -36.21
N VAL A 82 -11.34 -22.43 -34.93
CA VAL A 82 -12.62 -22.96 -34.46
C VAL A 82 -13.40 -21.80 -33.88
N PRO A 83 -14.59 -21.49 -34.39
CA PRO A 83 -15.30 -20.28 -33.94
C PRO A 83 -15.59 -20.34 -32.45
N ASP A 84 -15.43 -19.19 -31.78
CA ASP A 84 -15.65 -19.03 -30.35
C ASP A 84 -14.73 -19.93 -29.52
N ARG A 85 -13.70 -20.52 -30.13
CA ARG A 85 -12.77 -21.36 -29.41
C ARG A 85 -11.34 -20.98 -29.73
N GLY A 86 -11.09 -20.49 -30.95
CA GLY A 86 -9.76 -20.11 -31.36
C GLY A 86 -9.74 -19.52 -32.75
N PRO A 87 -8.83 -18.58 -32.99
CA PRO A 87 -8.75 -17.92 -34.29
C PRO A 87 -7.96 -18.74 -35.30
N SER A 88 -7.99 -18.27 -36.55
CA SER A 88 -7.22 -18.90 -37.60
C SER A 88 -5.72 -18.65 -37.40
N LEU A 89 -4.92 -19.65 -37.74
CA LEU A 89 -3.47 -19.55 -37.66
C LEU A 89 -2.83 -19.30 -39.02
N ILE A 90 -3.62 -19.00 -40.05
CA ILE A 90 -3.08 -18.79 -41.39
C ILE A 90 -2.51 -17.38 -41.47
N GLY A 91 -1.23 -17.29 -41.83
CA GLY A 91 -0.56 -16.02 -41.98
C GLY A 91 0.06 -15.47 -40.72
N THR A 92 -0.11 -16.14 -39.57
CA THR A 92 0.51 -15.67 -38.34
C THR A 92 2.03 -15.80 -38.39
N GLY A 93 2.54 -16.81 -39.07
CA GLY A 93 3.97 -16.97 -39.26
C GLY A 93 4.63 -17.77 -38.16
N GLU A 94 5.92 -18.07 -38.39
CA GLU A 94 6.71 -18.82 -37.42
C GLU A 94 7.00 -17.99 -36.18
N ALA A 95 7.08 -16.66 -36.32
CA ALA A 95 7.39 -15.80 -35.19
C ALA A 95 6.29 -15.86 -34.13
N ALA A 96 5.03 -15.86 -34.56
CA ALA A 96 3.93 -15.94 -33.61
C ALA A 96 3.95 -17.27 -32.85
N VAL A 97 4.17 -18.37 -33.57
CA VAL A 97 4.21 -19.68 -32.92
C VAL A 97 5.37 -19.76 -31.94
N TYR A 98 6.55 -19.26 -32.35
CA TYR A 98 7.71 -19.30 -31.47
C TYR A 98 7.41 -18.58 -30.15
N PHE A 99 6.89 -17.35 -30.24
CA PHE A 99 6.56 -16.60 -29.03
C PHE A 99 5.52 -17.34 -28.20
N GLN A 100 4.41 -17.73 -28.83
CA GLN A 100 3.29 -18.29 -28.09
C GLN A 100 3.63 -19.62 -27.42
N VAL A 101 4.60 -20.36 -27.96
CA VAL A 101 4.91 -21.67 -27.39
C VAL A 101 6.09 -21.56 -26.44
N SER A 102 7.13 -20.81 -26.82
CA SER A 102 8.30 -20.68 -25.96
C SER A 102 7.99 -19.91 -24.69
N THR A 103 7.09 -18.93 -24.75
CA THR A 103 6.62 -18.27 -23.55
C THR A 103 5.65 -19.14 -22.76
N GLY A 104 5.24 -20.28 -23.32
CA GLY A 104 4.34 -21.20 -22.65
C GLY A 104 2.88 -20.85 -22.73
N ARG A 105 2.58 -19.73 -23.37
CA ARG A 105 1.18 -19.25 -23.53
C ARG A 105 0.33 -20.31 -24.25
N MET A 106 0.96 -21.16 -25.07
CA MET A 106 0.16 -22.13 -25.81
C MET A 106 0.75 -23.53 -25.65
N PRO A 107 -0.09 -24.58 -25.61
CA PRO A 107 -1.54 -24.53 -25.81
C PRO A 107 -2.33 -23.93 -24.66
N ALA A 108 -3.35 -23.15 -24.99
CA ALA A 108 -4.20 -22.55 -23.96
C ALA A 108 -5.10 -23.62 -23.34
N MET A 109 -5.57 -23.33 -22.12
CA MET A 109 -6.35 -24.29 -21.36
C MET A 109 -7.81 -23.92 -21.20
N ARG A 110 -8.15 -22.62 -21.25
CA ARG A 110 -9.53 -22.20 -21.11
C ARG A 110 -9.68 -20.79 -21.66
N GLY A 111 -10.92 -20.37 -21.80
CA GLY A 111 -11.25 -19.02 -22.23
C GLY A 111 -11.49 -18.13 -21.04
N GLU A 112 -10.74 -17.04 -20.96
CA GLU A 112 -10.89 -16.06 -19.88
C GLU A 112 -10.54 -14.69 -20.44
N ALA A 113 -10.31 -13.73 -19.54
CA ALA A 113 -9.94 -12.39 -19.98
C ALA A 113 -8.60 -12.38 -20.71
N GLN A 114 -7.63 -13.12 -20.19
CA GLN A 114 -6.30 -13.14 -20.79
C GLN A 114 -5.63 -14.48 -20.48
N ALA A 115 -5.04 -15.11 -21.50
CA ALA A 115 -4.31 -16.35 -21.32
C ALA A 115 -2.95 -16.05 -20.68
N PRO A 116 -2.67 -16.62 -19.52
CA PRO A 116 -1.41 -16.30 -18.83
C PRO A 116 -0.26 -17.17 -19.32
N SER A 117 0.95 -16.70 -19.01
CA SER A 117 2.14 -17.47 -19.32
C SER A 117 2.33 -18.59 -18.31
N LYS A 118 2.99 -19.66 -18.76
CA LYS A 118 3.20 -20.85 -17.93
C LYS A 118 4.39 -21.60 -18.51
N PRO A 119 4.87 -22.64 -17.83
CA PRO A 119 5.99 -23.42 -18.38
C PRO A 119 5.67 -23.98 -19.75
N PRO A 120 6.63 -23.97 -20.67
CA PRO A 120 6.35 -24.41 -22.04
C PRO A 120 6.03 -25.89 -22.10
N HIS A 121 5.18 -26.25 -23.07
CA HIS A 121 4.79 -27.64 -23.29
C HIS A 121 5.66 -28.34 -24.32
N PHE A 122 6.58 -27.63 -24.96
CA PHE A 122 7.45 -28.20 -25.98
C PHE A 122 8.85 -27.62 -25.80
N ASP A 123 9.84 -28.36 -26.31
CA ASP A 123 11.22 -27.91 -26.25
C ASP A 123 11.57 -27.14 -27.52
N GLU A 124 12.85 -26.78 -27.69
CA GLU A 124 13.26 -25.94 -28.80
C GLU A 124 13.03 -26.63 -30.14
N SER A 125 13.36 -27.92 -30.23
CA SER A 125 13.20 -28.64 -31.50
C SER A 125 11.72 -28.73 -31.89
N GLN A 126 10.85 -29.00 -30.92
CA GLN A 126 9.42 -29.11 -31.23
C GLN A 126 8.82 -27.74 -31.56
N ILE A 127 9.34 -26.68 -30.93
CA ILE A 127 8.87 -25.33 -31.26
C ILE A 127 9.19 -24.99 -32.72
N ASP A 128 10.40 -25.32 -33.16
CA ASP A 128 10.77 -25.07 -34.55
C ASP A 128 9.90 -25.86 -35.51
N ALA A 129 9.62 -27.12 -35.18
CA ALA A 129 8.76 -27.95 -36.03
C ALA A 129 7.35 -27.38 -36.10
N LEU A 130 6.81 -26.97 -34.96
CA LEU A 130 5.47 -26.36 -34.95
C LEU A 130 5.46 -25.05 -35.73
N GLY A 131 6.52 -24.24 -35.58
CA GLY A 131 6.59 -22.99 -36.31
C GLY A 131 6.65 -23.19 -37.81
N ALA A 132 7.44 -24.18 -38.26
CA ALA A 132 7.55 -24.45 -39.68
C ALA A 132 6.23 -24.92 -40.27
N TYR A 133 5.50 -25.76 -39.55
CA TYR A 133 4.20 -26.23 -40.04
C TYR A 133 3.21 -25.09 -40.22
N VAL A 134 3.15 -24.18 -39.24
CA VAL A 134 2.28 -23.03 -39.35
C VAL A 134 2.79 -22.06 -40.41
N GLN A 135 4.12 -21.92 -40.51
CA GLN A 135 4.70 -21.04 -41.52
C GLN A 135 4.34 -21.49 -42.92
N ALA A 136 4.36 -22.81 -43.16
CA ALA A 136 4.03 -23.34 -44.49
C ALA A 136 2.59 -23.09 -44.88
N ASN A 137 1.73 -22.71 -43.94
CA ASN A 137 0.31 -22.46 -44.20
C ASN A 137 0.05 -20.96 -44.02
N GLY A 138 0.23 -20.21 -45.09
CA GLY A 138 -0.06 -18.79 -45.11
C GLY A 138 1.15 -17.88 -44.99
N GLY A 139 2.33 -18.43 -44.70
CA GLY A 139 3.51 -17.59 -44.57
C GLY A 139 3.45 -16.74 -43.32
N GLY A 140 4.16 -15.60 -43.37
CA GLY A 140 4.17 -14.67 -42.26
C GLY A 140 5.57 -14.40 -41.75
N PRO A 141 5.67 -13.62 -40.67
CA PRO A 141 6.99 -13.28 -40.13
C PRO A 141 7.67 -14.49 -39.51
N THR A 142 9.00 -14.43 -39.48
CA THR A 142 9.82 -15.49 -38.93
C THR A 142 10.73 -14.96 -37.83
N VAL A 143 11.10 -15.84 -36.91
CA VAL A 143 11.97 -15.46 -35.80
C VAL A 143 13.39 -15.26 -36.34
N PRO A 144 14.10 -14.23 -35.89
CA PRO A 144 15.50 -14.05 -36.34
C PRO A 144 16.37 -15.21 -35.90
N ARG A 145 17.37 -15.53 -36.72
CA ARG A 145 18.29 -16.63 -36.46
C ARG A 145 19.72 -16.17 -36.66
N ASP A 146 20.64 -16.85 -35.99
CA ASP A 146 22.06 -16.52 -36.04
C ASP A 146 22.74 -17.29 -37.16
N ASP A 147 24.07 -17.26 -37.17
CA ASP A 147 24.84 -17.92 -38.23
C ASP A 147 24.66 -19.44 -38.17
N HIS A 148 24.62 -20.01 -36.98
CA HIS A 148 24.48 -21.46 -36.82
C HIS A 148 23.05 -21.95 -36.99
N GLY A 149 22.12 -21.05 -37.34
CA GLY A 149 20.74 -21.44 -37.53
C GLY A 149 19.90 -21.51 -36.27
N ALA A 150 20.49 -21.26 -35.11
CA ALA A 150 19.72 -21.23 -33.88
C ALA A 150 19.01 -19.89 -33.72
N VAL A 151 18.08 -19.84 -32.78
CA VAL A 151 17.32 -18.61 -32.53
C VAL A 151 18.25 -17.56 -31.97
N ALA A 152 18.28 -16.40 -32.61
CA ALA A 152 19.22 -15.34 -32.24
C ALA A 152 18.82 -14.72 -30.91
N GLN A 153 19.75 -14.69 -29.96
CA GLN A 153 19.53 -14.06 -28.66
C GLN A 153 20.49 -12.91 -28.41
N GLU A 154 21.80 -13.13 -28.53
CA GLU A 154 22.76 -12.07 -28.24
C GLU A 154 22.85 -11.05 -29.37
N SER A 155 22.70 -11.51 -30.62
CA SER A 155 22.80 -10.60 -31.76
C SER A 155 21.65 -9.63 -31.85
N LEU A 156 20.57 -9.84 -31.10
CA LEU A 156 19.43 -8.93 -31.12
C LEU A 156 19.61 -7.75 -30.17
N ILE A 157 20.64 -7.74 -29.34
CA ILE A 157 20.87 -6.66 -28.40
C ILE A 157 21.41 -5.46 -29.17
N GLY A 158 20.65 -4.37 -29.19
CA GLY A 158 21.07 -3.18 -29.89
C GLY A 158 22.18 -2.44 -29.17
N GLY A 159 22.84 -1.55 -29.92
CA GLY A 159 23.94 -0.77 -29.40
C GLY A 159 23.59 0.61 -28.88
N ASP A 160 22.36 1.07 -29.10
CA ASP A 160 21.91 2.40 -28.69
C ASP A 160 20.79 2.23 -27.68
N VAL A 161 21.14 2.11 -26.41
CA VAL A 161 20.13 1.96 -25.36
C VAL A 161 19.40 3.27 -25.08
N ALA A 162 20.04 4.41 -25.32
CA ALA A 162 19.37 5.70 -25.12
C ALA A 162 18.21 5.86 -26.09
N ARG A 163 18.42 5.49 -27.36
CA ARG A 163 17.32 5.51 -28.32
C ARG A 163 16.24 4.50 -27.94
N GLY A 164 16.65 3.32 -27.49
CA GLY A 164 15.67 2.31 -27.09
C GLY A 164 14.84 2.76 -25.90
N GLY A 165 15.44 3.52 -24.98
CA GLY A 165 14.70 4.01 -23.84
C GLY A 165 13.61 5.00 -24.24
N ASP A 166 13.93 5.92 -25.14
CA ASP A 166 12.92 6.87 -25.62
C ASP A 166 11.82 6.15 -26.40
N LEU A 167 12.21 5.19 -27.26
CA LEU A 167 11.23 4.40 -27.99
C LEU A 167 10.37 3.58 -27.04
N PHE A 168 10.94 2.98 -26.05
CA PHE A 168 10.15 2.20 -25.11
C PHE A 168 9.18 3.08 -24.36
N ARG A 169 9.63 4.25 -23.91
CA ARG A 169 8.74 5.16 -23.20
C ARG A 169 7.65 5.70 -24.11
N LEU A 170 7.94 5.88 -25.40
CA LEU A 170 6.86 6.30 -26.30
C LEU A 170 5.89 5.16 -26.59
N ASN A 171 6.38 3.94 -26.80
CA ASN A 171 5.58 2.88 -27.39
C ASN A 171 5.17 1.77 -26.43
N CYS A 172 5.91 1.63 -25.32
CA CYS A 172 5.69 0.45 -24.43
C CYS A 172 5.34 0.85 -22.98
N ALA A 173 6.02 1.87 -22.43
CA ALA A 173 5.82 2.30 -21.03
C ALA A 173 4.34 2.43 -20.63
N SER A 174 3.48 2.81 -21.57
CA SER A 174 2.06 3.03 -21.30
C SER A 174 1.40 1.76 -20.77
N CYS A 175 1.74 0.61 -21.37
CA CYS A 175 1.17 -0.69 -20.95
C CYS A 175 2.22 -1.38 -20.06
N HIS A 176 3.48 -1.42 -20.43
CA HIS A 176 4.38 -2.11 -19.48
C HIS A 176 5.01 -1.31 -18.38
N ASN A 177 4.78 -0.01 -18.09
CA ASN A 177 5.42 0.78 -16.99
C ASN A 177 6.84 1.24 -17.35
N PHE A 178 7.27 2.34 -16.75
CA PHE A 178 8.63 2.93 -16.87
C PHE A 178 9.71 1.87 -17.08
N THR A 179 9.74 0.84 -16.23
CA THR A 179 10.82 -0.19 -16.35
C THR A 179 10.25 -1.60 -16.53
N GLY A 180 9.30 -1.79 -17.45
CA GLY A 180 8.75 -3.10 -17.73
C GLY A 180 8.37 -3.92 -16.52
N LYS A 181 7.63 -3.32 -15.59
CA LYS A 181 7.14 -4.02 -14.42
C LYS A 181 5.72 -4.55 -14.57
N GLY A 182 5.09 -4.19 -15.73
CA GLY A 182 3.73 -4.62 -15.94
C GLY A 182 2.71 -3.53 -15.61
N GLY A 183 1.51 -3.71 -16.15
CA GLY A 183 0.43 -2.77 -15.91
C GLY A 183 -0.91 -3.42 -16.19
N ALA A 184 -1.94 -2.94 -15.50
CA ALA A 184 -3.27 -3.51 -15.65
C ALA A 184 -3.98 -2.92 -16.86
N LEU A 185 -4.84 -3.73 -17.49
CA LEU A 185 -5.66 -3.32 -18.62
C LEU A 185 -7.13 -3.32 -18.21
N SER A 186 -8.00 -3.13 -19.20
CA SER A 186 -9.40 -2.77 -18.98
C SER A 186 -10.15 -3.72 -18.05
N SER A 187 -10.35 -4.97 -18.46
CA SER A 187 -11.22 -5.89 -17.71
C SER A 187 -10.55 -7.25 -17.65
N GLY A 188 -9.79 -7.49 -16.58
CA GLY A 188 -9.14 -8.76 -16.36
C GLY A 188 -7.86 -8.96 -17.14
N LYS A 189 -7.50 -8.04 -18.01
CA LYS A 189 -6.32 -8.13 -18.84
C LYS A 189 -5.19 -7.30 -18.23
N TYR A 190 -3.94 -7.63 -18.59
CA TYR A 190 -2.79 -6.89 -18.00
C TYR A 190 -1.54 -7.06 -18.87
N ALA A 191 -0.64 -6.09 -18.77
CA ALA A 191 0.67 -6.14 -19.47
C ALA A 191 1.66 -6.78 -18.50
N PRO A 192 2.04 -8.07 -18.68
CA PRO A 192 2.94 -8.75 -17.74
C PRO A 192 4.34 -8.13 -17.63
N ASP A 193 4.99 -8.37 -16.49
CA ASP A 193 6.37 -7.87 -16.23
C ASP A 193 7.30 -8.49 -17.27
N LEU A 194 8.28 -7.74 -17.80
CA LEU A 194 9.17 -8.05 -18.91
C LEU A 194 10.52 -8.57 -18.47
N GLY A 195 10.70 -8.89 -17.18
CA GLY A 195 11.99 -9.32 -16.69
C GLY A 195 12.38 -10.74 -17.01
N ASP A 196 11.46 -11.55 -17.55
CA ASP A 196 11.75 -12.94 -17.85
C ASP A 196 11.92 -13.24 -19.33
N ALA A 197 11.44 -12.37 -20.22
CA ALA A 197 11.52 -12.63 -21.65
C ALA A 197 12.94 -12.45 -22.15
N ASN A 198 13.39 -13.42 -22.96
CA ASN A 198 14.67 -13.32 -23.64
C ASN A 198 14.53 -12.38 -24.84
N PRO A 199 15.66 -11.90 -25.39
CA PRO A 199 15.55 -10.93 -26.50
C PRO A 199 14.73 -11.43 -27.68
N ALA A 200 14.83 -12.73 -27.99
CA ALA A 200 14.03 -13.28 -29.08
C ALA A 200 12.54 -13.19 -28.78
N GLN A 201 12.15 -13.46 -27.53
CA GLN A 201 10.75 -13.37 -27.17
C GLN A 201 10.23 -11.94 -27.27
N ILE A 202 11.04 -10.97 -26.86
CA ILE A 202 10.64 -9.56 -26.96
C ILE A 202 10.50 -9.17 -28.44
N TYR A 203 11.45 -9.61 -29.26
CA TYR A 203 11.39 -9.29 -30.69
C TYR A 203 10.15 -9.89 -31.33
N THR A 204 9.83 -11.14 -31.01
CA THR A 204 8.66 -11.78 -31.59
C THR A 204 7.37 -11.18 -31.05
N ALA A 205 7.36 -10.74 -29.78
CA ALA A 205 6.19 -10.06 -29.25
C ALA A 205 5.94 -8.75 -29.98
N MET A 206 7.02 -7.98 -30.25
CA MET A 206 6.87 -6.76 -31.01
C MET A 206 6.43 -7.05 -32.44
N LEU A 207 6.90 -8.17 -33.00
CA LEU A 207 6.57 -8.49 -34.38
C LEU A 207 5.13 -8.93 -34.55
N THR A 208 4.68 -9.80 -33.65
CA THR A 208 3.39 -10.49 -33.86
C THR A 208 2.25 -9.83 -33.11
N GLY A 209 2.57 -9.03 -32.10
CA GLY A 209 1.54 -8.37 -31.31
C GLY A 209 0.57 -9.34 -30.67
N PRO A 210 0.96 -10.06 -29.59
CA PRO A 210 0.10 -11.03 -28.96
C PRO A 210 -1.08 -10.48 -28.16
N GLN A 211 -2.25 -11.12 -28.28
CA GLN A 211 -3.48 -10.74 -27.54
C GLN A 211 -3.82 -9.25 -27.75
N ASN A 212 -3.57 -8.42 -26.73
CA ASN A 212 -3.91 -6.97 -26.81
C ASN A 212 -2.68 -6.13 -27.16
N MET A 213 -1.49 -6.74 -27.30
CA MET A 213 -0.36 -5.83 -27.64
C MET A 213 -0.38 -5.51 -29.14
N PRO A 214 -0.16 -4.26 -29.56
CA PRO A 214 -0.17 -3.89 -30.98
C PRO A 214 0.88 -4.69 -31.77
N LYS A 215 0.53 -5.10 -32.99
CA LYS A 215 1.46 -5.88 -33.86
C LYS A 215 2.40 -4.92 -34.61
N PHE A 216 3.46 -4.47 -33.94
CA PHE A 216 4.44 -3.54 -34.57
C PHE A 216 5.14 -4.25 -35.72
N SER A 217 5.01 -3.71 -36.94
CA SER A 217 5.63 -4.31 -38.11
C SER A 217 7.07 -3.82 -38.27
N ASP A 218 7.80 -4.49 -39.16
CA ASP A 218 9.17 -4.09 -39.45
C ASP A 218 9.26 -2.75 -40.16
N ARG A 219 8.13 -2.23 -40.66
CA ARG A 219 8.10 -0.89 -41.23
C ARG A 219 7.78 0.18 -40.19
N GLN A 220 6.84 -0.09 -39.28
CA GLN A 220 6.56 0.83 -38.19
C GLN A 220 7.75 0.93 -37.25
N LEU A 221 8.35 -0.21 -36.90
CA LEU A 221 9.55 -0.26 -36.08
C LEU A 221 10.57 -1.11 -36.83
N THR A 222 11.62 -0.46 -37.35
CA THR A 222 12.69 -1.14 -38.12
C THR A 222 13.48 -2.12 -37.25
N PRO A 223 14.06 -3.20 -37.82
CA PRO A 223 14.83 -4.19 -37.07
C PRO A 223 15.85 -3.56 -36.11
N ASP A 224 16.48 -2.46 -36.54
CA ASP A 224 17.45 -1.76 -35.69
C ASP A 224 16.76 -1.07 -34.52
N GLU A 225 15.58 -0.49 -34.75
CA GLU A 225 14.81 0.08 -33.66
C GLU A 225 14.36 -1.00 -32.68
N LYS A 226 13.92 -2.14 -33.19
CA LYS A 226 13.52 -3.24 -32.32
C LYS A 226 14.69 -3.74 -31.50
N ARG A 227 15.88 -3.83 -32.10
CA ARG A 227 17.06 -4.26 -31.37
C ARG A 227 17.43 -3.27 -30.27
N ASP A 228 17.23 -1.97 -30.53
CA ASP A 228 17.48 -0.97 -29.49
C ASP A 228 16.48 -1.11 -28.35
N ILE A 229 15.22 -1.42 -28.67
CA ILE A 229 14.20 -1.54 -27.63
C ILE A 229 14.49 -2.73 -26.72
N VAL A 230 14.82 -3.88 -27.31
CA VAL A 230 15.10 -5.06 -26.49
C VAL A 230 16.37 -4.87 -25.68
N ALA A 231 17.31 -4.05 -26.17
CA ALA A 231 18.49 -3.72 -25.38
C ALA A 231 18.10 -2.97 -24.12
N TYR A 232 17.17 -2.01 -24.24
CA TYR A 232 16.69 -1.30 -23.06
C TYR A 232 15.89 -2.22 -22.15
N VAL A 233 15.08 -3.11 -22.74
CA VAL A 233 14.26 -4.02 -21.95
C VAL A 233 15.15 -4.97 -21.14
N ARG A 234 16.18 -5.50 -21.79
CA ARG A 234 17.11 -6.48 -21.16
C ARG A 234 17.97 -5.80 -20.09
N GLU A 235 18.42 -4.56 -20.34
CA GLU A 235 19.29 -3.86 -19.40
C GLU A 235 18.51 -3.27 -18.23
N SER A 236 17.32 -2.73 -18.47
CA SER A 236 16.51 -2.20 -17.38
C SER A 236 16.03 -3.28 -16.41
N ALA A 237 16.07 -4.55 -16.82
CA ALA A 237 15.72 -5.65 -15.93
C ALA A 237 16.93 -6.19 -15.19
N GLU A 238 18.12 -6.07 -15.78
CA GLU A 238 19.36 -6.62 -15.18
C GLU A 238 20.13 -5.54 -14.41
N THR A 239 19.67 -4.28 -14.43
CA THR A 239 20.38 -3.22 -13.73
C THR A 239 19.96 -3.20 -12.26
N PRO A 240 20.89 -3.35 -11.33
CA PRO A 240 20.53 -3.27 -9.91
C PRO A 240 20.14 -1.87 -9.50
N SER A 241 19.33 -1.79 -8.45
CA SER A 241 18.94 -0.49 -7.91
C SER A 241 20.12 0.17 -7.21
N TYR A 242 20.17 1.50 -7.29
CA TYR A 242 21.29 2.26 -6.76
C TYR A 242 21.06 2.81 -5.36
N GLY A 243 19.81 3.04 -4.97
CA GLY A 243 19.52 3.64 -3.68
C GLY A 243 19.07 2.65 -2.62
N GLY A 244 19.32 1.37 -2.84
CA GLY A 244 18.92 0.32 -1.92
C GLY A 244 17.98 -0.66 -2.59
N TYR A 245 17.10 -1.24 -1.78
CA TYR A 245 16.13 -2.19 -2.28
C TYR A 245 15.14 -1.50 -3.21
N GLY A 246 14.84 -2.14 -4.34
CA GLY A 246 14.03 -1.52 -5.38
C GLY A 246 12.58 -1.33 -5.03
N LEU A 247 12.05 -2.08 -4.05
CA LEU A 247 10.66 -2.00 -3.63
C LEU A 247 9.69 -2.30 -4.77
N GLY A 248 10.13 -3.10 -5.74
CA GLY A 248 9.30 -3.50 -6.85
C GLY A 248 9.33 -2.58 -8.04
N GLY A 249 9.83 -1.35 -7.88
CA GLY A 249 9.89 -0.41 -8.98
C GLY A 249 8.56 0.11 -9.45
N PHE A 250 7.52 0.04 -8.63
CA PHE A 250 6.19 0.48 -9.02
C PHE A 250 5.90 1.93 -8.68
N GLY A 251 6.81 2.61 -7.98
CA GLY A 251 6.65 4.01 -7.69
C GLY A 251 6.19 4.29 -6.27
N PRO A 252 5.37 5.34 -6.12
CA PRO A 252 4.96 5.74 -4.77
C PRO A 252 4.17 4.70 -4.00
N ALA A 253 3.42 3.83 -4.69
CA ALA A 253 2.53 2.91 -3.98
C ALA A 253 3.30 1.96 -3.05
N PRO A 254 4.33 1.24 -3.49
CA PRO A 254 5.15 0.51 -2.51
C PRO A 254 5.87 1.42 -1.53
N GLU A 255 6.23 2.64 -1.96
CA GLU A 255 6.96 3.55 -1.09
C GLU A 255 6.13 3.97 0.11
N GLY A 256 4.85 4.29 -0.11
CA GLY A 256 3.96 4.60 1.00
C GLY A 256 3.69 3.40 1.88
N MET A 257 3.53 2.22 1.29
CA MET A 257 3.34 1.00 2.07
C MET A 257 4.56 0.70 2.93
N ALA A 258 5.76 0.85 2.38
CA ALA A 258 6.97 0.57 3.14
C ALA A 258 7.12 1.54 4.31
N MET A 259 6.83 2.82 4.08
CA MET A 259 6.91 3.80 5.16
C MET A 259 6.00 3.42 6.32
N TRP A 260 4.72 3.18 6.03
CA TRP A 260 3.75 2.90 7.08
C TRP A 260 4.11 1.64 7.86
N ILE A 261 4.62 0.61 7.18
CA ILE A 261 4.85 -0.67 7.83
C ILE A 261 6.23 -0.75 8.49
N ILE A 262 7.17 0.13 8.13
CA ILE A 262 8.53 0.09 8.66
C ILE A 262 8.82 1.31 9.52
N GLY A 263 8.81 2.50 8.92
CA GLY A 263 9.24 3.69 9.67
C GLY A 263 8.25 4.09 10.74
N MET A 264 6.96 4.09 10.40
CA MET A 264 5.93 4.47 11.37
C MET A 264 5.83 3.42 12.47
N VAL A 265 5.93 2.14 12.11
CA VAL A 265 5.91 1.08 13.11
C VAL A 265 7.09 1.20 14.06
N ALA A 266 8.28 1.45 13.51
CA ALA A 266 9.46 1.66 14.35
C ALA A 266 9.32 2.92 15.20
N ALA A 267 8.83 4.00 14.59
CA ALA A 267 8.68 5.25 15.32
C ALA A 267 7.66 5.12 16.46
N ILE A 268 6.53 4.45 16.19
CA ILE A 268 5.55 4.23 17.25
C ILE A 268 6.06 3.22 18.26
N GLY A 269 6.75 2.17 17.78
CA GLY A 269 7.33 1.20 18.71
C GLY A 269 8.37 1.82 19.62
N VAL A 270 9.21 2.71 19.08
CA VAL A 270 10.17 3.42 19.91
C VAL A 270 9.45 4.36 20.88
N ALA A 271 8.38 5.01 20.43
CA ALA A 271 7.61 5.87 21.31
C ALA A 271 7.03 5.09 22.48
N MET A 272 6.61 3.84 22.24
CA MET A 272 6.15 2.99 23.33
C MET A 272 7.26 2.73 24.33
N TRP A 273 8.46 2.42 23.84
CA TRP A 273 9.56 2.09 24.73
C TRP A 273 9.96 3.29 25.59
N ILE A 274 10.06 4.47 24.98
CA ILE A 274 10.41 5.67 25.73
C ILE A 274 9.25 6.11 26.63
N GLY A 275 8.03 6.10 26.10
CA GLY A 275 6.88 6.59 26.82
C GLY A 275 6.31 5.56 27.78
N SER A 276 5.19 5.94 28.40
CA SER A 276 4.50 5.11 29.38
C SER A 276 3.06 4.89 28.95
N ARG A 277 2.43 3.90 29.57
CA ARG A 277 1.05 3.53 29.27
C ARG A 277 0.10 4.24 30.24
N ALA A 278 -1.18 3.90 30.13
CA ALA A 278 -2.24 4.49 30.94
C ALA A 278 -2.28 6.00 30.80
N GLN B 28 9.05 33.47 51.72
CA GLN B 28 10.14 34.20 51.08
C GLN B 28 11.35 34.30 52.02
N PRO B 29 12.31 33.38 51.87
CA PRO B 29 13.49 33.41 52.73
C PRO B 29 14.36 34.63 52.50
N THR B 30 15.37 34.81 53.34
CA THR B 30 16.29 35.93 53.25
C THR B 30 17.63 35.47 52.66
N ASP B 31 18.55 36.40 52.49
CA ASP B 31 19.85 36.08 51.94
C ASP B 31 20.62 35.12 52.84
N ALA B 32 20.58 35.35 54.15
CA ALA B 32 21.27 34.47 55.10
C ALA B 32 20.66 33.08 55.15
N GLU B 33 19.34 32.96 55.02
CA GLU B 33 18.69 31.66 55.05
C GLU B 33 19.01 30.84 53.81
N LEU B 34 19.12 31.49 52.65
CA LEU B 34 19.41 30.77 51.42
C LEU B 34 20.80 30.15 51.44
N ALA B 35 21.76 30.85 52.06
CA ALA B 35 23.13 30.32 52.13
C ALA B 35 23.25 29.10 53.02
N GLU B 36 22.32 28.91 53.94
CA GLU B 36 22.33 27.77 54.85
C GLU B 36 21.46 26.61 54.37
N MET B 37 20.87 26.73 53.19
CA MET B 37 20.02 25.67 52.64
C MET B 37 20.84 24.73 51.78
N SER B 38 20.54 23.44 51.89
CA SER B 38 21.20 22.44 51.06
C SER B 38 20.61 22.46 49.65
N ARG B 39 21.24 21.67 48.76
CA ARG B 39 20.79 21.63 47.38
C ARG B 39 19.37 21.08 47.27
N GLU B 40 19.04 20.06 48.07
CA GLU B 40 17.72 19.47 48.02
C GLU B 40 16.63 20.48 48.44
N GLU B 41 16.89 21.26 49.48
CA GLU B 41 15.92 22.25 49.92
C GLU B 41 15.77 23.38 48.89
N LEU B 42 16.88 23.78 48.26
CA LEU B 42 16.81 24.83 47.25
C LEU B 42 16.01 24.37 46.04
N VAL B 43 16.18 23.12 45.64
CA VAL B 43 15.39 22.58 44.53
C VAL B 43 13.91 22.55 44.89
N LYS B 44 13.59 22.12 46.11
CA LYS B 44 12.21 22.11 46.55
C LYS B 44 11.63 23.52 46.63
N LEU B 45 12.42 24.48 47.11
CA LEU B 45 11.95 25.86 47.18
C LEU B 45 11.71 26.42 45.78
N GLY B 46 12.61 26.15 44.85
CA GLY B 46 12.41 26.60 43.49
C GLY B 46 11.18 25.99 42.84
N GLY B 47 10.97 24.69 43.06
CA GLY B 47 9.76 24.06 42.56
C GLY B 47 8.50 24.65 43.16
N LYS B 48 8.52 24.92 44.46
CA LYS B 48 7.37 25.53 45.11
C LYS B 48 7.10 26.93 44.54
N ILE B 49 8.16 27.69 44.27
CA ILE B 49 7.99 29.00 43.65
C ILE B 49 7.38 28.84 42.25
N ASP B 50 7.84 27.84 41.51
CA ASP B 50 7.32 27.56 40.17
C ASP B 50 6.00 26.82 40.20
N GLY B 51 5.53 26.41 41.37
CA GLY B 51 4.28 25.67 41.46
C GLY B 51 4.41 24.20 41.11
N VAL B 52 5.59 23.62 41.29
CA VAL B 52 5.85 22.22 40.95
C VAL B 52 6.35 21.50 42.18
N GLU B 53 5.69 20.38 42.50
CA GLU B 53 6.07 19.56 43.69
C GLU B 53 6.44 18.14 43.24
N THR B 54 7.66 17.70 43.57
CA THR B 54 8.15 16.37 43.20
C THR B 54 7.78 15.41 44.33
N ILE B 55 6.69 14.67 44.13
CA ILE B 55 6.18 13.78 45.18
C ILE B 55 6.98 12.49 45.29
N PHE B 56 7.79 12.14 44.29
CA PHE B 56 8.57 10.92 44.33
C PHE B 56 9.89 11.16 43.62
N LYS B 57 11.00 10.81 44.28
CA LYS B 57 12.33 11.00 43.71
C LYS B 57 13.29 10.05 44.42
N GLU B 58 13.72 9.00 43.73
CA GLU B 58 14.62 8.01 44.32
C GLU B 58 15.73 7.63 43.34
N PRO B 59 16.93 7.35 43.85
CA PRO B 59 18.02 6.91 42.98
C PRO B 59 17.75 5.52 42.41
N ARG B 60 18.37 5.26 41.26
CA ARG B 60 18.16 3.98 40.59
C ARG B 60 18.89 2.84 41.30
N TRP B 61 20.00 3.15 41.98
CA TRP B 61 20.83 2.13 42.64
C TRP B 61 21.06 2.54 44.09
N PRO B 62 20.07 2.37 44.95
CA PRO B 62 20.29 2.65 46.38
C PRO B 62 21.35 1.77 47.02
N VAL B 63 21.48 0.52 46.57
CA VAL B 63 22.47 -0.40 47.10
C VAL B 63 23.74 -0.26 46.27
N PRO B 64 24.85 0.17 46.85
CA PRO B 64 26.08 0.34 46.07
C PRO B 64 26.87 -0.97 45.98
N GLY B 65 27.84 -0.96 45.07
CA GLY B 65 28.72 -2.11 44.91
C GLY B 65 28.03 -3.38 44.44
N THR B 66 27.10 -3.27 43.50
CA THR B 66 26.40 -4.42 42.97
C THR B 66 26.88 -4.74 41.56
N LYS B 67 26.93 -6.03 41.23
CA LYS B 67 27.35 -6.44 39.90
C LYS B 67 26.35 -6.02 38.83
N ALA B 68 25.07 -5.90 39.20
CA ALA B 68 24.06 -5.46 38.23
C ALA B 68 24.31 -4.03 37.78
N GLU B 69 24.71 -3.15 38.70
CA GLU B 69 24.98 -1.77 38.33
C GLU B 69 26.15 -1.68 37.36
N LYS B 70 27.21 -2.43 37.60
CA LYS B 70 28.34 -2.44 36.67
C LYS B 70 27.94 -3.05 35.33
N ARG B 71 27.11 -4.11 35.36
CA ARG B 71 26.63 -4.72 34.13
C ARG B 71 25.78 -3.73 33.32
N THR B 72 24.91 -3.00 34.00
CA THR B 72 24.09 -2.01 33.31
C THR B 72 24.94 -0.85 32.79
N GLU B 73 26.00 -0.50 33.53
CA GLU B 73 26.90 0.56 33.09
C GLU B 73 27.58 0.18 31.78
N ARG B 74 28.00 -1.09 31.65
CA ARG B 74 28.62 -1.54 30.42
C ARG B 74 27.62 -1.61 29.27
N LEU B 75 26.36 -1.95 29.57
CA LEU B 75 25.35 -2.05 28.52
C LEU B 75 25.14 -0.71 27.84
N VAL B 76 25.05 0.36 28.62
CA VAL B 76 24.90 1.69 28.05
C VAL B 76 26.13 2.08 27.25
N ALA B 77 27.32 1.77 27.79
CA ALA B 77 28.56 2.11 27.10
C ALA B 77 28.71 1.33 25.80
N TYR B 78 28.21 0.09 25.77
CA TYR B 78 28.31 -0.70 24.55
C TYR B 78 27.55 -0.07 23.40
N TRP B 79 26.34 0.44 23.68
CA TRP B 79 25.55 1.08 22.62
C TRP B 79 26.21 2.38 22.16
N LEU B 80 26.77 3.15 23.10
CA LEU B 80 27.50 4.36 22.73
C LEU B 80 28.75 4.03 21.94
N MET B 81 29.45 2.95 22.31
CA MET B 81 30.62 2.53 21.55
C MET B 81 30.25 2.11 20.14
N LEU B 82 29.11 1.43 19.98
CA LEU B 82 28.64 1.06 18.65
C LEU B 82 28.35 2.28 17.82
N GLY B 83 27.75 3.32 18.42
CA GLY B 83 27.51 4.55 17.70
C GLY B 83 28.79 5.23 17.24
N GLY B 84 29.82 5.22 18.10
CA GLY B 84 31.09 5.79 17.70
C GLY B 84 31.76 5.00 16.60
N LEU B 85 31.69 3.66 16.67
CA LEU B 85 32.27 2.83 15.63
C LEU B 85 31.55 3.04 14.30
N SER B 86 30.23 3.14 14.32
CA SER B 86 29.48 3.37 13.09
C SER B 86 29.72 4.77 12.54
N GLY B 87 29.85 5.76 13.41
CA GLY B 87 30.17 7.11 12.94
C GLY B 87 31.53 7.19 12.29
N LEU B 88 32.52 6.50 12.87
CA LEU B 88 33.84 6.42 12.23
C LEU B 88 33.76 5.66 10.91
N ALA B 89 32.93 4.61 10.86
CA ALA B 89 32.75 3.88 9.61
C ALA B 89 32.12 4.76 8.54
N LEU B 90 31.17 5.61 8.92
CA LEU B 90 30.55 6.53 7.97
C LEU B 90 31.59 7.49 7.40
N LEU B 91 32.51 7.96 8.25
CA LEU B 91 33.59 8.81 7.77
C LEU B 91 34.49 8.06 6.78
N LEU B 92 34.78 6.79 7.07
CA LEU B 92 35.69 6.03 6.23
C LEU B 92 35.05 5.62 4.90
N VAL B 93 33.79 5.19 4.91
CA VAL B 93 33.16 4.77 3.66
C VAL B 93 32.90 5.97 2.76
N PHE B 94 32.59 7.14 3.33
CA PHE B 94 32.34 8.31 2.50
C PHE B 94 33.60 8.78 1.79
N LEU B 95 34.78 8.47 2.34
CA LEU B 95 36.02 8.98 1.77
C LEU B 95 36.65 7.99 0.80
N PHE B 96 36.48 6.69 1.03
CA PHE B 96 37.25 5.68 0.31
C PHE B 96 36.41 4.67 -0.46
N TRP B 97 35.11 4.56 -0.19
CA TRP B 97 34.32 3.62 -0.97
C TRP B 97 34.09 4.16 -2.38
N PRO B 98 34.15 3.31 -3.40
CA PRO B 98 33.87 3.77 -4.77
C PRO B 98 32.44 4.25 -4.94
N TRP B 99 32.30 5.55 -5.22
CA TRP B 99 30.96 6.19 -5.24
C TRP B 99 30.52 6.60 -6.63
N GLU B 100 31.44 6.63 -7.60
CA GLU B 100 31.10 7.08 -8.94
C GLU B 100 30.25 6.04 -9.66
N TYR B 101 29.33 6.53 -10.48
CA TYR B 101 28.43 5.66 -11.23
C TYR B 101 29.21 4.80 -12.21
N GLN B 102 28.82 3.52 -12.31
CA GLN B 102 29.41 2.59 -13.24
C GLN B 102 28.36 2.10 -14.23
N PRO B 103 28.71 1.94 -15.50
CA PRO B 103 27.72 1.56 -16.51
C PRO B 103 27.27 0.12 -16.32
N PHE B 104 26.17 -0.21 -17.00
CA PHE B 104 25.60 -1.55 -16.93
C PHE B 104 26.58 -2.56 -17.51
N GLY B 105 26.74 -3.68 -16.81
CA GLY B 105 27.64 -4.72 -17.25
C GLY B 105 29.10 -4.50 -16.94
N SER B 106 29.44 -3.42 -16.23
CA SER B 106 30.82 -3.13 -15.88
C SER B 106 31.22 -3.89 -14.63
N GLU B 107 32.53 -3.95 -14.40
CA GLU B 107 33.05 -4.68 -13.24
C GLU B 107 32.75 -3.97 -11.93
N GLY B 108 32.72 -2.64 -11.94
CA GLY B 108 32.47 -1.87 -10.75
C GLY B 108 31.01 -1.55 -10.45
N GLU B 109 30.08 -2.12 -11.22
CA GLU B 109 28.68 -1.81 -11.00
C GLU B 109 28.19 -2.30 -9.64
N PHE B 110 28.62 -3.50 -9.23
CA PHE B 110 28.15 -4.08 -7.98
C PHE B 110 28.61 -3.24 -6.79
N LEU B 111 29.88 -2.83 -6.78
CA LEU B 111 30.39 -2.01 -5.68
C LEU B 111 29.73 -0.64 -5.65
N TYR B 112 29.47 -0.06 -6.82
CA TYR B 112 28.80 1.23 -6.88
C TYR B 112 27.39 1.14 -6.31
N SER B 113 26.69 0.05 -6.61
CA SER B 113 25.32 -0.14 -6.14
C SER B 113 25.23 -0.23 -4.62
N LEU B 114 26.33 -0.49 -3.93
CA LEU B 114 26.36 -0.53 -2.48
C LEU B 114 26.88 0.76 -1.86
N ALA B 115 27.22 1.76 -2.66
CA ALA B 115 27.73 3.02 -2.12
C ALA B 115 26.68 3.72 -1.27
N THR B 116 25.56 4.11 -1.89
CA THR B 116 24.47 4.73 -1.13
C THR B 116 23.93 3.82 -0.03
N PRO B 117 23.72 2.52 -0.23
CA PRO B 117 23.30 1.68 0.91
C PRO B 117 24.26 1.71 2.09
N LEU B 118 25.58 1.79 1.82
CA LEU B 118 26.53 1.85 2.93
C LEU B 118 26.47 3.20 3.64
N TYR B 119 26.13 4.27 2.91
CA TYR B 119 26.01 5.58 3.54
C TYR B 119 24.89 5.59 4.58
N GLY B 120 23.74 5.00 4.23
CA GLY B 120 22.62 4.99 5.16
C GLY B 120 22.80 4.01 6.30
N LEU B 121 23.45 2.88 6.05
CA LEU B 121 23.67 1.91 7.11
C LEU B 121 24.61 2.45 8.19
N THR B 122 25.70 3.09 7.78
CA THR B 122 26.66 3.62 8.75
C THR B 122 26.13 4.87 9.44
N PHE B 123 25.52 5.78 8.70
CA PHE B 123 24.96 6.99 9.30
C PHE B 123 23.77 6.65 10.19
N GLY B 124 22.87 5.81 9.69
CA GLY B 124 21.68 5.47 10.46
C GLY B 124 21.99 4.73 11.75
N LEU B 125 22.88 3.74 11.67
CA LEU B 125 23.20 2.95 12.86
C LEU B 125 23.95 3.78 13.90
N SER B 126 24.72 4.77 13.46
CA SER B 126 25.51 5.56 14.38
C SER B 126 24.62 6.36 15.33
N ILE B 127 23.77 7.22 14.77
CA ILE B 127 22.90 8.06 15.60
C ILE B 127 21.81 7.24 16.28
N LEU B 128 21.37 6.14 15.67
CA LEU B 128 20.40 5.28 16.33
C LEU B 128 20.98 4.63 17.58
N SER B 129 22.24 4.17 17.51
CA SER B 129 22.89 3.59 18.67
C SER B 129 23.07 4.62 19.77
N ILE B 130 23.42 5.86 19.41
CA ILE B 130 23.55 6.92 20.41
C ILE B 130 22.20 7.19 21.07
N GLY B 131 21.12 7.21 20.28
CA GLY B 131 19.80 7.38 20.85
C GLY B 131 19.42 6.24 21.78
N ILE B 132 19.80 5.01 21.42
CA ILE B 132 19.49 3.86 22.27
C ILE B 132 20.23 3.98 23.60
N GLY B 133 21.51 4.35 23.54
CA GLY B 133 22.26 4.53 24.78
C GLY B 133 21.71 5.64 25.66
N ALA B 134 21.24 6.72 25.04
CA ALA B 134 20.68 7.82 25.81
C ALA B 134 19.37 7.41 26.49
N VAL B 135 18.53 6.63 25.80
CA VAL B 135 17.31 6.15 26.42
C VAL B 135 17.63 5.23 27.59
N LEU B 136 18.59 4.33 27.40
CA LEU B 136 18.96 3.40 28.46
C LEU B 136 19.52 4.13 29.68
N PHE B 137 20.33 5.18 29.46
CA PHE B 137 20.86 5.93 30.58
C PHE B 137 19.76 6.60 31.39
N GLN B 138 18.76 7.15 30.70
CA GLN B 138 17.64 7.77 31.41
C GLN B 138 16.83 6.74 32.19
N LYS B 139 16.60 5.57 31.60
CA LYS B 139 15.75 4.56 32.22
C LYS B 139 16.48 3.71 33.24
N LYS B 140 17.81 3.79 33.33
CA LYS B 140 18.57 2.98 34.26
C LYS B 140 19.44 3.76 35.23
N PHE B 141 19.73 5.03 34.95
CA PHE B 141 20.61 5.79 35.84
C PHE B 141 20.00 7.10 36.29
N ILE B 142 19.26 7.79 35.44
CA ILE B 142 18.59 9.03 35.87
C ILE B 142 17.49 8.67 36.85
N PRO B 143 17.43 9.31 38.03
CA PRO B 143 16.45 8.90 39.04
C PRO B 143 15.02 9.02 38.54
N GLU B 144 14.20 8.05 38.92
CA GLU B 144 12.78 8.08 38.60
C GLU B 144 12.10 9.16 39.44
N GLU B 145 11.28 9.99 38.78
CA GLU B 145 10.63 11.08 39.48
C GLU B 145 9.18 11.21 39.01
N ILE B 146 8.31 11.65 39.91
CA ILE B 146 6.93 12.01 39.59
C ILE B 146 6.73 13.42 40.09
N SER B 147 6.36 14.33 39.19
CA SER B 147 6.19 15.73 39.54
C SER B 147 4.78 16.19 39.18
N VAL B 148 4.22 17.04 40.03
CA VAL B 148 2.87 17.58 39.85
C VAL B 148 2.99 19.09 39.77
N GLN B 149 2.44 19.67 38.71
CA GLN B 149 2.44 21.12 38.49
C GLN B 149 1.01 21.64 38.44
N ASP B 150 0.75 22.72 39.18
CA ASP B 150 -0.55 23.35 39.14
C ASP B 150 -0.73 24.09 37.82
N ARG B 151 -1.87 23.86 37.17
CA ARG B 151 -2.14 24.45 35.83
C ARG B 151 -2.35 25.97 35.88
N HIS B 152 -3.11 26.46 36.87
CA HIS B 152 -3.42 27.88 36.98
C HIS B 152 -3.93 28.43 35.65
N ASP B 153 -4.68 27.60 34.92
CA ASP B 153 -5.17 27.97 33.61
C ASP B 153 -6.56 28.62 33.75
N GLY B 154 -7.26 28.79 32.64
CA GLY B 154 -8.56 29.43 32.71
C GLY B 154 -8.44 30.94 32.74
N ARG B 155 -9.44 31.57 33.35
CA ARG B 155 -9.47 33.02 33.44
C ARG B 155 -8.34 33.53 34.31
N SER B 156 -7.69 34.60 33.87
CA SER B 156 -6.64 35.23 34.65
C SER B 156 -7.24 35.96 35.86
N PRO B 157 -6.43 36.26 36.86
CA PRO B 157 -6.95 36.95 38.05
C PRO B 157 -7.61 38.28 37.69
N GLU B 158 -8.64 38.63 38.46
CA GLU B 158 -9.43 39.83 38.17
C GLU B 158 -8.59 41.09 38.23
N VAL B 159 -7.50 41.08 39.01
CA VAL B 159 -6.62 42.24 39.06
C VAL B 159 -5.96 42.47 37.71
N HIS B 160 -5.59 41.40 37.02
CA HIS B 160 -4.97 41.54 35.71
C HIS B 160 -6.00 41.89 34.63
N ARG B 161 -7.20 41.31 34.73
CA ARG B 161 -8.23 41.57 33.72
C ARG B 161 -8.65 43.03 33.72
N LYS B 162 -8.90 43.59 34.91
CA LYS B 162 -9.35 44.98 34.99
C LYS B 162 -8.25 45.94 34.54
N THR B 163 -7.00 45.67 34.92
CA THR B 163 -5.92 46.59 34.59
C THR B 163 -5.61 46.58 33.10
N VAL B 164 -5.58 45.40 32.47
CA VAL B 164 -5.29 45.33 31.05
C VAL B 164 -6.44 45.91 30.24
N ALA B 165 -7.68 45.70 30.69
CA ALA B 165 -8.83 46.29 30.00
C ALA B 165 -8.83 47.80 30.14
N ALA B 166 -8.48 48.31 31.32
CA ALA B 166 -8.42 49.76 31.52
C ALA B 166 -7.31 50.38 30.68
N ASN B 167 -6.16 49.71 30.57
CA ASN B 167 -5.06 50.24 29.78
C ASN B 167 -5.45 50.38 28.31
N LEU B 168 -6.10 49.35 27.76
CA LEU B 168 -6.58 49.43 26.38
C LEU B 168 -7.70 50.45 26.25
N THR B 169 -8.63 50.46 27.20
CA THR B 169 -9.76 51.40 27.13
C THR B 169 -9.28 52.85 27.26
N ASP B 170 -8.34 53.10 28.18
CA ASP B 170 -7.85 54.46 28.36
C ASP B 170 -7.16 54.99 27.12
N ALA B 171 -6.49 54.12 26.36
CA ALA B 171 -5.83 54.55 25.14
C ALA B 171 -6.85 55.01 24.10
N LEU B 172 -7.92 54.24 23.90
CA LEU B 172 -8.91 54.61 22.90
C LEU B 172 -9.81 55.75 23.39
N GLU B 173 -10.17 55.76 24.67
CA GLU B 173 -11.01 56.82 25.21
C GLU B 173 -10.25 58.11 25.44
N GLY B 174 -8.92 58.07 25.47
CA GLY B 174 -8.14 59.27 25.71
C GLY B 174 -7.49 59.82 24.46
N SER B 175 -7.45 59.01 23.40
CA SER B 175 -6.84 59.40 22.11
C SER B 175 -7.81 60.32 21.34
N THR B 176 -9.04 60.46 21.85
CA THR B 176 -10.08 61.33 21.22
C THR B 176 -10.32 60.93 19.77
N LEU B 177 -10.11 59.65 19.43
CA LEU B 177 -10.35 59.17 18.07
C LEU B 177 -11.83 58.89 17.81
N LYS B 178 -12.56 58.43 18.83
CA LYS B 178 -13.95 58.04 18.63
C LYS B 178 -14.83 59.23 18.28
N ARG B 179 -14.64 60.37 18.94
CA ARG B 179 -15.53 61.52 18.76
C ARG B 179 -15.07 62.47 17.66
N ARG B 180 -14.02 62.13 16.92
CA ARG B 180 -13.61 62.89 15.74
C ARG B 180 -13.93 62.03 14.52
N LYS B 181 -15.18 62.11 14.07
CA LYS B 181 -15.66 61.21 13.03
C LYS B 181 -15.02 61.50 11.67
N VAL B 182 -14.69 62.76 11.38
CA VAL B 182 -14.07 63.07 10.10
C VAL B 182 -12.69 62.44 10.00
N ILE B 183 -11.97 62.37 11.12
CA ILE B 183 -10.67 61.72 11.13
C ILE B 183 -10.84 60.20 11.00
N GLY B 184 -11.78 59.63 11.75
CA GLY B 184 -11.99 58.19 11.69
C GLY B 184 -12.42 57.70 10.33
N LEU B 185 -13.36 58.42 9.70
CA LEU B 185 -13.78 58.06 8.35
C LEU B 185 -12.64 58.22 7.35
N SER B 186 -11.85 59.29 7.49
CA SER B 186 -10.73 59.51 6.59
C SER B 186 -9.70 58.40 6.72
N LEU B 187 -9.40 57.98 7.95
CA LEU B 187 -8.42 56.91 8.15
C LEU B 187 -8.92 55.59 7.57
N GLY B 188 -10.19 55.26 7.80
CA GLY B 188 -10.73 54.02 7.26
C GLY B 188 -10.77 54.00 5.75
N ILE B 189 -11.23 55.11 5.14
CA ILE B 189 -11.26 55.19 3.68
C ILE B 189 -9.84 55.20 3.12
N GLY B 190 -8.94 55.96 3.75
CA GLY B 190 -7.58 56.03 3.25
C GLY B 190 -6.85 54.70 3.33
N LEU B 191 -6.97 54.01 4.46
CA LEU B 191 -6.34 52.70 4.59
C LEU B 191 -6.97 51.68 3.65
N GLY B 192 -8.29 51.74 3.50
CA GLY B 192 -8.96 50.83 2.57
C GLY B 192 -8.57 51.08 1.13
N ALA B 193 -8.51 52.35 0.73
CA ALA B 193 -8.12 52.68 -0.63
C ALA B 193 -6.68 52.29 -0.90
N PHE B 194 -5.77 52.58 0.04
CA PHE B 194 -4.38 52.20 -0.14
C PHE B 194 -4.21 50.69 -0.17
N GLY B 195 -4.93 49.97 0.69
CA GLY B 195 -4.85 48.52 0.68
C GLY B 195 -5.35 47.92 -0.61
N ALA B 196 -6.47 48.44 -1.13
CA ALA B 196 -6.99 47.97 -2.41
C ALA B 196 -6.02 48.28 -3.54
N GLY B 197 -5.40 49.46 -3.51
CA GLY B 197 -4.46 49.82 -4.55
C GLY B 197 -3.21 48.96 -4.54
N THR B 198 -2.65 48.71 -3.35
CA THR B 198 -1.44 47.91 -3.27
C THR B 198 -1.72 46.43 -3.50
N LEU B 199 -2.95 45.98 -3.20
CA LEU B 199 -3.31 44.60 -3.48
C LEU B 199 -3.43 44.35 -4.97
N VAL B 200 -4.08 45.27 -5.70
CA VAL B 200 -4.24 45.10 -7.14
C VAL B 200 -2.89 45.17 -7.83
N ALA B 201 -2.03 46.11 -7.41
CA ALA B 201 -0.71 46.23 -8.02
C ALA B 201 0.16 45.02 -7.73
N PHE B 202 -0.03 44.37 -6.58
CA PHE B 202 0.78 43.22 -6.22
C PHE B 202 0.41 42.00 -7.05
N ILE B 203 -0.89 41.83 -7.35
CA ILE B 203 -1.38 40.64 -8.03
C ILE B 203 -1.70 40.90 -9.51
N GLY B 204 -1.78 42.16 -9.92
CA GLY B 204 -2.17 42.46 -11.29
C GLY B 204 -1.21 41.90 -12.32
N GLY B 205 0.07 41.81 -11.98
CA GLY B 205 1.05 41.25 -12.91
C GLY B 205 0.83 39.79 -13.22
N LEU B 206 0.32 39.01 -12.26
CA LEU B 206 0.07 37.60 -12.50
C LEU B 206 -1.15 37.35 -13.38
N ILE B 207 -2.11 38.27 -13.36
CA ILE B 207 -3.36 38.06 -14.10
C ILE B 207 -3.09 38.13 -15.60
N LYS B 208 -3.60 37.13 -16.32
CA LYS B 208 -3.47 37.09 -17.77
C LYS B 208 -4.81 36.68 -18.39
N ASN B 209 -5.14 37.28 -19.51
CA ASN B 209 -6.39 36.97 -20.20
C ASN B 209 -6.24 35.65 -20.94
N PRO B 210 -7.04 34.62 -20.61
CA PRO B 210 -6.92 33.33 -21.32
C PRO B 210 -7.24 33.41 -22.79
N TRP B 211 -8.09 34.34 -23.22
CA TRP B 211 -8.63 34.32 -24.58
C TRP B 211 -8.08 35.43 -25.46
N LYS B 212 -6.91 35.96 -25.12
CA LYS B 212 -6.24 36.90 -26.02
C LYS B 212 -5.75 36.16 -27.26
N PRO B 213 -6.12 36.61 -28.46
CA PRO B 213 -5.69 35.92 -29.68
C PRO B 213 -4.20 36.15 -29.93
N VAL B 214 -3.41 35.09 -29.80
CA VAL B 214 -1.96 35.19 -29.93
C VAL B 214 -1.43 34.15 -30.89
N VAL B 215 -2.28 33.21 -31.29
CA VAL B 215 -1.89 32.09 -32.13
C VAL B 215 -2.27 32.41 -33.57
N PRO B 216 -1.31 32.57 -34.48
CA PRO B 216 -1.66 32.82 -35.89
C PRO B 216 -2.22 31.58 -36.54
N THR B 217 -3.43 31.70 -37.08
CA THR B 217 -4.11 30.60 -37.76
C THR B 217 -4.47 31.04 -39.18
N ALA B 218 -5.16 30.15 -39.89
CA ALA B 218 -5.56 30.45 -41.27
C ALA B 218 -6.63 31.51 -41.36
N GLU B 219 -7.35 31.77 -40.26
CA GLU B 219 -8.40 32.77 -40.27
C GLU B 219 -8.22 33.79 -39.14
N GLY B 220 -6.98 34.24 -38.96
CA GLY B 220 -6.66 35.26 -37.97
C GLY B 220 -6.12 34.67 -36.67
N LYS B 221 -5.74 35.58 -35.78
CA LYS B 221 -5.21 35.18 -34.48
C LYS B 221 -6.31 34.57 -33.63
N LYS B 222 -5.96 33.53 -32.88
CA LYS B 222 -6.90 32.81 -32.04
C LYS B 222 -6.29 32.56 -30.67
N ALA B 223 -7.15 32.25 -29.71
CA ALA B 223 -6.69 31.90 -28.37
C ALA B 223 -5.97 30.56 -28.39
N VAL B 224 -5.13 30.36 -27.37
CA VAL B 224 -4.30 29.15 -27.33
C VAL B 224 -5.15 27.90 -27.21
N LEU B 225 -6.18 27.93 -26.36
CA LEU B 225 -6.97 26.74 -26.11
C LEU B 225 -7.78 26.30 -27.32
N TRP B 226 -8.05 27.21 -28.27
CA TRP B 226 -8.77 26.86 -29.49
C TRP B 226 -7.88 26.27 -30.57
N THR B 227 -6.56 26.30 -30.40
CA THR B 227 -5.62 25.88 -31.42
C THR B 227 -4.73 24.76 -30.91
N SER B 228 -3.91 24.25 -31.83
CA SER B 228 -2.94 23.19 -31.54
C SER B 228 -1.95 23.16 -32.69
N GLY B 229 -1.10 22.13 -32.71
CA GLY B 229 -0.14 21.98 -33.79
C GLY B 229 -0.80 21.62 -35.11
N TRP B 230 -2.01 21.08 -35.08
CA TRP B 230 -2.72 20.70 -36.29
C TRP B 230 -3.56 21.82 -36.87
N THR B 231 -3.62 22.97 -36.22
CA THR B 231 -4.36 24.10 -36.77
C THR B 231 -3.58 24.69 -37.94
N PRO B 232 -4.17 24.77 -39.13
CA PRO B 232 -3.43 25.31 -40.28
C PRO B 232 -3.11 26.78 -40.09
N ARG B 233 -1.87 27.14 -40.41
CA ARG B 233 -1.43 28.53 -40.35
C ARG B 233 -1.80 29.30 -41.61
N PHE B 234 -2.16 28.61 -42.68
CA PHE B 234 -2.69 29.22 -43.89
C PHE B 234 -3.52 28.19 -44.63
N LYS B 235 -4.39 28.67 -45.51
CA LYS B 235 -5.25 27.76 -46.26
C LYS B 235 -4.43 26.85 -47.16
N GLY B 236 -4.75 25.57 -47.14
CA GLY B 236 -4.04 24.59 -47.94
C GLY B 236 -2.70 24.15 -47.40
N GLU B 237 -2.37 24.50 -46.16
CA GLU B 237 -1.10 24.08 -45.57
C GLU B 237 -1.08 22.58 -45.38
N THR B 238 0.02 21.96 -45.80
CA THR B 238 0.18 20.51 -45.71
C THR B 238 0.85 20.16 -44.39
N ILE B 239 0.16 19.41 -43.54
CA ILE B 239 0.68 18.97 -42.26
C ILE B 239 0.79 17.45 -42.30
N TYR B 240 2.03 16.96 -42.22
CA TYR B 240 2.29 15.52 -42.32
C TYR B 240 2.10 14.85 -40.97
N LEU B 241 1.61 13.61 -41.01
CA LEU B 241 1.60 12.77 -39.81
C LEU B 241 2.98 12.15 -39.63
N ALA B 242 3.80 12.79 -38.80
CA ALA B 242 5.19 12.39 -38.64
C ALA B 242 5.35 11.49 -37.42
N ARG B 243 6.24 10.52 -37.54
CA ARG B 243 6.52 9.57 -36.47
C ARG B 243 7.81 9.95 -35.76
N ALA B 244 7.81 9.78 -34.44
CA ALA B 244 9.00 10.07 -33.65
C ALA B 244 9.98 8.91 -33.77
N THR B 245 11.17 9.19 -34.29
CA THR B 245 12.17 8.16 -34.51
C THR B 245 12.87 7.73 -33.23
N GLY B 246 12.71 8.48 -32.15
CA GLY B 246 13.31 8.13 -30.88
C GLY B 246 14.73 8.60 -30.69
N ARG B 247 15.36 9.21 -31.71
CA ARG B 247 16.72 9.70 -31.58
C ARG B 247 16.71 11.21 -31.47
N PRO B 248 17.46 11.80 -30.53
CA PRO B 248 17.45 13.26 -30.36
C PRO B 248 18.23 13.93 -31.50
N GLY B 249 17.57 14.87 -32.16
CA GLY B 249 18.18 15.53 -33.30
C GLY B 249 18.27 14.58 -34.48
N GLU B 250 18.87 15.07 -35.56
CA GLU B 250 19.10 14.31 -36.79
C GLU B 250 17.82 13.61 -37.25
N SER B 251 16.82 14.44 -37.55
CA SER B 251 15.48 14.04 -38.01
C SER B 251 14.74 13.23 -36.96
N PRO B 252 14.34 13.84 -35.83
CA PRO B 252 13.49 13.12 -34.87
C PRO B 252 12.10 12.81 -35.42
N PHE B 253 11.65 13.52 -36.45
CA PHE B 253 10.34 13.29 -37.05
C PHE B 253 10.53 13.06 -38.55
N VAL B 254 9.93 11.99 -39.06
CA VAL B 254 10.02 11.65 -40.47
C VAL B 254 8.62 11.32 -40.98
N LYS B 255 8.47 11.35 -42.31
CA LYS B 255 7.19 11.10 -42.93
C LYS B 255 6.79 9.63 -42.76
N MET B 256 5.50 9.38 -42.94
CA MET B 256 4.92 8.06 -42.70
C MET B 256 3.99 7.70 -43.86
N ARG B 257 3.86 6.40 -44.10
CA ARG B 257 3.03 5.88 -45.18
C ARG B 257 1.98 4.92 -44.64
N PRO B 258 0.84 4.78 -45.33
CA PRO B 258 -0.22 3.90 -44.82
C PRO B 258 0.19 2.45 -44.64
N GLU B 259 1.13 1.98 -45.47
CA GLU B 259 1.59 0.56 -45.43
C GLU B 259 2.61 0.34 -44.30
N ASP B 260 3.04 1.41 -43.62
CA ASP B 260 4.01 1.27 -42.54
C ASP B 260 3.37 0.70 -41.27
N ILE B 261 2.06 0.76 -41.15
CA ILE B 261 1.35 0.28 -39.97
C ILE B 261 0.44 -0.87 -40.39
N ASP B 262 0.50 -1.97 -39.64
CA ASP B 262 -0.31 -3.14 -39.93
C ASP B 262 -1.64 -3.06 -39.19
N ALA B 263 -2.56 -3.95 -39.58
CA ALA B 263 -3.84 -4.05 -38.90
C ALA B 263 -3.65 -4.45 -37.45
N GLY B 264 -4.34 -3.76 -36.55
CA GLY B 264 -4.18 -3.97 -35.13
C GLY B 264 -3.04 -3.21 -34.49
N GLY B 265 -2.33 -2.37 -35.25
CA GLY B 265 -1.24 -1.59 -34.72
C GLY B 265 -1.66 -0.16 -34.41
N MET B 266 -0.90 0.45 -33.49
CA MET B 266 -1.14 1.84 -33.10
C MET B 266 0.20 2.57 -33.10
N GLU B 267 0.19 3.82 -33.54
CA GLU B 267 1.40 4.62 -33.61
C GLU B 267 1.08 6.07 -33.30
N THR B 268 1.96 6.72 -32.54
CA THR B 268 1.78 8.12 -32.19
C THR B 268 2.38 9.01 -33.28
N VAL B 269 1.61 10.00 -33.72
CA VAL B 269 2.03 10.90 -34.79
C VAL B 269 1.98 12.34 -34.29
N PHE B 270 2.75 13.19 -34.94
CA PHE B 270 2.90 14.59 -34.57
C PHE B 270 2.71 15.47 -35.80
N PRO B 271 2.25 16.71 -35.62
CA PRO B 271 2.08 17.63 -36.75
C PRO B 271 3.44 18.20 -37.19
N TRP B 272 3.83 17.86 -38.41
CA TRP B 272 5.12 18.27 -38.95
C TRP B 272 4.92 18.92 -40.32
N ARG B 273 5.70 19.96 -40.59
CA ARG B 273 5.65 20.68 -41.86
C ARG B 273 7.01 20.63 -42.54
N GLU B 274 7.03 20.95 -43.82
CA GLU B 274 8.29 20.99 -44.57
C GLU B 274 9.25 22.02 -43.98
N SER B 275 8.72 23.18 -43.60
CA SER B 275 9.56 24.25 -43.07
C SER B 275 10.11 23.95 -41.68
N ASP B 276 9.62 22.90 -41.02
CA ASP B 276 10.13 22.57 -39.68
C ASP B 276 11.57 22.09 -39.72
N GLY B 277 11.96 21.37 -40.77
CA GLY B 277 13.32 20.91 -40.90
C GLY B 277 13.59 19.60 -40.19
N ASP B 278 14.85 19.19 -40.25
CA ASP B 278 15.31 17.93 -39.67
C ASP B 278 16.03 18.13 -38.33
N GLY B 279 16.05 19.35 -37.80
CA GLY B 279 16.65 19.59 -36.50
C GLY B 279 18.15 19.78 -36.52
N THR B 280 18.78 19.81 -37.70
CA THR B 280 20.21 20.06 -37.77
C THR B 280 20.54 21.50 -37.45
N THR B 281 19.68 22.43 -37.87
CA THR B 281 19.89 23.85 -37.61
C THR B 281 19.27 24.23 -36.27
N VAL B 282 19.85 25.27 -35.64
CA VAL B 282 19.40 25.68 -34.32
C VAL B 282 17.93 26.10 -34.34
N GLU B 283 17.54 26.89 -35.33
CA GLU B 283 16.13 27.26 -35.45
C GLU B 283 15.26 26.05 -35.75
N SER B 284 15.79 25.09 -36.50
CA SER B 284 15.03 23.87 -36.79
C SER B 284 14.78 23.06 -35.53
N GLU B 285 15.78 22.98 -34.64
CA GLU B 285 15.60 22.22 -33.40
C GLU B 285 14.52 22.83 -32.52
N HIS B 286 14.50 24.16 -32.42
CA HIS B 286 13.49 24.83 -31.60
C HIS B 286 12.09 24.58 -32.13
N LYS B 287 11.93 24.60 -33.46
CA LYS B 287 10.63 24.30 -34.06
C LYS B 287 10.20 22.87 -33.77
N LEU B 288 11.13 21.91 -33.86
CA LEU B 288 10.79 20.54 -33.55
C LEU B 288 10.58 20.33 -32.05
N THR B 289 11.29 21.08 -31.21
CA THR B 289 11.06 21.00 -29.78
C THR B 289 9.65 21.47 -29.43
N GLU B 290 9.19 22.54 -30.09
CA GLU B 290 7.83 23.02 -29.86
C GLU B 290 6.79 21.98 -30.27
N ILE B 291 7.06 21.24 -31.34
CA ILE B 291 6.14 20.17 -31.74
C ILE B 291 6.09 19.08 -30.68
N ALA B 292 7.25 18.68 -30.16
CA ALA B 292 7.30 17.61 -29.18
C ALA B 292 6.62 17.98 -27.88
N MET B 293 6.79 19.23 -27.41
CA MET B 293 6.21 19.66 -26.15
C MET B 293 4.83 20.27 -26.30
N GLY B 294 4.26 20.27 -27.51
CA GLY B 294 2.89 20.70 -27.68
C GLY B 294 1.95 19.76 -26.94
N VAL B 295 1.14 20.34 -26.04
CA VAL B 295 0.31 19.52 -25.16
C VAL B 295 -0.87 18.89 -25.89
N ARG B 296 -1.32 19.51 -26.99
CA ARG B 296 -2.44 18.98 -27.77
C ARG B 296 -1.98 18.39 -29.10
N ASN B 297 -0.69 18.17 -29.26
CA ASN B 297 -0.11 17.70 -30.51
C ASN B 297 -0.27 16.20 -30.77
N PRO B 298 0.06 15.32 -29.81
CA PRO B 298 0.09 13.89 -30.13
C PRO B 298 -1.26 13.36 -30.59
N VAL B 299 -1.22 12.47 -31.58
CA VAL B 299 -2.40 11.84 -32.15
C VAL B 299 -2.11 10.35 -32.33
N MET B 300 -3.08 9.52 -31.97
CA MET B 300 -2.97 8.08 -32.14
C MET B 300 -3.53 7.69 -33.50
N LEU B 301 -2.73 6.98 -34.29
CA LEU B 301 -3.19 6.41 -35.56
C LEU B 301 -3.39 4.92 -35.37
N ILE B 302 -4.61 4.44 -35.57
CA ILE B 302 -4.93 3.04 -35.44
C ILE B 302 -5.41 2.52 -36.79
N ARG B 303 -5.11 1.26 -37.06
CA ARG B 303 -5.55 0.59 -38.28
C ARG B 303 -6.52 -0.51 -37.88
N ILE B 304 -7.81 -0.29 -38.11
CA ILE B 304 -8.83 -1.27 -37.78
C ILE B 304 -8.66 -2.50 -38.67
N LYS B 305 -8.83 -3.68 -38.09
CA LYS B 305 -8.80 -4.90 -38.89
C LYS B 305 -9.93 -4.86 -39.90
N PRO B 306 -9.67 -5.18 -41.17
CA PRO B 306 -10.72 -5.06 -42.20
C PRO B 306 -11.95 -5.92 -41.91
N ALA B 307 -11.78 -7.04 -41.20
CA ALA B 307 -12.94 -7.85 -40.83
C ALA B 307 -13.83 -7.16 -39.80
N ASP B 308 -13.31 -6.15 -39.11
CA ASP B 308 -14.06 -5.42 -38.09
C ASP B 308 -14.59 -4.08 -38.59
N MET B 309 -14.45 -3.79 -39.88
CA MET B 309 -14.89 -2.50 -40.41
C MET B 309 -16.40 -2.35 -40.42
N HIS B 310 -17.16 -3.45 -40.38
CA HIS B 310 -18.60 -3.36 -40.36
C HIS B 310 -19.14 -2.93 -38.99
N ARG B 311 -18.31 -3.02 -37.94
CA ARG B 311 -18.72 -2.64 -36.59
C ARG B 311 -18.45 -1.17 -36.28
N VAL B 312 -17.88 -0.42 -37.21
CA VAL B 312 -17.51 0.97 -36.96
C VAL B 312 -18.74 1.85 -37.04
N ILE B 313 -18.95 2.66 -36.01
CA ILE B 313 -20.05 3.62 -35.96
C ILE B 313 -19.46 5.02 -36.10
N LYS B 314 -19.96 5.77 -37.07
CA LYS B 314 -19.44 7.09 -37.38
C LYS B 314 -20.14 8.16 -36.56
N ARG B 315 -19.39 9.20 -36.20
CA ARG B 315 -19.92 10.36 -35.52
C ARG B 315 -20.39 11.40 -36.54
N LYS B 316 -21.46 12.11 -36.21
CA LYS B 316 -21.98 13.13 -37.12
C LYS B 316 -20.93 14.21 -37.36
N GLY B 317 -20.73 14.54 -38.63
CA GLY B 317 -19.70 15.47 -39.03
C GLY B 317 -18.31 14.87 -39.16
N GLN B 318 -18.15 13.58 -38.89
CA GLN B 318 -16.86 12.91 -38.96
C GLN B 318 -16.93 11.60 -39.75
N GLU B 319 -17.89 11.47 -40.66
CA GLU B 319 -18.05 10.23 -41.41
C GLU B 319 -16.91 9.99 -42.39
N SER B 320 -16.24 11.04 -42.86
CA SER B 320 -15.16 10.91 -43.83
C SER B 320 -13.80 11.26 -43.22
N PHE B 321 -13.68 11.21 -41.89
CA PHE B 321 -12.43 11.56 -41.23
C PHE B 321 -11.41 10.44 -41.28
N ASN B 322 -11.78 9.25 -41.72
CA ASN B 322 -10.89 8.10 -41.77
C ASN B 322 -10.52 7.78 -43.21
N PHE B 323 -9.24 7.45 -43.42
CA PHE B 323 -8.76 7.05 -44.74
C PHE B 323 -8.88 5.53 -44.83
N GLY B 324 -10.07 5.06 -45.17
CA GLY B 324 -10.29 3.62 -45.24
C GLY B 324 -10.36 3.03 -43.85
N GLU B 325 -9.40 2.17 -43.53
CA GLU B 325 -9.34 1.51 -42.24
C GLU B 325 -8.36 2.17 -41.29
N LEU B 326 -7.86 3.35 -41.62
CA LEU B 326 -6.95 4.10 -40.76
C LEU B 326 -7.74 5.20 -40.05
N PHE B 327 -7.67 5.21 -38.72
CA PHE B 327 -8.36 6.19 -37.91
C PHE B 327 -7.34 6.95 -37.06
N ALA B 328 -7.58 8.25 -36.90
CA ALA B 328 -6.71 9.11 -36.14
C ALA B 328 -7.51 9.81 -35.05
N TYR B 329 -7.20 9.49 -33.79
CA TYR B 329 -7.82 10.12 -32.64
C TYR B 329 -6.74 10.82 -31.81
N THR B 330 -7.13 11.89 -31.14
CA THR B 330 -6.19 12.63 -30.30
C THR B 330 -5.70 11.74 -29.15
N LYS B 331 -4.42 11.87 -28.83
CA LYS B 331 -3.82 11.10 -27.75
C LYS B 331 -4.10 11.70 -26.39
N VAL B 332 -4.62 12.92 -26.33
CA VAL B 332 -4.91 13.58 -25.06
C VAL B 332 -6.29 13.15 -24.58
N CYS B 333 -6.36 12.62 -23.36
CA CYS B 333 -7.64 12.21 -22.80
C CYS B 333 -8.53 13.41 -22.54
N SER B 334 -9.82 13.26 -22.84
CA SER B 334 -10.77 14.35 -22.68
C SER B 334 -11.10 14.64 -21.22
N HIS B 335 -10.68 13.80 -20.28
CA HIS B 335 -11.03 13.99 -18.88
C HIS B 335 -10.12 15.02 -18.21
N LEU B 336 -8.81 14.72 -18.14
CA LEU B 336 -7.88 15.60 -17.45
C LEU B 336 -6.60 15.85 -18.21
N GLY B 337 -6.47 15.34 -19.44
CA GLY B 337 -5.33 15.66 -20.28
C GLY B 337 -4.21 14.65 -20.30
N CYS B 338 -4.34 13.53 -19.58
CA CYS B 338 -3.32 12.51 -19.63
C CYS B 338 -3.30 11.85 -21.00
N PRO B 339 -2.14 11.36 -21.44
CA PRO B 339 -2.11 10.62 -22.72
C PRO B 339 -2.74 9.24 -22.58
N SER B 340 -3.91 9.05 -23.20
CA SER B 340 -4.60 7.76 -23.17
C SER B 340 -4.09 6.94 -24.35
N SER B 341 -3.03 6.15 -24.11
CA SER B 341 -2.35 5.44 -25.18
C SER B 341 -2.33 3.93 -24.97
N LEU B 342 -3.16 3.42 -24.06
CA LEU B 342 -3.24 1.97 -23.84
C LEU B 342 -4.29 1.41 -24.80
N TYR B 343 -3.87 1.18 -26.04
CA TYR B 343 -4.76 0.72 -27.10
C TYR B 343 -4.75 -0.81 -27.15
N GLU B 344 -5.90 -1.41 -26.84
CA GLU B 344 -6.07 -2.85 -26.95
C GLU B 344 -6.58 -3.16 -28.36
N GLN B 345 -5.79 -3.92 -29.12
CA GLN B 345 -6.12 -4.12 -30.53
C GLN B 345 -7.36 -4.97 -30.73
N GLN B 346 -7.61 -5.94 -29.84
CA GLN B 346 -8.71 -6.87 -30.06
C GLN B 346 -10.04 -6.30 -29.57
N THR B 347 -10.06 -5.75 -28.35
CA THR B 347 -11.27 -5.15 -27.83
C THR B 347 -11.52 -3.74 -28.37
N TYR B 348 -10.55 -3.16 -29.07
CA TYR B 348 -10.66 -1.82 -29.63
C TYR B 348 -11.00 -0.79 -28.56
N ARG B 349 -10.34 -0.92 -27.41
CA ARG B 349 -10.55 -0.03 -26.28
C ARG B 349 -9.30 0.79 -26.04
N ILE B 350 -9.48 2.11 -25.86
CA ILE B 350 -8.40 3.01 -25.53
C ILE B 350 -8.48 3.33 -24.05
N LEU B 351 -7.48 2.92 -23.29
CA LEU B 351 -7.49 3.03 -21.84
C LEU B 351 -6.54 4.13 -21.40
N CYS B 352 -7.04 5.02 -20.53
CA CYS B 352 -6.20 6.07 -19.97
C CYS B 352 -5.56 5.58 -18.68
N PRO B 353 -4.22 5.57 -18.59
CA PRO B 353 -3.57 5.02 -17.40
C PRO B 353 -3.73 5.87 -16.15
N CYS B 354 -4.16 7.13 -16.28
CA CYS B 354 -4.24 8.01 -15.12
C CYS B 354 -5.45 7.69 -14.26
N HIS B 355 -6.64 7.78 -14.84
CA HIS B 355 -7.88 7.52 -14.06
C HIS B 355 -8.77 6.46 -14.70
N GLN B 356 -8.21 5.55 -15.50
CA GLN B 356 -8.89 4.35 -15.95
C GLN B 356 -10.06 4.63 -16.88
N SER B 357 -9.99 5.71 -17.65
CA SER B 357 -11.01 5.96 -18.66
C SER B 357 -10.83 5.04 -19.85
N GLN B 358 -11.94 4.57 -20.41
CA GLN B 358 -11.92 3.67 -21.55
C GLN B 358 -12.78 4.23 -22.67
N PHE B 359 -12.25 4.21 -23.89
CA PHE B 359 -12.92 4.74 -25.06
C PHE B 359 -13.07 3.66 -26.12
N ASP B 360 -14.23 3.60 -26.75
CA ASP B 360 -14.52 2.61 -27.79
C ASP B 360 -14.02 3.15 -29.12
N ALA B 361 -12.89 2.61 -29.59
CA ALA B 361 -12.30 3.11 -30.83
C ALA B 361 -13.21 2.90 -32.03
N LEU B 362 -14.03 1.85 -32.02
CA LEU B 362 -14.97 1.63 -33.11
C LEU B 362 -16.09 2.67 -33.11
N GLU B 363 -16.56 3.08 -31.94
CA GLU B 363 -17.62 4.08 -31.85
C GLU B 363 -17.03 5.47 -31.59
N PHE B 364 -16.30 6.00 -32.57
CA PHE B 364 -15.69 7.33 -32.55
C PHE B 364 -15.09 7.70 -31.19
N ALA B 365 -14.41 6.76 -30.55
CA ALA B 365 -13.72 6.98 -29.28
C ALA B 365 -14.69 7.48 -28.21
N LYS B 366 -15.91 6.97 -28.22
CA LYS B 366 -16.89 7.31 -27.21
C LYS B 366 -16.49 6.67 -25.87
N PRO B 367 -16.51 7.43 -24.78
CA PRO B 367 -16.15 6.84 -23.48
C PRO B 367 -17.16 5.80 -23.04
N ILE B 368 -16.65 4.69 -22.51
CA ILE B 368 -17.49 3.60 -22.04
C ILE B 368 -17.17 3.19 -20.61
N PHE B 369 -16.17 3.79 -19.98
CA PHE B 369 -15.83 3.50 -18.59
C PHE B 369 -14.95 4.62 -18.06
N GLY B 370 -15.04 4.85 -16.74
CA GLY B 370 -14.20 5.83 -16.09
C GLY B 370 -14.89 7.18 -15.95
N PRO B 371 -14.14 8.18 -15.48
CA PRO B 371 -14.70 9.52 -15.31
C PRO B 371 -14.81 10.34 -16.57
N ALA B 372 -14.40 9.80 -17.72
CA ALA B 372 -14.50 10.52 -18.98
C ALA B 372 -15.94 10.53 -19.47
N ALA B 373 -16.43 11.71 -19.86
CA ALA B 373 -17.79 11.85 -20.35
C ALA B 373 -17.87 12.30 -21.81
N ARG B 374 -16.75 12.74 -22.39
CA ARG B 374 -16.72 13.23 -23.76
C ARG B 374 -15.79 12.35 -24.60
N ALA B 375 -16.15 12.18 -25.87
CA ALA B 375 -15.35 11.38 -26.77
C ALA B 375 -14.08 12.12 -27.19
N LEU B 376 -13.06 11.34 -27.55
CA LEU B 376 -11.82 11.91 -28.05
C LEU B 376 -12.03 12.49 -29.43
N ALA B 377 -11.38 13.64 -29.67
CA ALA B 377 -11.50 14.29 -30.97
C ALA B 377 -10.85 13.46 -32.06
N GLN B 378 -11.48 13.45 -33.23
CA GLN B 378 -10.98 12.69 -34.37
C GLN B 378 -10.33 13.64 -35.38
N LEU B 379 -9.12 13.28 -35.81
CA LEU B 379 -8.38 14.06 -36.79
C LEU B 379 -8.65 13.53 -38.20
N PRO B 380 -9.16 14.35 -39.12
CA PRO B 380 -9.33 13.88 -40.50
C PRO B 380 -7.98 13.70 -41.17
N ILE B 381 -7.81 12.57 -41.85
CA ILE B 381 -6.55 12.20 -42.46
C ILE B 381 -6.77 11.78 -43.91
N THR B 382 -5.70 11.88 -44.69
CA THR B 382 -5.70 11.49 -46.09
C THR B 382 -4.25 11.32 -46.52
N ILE B 383 -4.02 11.14 -47.83
CA ILE B 383 -2.69 11.03 -48.37
C ILE B 383 -2.53 12.06 -49.48
N ASP B 384 -1.27 12.45 -49.70
CA ASP B 384 -0.91 13.42 -50.76
C ASP B 384 -0.53 12.63 -52.02
N GLU B 385 -0.01 13.34 -53.04
CA GLU B 385 0.38 12.71 -54.33
C GLU B 385 1.52 11.72 -54.12
N ASP B 386 2.38 11.94 -53.12
CA ASP B 386 3.50 11.06 -52.87
C ASP B 386 3.15 9.85 -52.01
N GLY B 387 1.91 9.76 -51.53
CA GLY B 387 1.50 8.64 -50.72
C GLY B 387 1.78 8.76 -49.25
N TYR B 388 2.15 9.94 -48.76
CA TYR B 388 2.41 10.15 -47.35
C TYR B 388 1.14 10.59 -46.64
N LEU B 389 0.90 10.03 -45.46
CA LEU B 389 -0.29 10.37 -44.69
C LEU B 389 -0.19 11.81 -44.19
N VAL B 390 -1.22 12.60 -44.48
CA VAL B 390 -1.29 14.00 -44.06
C VAL B 390 -2.66 14.25 -43.45
N ALA B 391 -2.74 15.32 -42.68
CA ALA B 391 -4.02 15.74 -42.10
C ALA B 391 -4.91 16.33 -43.18
N ASN B 392 -6.20 16.02 -43.10
CA ASN B 392 -7.20 16.51 -44.05
C ASN B 392 -7.98 17.67 -43.45
N GLY B 393 -7.32 18.48 -42.64
CA GLY B 393 -7.95 19.61 -41.97
C GLY B 393 -7.62 19.61 -40.49
N ASP B 394 -8.37 20.42 -39.75
CA ASP B 394 -8.21 20.58 -38.32
C ASP B 394 -9.31 19.83 -37.58
N PHE B 395 -9.12 19.70 -36.27
CA PHE B 395 -10.15 19.13 -35.42
C PHE B 395 -11.40 20.01 -35.45
N VAL B 396 -12.57 19.36 -35.48
CA VAL B 396 -13.84 20.07 -35.48
C VAL B 396 -14.31 20.40 -34.08
N GLU B 397 -13.52 20.09 -33.06
CA GLU B 397 -13.86 20.39 -31.68
C GLU B 397 -12.56 20.63 -30.93
N PRO B 398 -12.62 21.36 -29.81
CA PRO B 398 -11.40 21.57 -29.01
C PRO B 398 -10.86 20.25 -28.47
N VAL B 399 -9.53 20.21 -28.32
CA VAL B 399 -8.83 19.00 -27.92
C VAL B 399 -8.34 19.15 -26.49
N GLY B 400 -8.51 18.09 -25.69
CA GLY B 400 -8.01 18.07 -24.34
C GLY B 400 -9.10 18.19 -23.30
N PRO B 401 -8.72 18.52 -22.08
CA PRO B 401 -9.71 18.67 -21.00
C PRO B 401 -10.68 19.81 -21.30
N ALA B 402 -11.91 19.65 -20.83
CA ALA B 402 -12.93 20.68 -21.02
C ALA B 402 -12.74 21.81 -20.04
N PHE B 403 -13.43 22.92 -20.31
CA PHE B 403 -13.39 24.10 -19.46
C PHE B 403 -14.74 24.77 -19.51
N TRP B 404 -14.90 25.83 -18.71
CA TRP B 404 -16.19 26.51 -18.62
C TRP B 404 -16.64 27.08 -19.95
N GLU B 405 -15.71 27.60 -20.75
CA GLU B 405 -16.05 28.27 -22.00
C GLU B 405 -16.19 27.30 -23.18
N ARG B 406 -16.00 26.01 -22.97
CA ARG B 406 -16.03 25.04 -24.05
C ARG B 406 -17.46 24.81 -24.53
N LYS B 407 -17.58 24.49 -25.82
CA LYS B 407 -18.85 24.23 -26.51
C LYS B 407 -19.99 25.16 -26.08
N ASP C 4 38.31 24.10 38.00
CA ASP C 4 38.54 24.29 36.57
C ASP C 4 37.21 24.35 35.83
N PHE C 5 36.69 23.17 35.46
CA PHE C 5 35.43 23.11 34.72
C PHE C 5 34.25 23.61 35.55
N ALA C 6 34.31 23.45 36.87
CA ALA C 6 33.25 23.97 37.74
C ALA C 6 33.32 25.48 37.87
N LYS C 7 34.52 26.05 37.92
CA LYS C 7 34.66 27.50 38.05
C LYS C 7 34.24 28.20 36.76
N LEU C 8 34.55 27.62 35.61
CA LEU C 8 34.16 28.23 34.34
C LEU C 8 32.65 28.30 34.19
N ALA C 9 31.94 27.23 34.59
CA ALA C 9 30.49 27.25 34.54
C ALA C 9 29.91 28.29 35.48
N ALA C 10 30.47 28.41 36.68
CA ALA C 10 30.00 29.42 37.62
C ALA C 10 30.29 30.82 37.11
N ALA C 11 31.47 31.04 36.53
CA ALA C 11 31.81 32.36 36.00
C ALA C 11 30.91 32.73 34.83
N GLN C 12 30.67 31.77 33.93
CA GLN C 12 29.80 32.04 32.80
C GLN C 12 28.35 32.22 33.23
N GLY C 13 27.92 31.44 34.23
CA GLY C 13 26.56 31.59 34.74
C GLY C 13 26.32 32.96 35.35
N ASP C 14 27.28 33.44 36.16
CA ASP C 14 27.17 34.78 36.72
C ASP C 14 27.23 35.84 35.64
N ALA C 15 28.09 35.64 34.64
CA ALA C 15 28.19 36.60 33.55
C ALA C 15 26.88 36.69 32.77
N ILE C 16 26.25 35.55 32.50
CA ILE C 16 24.97 35.56 31.82
C ILE C 16 23.90 36.20 32.70
N ASP C 17 23.89 35.86 33.99
CA ASP C 17 22.87 36.40 34.89
C ASP C 17 23.05 37.89 35.11
N SER C 18 24.29 38.38 35.14
CA SER C 18 24.52 39.79 35.37
C SER C 18 24.03 40.64 34.20
N ARG C 19 24.05 40.08 32.99
CA ARG C 19 23.69 40.88 31.79
C ARG C 19 22.22 40.71 31.36
N TYR C 20 21.62 39.55 31.64
CA TYR C 20 20.25 39.29 31.20
C TYR C 20 19.30 38.89 32.32
N HIS C 21 19.81 38.58 33.51
CA HIS C 21 19.06 38.05 34.64
C HIS C 21 17.97 37.05 34.23
N PRO C 22 18.32 36.00 33.48
CA PRO C 22 17.33 34.99 33.11
C PRO C 22 17.25 33.86 34.11
N SER C 23 17.16 34.18 35.40
CA SER C 23 17.19 33.12 36.41
C SER C 23 15.78 32.62 36.74
N ALA C 24 14.85 33.54 36.99
CA ALA C 24 13.48 33.14 37.29
C ALA C 24 12.83 32.50 36.07
N ALA C 25 13.08 33.04 34.88
CA ALA C 25 12.45 32.51 33.68
C ALA C 25 12.99 31.13 33.31
N VAL C 26 14.31 30.95 33.37
CA VAL C 26 14.89 29.66 33.00
C VAL C 26 14.46 28.58 33.99
N ARG C 27 14.48 28.91 35.29
CA ARG C 27 14.03 27.94 36.29
C ARG C 27 12.58 27.53 36.06
N ARG C 28 11.76 28.46 35.56
CA ARG C 28 10.38 28.10 35.22
C ARG C 28 10.32 27.09 34.08
N GLN C 29 11.20 27.23 33.08
CA GLN C 29 11.21 26.30 31.97
C GLN C 29 11.77 24.94 32.37
N LEU C 30 12.73 24.92 33.30
CA LEU C 30 13.29 23.65 33.74
C LEU C 30 12.34 22.87 34.62
N ASN C 31 11.42 23.54 35.32
CA ASN C 31 10.51 22.89 36.24
C ASN C 31 9.17 22.51 35.60
N LYS C 32 8.95 22.84 34.34
CA LYS C 32 7.68 22.53 33.70
C LYS C 32 7.52 21.02 33.55
N VAL C 33 6.31 20.54 33.83
CA VAL C 33 6.03 19.11 33.89
C VAL C 33 5.29 18.70 32.63
N PHE C 34 5.79 17.64 31.98
CA PHE C 34 5.15 17.06 30.82
C PHE C 34 4.74 15.63 31.09
N PRO C 35 3.52 15.23 30.73
CA PRO C 35 3.11 13.84 30.90
C PRO C 35 3.94 12.91 30.03
N THR C 36 4.16 11.70 30.53
CA THR C 36 5.07 10.74 29.92
C THR C 36 4.41 9.73 29.00
N HIS C 37 3.12 9.92 28.67
CA HIS C 37 2.41 8.92 27.88
C HIS C 37 3.10 8.73 26.53
N TRP C 38 3.06 7.49 26.03
CA TRP C 38 3.73 7.18 24.77
C TRP C 38 3.10 7.93 23.61
N SER C 39 1.78 8.10 23.64
CA SER C 39 1.08 8.75 22.53
C SER C 39 1.37 10.24 22.44
N PHE C 40 1.97 10.81 23.49
CA PHE C 40 2.29 12.26 23.53
C PHE C 40 3.53 12.54 22.66
N LEU C 41 4.30 11.50 22.33
CA LEU C 41 5.49 11.65 21.51
C LEU C 41 5.19 11.63 20.02
N LEU C 42 3.93 11.47 19.64
CA LEU C 42 3.56 11.44 18.23
C LEU C 42 3.70 12.79 17.55
N GLY C 43 3.66 13.89 18.30
CA GLY C 43 3.84 15.20 17.72
C GLY C 43 5.29 15.55 17.51
N GLU C 44 6.18 14.89 18.26
CA GLU C 44 7.61 15.12 18.11
C GLU C 44 8.13 14.46 16.83
N ILE C 45 7.53 13.35 16.41
CA ILE C 45 7.98 12.67 15.20
C ILE C 45 7.79 13.58 13.98
N ALA C 46 6.64 14.25 13.91
CA ALA C 46 6.41 15.21 12.84
C ALA C 46 7.36 16.39 12.96
N LEU C 47 7.59 16.88 14.17
CA LEU C 47 8.51 18.00 14.37
C LEU C 47 9.94 17.61 13.99
N TYR C 48 10.38 16.42 14.38
CA TYR C 48 11.73 15.97 14.03
C TYR C 48 11.87 15.73 12.54
N SER C 49 10.82 15.22 11.90
CA SER C 49 10.86 15.01 10.45
C SER C 49 11.01 16.33 9.71
N PHE C 50 10.32 17.38 10.19
CA PHE C 50 10.42 18.69 9.56
C PHE C 50 11.83 19.25 9.67
N ILE C 51 12.47 19.06 10.82
CA ILE C 51 13.84 19.56 11.01
C ILE C 51 14.80 18.87 10.04
N ILE C 52 14.67 17.55 9.89
CA ILE C 52 15.50 16.81 8.95
C ILE C 52 15.22 17.30 7.53
N LEU C 53 13.96 17.60 7.23
CA LEU C 53 13.62 18.12 5.91
C LEU C 53 14.29 19.47 5.65
N LEU C 54 14.34 20.34 6.68
CA LEU C 54 15.02 21.61 6.52
C LEU C 54 16.52 21.42 6.27
N LEU C 55 17.14 20.50 7.00
CA LEU C 55 18.59 20.29 6.86
C LEU C 55 18.93 19.71 5.50
N THR C 56 18.20 18.67 5.08
CA THR C 56 18.45 18.08 3.77
C THR C 56 18.00 18.99 2.64
N GLY C 57 16.93 19.77 2.86
CA GLY C 57 16.47 20.68 1.83
C GLY C 57 17.45 21.78 1.52
N VAL C 58 18.12 22.31 2.56
CA VAL C 58 19.13 23.34 2.35
C VAL C 58 20.29 22.79 1.52
N TRP C 59 20.69 21.54 1.80
CA TRP C 59 21.75 20.90 1.03
C TRP C 59 21.37 20.77 -0.43
N LEU C 60 20.11 20.42 -0.71
CA LEU C 60 19.68 20.20 -2.09
C LEU C 60 19.66 21.50 -2.89
N THR C 61 19.36 22.63 -2.24
CA THR C 61 19.29 23.90 -2.97
C THR C 61 20.65 24.35 -3.48
N LEU C 62 21.75 23.79 -2.95
CA LEU C 62 23.08 24.17 -3.40
C LEU C 62 23.45 23.56 -4.75
N PHE C 63 22.65 22.62 -5.26
CA PHE C 63 22.97 21.93 -6.50
C PHE C 63 21.83 21.91 -7.52
N PHE C 64 20.64 22.42 -7.18
CA PHE C 64 19.47 22.29 -8.03
C PHE C 64 19.26 23.54 -8.87
N ASP C 65 19.05 23.36 -10.16
CA ASP C 65 18.70 24.44 -11.07
C ASP C 65 17.27 24.24 -11.53
N PRO C 66 16.31 25.02 -11.05
CA PRO C 66 14.90 24.77 -11.37
C PRO C 66 14.44 25.41 -12.67
N SER C 67 15.12 25.13 -13.77
CA SER C 67 14.78 25.74 -15.05
C SER C 67 14.02 24.77 -15.94
N MET C 68 13.10 25.31 -16.74
CA MET C 68 12.38 24.54 -17.74
C MET C 68 13.04 24.59 -19.12
N ALA C 69 14.15 25.30 -19.25
CA ALA C 69 14.84 25.39 -20.53
C ALA C 69 15.36 24.02 -20.95
N HIS C 70 15.11 23.65 -22.21
CA HIS C 70 15.50 22.34 -22.70
C HIS C 70 16.98 22.31 -23.06
N VAL C 71 17.68 21.28 -22.59
CA VAL C 71 19.10 21.07 -22.85
C VAL C 71 19.31 19.62 -23.23
N THR C 72 20.55 19.31 -23.60
CA THR C 72 20.95 17.95 -23.97
C THR C 72 21.80 17.37 -22.85
N TYR C 73 21.43 16.17 -22.39
CA TYR C 73 22.12 15.55 -21.27
C TYR C 73 23.55 15.21 -21.64
N ASP C 74 24.49 15.56 -20.76
CA ASP C 74 25.91 15.28 -20.96
C ASP C 74 26.53 14.64 -19.72
N GLY C 75 25.72 14.05 -18.85
CA GLY C 75 26.20 13.47 -17.62
C GLY C 75 26.76 12.07 -17.81
N VAL C 76 26.95 11.38 -16.69
CA VAL C 76 27.55 10.05 -16.73
C VAL C 76 26.53 8.94 -16.95
N TYR C 77 25.24 9.22 -16.76
CA TYR C 77 24.21 8.19 -16.91
C TYR C 77 24.05 7.88 -18.39
N GLN C 78 24.58 6.73 -18.80
CA GLN C 78 24.57 6.37 -20.22
C GLN C 78 23.17 6.23 -20.82
N PRO C 79 22.19 5.57 -20.18
CA PRO C 79 20.89 5.38 -20.84
C PRO C 79 20.14 6.67 -21.15
N LEU C 80 20.64 7.84 -20.73
CA LEU C 80 19.98 9.10 -21.02
C LEU C 80 20.90 10.08 -21.75
N ARG C 81 22.02 9.59 -22.27
CA ARG C 81 23.00 10.46 -22.98
C ARG C 81 22.38 11.03 -24.26
N GLY C 82 22.38 12.36 -24.41
CA GLY C 82 21.84 13.01 -25.59
C GLY C 82 20.35 13.29 -25.54
N VAL C 83 19.62 12.73 -24.59
CA VAL C 83 18.17 12.91 -24.52
C VAL C 83 17.87 14.34 -24.08
N GLN C 84 16.98 15.00 -24.83
CA GLN C 84 16.60 16.36 -24.49
C GLN C 84 15.82 16.38 -23.18
N MET C 85 16.16 17.32 -22.32
CA MET C 85 15.55 17.40 -20.99
C MET C 85 15.68 18.82 -20.47
N SER C 86 14.88 19.13 -19.46
CA SER C 86 14.95 20.44 -18.82
C SER C 86 16.15 20.49 -17.87
N ARG C 87 16.52 21.71 -17.49
CA ARG C 87 17.61 21.88 -16.54
C ARG C 87 17.24 21.34 -15.16
N ALA C 88 15.96 21.36 -14.82
CA ALA C 88 15.51 20.79 -13.55
C ALA C 88 15.79 19.29 -13.49
N TYR C 89 15.49 18.58 -14.58
CA TYR C 89 15.81 17.16 -14.64
C TYR C 89 17.30 16.94 -14.81
N GLU C 90 17.99 17.88 -15.45
CA GLU C 90 19.44 17.79 -15.63
C GLU C 90 20.18 17.76 -14.30
N THR C 91 19.89 18.74 -13.43
CA THR C 91 20.59 18.83 -12.16
C THR C 91 20.12 17.78 -11.17
N ALA C 92 18.86 17.34 -11.27
CA ALA C 92 18.38 16.27 -10.40
C ALA C 92 19.17 14.98 -10.63
N LEU C 93 19.48 14.68 -11.90
CA LEU C 93 20.37 13.57 -12.20
C LEU C 93 21.78 13.86 -11.72
N ASP C 94 22.22 15.12 -11.82
CA ASP C 94 23.55 15.49 -11.37
C ASP C 94 23.69 15.30 -9.86
N ILE C 95 22.65 15.62 -9.10
CA ILE C 95 22.69 15.43 -7.66
C ILE C 95 22.85 13.95 -7.32
N SER C 96 22.09 13.09 -7.99
CA SER C 96 22.08 11.67 -7.69
C SER C 96 23.24 10.90 -8.30
N PHE C 97 23.98 11.50 -9.24
CA PHE C 97 25.06 10.80 -9.91
C PHE C 97 26.41 11.50 -9.82
N GLU C 98 26.44 12.84 -9.85
CA GLU C 98 27.70 13.57 -9.92
C GLU C 98 28.14 14.17 -8.59
N VAL C 99 27.31 14.12 -7.56
CA VAL C 99 27.65 14.67 -6.25
C VAL C 99 27.72 13.50 -5.26
N ARG C 100 28.84 13.42 -4.54
CA ARG C 100 29.04 12.35 -3.52
C ARG C 100 28.04 12.57 -2.40
N GLY C 101 27.22 11.54 -2.11
CA GLY C 101 26.19 11.65 -1.09
C GLY C 101 24.91 12.32 -1.54
N GLY C 102 24.84 12.77 -2.79
CA GLY C 102 23.62 13.41 -3.28
C GLY C 102 22.46 12.45 -3.36
N LEU C 103 22.71 11.22 -3.80
CA LEU C 103 21.66 10.21 -3.83
C LEU C 103 21.15 9.89 -2.42
N PHE C 104 22.07 9.78 -1.46
CA PHE C 104 21.67 9.53 -0.09
C PHE C 104 20.85 10.68 0.47
N VAL C 105 21.28 11.92 0.22
CA VAL C 105 20.57 13.08 0.74
C VAL C 105 19.20 13.20 0.09
N ARG C 106 19.12 13.00 -1.23
CA ARG C 106 17.85 13.13 -1.92
C ARG C 106 16.85 12.09 -1.44
N GLN C 107 17.32 10.86 -1.21
CA GLN C 107 16.45 9.80 -0.70
C GLN C 107 16.02 10.07 0.74
N VAL C 108 16.95 10.56 1.58
CA VAL C 108 16.60 10.88 2.96
C VAL C 108 15.56 11.99 3.00
N HIS C 109 15.71 12.98 2.12
CA HIS C 109 14.75 14.08 2.08
C HIS C 109 13.35 13.58 1.74
N HIS C 110 13.23 12.68 0.77
CA HIS C 110 11.90 12.26 0.33
C HIS C 110 11.30 11.26 1.31
N TRP C 111 12.13 10.42 1.93
CA TRP C 111 11.66 9.59 3.03
C TRP C 111 11.22 10.44 4.22
N ALA C 112 11.96 11.51 4.51
CA ALA C 112 11.58 12.41 5.59
C ALA C 112 10.23 13.05 5.32
N ALA C 113 9.96 13.39 4.05
CA ALA C 113 8.65 13.93 3.70
C ALA C 113 7.55 12.91 3.95
N LEU C 114 7.78 11.65 3.58
CA LEU C 114 6.78 10.61 3.80
C LEU C 114 6.52 10.40 5.29
N MET C 115 7.58 10.39 6.10
CA MET C 115 7.39 10.27 7.55
C MET C 115 6.67 11.49 8.11
N PHE C 116 6.98 12.69 7.60
CA PHE C 116 6.33 13.90 8.06
C PHE C 116 4.83 13.85 7.79
N ALA C 117 4.45 13.45 6.57
CA ALA C 117 3.03 13.36 6.25
C ALA C 117 2.34 12.27 7.07
N ALA C 118 3.00 11.12 7.22
CA ALA C 118 2.42 10.03 7.99
C ALA C 118 2.32 10.38 9.47
N SER C 119 3.30 11.12 9.99
CA SER C 119 3.28 11.48 11.40
C SER C 119 2.10 12.39 11.73
N ILE C 120 1.79 13.33 10.82
CA ILE C 120 0.67 14.24 11.06
C ILE C 120 -0.63 13.47 11.15
N MET C 121 -0.84 12.50 10.25
CA MET C 121 -2.07 11.73 10.25
C MET C 121 -2.21 10.93 11.55
N VAL C 122 -1.14 10.28 11.98
CA VAL C 122 -1.18 9.53 13.23
C VAL C 122 -1.37 10.46 14.41
N HIS C 123 -0.65 11.59 14.43
CA HIS C 123 -0.76 12.60 15.52
C HIS C 123 -2.14 13.23 15.51
N LEU C 124 -2.73 13.47 14.35
CA LEU C 124 -4.08 14.01 14.28
C LEU C 124 -5.11 13.03 14.80
N ALA C 125 -4.87 11.73 14.61
CA ALA C 125 -5.80 10.72 15.09
C ALA C 125 -5.91 10.74 16.61
N ARG C 126 -4.78 10.87 17.31
CA ARG C 126 -4.82 10.92 18.76
C ARG C 126 -5.56 12.16 19.26
N ILE C 127 -5.32 13.30 18.61
CA ILE C 127 -6.00 14.54 19.00
C ILE C 127 -7.50 14.39 18.85
N PHE C 128 -7.93 13.79 17.74
CA PHE C 128 -9.37 13.62 17.50
C PHE C 128 -9.99 12.63 18.47
N PHE C 129 -9.36 11.47 18.64
CA PHE C 129 -10.00 10.39 19.40
C PHE C 129 -9.95 10.64 20.90
N THR C 130 -8.91 11.30 21.39
CA THR C 130 -8.79 11.58 22.82
C THR C 130 -9.46 12.89 23.23
N GLY C 131 -10.01 13.64 22.29
CA GLY C 131 -10.71 14.87 22.62
C GLY C 131 -9.81 16.03 22.99
N ALA C 132 -8.54 16.01 22.59
CA ALA C 132 -7.62 17.10 22.90
C ALA C 132 -7.96 18.39 22.15
N PHE C 133 -8.84 18.32 21.14
CA PHE C 133 -9.24 19.50 20.40
C PHE C 133 -10.23 20.38 21.14
N ARG C 134 -10.80 19.90 22.24
CA ARG C 134 -11.80 20.65 22.97
C ARG C 134 -11.17 21.89 23.62
N ARG C 135 -12.03 22.78 24.09
CA ARG C 135 -11.56 24.04 24.65
C ARG C 135 -10.71 23.77 25.89
N PRO C 136 -9.70 24.60 26.18
CA PRO C 136 -9.34 25.84 25.47
C PRO C 136 -8.41 25.63 24.27
N ARG C 137 -8.53 24.49 23.59
CA ARG C 137 -7.58 24.16 22.49
C ARG C 137 -8.25 24.07 21.12
N GLU C 138 -9.32 24.84 20.87
CA GLU C 138 -9.94 24.83 19.55
C GLU C 138 -9.00 25.42 18.50
N ALA C 139 -8.39 26.57 18.81
CA ALA C 139 -7.51 27.22 17.85
C ALA C 139 -6.27 26.38 17.59
N ASN C 140 -5.81 25.61 18.56
CA ASN C 140 -4.60 24.76 18.33
C ASN C 140 -4.96 23.64 17.35
N TRP C 141 -6.18 23.15 17.43
CA TRP C 141 -6.61 22.20 16.39
C TRP C 141 -6.67 22.87 15.02
N VAL C 142 -7.17 24.11 14.97
CA VAL C 142 -7.32 24.80 13.70
C VAL C 142 -5.97 25.05 13.06
N ILE C 143 -4.99 25.48 13.85
CA ILE C 143 -3.64 25.74 13.34
C ILE C 143 -3.05 24.46 12.77
N GLY C 144 -3.21 23.35 13.48
CA GLY C 144 -2.69 22.08 13.00
C GLY C 144 -3.33 21.65 11.69
N SER C 145 -4.64 21.86 11.55
CA SER C 145 -5.34 21.46 10.33
C SER C 145 -4.77 22.20 9.12
N LEU C 146 -4.42 23.47 9.29
CA LEU C 146 -3.76 24.21 8.22
C LEU C 146 -2.37 23.63 7.95
N LEU C 147 -1.67 23.19 9.00
CA LEU C 147 -0.35 22.60 8.82
C LEU C 147 -0.42 21.32 7.99
N LEU C 148 -1.43 20.49 8.23
CA LEU C 148 -1.60 19.28 7.44
C LEU C 148 -1.85 19.59 5.98
N ILE C 149 -2.70 20.59 5.71
CA ILE C 149 -2.98 20.99 4.33
C ILE C 149 -1.72 21.54 3.67
N LEU C 150 -0.98 22.38 4.40
CA LEU C 150 0.25 22.95 3.85
C LEU C 150 1.30 21.87 3.57
N ALA C 151 1.39 20.87 4.45
CA ALA C 151 2.34 19.78 4.23
C ALA C 151 2.01 19.00 2.97
N MET C 152 0.72 18.80 2.73
CA MET C 152 0.26 18.04 1.55
C MET C 152 0.72 18.74 0.27
N PHE C 153 0.48 20.04 0.14
CA PHE C 153 0.86 20.77 -1.07
C PHE C 153 2.37 20.99 -1.15
N GLU C 154 3.03 21.15 -0.01
CA GLU C 154 4.49 21.26 -0.01
C GLU C 154 5.14 19.99 -0.54
N GLY C 155 4.66 18.84 -0.09
CA GLY C 155 5.16 17.58 -0.62
C GLY C 155 4.82 17.40 -2.09
N PHE C 156 3.62 17.80 -2.49
CA PHE C 156 3.22 17.70 -3.89
C PHE C 156 4.13 18.52 -4.79
N PHE C 157 4.46 19.75 -4.36
CA PHE C 157 5.37 20.59 -5.14
C PHE C 157 6.79 20.05 -5.08
N GLY C 158 7.14 19.31 -4.02
CA GLY C 158 8.50 18.86 -3.85
C GLY C 158 8.93 17.88 -4.93
N TYR C 159 8.11 16.88 -5.21
CA TYR C 159 8.47 15.89 -6.20
C TYR C 159 8.10 16.30 -7.62
N SER C 160 7.40 17.42 -7.80
CA SER C 160 7.19 17.97 -9.12
C SER C 160 8.40 18.75 -9.62
N LEU C 161 9.32 19.12 -8.72
CA LEU C 161 10.50 19.87 -9.14
C LEU C 161 11.40 19.13 -10.13
N PRO C 162 11.71 17.84 -9.96
CA PRO C 162 12.61 17.18 -10.93
C PRO C 162 12.08 17.15 -12.36
N ASP C 163 10.79 17.40 -12.56
CA ASP C 163 10.21 17.49 -13.90
C ASP C 163 10.41 16.20 -14.69
N ASP C 164 10.28 15.07 -14.00
CA ASP C 164 10.35 13.77 -14.65
C ASP C 164 8.99 13.37 -15.19
N LEU C 165 8.95 12.23 -15.87
CA LEU C 165 7.73 11.80 -16.55
C LEU C 165 6.62 11.50 -15.57
N LEU C 166 6.95 10.85 -14.44
CA LEU C 166 5.92 10.47 -13.48
C LEU C 166 5.27 11.68 -12.83
N SER C 167 6.08 12.60 -12.31
CA SER C 167 5.52 13.77 -11.65
C SER C 167 4.95 14.77 -12.67
N GLY C 168 5.58 14.87 -13.84
CA GLY C 168 5.03 15.75 -14.86
C GLY C 168 3.64 15.33 -15.30
N THR C 169 3.38 14.03 -15.35
CA THR C 169 2.03 13.54 -15.60
C THR C 169 1.08 13.95 -14.48
N GLY C 170 1.56 13.87 -13.23
CA GLY C 170 0.73 14.28 -12.10
C GLY C 170 0.41 15.76 -12.12
N ILE C 171 1.39 16.58 -12.52
CA ILE C 171 1.14 18.01 -12.64
C ILE C 171 0.11 18.29 -13.72
N ARG C 172 0.26 17.64 -14.88
CA ARG C 172 -0.62 17.90 -16.02
C ARG C 172 -2.08 17.61 -15.66
N ALA C 173 -2.34 16.48 -15.00
CA ALA C 173 -3.71 16.20 -14.61
C ALA C 173 -4.17 17.10 -13.47
N ALA C 174 -3.57 16.92 -12.29
CA ALA C 174 -4.05 17.57 -11.07
C ALA C 174 -3.96 19.08 -11.12
N LEU C 175 -2.78 19.63 -11.42
CA LEU C 175 -2.58 21.06 -11.32
C LEU C 175 -3.21 21.81 -12.50
N SER C 176 -3.31 21.15 -13.66
CA SER C 176 -3.77 21.85 -14.85
C SER C 176 -5.23 21.55 -15.18
N GLY C 177 -5.58 20.28 -15.39
CA GLY C 177 -6.91 19.97 -15.88
C GLY C 177 -8.00 20.30 -14.87
N ILE C 178 -7.76 19.98 -13.60
CA ILE C 178 -8.73 20.29 -12.56
C ILE C 178 -8.87 21.80 -12.40
N THR C 179 -7.75 22.51 -12.41
CA THR C 179 -7.79 23.97 -12.28
C THR C 179 -8.53 24.62 -13.44
N MET C 180 -8.25 24.17 -14.67
CA MET C 180 -8.89 24.76 -15.84
C MET C 180 -10.34 24.33 -15.97
N GLY C 181 -10.74 23.23 -15.33
CA GLY C 181 -12.13 22.79 -15.39
C GLY C 181 -13.04 23.52 -14.43
N ILE C 182 -12.52 24.37 -13.55
CA ILE C 182 -13.34 25.12 -12.54
C ILE C 182 -14.27 26.08 -13.27
N PRO C 183 -15.55 26.28 -12.88
CA PRO C 183 -16.43 27.18 -13.61
C PRO C 183 -16.05 28.67 -13.54
N VAL C 184 -16.36 29.40 -14.61
CA VAL C 184 -16.16 30.88 -14.73
C VAL C 184 -14.70 31.33 -14.64
N ILE C 185 -14.07 31.23 -13.48
CA ILE C 185 -12.69 31.74 -13.27
C ILE C 185 -11.68 30.60 -13.29
N GLY C 186 -12.08 29.41 -13.70
CA GLY C 186 -11.15 28.28 -13.68
C GLY C 186 -10.02 28.46 -14.66
N THR C 187 -10.24 29.02 -15.84
CA THR C 187 -9.15 29.14 -16.84
C THR C 187 -8.22 30.30 -16.52
N TRP C 188 -8.76 31.33 -15.87
CA TRP C 188 -7.98 32.53 -15.46
C TRP C 188 -7.01 32.16 -14.37
N MET C 189 -7.35 31.18 -13.53
CA MET C 189 -6.46 30.69 -12.46
C MET C 189 -5.35 29.88 -13.09
N HIS C 190 -5.64 29.15 -14.16
CA HIS C 190 -4.62 28.32 -14.84
C HIS C 190 -3.61 29.23 -15.52
N TRP C 191 -4.09 30.33 -16.12
CA TRP C 191 -3.21 31.28 -16.84
C TRP C 191 -2.34 32.04 -15.86
N ALA C 192 -2.89 32.42 -14.70
CA ALA C 192 -2.16 33.16 -13.66
C ALA C 192 -1.11 32.25 -13.02
N LEU C 193 -1.32 30.95 -12.98
CA LEU C 193 -0.34 30.07 -12.30
C LEU C 193 0.69 29.50 -13.28
N PHE C 194 0.32 29.22 -14.52
CA PHE C 194 1.31 28.62 -15.46
C PHE C 194 1.97 29.70 -16.29
N GLY C 195 1.35 30.88 -16.34
CA GLY C 195 1.88 32.00 -17.13
C GLY C 195 1.47 31.85 -18.57
N GLY C 196 0.42 31.08 -18.80
CA GLY C 196 -0.06 30.78 -20.16
C GLY C 196 -0.57 29.36 -20.19
N ASP C 197 -0.15 28.56 -21.16
CA ASP C 197 -0.68 27.21 -21.25
C ASP C 197 0.33 26.21 -20.71
N PHE C 198 -0.16 25.03 -20.37
CA PHE C 198 0.70 23.97 -19.87
C PHE C 198 1.63 23.50 -20.99
N PRO C 199 2.92 23.25 -20.68
CA PRO C 199 3.52 23.42 -19.37
C PRO C 199 4.08 24.83 -19.12
N GLY C 200 4.26 25.60 -20.20
CA GLY C 200 4.80 26.93 -20.04
C GLY C 200 6.31 26.88 -19.80
N GLU C 201 6.82 27.98 -19.22
CA GLU C 201 8.24 28.11 -18.93
C GLU C 201 8.55 28.62 -17.53
N ILE C 202 7.55 28.93 -16.71
CA ILE C 202 7.79 29.50 -15.39
C ILE C 202 7.22 28.65 -14.26
N LEU C 203 6.65 27.47 -14.56
CA LEU C 203 6.02 26.67 -13.52
C LEU C 203 7.04 26.17 -12.50
N ILE C 204 8.11 25.54 -12.98
CA ILE C 204 9.11 24.94 -12.10
C ILE C 204 9.81 25.99 -11.23
N PRO C 205 10.30 27.12 -11.79
CA PRO C 205 10.90 28.13 -10.90
C PRO C 205 9.93 28.67 -9.86
N ARG C 206 8.67 28.88 -10.24
CA ARG C 206 7.67 29.35 -9.29
C ARG C 206 7.39 28.30 -8.22
N LEU C 207 7.23 27.04 -8.64
CA LEU C 207 7.07 25.96 -7.67
C LEU C 207 8.30 25.81 -6.81
N TYR C 208 9.48 26.01 -7.39
CA TYR C 208 10.72 25.95 -6.61
C TYR C 208 10.73 27.01 -5.51
N ALA C 209 10.36 28.24 -5.85
CA ALA C 209 10.32 29.30 -4.85
C ALA C 209 9.28 28.99 -3.77
N LEU C 210 8.08 28.58 -4.19
CA LEU C 210 7.02 28.25 -3.25
C LEU C 210 7.43 27.11 -2.32
N HIS C 211 8.23 26.18 -2.83
CA HIS C 211 8.58 24.99 -2.06
C HIS C 211 9.79 25.22 -1.16
N ILE C 212 10.70 26.13 -1.53
CA ILE C 212 11.88 26.34 -0.70
C ILE C 212 11.76 27.51 0.26
N LEU C 213 10.92 28.51 -0.03
CA LEU C 213 10.81 29.66 0.85
C LEU C 213 9.42 29.84 1.44
N LEU C 214 8.38 29.93 0.60
CA LEU C 214 7.10 30.46 1.06
C LEU C 214 6.36 29.46 1.93
N ILE C 215 6.03 28.30 1.35
CA ILE C 215 5.28 27.29 2.12
C ILE C 215 6.06 26.81 3.34
N PRO C 216 7.36 26.46 3.25
CA PRO C 216 8.10 26.15 4.47
C PRO C 216 8.16 27.31 5.45
N GLY C 217 8.21 28.55 4.96
CA GLY C 217 8.20 29.69 5.86
C GLY C 217 6.90 29.83 6.62
N ILE C 218 5.77 29.61 5.93
CA ILE C 218 4.47 29.64 6.61
C ILE C 218 4.35 28.48 7.59
N ILE C 219 4.84 27.30 7.20
CA ILE C 219 4.79 26.14 8.07
C ILE C 219 5.60 26.37 9.34
N LEU C 220 6.79 26.95 9.20
CA LEU C 220 7.63 27.23 10.37
C LEU C 220 6.96 28.22 11.31
N ALA C 221 6.33 29.26 10.76
CA ALA C 221 5.60 30.22 11.60
C ALA C 221 4.43 29.54 12.31
N LEU C 222 3.69 28.69 11.60
CA LEU C 222 2.56 28.01 12.21
C LEU C 222 3.02 26.98 13.24
N ILE C 223 4.13 26.30 12.96
CA ILE C 223 4.68 25.35 13.92
C ILE C 223 5.12 26.06 15.19
N GLY C 224 5.77 27.22 15.04
CA GLY C 224 6.16 27.98 16.22
C GLY C 224 4.98 28.40 17.07
N ALA C 225 3.89 28.84 16.41
CA ALA C 225 2.66 29.13 17.14
C ALA C 225 2.08 27.87 17.77
N HIS C 226 2.14 26.76 17.06
CA HIS C 226 1.66 25.47 17.60
C HIS C 226 2.45 25.12 18.85
N LEU C 227 3.78 25.13 18.79
CA LEU C 227 4.60 24.77 19.94
C LEU C 227 4.42 25.77 21.08
N ALA C 228 4.34 27.06 20.78
CA ALA C 228 4.13 28.05 21.83
C ALA C 228 2.79 27.86 22.53
N LEU C 229 1.73 27.61 21.76
CA LEU C 229 0.42 27.37 22.35
C LEU C 229 0.43 26.12 23.22
N VAL C 230 1.07 25.07 22.72
CA VAL C 230 1.15 23.77 23.46
C VAL C 230 2.33 23.83 24.44
N TRP C 231 2.77 25.05 24.77
CA TRP C 231 3.90 25.25 25.72
C TRP C 231 3.49 26.22 26.83
N PHE C 232 2.32 26.87 26.67
CA PHE C 232 1.84 27.90 27.61
C PHE C 232 0.38 27.62 27.98
N GLN C 233 -0.32 26.87 27.15
CA GLN C 233 -1.71 26.46 27.46
C GLN C 233 -1.65 25.20 28.32
N LYS C 234 -0.45 24.59 28.36
CA LYS C 234 -0.06 23.32 29.04
C LYS C 234 -0.47 22.11 28.20
N HIS C 235 -0.21 20.89 28.69
CA HIS C 235 -0.55 19.66 27.92
C HIS C 235 -1.64 18.87 28.65
N THR C 236 -2.62 18.35 27.90
CA THR C 236 -3.72 17.55 28.49
C THR C 236 -3.16 16.17 28.79
N GLN C 237 -3.57 15.56 29.88
CA GLN C 237 -3.14 14.27 30.42
C GLN C 237 -4.35 13.34 30.49
N PHE C 238 -4.07 12.04 30.53
CA PHE C 238 -5.11 11.06 30.71
C PHE C 238 -5.54 10.97 32.17
N PRO C 239 -6.79 10.60 32.43
CA PRO C 239 -7.21 10.38 33.81
C PRO C 239 -6.43 9.24 34.46
N GLY C 240 -6.20 9.38 35.76
CA GLY C 240 -5.46 8.38 36.50
C GLY C 240 -5.29 8.76 37.96
N PRO C 241 -4.44 8.01 38.68
CA PRO C 241 -4.21 8.31 40.09
C PRO C 241 -3.50 9.65 40.27
N GLY C 242 -4.16 10.58 40.95
CA GLY C 242 -3.59 11.88 41.21
C GLY C 242 -3.78 12.89 40.11
N ARG C 243 -4.39 12.51 38.99
CA ARG C 243 -4.60 13.42 37.87
C ARG C 243 -5.94 14.11 38.02
N THR C 244 -5.91 15.45 38.02
CA THR C 244 -7.11 16.26 38.13
C THR C 244 -7.16 17.24 36.97
N GLU C 245 -8.26 17.98 36.89
CA GLU C 245 -8.44 18.97 35.84
C GLU C 245 -7.57 20.20 36.02
N THR C 246 -6.92 20.36 37.17
CA THR C 246 -6.15 21.56 37.48
C THR C 246 -4.67 21.31 37.68
N ASN C 247 -4.18 20.10 37.44
CA ASN C 247 -2.77 19.79 37.63
C ASN C 247 -2.23 19.00 36.44
N VAL C 248 -0.91 18.96 36.34
CA VAL C 248 -0.21 18.18 35.33
C VAL C 248 0.70 17.20 36.06
N VAL C 249 0.57 15.91 35.75
CA VAL C 249 1.35 14.87 36.39
C VAL C 249 2.31 14.28 35.36
N GLY C 250 3.58 14.19 35.74
CA GLY C 250 4.59 13.66 34.86
C GLY C 250 6.00 13.89 35.38
N VAL C 251 6.91 14.33 34.52
CA VAL C 251 8.28 14.61 34.90
C VAL C 251 8.64 16.02 34.46
N ARG C 252 9.59 16.62 35.17
CA ARG C 252 10.06 17.94 34.80
C ARG C 252 10.93 17.87 33.53
N VAL C 253 11.15 19.03 32.93
CA VAL C 253 11.97 19.09 31.72
C VAL C 253 13.38 18.61 32.02
N MET C 254 14.09 19.33 32.90
CA MET C 254 15.45 18.98 33.27
C MET C 254 15.43 17.95 34.38
N PRO C 255 16.08 16.79 34.22
CA PRO C 255 16.74 16.40 32.97
C PRO C 255 16.01 15.30 32.20
N VAL C 256 14.94 14.78 32.79
CA VAL C 256 14.30 13.58 32.26
C VAL C 256 13.69 13.84 30.88
N PHE C 257 12.92 14.92 30.75
CA PHE C 257 12.21 15.15 29.50
C PHE C 257 13.14 15.59 28.39
N ALA C 258 14.16 16.39 28.72
CA ALA C 258 15.11 16.83 27.71
C ALA C 258 15.90 15.65 27.15
N VAL C 259 16.33 14.73 28.02
CA VAL C 259 17.07 13.56 27.57
C VAL C 259 16.19 12.67 26.70
N LYS C 260 14.95 12.43 27.12
CA LYS C 260 14.05 11.58 26.35
C LYS C 260 13.73 12.19 24.99
N SER C 261 13.46 13.49 24.96
CA SER C 261 13.17 14.16 23.68
C SER C 261 14.39 14.15 22.77
N GLY C 262 15.57 14.42 23.32
CA GLY C 262 16.77 14.41 22.51
C GLY C 262 17.12 13.01 22.01
N ALA C 263 16.96 12.01 22.86
CA ALA C 263 17.20 10.63 22.44
C ALA C 263 16.20 10.19 21.38
N PHE C 264 14.94 10.63 21.51
CA PHE C 264 13.94 10.32 20.49
C PHE C 264 14.30 10.95 19.16
N PHE C 265 14.86 12.16 19.18
CA PHE C 265 15.33 12.81 17.96
C PHE C 265 16.42 11.98 17.30
N ALA C 266 17.35 11.46 18.10
CA ALA C 266 18.43 10.65 17.54
C ALA C 266 17.89 9.36 16.94
N MET C 267 16.88 8.76 17.56
CA MET C 267 16.33 7.50 17.05
C MET C 267 15.50 7.74 15.79
N ILE C 268 14.76 8.85 15.74
CA ILE C 268 13.99 9.18 14.54
C ILE C 268 14.92 9.44 13.36
N THR C 269 16.02 10.16 13.60
CA THR C 269 16.98 10.41 12.54
C THR C 269 17.59 9.12 12.03
N GLY C 270 17.90 8.20 12.95
CA GLY C 270 18.48 6.92 12.55
C GLY C 270 17.53 6.11 11.68
N VAL C 271 16.24 6.10 12.02
CA VAL C 271 15.27 5.38 11.21
C VAL C 271 15.19 5.96 9.81
N LEU C 272 15.13 7.29 9.72
CA LEU C 272 15.12 7.93 8.41
C LEU C 272 16.45 7.77 7.69
N GLY C 273 17.56 7.83 8.43
CA GLY C 273 18.86 7.63 7.81
C GLY C 273 19.02 6.22 7.25
N LEU C 274 18.52 5.22 7.97
CA LEU C 274 18.58 3.86 7.47
C LEU C 274 17.68 3.68 6.25
N MET C 275 16.46 4.21 6.30
CA MET C 275 15.55 4.08 5.17
C MET C 275 16.09 4.80 3.94
N GLY C 276 16.70 5.97 4.14
CA GLY C 276 17.30 6.67 3.02
C GLY C 276 18.43 5.90 2.37
N GLY C 277 19.13 5.07 3.15
CA GLY C 277 20.21 4.27 2.62
C GLY C 277 19.98 2.78 2.66
N LEU C 278 18.71 2.36 2.64
CA LEU C 278 18.40 0.93 2.48
C LEU C 278 17.25 0.67 1.54
N LEU C 279 16.43 1.67 1.19
CA LEU C 279 15.29 1.48 0.30
C LEU C 279 15.33 2.56 -0.77
N THR C 280 15.25 2.14 -2.03
CA THR C 280 15.22 3.08 -3.13
C THR C 280 13.88 3.81 -3.17
N ILE C 281 13.93 5.14 -3.24
CA ILE C 281 12.73 5.96 -3.31
C ILE C 281 12.88 6.95 -4.45
N ASN C 282 11.87 7.02 -5.31
CA ASN C 282 11.82 7.95 -6.43
C ASN C 282 13.07 7.86 -7.31
N PRO C 283 13.26 6.76 -8.04
CA PRO C 283 14.40 6.67 -8.96
C PRO C 283 14.12 7.40 -10.26
N ILE C 284 14.38 8.70 -10.28
CA ILE C 284 13.97 9.55 -11.40
C ILE C 284 14.65 9.16 -12.71
N TRP C 285 15.85 8.56 -12.66
CA TRP C 285 16.54 8.22 -13.89
C TRP C 285 15.82 7.12 -14.65
N ASN C 286 15.07 6.26 -13.95
CA ASN C 286 14.33 5.20 -14.62
C ASN C 286 13.07 5.71 -15.30
N LEU C 287 12.60 6.90 -14.93
CA LEU C 287 11.35 7.43 -15.48
C LEU C 287 11.57 8.32 -16.69
N GLY C 288 12.73 8.97 -16.79
CA GLY C 288 13.05 9.81 -17.93
C GLY C 288 12.44 11.20 -17.81
N PRO C 289 12.85 12.11 -18.68
CA PRO C 289 12.30 13.46 -18.66
C PRO C 289 10.84 13.47 -19.10
N TYR C 290 10.11 14.47 -18.62
CA TYR C 290 8.70 14.59 -18.94
C TYR C 290 8.49 15.02 -20.38
N LYS C 291 7.63 14.29 -21.10
CA LYS C 291 7.21 14.67 -22.44
C LYS C 291 5.69 14.50 -22.47
N PRO C 292 4.96 15.47 -23.01
CA PRO C 292 3.49 15.33 -23.06
C PRO C 292 3.00 14.17 -23.90
N SER C 293 3.83 13.67 -24.81
CA SER C 293 3.43 12.53 -25.65
C SER C 293 3.71 11.18 -25.00
N GLN C 294 4.36 11.21 -23.82
CA GLN C 294 4.69 9.96 -23.08
C GLN C 294 3.73 9.81 -21.89
N VAL C 295 3.47 8.56 -21.48
CA VAL C 295 2.56 8.29 -20.33
C VAL C 295 2.75 6.83 -19.90
N SER C 296 3.14 6.61 -18.63
CA SER C 296 3.36 5.24 -18.09
C SER C 296 2.20 4.85 -17.18
N ALA C 297 2.06 3.55 -16.91
CA ALA C 297 0.98 3.04 -16.03
C ALA C 297 1.37 3.24 -14.56
N GLY C 298 0.39 3.18 -13.65
CA GLY C 298 0.64 3.36 -12.21
C GLY C 298 1.06 4.79 -11.89
N SER C 299 0.37 5.77 -12.47
CA SER C 299 0.67 7.18 -12.25
C SER C 299 0.13 7.64 -10.89
N GLN C 300 0.54 6.93 -9.85
CA GLN C 300 0.12 7.28 -8.50
C GLN C 300 0.94 8.47 -7.99
N PRO C 301 0.30 9.39 -7.27
CA PRO C 301 1.05 10.41 -6.52
C PRO C 301 1.52 9.82 -5.19
N ASP C 302 2.11 10.69 -4.37
CA ASP C 302 2.55 10.27 -3.04
C ASP C 302 1.35 9.89 -2.18
N PHE C 303 1.57 9.10 -1.14
CA PHE C 303 0.45 8.48 -0.43
C PHE C 303 -0.46 9.52 0.21
N TYR C 304 0.08 10.65 0.64
CA TYR C 304 -0.76 11.68 1.24
C TYR C 304 -1.68 12.35 0.21
N MET C 305 -1.34 12.20 -1.08
CA MET C 305 -2.16 12.80 -2.17
C MET C 305 -2.89 11.69 -2.94
N MET C 306 -2.93 10.47 -2.41
CA MET C 306 -3.61 9.39 -3.12
C MET C 306 -5.12 9.51 -3.00
N TRP C 307 -5.63 9.90 -1.83
CA TRP C 307 -7.07 9.96 -1.64
C TRP C 307 -7.71 10.99 -2.56
N THR C 308 -7.01 12.08 -2.85
CA THR C 308 -7.49 13.02 -3.86
C THR C 308 -7.55 12.37 -5.24
N ASP C 309 -6.51 11.61 -5.59
CA ASP C 309 -6.52 10.87 -6.85
C ASP C 309 -7.58 9.79 -6.84
N GLY C 310 -7.75 9.09 -5.71
CA GLY C 310 -8.76 8.07 -5.63
C GLY C 310 -10.17 8.62 -5.80
N LEU C 311 -10.40 9.83 -5.32
CA LEU C 311 -11.71 10.47 -5.52
C LEU C 311 -11.96 10.73 -7.00
N ILE C 312 -10.93 11.12 -7.75
CA ILE C 312 -11.07 11.33 -9.18
C ILE C 312 -11.42 10.03 -9.88
N ARG C 313 -10.74 8.94 -9.51
CA ARG C 313 -10.97 7.66 -10.18
C ARG C 313 -12.35 7.10 -9.90
N LEU C 314 -12.88 7.34 -8.70
CA LEU C 314 -14.12 6.71 -8.28
C LEU C 314 -15.36 7.49 -8.66
N TRP C 315 -15.31 8.82 -8.64
CA TRP C 315 -16.50 9.60 -8.92
C TRP C 315 -16.96 9.37 -10.37
N PRO C 316 -18.26 9.20 -10.59
CA PRO C 316 -18.74 8.92 -11.94
C PRO C 316 -18.60 10.13 -12.86
N ALA C 317 -18.70 9.85 -14.16
CA ALA C 317 -18.58 10.89 -15.19
C ALA C 317 -19.86 11.71 -15.27
N TRP C 318 -20.15 12.49 -14.23
CA TRP C 318 -21.32 13.36 -14.20
C TRP C 318 -20.90 14.77 -14.59
N GLU C 319 -21.44 15.26 -15.71
CA GLU C 319 -21.11 16.58 -16.21
C GLU C 319 -22.39 17.32 -16.59
N PHE C 320 -22.30 18.65 -16.58
CA PHE C 320 -23.43 19.50 -16.92
C PHE C 320 -23.00 20.47 -18.02
N TYR C 321 -23.94 20.78 -18.91
CA TYR C 321 -23.68 21.64 -20.07
C TYR C 321 -24.75 22.73 -20.15
N PRO C 322 -24.69 23.73 -19.26
CA PRO C 322 -25.73 24.76 -19.27
C PRO C 322 -25.38 25.91 -20.21
N PHE C 323 -26.28 26.16 -21.16
CA PHE C 323 -26.24 27.35 -22.02
C PHE C 323 -24.90 27.49 -22.73
N GLY C 324 -24.48 26.42 -23.39
CA GLY C 324 -23.26 26.47 -24.17
C GLY C 324 -21.98 26.51 -23.35
N HIS C 325 -22.03 26.03 -22.11
CA HIS C 325 -20.86 25.95 -21.25
C HIS C 325 -20.68 24.51 -20.79
N THR C 326 -19.58 24.24 -20.10
CA THR C 326 -19.25 22.89 -19.67
C THR C 326 -18.81 22.90 -18.21
N ILE C 327 -19.38 22.00 -17.41
CA ILE C 327 -18.93 21.75 -16.05
C ILE C 327 -18.39 20.33 -15.99
N PRO C 328 -17.08 20.13 -16.04
CA PRO C 328 -16.53 18.79 -16.17
C PRO C 328 -16.55 18.03 -14.84
N GLN C 329 -16.00 16.81 -14.89
CA GLN C 329 -16.03 15.93 -13.72
C GLN C 329 -15.08 16.40 -12.63
N GLY C 330 -14.03 17.13 -13.00
CA GLY C 330 -13.05 17.58 -12.02
C GLY C 330 -13.62 18.56 -11.01
N VAL C 331 -14.73 19.22 -11.35
CA VAL C 331 -15.37 20.15 -10.43
C VAL C 331 -15.87 19.40 -9.19
N TRP C 332 -16.36 18.18 -9.37
CA TRP C 332 -16.82 17.38 -8.24
C TRP C 332 -15.68 17.13 -7.25
N VAL C 333 -14.51 16.78 -7.77
CA VAL C 333 -13.35 16.52 -6.90
C VAL C 333 -12.89 17.81 -6.25
N ALA C 334 -12.88 18.91 -7.01
CA ALA C 334 -12.42 20.18 -6.46
C ALA C 334 -13.32 20.64 -5.32
N VAL C 335 -14.63 20.53 -5.49
CA VAL C 335 -15.56 20.90 -4.44
C VAL C 335 -15.47 19.93 -3.27
N GLY C 336 -15.38 18.63 -3.57
CA GLY C 336 -15.30 17.64 -2.50
C GLY C 336 -14.04 17.78 -1.67
N MET C 337 -12.95 18.13 -2.35
CA MET C 337 -11.63 18.34 -1.67
C MET C 337 -11.78 19.49 -0.67
N GLY C 338 -12.43 20.58 -1.09
CA GLY C 338 -12.63 21.72 -0.20
C GLY C 338 -13.58 21.41 0.94
N LEU C 339 -14.60 20.59 0.68
CA LEU C 339 -15.55 20.21 1.72
C LEU C 339 -14.86 19.42 2.83
N VAL C 340 -13.94 18.52 2.45
CA VAL C 340 -13.22 17.73 3.45
C VAL C 340 -12.38 18.64 4.35
N PHE C 341 -11.67 19.59 3.74
CA PHE C 341 -10.85 20.51 4.52
C PHE C 341 -11.72 21.39 5.42
N ALA C 342 -12.86 21.85 4.91
CA ALA C 342 -13.76 22.66 5.72
C ALA C 342 -14.31 21.88 6.91
N LEU C 343 -14.68 20.61 6.70
CA LEU C 343 -15.16 19.79 7.81
C LEU C 343 -14.06 19.49 8.82
N LEU C 344 -12.84 19.24 8.34
CA LEU C 344 -11.74 18.93 9.25
C LEU C 344 -11.40 20.12 10.14
N ILE C 345 -11.39 21.33 9.56
CA ILE C 345 -11.00 22.52 10.31
C ILE C 345 -12.03 22.86 11.38
N ALA C 346 -13.31 22.79 11.02
CA ALA C 346 -14.39 23.27 11.89
C ALA C 346 -15.02 22.17 12.74
N TYR C 347 -14.38 21.01 12.86
CA TYR C 347 -14.99 19.93 13.63
C TYR C 347 -15.22 20.26 15.11
N PRO C 348 -14.27 20.85 15.85
CA PRO C 348 -14.55 21.12 17.28
C PRO C 348 -15.79 21.97 17.51
N PHE C 349 -15.99 22.99 16.67
CA PHE C 349 -17.18 23.82 16.79
C PHE C 349 -18.44 23.04 16.42
N ILE C 350 -18.35 22.16 15.43
CA ILE C 350 -19.50 21.32 15.07
C ILE C 350 -19.89 20.43 16.24
N GLU C 351 -18.90 19.81 16.89
CA GLU C 351 -19.19 18.93 18.02
C GLU C 351 -19.73 19.71 19.20
N LYS C 352 -19.16 20.87 19.50
CA LYS C 352 -19.66 21.66 20.62
C LYS C 352 -21.05 22.21 20.34
N LYS C 353 -21.40 22.38 19.07
CA LYS C 353 -22.78 22.74 18.74
C LYS C 353 -23.72 21.55 18.88
N VAL C 354 -23.27 20.36 18.48
CA VAL C 354 -24.12 19.18 18.54
C VAL C 354 -24.24 18.66 19.97
N THR C 355 -23.10 18.41 20.62
CA THR C 355 -23.12 17.88 21.97
C THR C 355 -23.52 18.91 23.02
N GLY C 356 -23.31 20.20 22.73
CA GLY C 356 -23.61 21.24 23.69
C GLY C 356 -22.59 21.40 24.80
N ASP C 357 -21.46 20.70 24.72
CA ASP C 357 -20.43 20.76 25.75
C ASP C 357 -19.46 21.89 25.40
N ASP C 358 -19.47 22.95 26.21
CA ASP C 358 -18.59 24.12 26.02
C ASP C 358 -17.92 24.46 27.36
N ALA C 359 -17.34 23.44 28.01
CA ALA C 359 -16.69 23.60 29.29
C ALA C 359 -15.19 23.34 29.17
N HIS C 360 -14.42 23.94 30.07
CA HIS C 360 -12.98 23.75 30.10
C HIS C 360 -12.65 22.27 30.29
N HIS C 361 -11.73 21.77 29.48
CA HIS C 361 -11.36 20.36 29.50
C HIS C 361 -9.84 20.24 29.50
N ASN C 362 -9.30 19.58 30.53
CA ASN C 362 -7.87 19.30 30.60
C ASN C 362 -7.55 17.82 30.72
N LEU C 363 -8.54 16.97 30.99
CA LEU C 363 -8.35 15.53 31.05
C LEU C 363 -8.89 14.90 29.78
N LEU C 364 -8.09 14.04 29.16
CA LEU C 364 -8.47 13.41 27.90
C LEU C 364 -9.56 12.37 28.13
N GLN C 365 -10.23 12.01 27.03
CA GLN C 365 -11.24 10.96 27.04
C GLN C 365 -10.68 9.72 26.36
N ARG C 366 -10.86 8.56 26.98
CA ARG C 366 -10.53 7.32 26.31
C ARG C 366 -11.45 7.13 25.11
N PRO C 367 -10.93 6.68 23.98
CA PRO C 367 -11.79 6.52 22.79
C PRO C 367 -12.96 5.59 23.01
N ARG C 368 -12.83 4.59 23.88
CA ARG C 368 -13.96 3.70 24.16
C ARG C 368 -15.08 4.42 24.90
N ASP C 369 -14.77 5.48 25.63
CA ASP C 369 -15.76 6.21 26.41
C ASP C 369 -16.54 7.23 25.58
N VAL C 370 -16.18 7.44 24.33
CA VAL C 370 -16.91 8.33 23.44
C VAL C 370 -17.24 7.55 22.18
N PRO C 371 -18.22 6.65 22.24
CA PRO C 371 -18.46 5.75 21.10
C PRO C 371 -18.85 6.47 19.82
N VAL C 372 -19.59 7.57 19.90
CA VAL C 372 -20.05 8.25 18.69
C VAL C 372 -18.89 8.89 17.95
N ARG C 373 -18.02 9.61 18.67
CA ARG C 373 -16.86 10.22 18.02
C ARG C 373 -15.88 9.17 17.51
N THR C 374 -15.69 8.10 18.27
CA THR C 374 -14.81 7.03 17.83
C THR C 374 -15.33 6.38 16.56
N ALA C 375 -16.66 6.15 16.49
CA ALA C 375 -17.24 5.57 15.30
C ALA C 375 -17.13 6.51 14.11
N ILE C 376 -17.32 7.81 14.34
CA ILE C 376 -17.19 8.80 13.26
C ILE C 376 -15.76 8.85 12.76
N GLY C 377 -14.79 8.85 13.67
CA GLY C 377 -13.39 8.87 13.26
C GLY C 377 -12.98 7.59 12.55
N SER C 378 -13.46 6.44 13.03
CA SER C 378 -13.19 5.18 12.34
C SER C 378 -13.83 5.18 10.95
N MET C 379 -15.02 5.77 10.82
CA MET C 379 -15.65 5.90 9.51
C MET C 379 -14.81 6.76 8.57
N ALA C 380 -14.30 7.88 9.07
CA ALA C 380 -13.45 8.75 8.25
C ALA C 380 -12.15 8.05 7.87
N ILE C 381 -11.57 7.29 8.80
CA ILE C 381 -10.33 6.57 8.50
C ILE C 381 -10.59 5.50 7.44
N ALA C 382 -11.72 4.79 7.54
CA ALA C 382 -12.06 3.80 6.53
C ALA C 382 -12.26 4.44 5.17
N LEU C 383 -12.95 5.59 5.12
CA LEU C 383 -13.14 6.28 3.85
C LEU C 383 -11.81 6.71 3.26
N TYR C 384 -10.91 7.26 4.10
CA TYR C 384 -9.60 7.67 3.62
C TYR C 384 -8.79 6.49 3.10
N LEU C 385 -8.83 5.36 3.82
CA LEU C 385 -8.11 4.17 3.38
C LEU C 385 -8.64 3.65 2.05
N LEU C 386 -9.96 3.64 1.89
CA LEU C 386 -10.54 3.18 0.64
C LEU C 386 -10.18 4.11 -0.51
N LEU C 387 -10.20 5.43 -0.27
CA LEU C 387 -9.82 6.36 -1.32
C LEU C 387 -8.35 6.20 -1.68
N THR C 388 -7.49 5.98 -0.68
CA THR C 388 -6.06 5.78 -0.96
C THR C 388 -5.83 4.51 -1.76
N PHE C 389 -6.52 3.41 -1.41
CA PHE C 389 -6.34 2.16 -2.13
C PHE C 389 -7.01 2.18 -3.50
N ALA C 390 -7.98 3.06 -3.70
CA ALA C 390 -8.58 3.22 -5.03
C ALA C 390 -7.58 3.84 -6.00
N CYS C 391 -6.71 4.71 -5.50
CA CYS C 391 -5.64 5.25 -6.34
C CYS C 391 -4.68 4.15 -6.78
N MET C 392 -4.53 3.11 -5.98
CA MET C 392 -3.66 1.98 -6.30
C MET C 392 -4.44 0.82 -6.91
N ASN C 393 -5.64 1.07 -7.44
CA ASN C 393 -6.46 0.01 -7.99
C ASN C 393 -5.79 -0.68 -9.19
N ASP C 394 -5.15 0.11 -10.06
CA ASP C 394 -4.44 -0.48 -11.19
C ASP C 394 -3.25 -1.33 -10.72
N ILE C 395 -2.54 -0.87 -9.70
CA ILE C 395 -1.43 -1.64 -9.16
C ILE C 395 -1.94 -2.88 -8.45
N ILE C 396 -3.02 -2.76 -7.69
CA ILE C 396 -3.61 -3.91 -7.01
C ILE C 396 -4.15 -4.91 -8.02
N ALA C 397 -4.75 -4.41 -9.10
CA ALA C 397 -5.33 -5.30 -10.10
C ALA C 397 -4.27 -6.20 -10.73
N LEU C 398 -3.10 -5.65 -11.04
CA LEU C 398 -2.04 -6.43 -11.67
C LEU C 398 -1.47 -7.46 -10.70
N LYS C 399 -1.16 -7.03 -9.48
CA LYS C 399 -0.50 -7.91 -8.52
C LYS C 399 -1.43 -8.95 -7.92
N PHE C 400 -2.68 -8.58 -7.64
CA PHE C 400 -3.59 -9.44 -6.89
C PHE C 400 -4.66 -10.08 -7.77
N HIS C 401 -4.52 -9.99 -9.09
CA HIS C 401 -5.41 -10.66 -10.04
C HIS C 401 -6.87 -10.28 -9.82
N ILE C 402 -7.15 -8.99 -9.94
CA ILE C 402 -8.50 -8.46 -9.84
C ILE C 402 -8.79 -7.67 -11.11
N SER C 403 -10.01 -7.77 -11.60
CA SER C 403 -10.40 -7.00 -12.78
C SER C 403 -10.35 -5.51 -12.46
N LEU C 404 -9.77 -4.74 -13.40
CA LEU C 404 -9.66 -3.30 -13.20
C LEU C 404 -11.04 -2.66 -13.15
N ASN C 405 -11.97 -3.13 -13.97
CA ASN C 405 -13.35 -2.65 -13.88
C ASN C 405 -13.96 -2.97 -12.53
N ALA C 406 -13.66 -4.14 -11.99
CA ALA C 406 -14.18 -4.52 -10.68
C ALA C 406 -13.67 -3.61 -9.58
N THR C 407 -12.37 -3.28 -9.61
CA THR C 407 -11.80 -2.44 -8.56
C THR C 407 -12.44 -1.06 -8.54
N THR C 408 -12.74 -0.50 -9.71
CA THR C 408 -13.41 0.79 -9.76
C THR C 408 -14.80 0.71 -9.13
N TRP C 409 -15.54 -0.36 -9.43
CA TRP C 409 -16.88 -0.49 -8.87
C TRP C 409 -16.86 -0.94 -7.42
N ILE C 410 -15.85 -1.72 -7.02
CA ILE C 410 -15.70 -2.06 -5.60
C ILE C 410 -15.45 -0.81 -4.78
N GLY C 411 -14.55 0.05 -5.25
CA GLY C 411 -14.32 1.32 -4.56
C GLY C 411 -15.53 2.23 -4.63
N ARG C 412 -16.26 2.18 -5.75
CA ARG C 412 -17.44 3.02 -5.90
C ARG C 412 -18.54 2.62 -4.92
N ILE C 413 -18.88 1.33 -4.88
CA ILE C 413 -19.89 0.86 -3.93
C ILE C 413 -19.36 0.92 -2.51
N GLY C 414 -18.10 0.53 -2.31
CA GLY C 414 -17.53 0.57 -0.97
C GLY C 414 -17.40 1.96 -0.41
N MET C 415 -17.33 2.98 -1.29
CA MET C 415 -17.25 4.36 -0.84
C MET C 415 -18.48 4.75 -0.01
N VAL C 416 -19.59 4.06 -0.19
CA VAL C 416 -20.82 4.36 0.51
C VAL C 416 -21.16 3.28 1.54
N VAL C 417 -20.81 2.02 1.24
CA VAL C 417 -21.19 0.91 2.12
C VAL C 417 -20.17 0.72 3.24
N LEU C 418 -18.88 0.70 2.90
CA LEU C 418 -17.85 0.45 3.91
C LEU C 418 -17.85 1.45 5.07
N PRO C 419 -17.96 2.77 4.84
CA PRO C 419 -18.05 3.68 6.00
C PRO C 419 -19.24 3.39 6.90
N ALA C 420 -20.36 2.96 6.34
CA ALA C 420 -21.53 2.61 7.15
C ALA C 420 -21.25 1.38 8.01
N ILE C 421 -20.59 0.38 7.42
CA ILE C 421 -20.26 -0.83 8.17
C ILE C 421 -19.28 -0.51 9.30
N VAL C 422 -18.26 0.29 8.99
CA VAL C 422 -17.24 0.59 9.99
C VAL C 422 -17.83 1.40 11.14
N TYR C 423 -18.73 2.32 10.84
CA TYR C 423 -19.38 3.11 11.90
C TYR C 423 -20.15 2.22 12.85
N PHE C 424 -20.93 1.27 12.31
CA PHE C 424 -21.71 0.38 13.16
C PHE C 424 -20.80 -0.52 13.98
N VAL C 425 -19.74 -1.05 13.37
CA VAL C 425 -18.83 -1.95 14.08
C VAL C 425 -18.09 -1.20 15.17
N ALA C 426 -17.56 0.00 14.85
CA ALA C 426 -16.80 0.76 15.83
C ALA C 426 -17.68 1.21 16.99
N TYR C 427 -18.92 1.61 16.70
CA TYR C 427 -19.83 2.03 17.76
C TYR C 427 -20.12 0.89 18.72
N ARG C 428 -20.38 -0.30 18.18
CA ARG C 428 -20.60 -1.47 19.02
C ARG C 428 -19.32 -1.87 19.74
N TRP C 429 -18.18 -1.78 19.04
CA TRP C 429 -16.90 -2.15 19.65
C TRP C 429 -16.56 -1.24 20.82
N ALA C 430 -16.77 0.07 20.66
CA ALA C 430 -16.44 1.01 21.71
C ALA C 430 -17.27 0.76 22.97
N ILE C 431 -18.58 0.55 22.80
CA ILE C 431 -19.44 0.26 23.93
C ILE C 431 -19.08 -1.08 24.56
N SER C 432 -18.70 -2.05 23.73
CA SER C 432 -18.37 -3.38 24.26
C SER C 432 -17.13 -3.34 25.14
N LEU C 433 -16.15 -2.49 24.78
CA LEU C 433 -14.97 -2.33 25.62
C LEU C 433 -15.35 -1.70 26.96
N GLN C 434 -16.37 -0.83 26.98
CA GLN C 434 -16.86 -0.31 28.23
C GLN C 434 -17.42 -1.41 29.11
N ARG C 435 -18.16 -2.35 28.52
CA ARG C 435 -18.66 -3.49 29.28
C ARG C 435 -17.52 -4.35 29.80
N SER C 436 -16.48 -4.53 28.99
CA SER C 436 -15.31 -5.31 29.42
C SER C 436 -14.63 -4.65 30.61
N ASP C 437 -14.51 -3.32 30.58
CA ASP C 437 -13.96 -2.60 31.73
C ASP C 437 -14.83 -2.77 32.96
N ARG C 438 -16.15 -2.77 32.78
CA ARG C 438 -17.06 -2.93 33.92
C ARG C 438 -16.87 -4.28 34.58
N GLU C 439 -16.78 -5.35 33.79
CA GLU C 439 -16.73 -6.70 34.34
C GLU C 439 -15.58 -6.86 35.33
N VAL C 440 -14.47 -6.17 35.08
CA VAL C 440 -13.36 -6.17 36.04
C VAL C 440 -13.76 -5.44 37.31
N LEU C 441 -14.59 -4.41 37.21
CA LEU C 441 -14.87 -3.56 38.37
C LEU C 441 -15.69 -4.29 39.43
N GLU C 442 -16.76 -4.96 39.04
CA GLU C 442 -17.59 -5.65 40.02
C GLU C 442 -17.13 -7.08 40.33
N HIS C 443 -16.17 -7.62 39.58
CA HIS C 443 -15.75 -9.00 39.79
C HIS C 443 -14.25 -9.19 39.96
N GLY C 444 -13.43 -8.18 39.65
CA GLY C 444 -11.99 -8.33 39.78
C GLY C 444 -11.35 -8.92 38.53
N VAL C 445 -10.04 -9.06 38.60
CA VAL C 445 -9.24 -9.54 37.48
C VAL C 445 -9.31 -11.06 37.46
N GLU C 446 -9.67 -11.63 36.31
CA GLU C 446 -9.70 -13.07 36.15
C GLU C 446 -8.27 -13.61 36.07
N THR C 447 -7.89 -14.39 37.08
CA THR C 447 -6.53 -14.91 37.16
C THR C 447 -6.29 -16.09 36.23
N GLY C 448 -7.33 -16.68 35.66
CA GLY C 448 -7.18 -17.80 34.77
C GLY C 448 -7.02 -19.15 35.44
N ILE C 449 -7.08 -19.21 36.77
CA ILE C 449 -6.92 -20.46 37.50
C ILE C 449 -8.30 -21.01 37.83
N ILE C 450 -8.58 -22.23 37.37
CA ILE C 450 -9.86 -22.89 37.58
C ILE C 450 -9.72 -23.85 38.75
N LYS C 451 -10.68 -23.79 39.68
CA LYS C 451 -10.66 -24.62 40.88
C LYS C 451 -11.95 -25.42 40.95
N ARG C 452 -11.83 -26.69 41.31
CA ARG C 452 -12.99 -27.57 41.46
C ARG C 452 -13.36 -27.65 42.94
N LEU C 453 -14.58 -27.27 43.27
CA LEU C 453 -15.08 -27.33 44.62
C LEU C 453 -15.39 -28.76 45.02
N PRO C 454 -15.48 -29.05 46.32
CA PRO C 454 -15.76 -30.43 46.75
C PRO C 454 -17.05 -31.01 46.19
N HIS C 455 -18.07 -30.19 45.96
CA HIS C 455 -19.32 -30.68 45.39
C HIS C 455 -19.32 -30.67 43.87
N GLY C 456 -18.21 -30.32 43.23
CA GLY C 456 -18.08 -30.40 41.79
C GLY C 456 -18.21 -29.07 41.06
N ALA C 457 -18.37 -27.96 41.78
CA ALA C 457 -18.48 -26.67 41.13
C ALA C 457 -17.13 -26.24 40.56
N TYR C 458 -17.17 -25.61 39.40
CA TYR C 458 -15.99 -25.05 38.76
C TYR C 458 -16.06 -23.53 38.88
N VAL C 459 -15.07 -22.94 39.54
CA VAL C 459 -15.01 -21.50 39.76
C VAL C 459 -13.63 -21.00 39.36
N GLU C 460 -13.57 -19.75 38.90
CA GLU C 460 -12.31 -19.11 38.55
C GLU C 460 -11.90 -18.14 39.64
N LEU C 461 -10.64 -18.23 40.06
CA LEU C 461 -10.13 -17.32 41.07
C LEU C 461 -10.03 -15.90 40.51
N HIS C 462 -10.55 -14.94 41.25
CA HIS C 462 -10.54 -13.55 40.85
C HIS C 462 -9.69 -12.74 41.83
N GLN C 463 -9.00 -11.73 41.30
CA GLN C 463 -8.18 -10.86 42.11
C GLN C 463 -8.89 -9.53 42.31
N PRO C 464 -9.42 -9.24 43.49
CA PRO C 464 -10.11 -7.96 43.71
C PRO C 464 -9.15 -6.78 43.60
N LEU C 465 -9.68 -5.68 43.07
CA LEU C 465 -8.92 -4.44 42.97
C LEU C 465 -9.18 -3.49 44.13
N GLY C 466 -10.02 -3.88 45.10
CA GLY C 466 -10.31 -3.06 46.23
C GLY C 466 -10.75 -3.87 47.43
N PRO C 467 -11.57 -3.25 48.29
CA PRO C 467 -12.06 -3.97 49.48
C PRO C 467 -13.03 -5.09 49.11
N VAL C 468 -13.11 -6.07 50.00
CA VAL C 468 -13.95 -7.24 49.78
C VAL C 468 -15.03 -7.30 50.85
N ASP C 469 -16.02 -8.17 50.65
CA ASP C 469 -17.09 -8.38 51.61
C ASP C 469 -16.67 -9.40 52.66
N GLU C 470 -17.56 -9.64 53.63
CA GLU C 470 -17.33 -10.71 54.59
C GLU C 470 -17.47 -12.07 53.93
N HIS C 471 -18.29 -12.17 52.88
CA HIS C 471 -18.40 -13.41 52.12
C HIS C 471 -17.18 -13.65 51.24
N GLY C 472 -16.41 -12.60 50.94
CA GLY C 472 -15.24 -12.70 50.08
C GLY C 472 -15.39 -12.02 48.74
N HIS C 473 -16.61 -11.71 48.31
CA HIS C 473 -16.79 -11.03 47.04
C HIS C 473 -16.35 -9.58 47.15
N PRO C 474 -15.61 -9.07 46.15
CA PRO C 474 -15.13 -7.69 46.22
C PRO C 474 -16.27 -6.68 46.13
N ILE C 475 -16.04 -5.54 46.75
CA ILE C 475 -16.98 -4.41 46.60
C ILE C 475 -16.87 -3.85 45.19
N PRO C 476 -17.98 -3.67 44.48
CA PRO C 476 -17.89 -3.07 43.14
C PRO C 476 -17.28 -1.69 43.18
N LEU C 477 -16.40 -1.41 42.22
CA LEU C 477 -15.72 -0.13 42.13
C LEU C 477 -16.34 0.70 41.01
N GLU C 478 -16.16 2.02 41.12
CA GLU C 478 -16.71 2.96 40.16
C GLU C 478 -15.67 3.32 39.11
N TYR C 479 -16.11 3.36 37.85
CA TYR C 479 -15.21 3.71 36.75
C TYR C 479 -14.72 5.14 36.90
N ALA C 480 -13.41 5.34 36.69
CA ALA C 480 -12.78 6.64 36.88
C ALA C 480 -12.12 7.14 35.60
N GLY C 481 -12.47 6.58 34.45
CA GLY C 481 -11.90 7.01 33.19
C GLY C 481 -10.48 6.55 32.93
N ALA C 482 -9.97 5.62 33.73
CA ALA C 482 -8.61 5.13 33.62
C ALA C 482 -8.60 3.67 33.20
N PRO C 483 -7.54 3.21 32.53
CA PRO C 483 -7.47 1.80 32.15
C PRO C 483 -7.42 0.89 33.38
N LEU C 484 -7.98 -0.30 33.22
CA LEU C 484 -8.06 -1.28 34.29
C LEU C 484 -7.25 -2.52 33.94
N PRO C 485 -6.48 -3.06 34.88
CA PRO C 485 -5.71 -4.27 34.59
C PRO C 485 -6.60 -5.45 34.28
N LYS C 486 -6.14 -6.29 33.36
CA LYS C 486 -6.87 -7.49 32.98
C LYS C 486 -6.00 -8.74 32.98
N ARG C 487 -4.71 -8.58 33.23
CA ARG C 487 -3.76 -9.73 33.27
C ARG C 487 -3.04 -9.72 34.62
N MET C 488 -2.97 -10.87 35.30
CA MET C 488 -2.31 -10.93 36.59
C MET C 488 -0.82 -10.64 36.49
N ASN C 489 -0.20 -10.99 35.36
CA ASN C 489 1.23 -10.73 35.20
C ASN C 489 1.53 -9.23 35.16
N LYS C 490 0.58 -8.42 34.69
CA LYS C 490 0.76 -6.98 34.70
C LYS C 490 0.64 -6.39 36.10
N LEU C 491 0.13 -7.14 37.06
CA LEU C 491 0.02 -6.69 38.44
C LEU C 491 1.20 -7.14 39.30
N GLY C 492 2.17 -7.82 38.71
CA GLY C 492 3.34 -8.27 39.43
C GLY C 492 3.28 -9.68 39.97
N SER C 493 2.30 -10.48 39.56
CA SER C 493 2.18 -11.85 40.07
C SER C 493 3.30 -12.75 39.56
N GLY C 494 3.95 -12.38 38.45
CA GLY C 494 5.01 -13.21 37.90
C GLY C 494 6.34 -13.09 38.63
N GLY C 495 6.52 -12.06 39.43
CA GLY C 495 7.77 -11.90 40.14
C GLY C 495 8.92 -11.52 39.22
N ALA C 496 10.13 -11.90 39.64
CA ALA C 496 11.33 -11.62 38.89
C ALA C 496 12.15 -12.90 38.72
N PRO C 497 12.84 -13.05 37.59
CA PRO C 497 13.60 -14.29 37.37
C PRO C 497 14.72 -14.50 38.37
N GLY C 498 15.50 -13.45 38.65
CA GLY C 498 16.65 -13.57 39.52
C GLY C 498 17.79 -12.67 39.07
N THR C 499 18.39 -11.95 40.01
CA THR C 499 19.42 -10.99 39.66
C THR C 499 20.68 -11.69 39.16
N GLY C 500 21.20 -11.22 38.04
CA GLY C 500 22.40 -11.77 37.47
C GLY C 500 22.44 -11.53 35.97
N SER C 501 23.54 -11.98 35.38
CA SER C 501 23.68 -11.91 33.93
C SER C 501 22.72 -12.91 33.28
N PHE C 502 22.70 -12.91 31.95
CA PHE C 502 21.83 -13.84 31.24
C PHE C 502 22.28 -15.28 31.42
N LEU C 503 23.57 -15.50 31.69
CA LEU C 503 24.11 -16.85 31.80
C LEU C 503 24.59 -17.23 33.18
N PHE C 504 24.93 -16.26 34.03
CA PHE C 504 25.48 -16.56 35.35
C PHE C 504 24.75 -15.76 36.42
N PRO C 505 24.44 -16.35 37.55
CA PRO C 505 23.71 -15.62 38.60
C PRO C 505 24.63 -14.77 39.45
N ASP C 506 24.08 -13.67 39.96
CA ASP C 506 24.76 -12.83 40.93
C ASP C 506 24.68 -13.46 42.31
N PRO C 507 25.53 -13.03 43.25
CA PRO C 507 25.44 -13.55 44.62
C PRO C 507 24.07 -13.29 45.22
N ALA C 508 23.64 -14.21 46.09
CA ALA C 508 22.27 -14.18 46.61
C ALA C 508 22.00 -12.92 47.43
N VAL C 509 23.00 -12.46 48.21
CA VAL C 509 22.79 -11.26 49.02
C VAL C 509 22.51 -10.05 48.14
N GLU C 510 23.24 -9.94 47.02
CA GLU C 510 23.00 -8.84 46.10
C GLU C 510 21.59 -8.90 45.52
N HIS C 511 21.13 -10.10 45.14
CA HIS C 511 19.79 -10.25 44.60
C HIS C 511 18.74 -9.87 45.64
N GLU C 512 18.91 -10.31 46.88
CA GLU C 512 17.96 -9.97 47.94
C GLU C 512 17.92 -8.47 48.18
N ALA C 513 19.09 -7.84 48.24
CA ALA C 513 19.13 -6.39 48.45
C ALA C 513 18.46 -5.65 47.30
N LEU C 514 18.74 -6.07 46.06
CA LEU C 514 18.17 -5.38 44.91
C LEU C 514 16.65 -5.54 44.85
N THR C 515 16.15 -6.75 45.13
CA THR C 515 14.71 -6.94 45.07
C THR C 515 14.00 -6.24 46.22
N GLU C 516 14.65 -6.18 47.40
CA GLU C 516 14.08 -5.43 48.51
C GLU C 516 14.03 -3.93 48.19
N ALA C 517 15.10 -3.41 47.58
CA ALA C 517 15.10 -2.00 47.19
C ALA C 517 14.05 -1.71 46.14
N ALA C 518 13.88 -2.62 45.18
CA ALA C 518 12.87 -2.44 44.14
C ALA C 518 11.46 -2.46 44.73
N HIS C 519 11.18 -3.43 45.61
CA HIS C 519 9.86 -3.49 46.22
C HIS C 519 9.61 -2.29 47.13
N ALA C 520 10.65 -1.84 47.83
CA ALA C 520 10.52 -0.64 48.65
C ALA C 520 10.26 0.59 47.79
N SER C 521 10.95 0.70 46.65
CA SER C 521 10.80 1.87 45.80
C SER C 521 9.40 1.94 45.18
N GLU C 522 8.89 0.81 44.69
CA GLU C 522 7.59 0.82 44.03
C GLU C 522 6.47 1.12 45.02
N HIS C 523 6.59 0.62 46.26
CA HIS C 523 5.58 0.91 47.27
C HIS C 523 5.54 2.39 47.60
N LYS C 524 6.71 3.02 47.73
CA LYS C 524 6.76 4.44 48.05
C LYS C 524 6.19 5.29 46.92
N SER C 525 6.47 4.90 45.68
CA SER C 525 5.91 5.62 44.53
C SER C 525 4.39 5.55 44.52
N LEU C 526 3.84 4.37 44.79
CA LEU C 526 2.39 4.22 44.88
C LEU C 526 1.83 5.01 46.06
N THR C 527 2.53 4.98 47.20
CA THR C 527 2.05 5.70 48.38
C THR C 527 2.03 7.20 48.14
N ALA C 528 3.06 7.72 47.46
CA ALA C 528 3.12 9.16 47.20
C ALA C 528 1.95 9.61 46.33
N LEU C 529 1.63 8.84 45.29
CA LEU C 529 0.50 9.17 44.45
C LEU C 529 -0.82 9.05 45.21
N LYS C 530 -0.95 8.00 46.04
CA LYS C 530 -2.17 7.82 46.82
C LYS C 530 -2.34 8.94 47.83
N GLU C 531 -1.27 9.31 48.52
CA GLU C 531 -1.35 10.39 49.50
C GLU C 531 -1.69 11.71 48.82
N HIS C 532 -1.09 11.97 47.66
CA HIS C 532 -1.41 13.17 46.91
C HIS C 532 -2.87 13.17 46.46
N GLN C 533 -3.37 12.02 45.98
CA GLN C 533 -4.75 11.94 45.54
C GLN C 533 -5.72 12.15 46.70
N ASP C 534 -5.40 11.57 47.87
CA ASP C 534 -6.27 11.74 49.02
C ASP C 534 -6.31 13.19 49.49
N ARG C 535 -5.17 13.88 49.44
CA ARG C 535 -5.12 15.26 49.91
C ARG C 535 -5.99 16.17 49.04
N ILE C 536 -5.93 15.99 47.72
CA ILE C 536 -6.70 16.83 46.81
C ILE C 536 -8.07 16.23 46.57
N VAL D 28 -28.78 8.67 26.18
CA VAL D 28 -28.87 7.23 26.42
C VAL D 28 -28.69 6.94 27.90
N ASP D 29 -29.21 5.79 28.34
CA ASP D 29 -29.08 5.37 29.73
C ASP D 29 -27.75 4.67 29.95
N VAL D 30 -27.32 4.64 31.22
CA VAL D 30 -26.07 3.98 31.57
C VAL D 30 -26.18 2.47 31.42
N GLU D 31 -27.41 1.93 31.40
CA GLU D 31 -27.57 0.49 31.21
C GLU D 31 -27.20 0.07 29.79
N ASP D 32 -27.44 0.92 28.80
CA ASP D 32 -27.07 0.63 27.42
C ASP D 32 -25.62 1.01 27.14
N VAL D 33 -25.23 2.24 27.47
CA VAL D 33 -23.88 2.71 27.32
C VAL D 33 -23.33 3.03 28.72
N PRO D 34 -22.48 2.16 29.27
CA PRO D 34 -21.99 2.39 30.64
C PRO D 34 -21.31 3.73 30.84
N SER D 35 -20.51 4.17 29.87
CA SER D 35 -19.86 5.48 29.94
C SER D 35 -20.67 6.54 29.20
N ALA D 36 -21.95 6.65 29.52
CA ALA D 36 -22.81 7.62 28.85
C ALA D 36 -22.50 9.04 29.30
N GLU D 37 -22.04 9.21 30.55
CA GLU D 37 -21.75 10.52 31.09
C GLU D 37 -20.31 10.96 30.87
N TRP D 38 -19.50 10.13 30.21
CA TRP D 38 -18.09 10.43 29.99
C TRP D 38 -17.80 10.97 28.58
N GLY D 39 -18.78 10.96 27.69
CA GLY D 39 -18.55 11.44 26.35
C GLY D 39 -19.80 11.34 25.49
N TRP D 40 -19.65 11.77 24.24
CA TRP D 40 -20.74 11.73 23.28
C TRP D 40 -21.08 10.28 22.97
N SER D 41 -22.27 9.83 23.42
CA SER D 41 -22.66 8.44 23.30
C SER D 41 -23.99 8.22 22.60
N HIS D 42 -24.67 9.27 22.15
CA HIS D 42 -25.97 9.14 21.51
C HIS D 42 -25.95 9.82 20.16
N MET D 43 -26.42 9.11 19.13
CA MET D 43 -26.66 9.66 17.81
C MET D 43 -28.12 9.49 17.46
N PRO D 44 -28.80 10.55 17.01
CA PRO D 44 -30.24 10.42 16.71
C PRO D 44 -30.51 9.36 15.65
N ILE D 45 -31.58 8.60 15.85
CA ILE D 45 -31.93 7.54 14.91
C ILE D 45 -32.39 8.12 13.57
N GLY D 46 -32.93 9.33 13.58
CA GLY D 46 -33.34 9.96 12.33
C GLY D 46 -32.18 10.23 11.41
N VAL D 47 -31.02 10.59 11.97
CA VAL D 47 -29.83 10.81 11.15
C VAL D 47 -29.41 9.53 10.46
N MET D 48 -29.41 8.42 11.17
CA MET D 48 -28.98 7.15 10.58
C MET D 48 -30.02 6.63 9.59
N HIS D 49 -31.31 6.86 9.86
CA HIS D 49 -32.35 6.41 8.94
C HIS D 49 -32.34 7.22 7.65
N ILE D 50 -32.26 8.55 7.76
CA ILE D 50 -32.22 9.40 6.57
C ILE D 50 -30.91 9.18 5.81
N GLY D 51 -29.81 9.02 6.55
CA GLY D 51 -28.54 8.73 5.89
C GLY D 51 -28.56 7.43 5.13
N GLY D 52 -29.22 6.41 5.68
CA GLY D 52 -29.33 5.14 4.98
C GLY D 52 -30.17 5.25 3.72
N LEU D 53 -31.27 6.00 3.79
CA LEU D 53 -32.10 6.20 2.60
C LEU D 53 -31.34 7.00 1.54
N LEU D 54 -30.60 8.03 1.95
CA LEU D 54 -29.74 8.75 1.02
C LEU D 54 -28.60 7.85 0.55
N SER D 55 -28.15 6.93 1.41
CA SER D 55 -27.13 5.95 1.01
C SER D 55 -27.62 5.09 -0.15
N ALA D 56 -28.84 4.59 -0.07
CA ALA D 56 -29.38 3.75 -1.14
C ALA D 56 -29.67 4.55 -2.39
N ALA D 57 -30.15 5.79 -2.22
CA ALA D 57 -30.44 6.63 -3.38
C ALA D 57 -29.19 6.94 -4.18
N PHE D 58 -28.06 7.18 -3.49
CA PHE D 58 -26.82 7.47 -4.20
C PHE D 58 -26.34 6.25 -4.98
N LEU D 59 -26.57 5.04 -4.44
CA LEU D 59 -26.22 3.83 -5.17
C LEU D 59 -27.09 3.68 -6.42
N LEU D 60 -28.36 4.08 -6.33
CA LEU D 60 -29.26 3.93 -7.47
C LEU D 60 -28.98 4.94 -8.56
N VAL D 61 -28.54 6.15 -8.21
CA VAL D 61 -28.29 7.16 -9.23
C VAL D 61 -26.98 6.89 -9.97
N MET D 62 -26.11 6.05 -9.42
CA MET D 62 -24.84 5.73 -10.05
C MET D 62 -24.99 4.80 -11.24
N MET D 63 -26.16 4.22 -11.47
CA MET D 63 -26.40 3.49 -12.70
C MET D 63 -26.40 4.41 -13.91
N ARG D 64 -26.53 5.71 -13.69
CA ARG D 64 -26.39 6.70 -14.75
C ARG D 64 -24.90 6.93 -15.02
N GLY D 65 -24.44 6.53 -16.20
CA GLY D 65 -23.04 6.67 -16.53
C GLY D 65 -22.76 6.15 -17.92
N ASN D 66 -21.47 6.06 -18.23
CA ASN D 66 -21.03 5.61 -19.55
C ASN D 66 -20.79 4.10 -19.63
N HIS D 67 -20.90 3.38 -18.51
CA HIS D 67 -20.66 1.95 -18.53
C HIS D 67 -21.73 1.23 -19.35
N VAL D 68 -21.29 0.26 -20.15
CA VAL D 68 -22.19 -0.49 -21.01
C VAL D 68 -22.64 -1.81 -20.39
N GLY D 69 -21.90 -2.34 -19.41
CA GLY D 69 -22.31 -3.56 -18.75
C GLY D 69 -23.38 -3.33 -17.71
N HIS D 70 -24.06 -4.43 -17.33
CA HIS D 70 -25.10 -4.38 -16.33
C HIS D 70 -24.83 -5.26 -15.12
N VAL D 71 -23.66 -5.90 -15.05
CA VAL D 71 -23.31 -6.66 -13.85
C VAL D 71 -23.20 -5.71 -12.66
N GLU D 72 -22.58 -4.55 -12.87
CA GLU D 72 -22.44 -3.57 -11.79
C GLU D 72 -23.79 -3.02 -11.38
N ASP D 73 -24.71 -2.84 -12.33
CA ASP D 73 -26.02 -2.29 -12.02
C ASP D 73 -26.79 -3.21 -11.06
N TRP D 74 -26.72 -4.52 -11.28
CA TRP D 74 -27.40 -5.45 -10.39
C TRP D 74 -26.77 -5.44 -9.01
N PHE D 75 -25.45 -5.25 -8.92
CA PHE D 75 -24.81 -5.12 -7.62
C PHE D 75 -25.28 -3.86 -6.90
N LEU D 76 -25.43 -2.74 -7.63
CA LEU D 76 -25.95 -1.53 -7.03
C LEU D 76 -27.38 -1.74 -6.53
N ILE D 77 -28.21 -2.41 -7.35
CA ILE D 77 -29.60 -2.65 -6.97
C ILE D 77 -29.67 -3.52 -5.73
N GLY D 78 -28.84 -4.56 -5.66
CA GLY D 78 -28.87 -5.45 -4.51
C GLY D 78 -28.46 -4.75 -3.23
N PHE D 79 -27.37 -3.98 -3.28
CA PHE D 79 -26.91 -3.26 -2.10
C PHE D 79 -27.92 -2.21 -1.66
N ALA D 80 -28.50 -1.49 -2.63
CA ALA D 80 -29.53 -0.50 -2.28
C ALA D 80 -30.74 -1.16 -1.65
N ALA D 81 -31.17 -2.31 -2.19
CA ALA D 81 -32.30 -3.03 -1.63
C ALA D 81 -32.00 -3.51 -0.21
N VAL D 82 -30.78 -4.01 0.01
CA VAL D 82 -30.40 -4.46 1.36
C VAL D 82 -30.43 -3.29 2.34
N ILE D 83 -29.89 -2.14 1.93
CA ILE D 83 -29.87 -0.98 2.81
C ILE D 83 -31.29 -0.51 3.11
N VAL D 84 -32.15 -0.46 2.08
CA VAL D 84 -33.54 -0.04 2.28
C VAL D 84 -34.26 -1.02 3.19
N ALA D 85 -34.01 -2.32 3.02
CA ALA D 85 -34.66 -3.31 3.87
C ALA D 85 -34.22 -3.17 5.32
N LEU D 86 -32.92 -2.93 5.54
CA LEU D 86 -32.44 -2.74 6.91
C LEU D 86 -33.06 -1.51 7.55
N VAL D 87 -33.12 -0.40 6.80
CA VAL D 87 -33.70 0.84 7.33
C VAL D 87 -35.18 0.62 7.65
N GLY D 88 -35.90 -0.03 6.74
CA GLY D 88 -37.31 -0.27 6.96
C GLY D 88 -37.57 -1.19 8.14
N ARG D 89 -36.76 -2.24 8.29
CA ARG D 89 -36.90 -3.14 9.42
C ARG D 89 -36.65 -2.41 10.74
N ASN D 90 -35.59 -1.61 10.80
CA ASN D 90 -35.30 -0.87 12.02
C ASN D 90 -36.43 0.11 12.35
N TRP D 91 -36.92 0.83 11.33
CA TRP D 91 -37.99 1.80 11.56
C TRP D 91 -39.27 1.10 12.02
N TRP D 92 -39.60 -0.03 11.40
CA TRP D 92 -40.82 -0.75 11.77
C TRP D 92 -40.72 -1.29 13.19
N LEU D 93 -39.57 -1.87 13.55
CA LEU D 93 -39.40 -2.40 14.88
C LEU D 93 -39.43 -1.31 15.94
N ARG D 94 -38.85 -0.14 15.65
CA ARG D 94 -38.93 0.96 16.60
C ARG D 94 -40.35 1.51 16.70
N ARG D 95 -41.09 1.52 15.59
CA ARG D 95 -42.47 1.98 15.61
C ARG D 95 -43.35 1.05 16.44
N ARG D 96 -43.18 -0.26 16.27
CA ARG D 96 -44.02 -1.21 17.04
C ARG D 96 -43.56 -1.25 18.50
N GLY D 97 -42.34 -0.81 18.80
CA GLY D 97 -41.86 -0.83 20.16
C GLY D 97 -41.05 -2.04 20.57
N TRP D 98 -40.69 -2.92 19.63
CA TRP D 98 -39.91 -4.10 19.98
C TRP D 98 -38.47 -3.75 20.34
N ILE D 99 -37.93 -2.68 19.76
CA ILE D 99 -36.59 -2.21 20.08
C ILE D 99 -36.65 -0.72 20.39
N ARG D 100 -35.71 -0.27 21.20
CA ARG D 100 -35.67 1.13 21.63
C ARG D 100 -34.31 1.76 21.35
N ASN E 20 1.11 -35.76 40.00
CA ASN E 20 0.12 -36.80 40.21
C ASN E 20 -0.78 -36.87 38.97
N ARG E 21 -0.61 -35.90 38.07
CA ARG E 21 -1.39 -35.83 36.85
C ARG E 21 -0.44 -35.68 35.66
N PRO E 22 -0.82 -36.18 34.49
CA PRO E 22 0.03 -35.99 33.31
C PRO E 22 0.14 -34.51 32.94
N ASN E 23 1.30 -34.14 32.42
CA ASN E 23 1.52 -32.77 31.97
C ASN E 23 0.68 -32.49 30.73
N MET E 24 -0.27 -31.57 30.84
CA MET E 24 -1.17 -31.28 29.72
C MET E 24 -0.41 -30.73 28.52
N VAL E 25 0.54 -29.83 28.76
CA VAL E 25 1.32 -29.26 27.66
C VAL E 25 2.19 -30.32 27.00
N SER E 26 2.78 -31.22 27.81
CA SER E 26 3.59 -32.30 27.24
C SER E 26 2.74 -33.24 26.39
N VAL E 27 1.53 -33.58 26.86
CA VAL E 27 0.65 -34.42 26.06
C VAL E 27 0.25 -33.72 24.78
N GLY E 28 -0.08 -32.43 24.83
CA GLY E 28 -0.42 -31.70 23.63
C GLY E 28 0.72 -31.59 22.64
N THR E 29 1.95 -31.43 23.12
CA THR E 29 3.11 -31.35 22.25
C THR E 29 3.45 -32.70 21.62
N ILE E 30 3.40 -33.78 22.41
CA ILE E 30 3.68 -35.11 21.87
C ILE E 30 2.62 -35.51 20.84
N VAL E 31 1.36 -35.20 21.13
CA VAL E 31 0.28 -35.52 20.18
C VAL E 31 0.49 -34.78 18.87
N TRP E 32 0.83 -33.49 18.94
CA TRP E 32 1.11 -32.74 17.71
C TRP E 32 2.38 -33.23 17.02
N LEU E 33 3.39 -33.64 17.79
CA LEU E 33 4.62 -34.13 17.20
C LEU E 33 4.37 -35.40 16.39
N SER E 34 3.47 -36.26 16.86
CA SER E 34 3.10 -37.45 16.11
C SER E 34 2.44 -37.09 14.79
N SER E 35 1.57 -36.08 14.78
CA SER E 35 0.92 -35.65 13.54
C SER E 35 1.90 -35.02 12.56
N GLU E 36 2.91 -34.33 13.09
CA GLU E 36 3.94 -33.67 12.24
C GLU E 36 4.71 -34.71 11.43
N LEU E 37 4.84 -35.94 11.97
CA LEU E 37 5.57 -37.00 11.27
C LEU E 37 4.88 -37.38 9.97
N MET E 38 3.54 -37.29 9.92
CA MET E 38 2.82 -37.60 8.69
C MET E 38 3.11 -36.58 7.61
N PHE E 39 3.43 -35.34 8.01
CA PHE E 39 3.85 -34.34 7.03
C PHE E 39 5.14 -34.76 6.36
N PHE E 40 6.08 -35.31 7.13
CA PHE E 40 7.32 -35.80 6.54
C PHE E 40 7.09 -37.11 5.79
N ALA E 41 6.00 -37.81 6.08
CA ALA E 41 5.67 -39.03 5.35
C ALA E 41 5.38 -38.72 3.88
N GLY E 42 4.67 -37.63 3.62
CA GLY E 42 4.42 -37.24 2.25
C GLY E 42 5.69 -36.91 1.50
N LEU E 43 6.61 -36.20 2.15
CA LEU E 43 7.89 -35.88 1.52
C LEU E 43 8.71 -37.14 1.27
N PHE E 44 8.67 -38.09 2.21
CA PHE E 44 9.37 -39.35 2.03
C PHE E 44 8.80 -40.14 0.86
N ALA E 45 7.48 -40.11 0.69
CA ALA E 45 6.84 -40.82 -0.41
C ALA E 45 7.29 -40.27 -1.76
N MET E 46 7.41 -38.94 -1.85
CA MET E 46 7.87 -38.33 -3.09
C MET E 46 9.29 -38.76 -3.44
N TYR E 47 10.18 -38.79 -2.44
CA TYR E 47 11.56 -39.18 -2.69
C TYR E 47 11.64 -40.63 -3.14
N PHE E 48 10.87 -41.52 -2.51
CA PHE E 48 10.91 -42.94 -2.86
C PHE E 48 10.27 -43.19 -4.22
N THR E 49 9.20 -42.46 -4.54
CA THR E 49 8.57 -42.62 -5.85
C THR E 49 9.51 -42.21 -6.98
N ALA E 50 10.22 -41.09 -6.81
CA ALA E 50 11.19 -40.66 -7.80
C ALA E 50 12.42 -41.56 -7.84
N ARG E 51 12.79 -42.15 -6.72
CA ARG E 51 13.92 -43.08 -6.69
C ARG E 51 13.62 -44.35 -7.45
N ALA E 52 12.40 -44.86 -7.37
CA ALA E 52 12.02 -46.07 -8.11
C ALA E 52 11.97 -45.83 -9.60
N GLN E 53 11.76 -44.58 -10.03
CA GLN E 53 11.73 -44.23 -11.44
C GLN E 53 13.05 -43.68 -11.94
N ALA E 54 14.12 -43.77 -11.14
CA ALA E 54 15.41 -43.23 -11.52
C ALA E 54 15.96 -43.93 -12.75
N GLY E 55 15.84 -45.26 -12.79
CA GLY E 55 16.35 -46.05 -13.89
C GLY E 55 17.74 -46.62 -13.68
N GLY E 56 18.35 -46.40 -12.51
CA GLY E 56 19.66 -46.93 -12.24
C GLY E 56 20.64 -45.90 -11.72
N ALA E 57 20.34 -44.63 -11.90
CA ALA E 57 21.19 -43.52 -11.45
C ALA E 57 20.44 -42.73 -10.40
N TRP E 58 20.88 -42.85 -9.15
CA TRP E 58 20.25 -42.16 -8.02
C TRP E 58 21.31 -41.94 -6.96
N PRO E 59 21.85 -40.72 -6.83
CA PRO E 59 21.51 -39.55 -7.66
C PRO E 59 22.14 -39.57 -9.04
N PRO E 60 21.46 -39.03 -10.04
CA PRO E 60 22.02 -38.95 -11.39
C PRO E 60 23.01 -37.80 -11.50
N GLU E 61 23.76 -37.83 -12.60
CA GLU E 61 24.72 -36.76 -12.87
C GLU E 61 23.98 -35.45 -13.11
N PRO E 62 24.58 -34.31 -12.79
CA PRO E 62 25.93 -34.15 -12.22
C PRO E 62 25.94 -34.05 -10.69
N THR E 63 24.87 -34.53 -10.05
CA THR E 63 24.78 -34.47 -8.60
C THR E 63 25.84 -35.36 -7.97
N GLU E 64 26.70 -34.76 -7.16
CA GLU E 64 27.78 -35.48 -6.46
C GLU E 64 27.70 -35.12 -4.98
N LEU E 65 27.01 -35.96 -4.20
CA LEU E 65 26.93 -35.75 -2.77
C LEU E 65 28.28 -36.01 -2.12
N ASN E 66 28.66 -35.12 -1.19
CA ASN E 66 29.91 -35.24 -0.47
C ASN E 66 29.61 -35.43 1.02
N LEU E 67 30.21 -36.45 1.61
CA LEU E 67 30.04 -36.71 3.04
C LEU E 67 31.06 -36.00 3.90
N ALA E 68 32.04 -35.32 3.29
CA ALA E 68 33.02 -34.57 4.07
C ALA E 68 32.39 -33.38 4.78
N LEU E 69 31.21 -32.94 4.34
CA LEU E 69 30.49 -31.84 4.97
C LEU E 69 29.20 -32.26 5.65
N ALA E 70 28.46 -33.20 5.08
CA ALA E 70 27.20 -33.61 5.67
C ALA E 70 27.42 -34.31 7.02
N VAL E 71 28.44 -35.16 7.11
CA VAL E 71 28.70 -35.92 8.33
C VAL E 71 29.03 -34.99 9.50
N PRO E 72 29.98 -34.04 9.37
CA PRO E 72 30.20 -33.11 10.49
C PRO E 72 28.97 -32.28 10.82
N VAL E 73 28.20 -31.89 9.81
CA VAL E 73 26.96 -31.15 10.05
C VAL E 73 25.96 -32.01 10.80
N THR E 74 25.82 -33.28 10.40
CA THR E 74 24.90 -34.18 11.09
C THR E 74 25.33 -34.43 12.54
N LEU E 75 26.64 -34.57 12.77
CA LEU E 75 27.13 -34.81 14.12
C LEU E 75 26.84 -33.62 15.03
N VAL E 76 26.91 -32.40 14.50
CA VAL E 76 26.62 -31.22 15.30
C VAL E 76 25.17 -31.22 15.75
N LEU E 77 24.25 -31.57 14.84
CA LEU E 77 22.84 -31.63 15.21
C LEU E 77 22.57 -32.71 16.25
N ILE E 78 23.23 -33.86 16.13
CA ILE E 78 23.08 -34.91 17.13
C ILE E 78 23.61 -34.44 18.49
N ALA E 79 24.76 -33.77 18.49
CA ALA E 79 25.32 -33.26 19.73
C ALA E 79 24.44 -32.19 20.35
N SER E 80 23.66 -31.47 19.54
CA SER E 80 22.75 -30.47 20.07
C SER E 80 21.66 -31.09 20.92
N SER E 81 21.27 -32.34 20.61
CA SER E 81 20.27 -33.03 21.41
C SER E 81 20.76 -33.28 22.83
N PHE E 82 22.04 -33.65 22.98
CA PHE E 82 22.59 -33.90 24.31
C PHE E 82 22.60 -32.65 25.16
N THR E 83 23.01 -31.51 24.58
CA THR E 83 23.01 -30.27 25.33
C THR E 83 21.58 -29.78 25.58
N CYS E 84 20.67 -30.06 24.66
CA CYS E 84 19.26 -29.76 24.90
C CYS E 84 18.72 -30.58 26.08
N GLN E 85 19.11 -31.85 26.17
CA GLN E 85 18.71 -32.68 27.30
C GLN E 85 19.32 -32.17 28.60
N MET E 86 20.55 -31.63 28.54
CA MET E 86 21.17 -31.06 29.72
C MET E 86 20.37 -29.86 30.23
N GLY E 87 19.86 -29.04 29.32
CA GLY E 87 19.02 -27.93 29.73
C GLY E 87 17.73 -28.38 30.39
N VAL E 88 17.18 -29.51 29.93
CA VAL E 88 15.98 -30.05 30.56
C VAL E 88 16.27 -30.45 31.99
N PHE E 89 17.42 -31.09 32.22
CA PHE E 89 17.80 -31.47 33.59
C PHE E 89 17.93 -30.25 34.48
N ALA E 90 18.54 -29.18 33.96
CA ALA E 90 18.61 -27.94 34.71
C ALA E 90 17.23 -27.34 34.94
N ALA E 91 16.36 -27.40 33.94
CA ALA E 91 15.01 -26.89 34.09
C ALA E 91 14.22 -27.69 35.13
N GLU E 92 14.35 -29.02 35.09
CA GLU E 92 13.69 -29.84 36.09
C GLU E 92 14.28 -29.62 37.47
N ARG E 93 15.55 -29.23 37.54
CA ARG E 93 16.22 -28.93 38.79
C ARG E 93 15.85 -27.54 39.33
N GLY E 94 15.18 -26.72 38.53
CA GLY E 94 14.86 -25.37 38.93
C GLY E 94 15.94 -24.35 38.67
N ASP E 95 17.03 -24.73 38.02
CA ASP E 95 18.15 -23.82 37.74
C ASP E 95 17.90 -23.16 36.39
N VAL E 96 17.38 -21.92 36.44
CA VAL E 96 17.10 -21.20 35.20
C VAL E 96 18.39 -20.83 34.48
N PHE E 97 19.45 -20.52 35.21
CA PHE E 97 20.70 -20.13 34.57
C PHE E 97 21.36 -21.31 33.87
N GLY E 98 21.28 -22.50 34.45
CA GLY E 98 21.77 -23.68 33.76
C GLY E 98 20.97 -23.99 32.51
N LEU E 99 19.65 -23.79 32.56
CA LEU E 99 18.83 -23.98 31.38
C LEU E 99 19.21 -23.00 30.27
N ARG E 100 19.46 -21.74 30.64
CA ARG E 100 19.79 -20.74 29.63
C ARG E 100 21.13 -21.05 28.97
N ARG E 101 22.12 -21.48 29.74
CA ARG E 101 23.44 -21.75 29.18
C ARG E 101 23.39 -22.91 28.18
N TRP E 102 22.67 -23.97 28.51
CA TRP E 102 22.61 -25.13 27.64
C TRP E 102 21.78 -24.85 26.39
N TYR E 103 20.70 -24.08 26.53
CA TYR E 103 19.84 -23.77 25.39
C TYR E 103 20.48 -22.75 24.46
N VAL E 104 21.30 -21.85 24.99
CA VAL E 104 22.06 -20.96 24.12
C VAL E 104 23.07 -21.75 23.30
N ILE E 105 23.75 -22.71 23.93
CA ILE E 105 24.68 -23.57 23.21
C ILE E 105 23.94 -24.39 22.16
N THR E 106 22.77 -24.92 22.53
CA THR E 106 21.97 -25.68 21.57
C THR E 106 21.54 -24.82 20.39
N PHE E 107 21.17 -23.56 20.67
CA PHE E 107 20.79 -22.65 19.59
C PHE E 107 21.94 -22.39 18.64
N LEU E 108 23.15 -22.22 19.18
CA LEU E 108 24.30 -21.94 18.33
C LEU E 108 24.61 -23.10 17.40
N MET E 109 24.58 -24.33 17.93
CA MET E 109 24.84 -25.50 17.08
C MET E 109 23.70 -25.72 16.09
N GLY E 110 22.46 -25.47 16.51
CA GLY E 110 21.35 -25.52 15.57
C GLY E 110 21.47 -24.50 14.47
N LEU E 111 21.95 -23.30 14.80
CA LEU E 111 22.23 -22.30 13.78
C LEU E 111 23.35 -22.76 12.85
N PHE E 112 24.38 -23.40 13.41
CA PHE E 112 25.47 -23.93 12.60
C PHE E 112 24.96 -24.99 11.63
N PHE E 113 23.97 -25.79 12.04
CA PHE E 113 23.38 -26.77 11.15
C PHE E 113 22.71 -26.10 9.96
N VAL E 114 21.98 -25.01 10.21
CA VAL E 114 21.33 -24.29 9.12
C VAL E 114 22.37 -23.69 8.17
N LEU E 115 23.41 -23.07 8.73
CA LEU E 115 24.46 -22.51 7.89
C LEU E 115 25.20 -23.61 7.12
N GLY E 116 25.45 -24.75 7.77
CA GLY E 116 26.09 -25.86 7.09
C GLY E 116 25.25 -26.41 5.95
N GLN E 117 23.94 -26.53 6.16
CA GLN E 117 23.06 -26.99 5.10
C GLN E 117 23.01 -26.00 3.95
N GLY E 118 22.95 -24.70 4.27
CA GLY E 118 22.93 -23.69 3.22
C GLY E 118 24.21 -23.66 2.42
N TYR E 119 25.35 -23.88 3.09
CA TYR E 119 26.62 -23.93 2.39
C TYR E 119 26.70 -25.14 1.48
N GLU E 120 26.10 -26.26 1.90
CA GLU E 120 25.94 -27.41 1.01
C GLU E 120 25.04 -27.07 -0.17
N TYR E 121 23.97 -26.31 0.08
CA TYR E 121 23.03 -25.95 -0.99
C TYR E 121 23.72 -25.12 -2.06
N ILE E 122 24.59 -24.19 -1.64
CA ILE E 122 25.24 -23.29 -2.60
C ILE E 122 26.12 -24.07 -3.57
N HIS E 123 26.92 -25.00 -3.05
CA HIS E 123 27.79 -25.79 -3.92
C HIS E 123 27.00 -26.75 -4.79
N LEU E 124 25.89 -27.27 -4.29
CA LEU E 124 25.06 -28.17 -5.12
C LEU E 124 24.43 -27.42 -6.28
N VAL E 125 24.01 -26.17 -6.05
CA VAL E 125 23.41 -25.37 -7.11
C VAL E 125 24.45 -25.03 -8.17
N GLU E 126 25.66 -24.68 -7.75
CA GLU E 126 26.70 -24.29 -8.70
C GLU E 126 27.09 -25.45 -9.62
N HIS E 127 26.93 -26.68 -9.16
CA HIS E 127 27.31 -27.85 -9.94
C HIS E 127 26.16 -28.42 -10.76
N GLY E 128 25.01 -27.78 -10.75
CA GLY E 128 23.91 -28.19 -11.60
C GLY E 128 22.80 -28.97 -10.94
N THR E 129 22.73 -28.99 -9.61
CA THR E 129 21.66 -29.68 -8.88
C THR E 129 20.72 -28.63 -8.31
N THR E 130 19.58 -28.44 -8.98
CA THR E 130 18.59 -27.44 -8.59
C THR E 130 17.21 -28.06 -8.61
N ILE E 131 16.24 -27.34 -8.05
CA ILE E 131 14.86 -27.83 -8.04
C ILE E 131 14.30 -28.00 -9.44
N PRO E 132 14.38 -27.01 -10.34
CA PRO E 132 13.90 -27.24 -11.71
C PRO E 132 14.85 -28.07 -12.54
N GLY E 133 16.10 -28.24 -12.12
CA GLY E 133 17.08 -28.93 -12.94
C GLY E 133 16.77 -30.40 -13.14
N SER E 134 16.39 -31.09 -12.07
CA SER E 134 16.21 -32.54 -12.15
C SER E 134 15.14 -32.98 -11.16
N ALA E 135 14.63 -34.19 -11.39
CA ALA E 135 13.67 -34.78 -10.46
C ALA E 135 14.32 -35.05 -9.10
N TYR E 136 15.59 -35.48 -9.11
CA TYR E 136 16.30 -35.69 -7.85
C TYR E 136 16.45 -34.39 -7.08
N GLY E 137 16.73 -33.30 -7.79
CA GLY E 137 16.83 -32.00 -7.12
C GLY E 137 15.52 -31.59 -6.46
N SER E 138 14.39 -31.93 -7.09
CA SER E 138 13.10 -31.58 -6.52
C SER E 138 12.88 -32.28 -5.18
N VAL E 139 13.07 -33.61 -5.16
CA VAL E 139 12.81 -34.36 -3.92
C VAL E 139 13.87 -34.06 -2.87
N PHE E 140 15.13 -33.90 -3.29
CA PHE E 140 16.20 -33.64 -2.33
C PHE E 140 15.99 -32.31 -1.62
N TYR E 141 15.69 -31.26 -2.37
CA TYR E 141 15.55 -29.94 -1.76
C TYR E 141 14.26 -29.81 -0.96
N LEU E 142 13.18 -30.44 -1.42
CA LEU E 142 11.93 -30.38 -0.67
C LEU E 142 12.04 -31.12 0.65
N ALA E 143 12.64 -32.32 0.63
CA ALA E 143 12.77 -33.11 1.85
C ALA E 143 13.70 -32.43 2.85
N THR E 144 14.90 -32.04 2.39
CA THR E 144 15.87 -31.43 3.30
C THR E 144 15.51 -29.98 3.61
N GLY E 145 14.96 -29.25 2.65
CA GLY E 145 14.59 -27.86 2.86
C GLY E 145 13.47 -27.69 3.86
N PHE E 146 12.45 -28.55 3.79
CA PHE E 146 11.37 -28.49 4.76
C PHE E 146 11.85 -28.87 6.16
N HIS E 147 12.79 -29.81 6.25
CA HIS E 147 13.41 -30.10 7.54
C HIS E 147 14.21 -28.90 8.04
N GLY E 148 14.93 -28.23 7.14
CA GLY E 148 15.64 -27.02 7.53
C GLY E 148 14.70 -25.92 8.01
N LEU E 149 13.52 -25.84 7.39
CA LEU E 149 12.50 -24.92 7.89
C LEU E 149 12.07 -25.30 9.29
N HIS E 150 11.97 -26.60 9.57
CA HIS E 150 11.63 -27.05 10.91
C HIS E 150 12.74 -26.72 11.90
N VAL E 151 14.00 -26.83 11.47
CA VAL E 151 15.12 -26.43 12.33
C VAL E 151 15.05 -24.95 12.63
N ILE E 152 14.76 -24.13 11.61
CA ILE E 152 14.62 -22.69 11.82
C ILE E 152 13.49 -22.39 12.79
N GLY E 153 12.36 -23.10 12.63
CA GLY E 153 11.27 -22.94 13.58
C GLY E 153 11.66 -23.34 14.99
N GLY E 154 12.50 -24.37 15.12
CA GLY E 154 13.01 -24.75 16.43
C GLY E 154 13.93 -23.70 17.03
N LEU E 155 14.75 -23.06 16.19
CA LEU E 155 15.60 -21.98 16.68
C LEU E 155 14.78 -20.80 17.16
N VAL E 156 13.67 -20.50 16.48
CA VAL E 156 12.76 -19.45 16.92
C VAL E 156 12.15 -19.82 18.27
N ALA E 157 11.81 -21.10 18.46
CA ALA E 157 11.24 -21.54 19.73
C ALA E 157 12.25 -21.36 20.86
N PHE E 158 13.53 -21.62 20.59
CA PHE E 158 14.55 -21.41 21.62
C PHE E 158 14.64 -19.94 22.02
N VAL E 159 14.62 -19.04 21.04
CA VAL E 159 14.72 -17.61 21.33
C VAL E 159 13.48 -17.14 22.10
N LEU E 160 12.29 -17.57 21.67
CA LEU E 160 11.08 -17.16 22.36
C LEU E 160 11.03 -17.69 23.78
N LEU E 161 11.43 -18.94 23.98
CA LEU E 161 11.44 -19.51 25.33
C LEU E 161 12.47 -18.82 26.21
N LEU E 162 13.67 -18.56 25.68
CA LEU E 162 14.70 -17.89 26.46
C LEU E 162 14.30 -16.46 26.80
N ALA E 163 13.61 -15.77 25.89
CA ALA E 163 13.11 -14.43 26.19
C ALA E 163 12.08 -14.47 27.32
N ARG E 164 11.29 -15.55 27.41
CA ARG E 164 10.33 -15.67 28.49
C ARG E 164 11.02 -15.94 29.82
N THR E 165 12.26 -16.45 29.80
CA THR E 165 12.98 -16.69 31.03
C THR E 165 13.39 -15.40 31.74
N LYS E 166 13.47 -14.28 31.01
CA LYS E 166 13.83 -13.01 31.61
C LYS E 166 12.63 -12.19 32.05
N MET E 167 11.41 -12.72 31.91
CA MET E 167 10.20 -11.97 32.20
C MET E 167 9.64 -12.24 33.59
N SER E 168 9.75 -13.46 34.10
CA SER E 168 9.15 -13.82 35.37
C SER E 168 10.00 -14.90 36.05
N LYS E 169 9.66 -15.20 37.29
CA LYS E 169 10.39 -16.20 38.05
C LYS E 169 10.19 -17.59 37.48
N PHE E 170 11.17 -18.45 37.72
CA PHE E 170 11.18 -19.80 37.15
C PHE E 170 10.12 -20.64 37.85
N THR E 171 8.99 -20.83 37.18
CA THR E 171 7.86 -21.59 37.69
C THR E 171 7.78 -22.96 37.05
N PRO E 172 7.09 -23.92 37.68
CA PRO E 172 6.97 -25.25 37.08
C PRO E 172 6.33 -25.23 35.69
N ALA E 173 5.36 -24.35 35.46
CA ALA E 173 4.78 -24.24 34.13
C ALA E 173 5.82 -23.74 33.13
N GLN E 174 6.70 -22.83 33.56
CA GLN E 174 7.80 -22.40 32.72
C GLN E 174 8.78 -23.54 32.44
N ALA E 175 9.03 -24.38 33.45
CA ALA E 175 9.89 -25.55 33.23
C ALA E 175 9.23 -26.53 32.27
N THR E 176 7.89 -26.62 32.29
CA THR E 176 7.19 -27.46 31.33
C THR E 176 7.41 -26.96 29.91
N ALA E 177 7.39 -25.65 29.72
CA ALA E 177 7.60 -25.08 28.39
C ALA E 177 9.00 -25.41 27.88
N ALA E 178 9.99 -25.45 28.77
CA ALA E 178 11.34 -25.83 28.36
C ALA E 178 11.39 -27.28 27.91
N ILE E 179 10.65 -28.15 28.60
CA ILE E 179 10.67 -29.58 28.27
C ILE E 179 10.04 -29.84 26.92
N VAL E 180 8.88 -29.21 26.66
CA VAL E 180 8.17 -29.48 25.41
C VAL E 180 8.94 -28.93 24.22
N VAL E 181 9.69 -27.85 24.40
CA VAL E 181 10.54 -27.34 23.33
C VAL E 181 11.62 -28.37 22.98
N SER E 182 12.21 -29.00 24.00
CA SER E 182 13.20 -30.03 23.76
C SER E 182 12.59 -31.24 23.05
N TYR E 183 11.32 -31.51 23.30
CA TYR E 183 10.63 -32.59 22.59
C TYR E 183 10.62 -32.33 21.09
N TYR E 184 10.32 -31.09 20.70
CA TYR E 184 10.34 -30.74 19.28
C TYR E 184 11.75 -30.83 18.71
N TRP E 185 12.75 -30.37 19.48
CA TRP E 185 14.13 -30.44 19.00
C TRP E 185 14.59 -31.89 18.84
N HIS E 186 14.22 -32.75 19.78
CA HIS E 186 14.55 -34.17 19.65
C HIS E 186 13.84 -34.79 18.45
N PHE E 187 12.59 -34.40 18.21
CA PHE E 187 11.87 -34.89 17.04
C PHE E 187 12.55 -34.45 15.75
N VAL E 188 12.99 -33.20 15.70
CA VAL E 188 13.68 -32.68 14.51
C VAL E 188 14.99 -33.44 14.29
N ASP E 189 15.75 -33.68 15.35
CA ASP E 189 17.02 -34.39 15.22
C ASP E 189 16.81 -35.83 14.73
N ILE E 190 15.79 -36.50 15.26
CA ILE E 190 15.54 -37.89 14.87
C ILE E 190 15.12 -37.97 13.40
N VAL E 191 14.31 -37.01 12.94
CA VAL E 191 13.88 -37.00 11.55
C VAL E 191 15.07 -36.84 10.62
N TRP E 192 16.03 -35.97 10.99
CA TRP E 192 17.19 -35.76 10.16
C TRP E 192 18.02 -37.04 10.01
N ILE E 193 18.15 -37.81 11.08
CA ILE E 193 18.88 -39.07 11.02
C ILE E 193 18.25 -40.00 9.99
N ALA E 194 16.92 -40.06 9.96
CA ALA E 194 16.24 -40.82 8.92
C ALA E 194 16.51 -40.23 7.54
N LEU E 195 16.44 -38.91 7.42
CA LEU E 195 16.73 -38.26 6.14
C LEU E 195 18.19 -38.45 5.75
N PHE E 196 19.11 -38.30 6.70
CA PHE E 196 20.53 -38.40 6.39
C PHE E 196 20.91 -39.81 5.96
N ALA E 197 20.36 -40.82 6.62
CA ALA E 197 20.67 -42.20 6.26
C ALA E 197 20.03 -42.57 4.93
N THR E 198 18.80 -42.09 4.68
CA THR E 198 18.08 -42.42 3.45
C THR E 198 18.68 -41.74 2.23
N ILE E 199 19.26 -40.56 2.37
CA ILE E 199 19.75 -39.80 1.22
C ILE E 199 21.22 -40.09 0.94
N TYR E 200 22.06 -40.04 1.97
CA TYR E 200 23.50 -40.16 1.78
C TYR E 200 24.02 -41.59 1.83
N PHE E 201 23.22 -42.54 2.29
CA PHE E 201 23.68 -43.93 2.31
C PHE E 201 22.81 -44.88 1.50
N VAL E 202 21.49 -44.77 1.59
CA VAL E 202 20.59 -45.63 0.81
C VAL E 202 20.31 -44.88 -0.49
N ARG E 203 21.25 -45.01 -1.42
CA ARG E 203 21.16 -44.30 -2.69
C ARG E 203 20.47 -45.15 -3.76
N MET F 1 -4.25 -44.08 33.62
CA MET F 1 -4.57 -43.82 32.22
C MET F 1 -4.18 -44.99 31.33
N HIS F 2 -4.39 -46.21 31.84
CA HIS F 2 -3.99 -47.42 31.13
C HIS F 2 -4.83 -47.67 29.89
N ILE F 3 -6.07 -47.16 29.86
CA ILE F 3 -6.93 -47.40 28.70
C ILE F 3 -6.48 -46.55 27.51
N GLU F 4 -6.01 -45.33 27.77
CA GLU F 4 -5.73 -44.39 26.69
C GLU F 4 -4.67 -44.92 25.73
N ALA F 5 -3.58 -45.48 26.25
CA ALA F 5 -2.53 -46.00 25.39
C ALA F 5 -2.89 -47.37 24.84
N ARG F 6 -3.69 -48.14 25.58
CA ARG F 6 -4.19 -49.41 25.05
C ARG F 6 -4.98 -49.17 23.77
N LEU F 7 -5.63 -48.01 23.68
CA LEU F 7 -6.26 -47.60 22.42
C LEU F 7 -5.21 -47.43 21.33
N PHE F 8 -4.10 -46.78 21.66
CA PHE F 8 -3.08 -46.50 20.64
C PHE F 8 -2.25 -47.74 20.31
N GLU F 9 -1.99 -48.60 21.30
CA GLU F 9 -1.28 -49.85 21.01
C GLU F 9 -2.13 -50.75 20.11
N ILE F 10 -3.44 -50.78 20.34
CA ILE F 10 -4.32 -51.56 19.46
C ILE F 10 -4.27 -51.03 18.04
N LEU F 11 -4.30 -49.70 17.88
CA LEU F 11 -4.16 -49.12 16.55
C LEU F 11 -2.76 -49.35 16.00
N THR F 12 -1.75 -49.34 16.86
CA THR F 12 -0.38 -49.54 16.40
C THR F 12 -0.19 -50.92 15.79
N ALA F 13 -0.75 -51.96 16.45
CA ALA F 13 -0.58 -53.32 15.94
C ALA F 13 -1.23 -53.48 14.58
N PHE F 14 -2.45 -52.95 14.42
CA PHE F 14 -3.14 -53.08 13.14
C PHE F 14 -2.39 -52.33 12.04
N PHE F 15 -1.91 -51.12 12.33
CA PHE F 15 -1.18 -50.35 11.33
C PHE F 15 0.12 -51.04 10.95
N ALA F 16 0.81 -51.63 11.94
CA ALA F 16 2.04 -52.36 11.64
C ALA F 16 1.75 -53.58 10.78
N LEU F 17 0.67 -54.30 11.08
CA LEU F 17 0.30 -55.46 10.28
C LEU F 17 -0.06 -55.06 8.85
N ALA F 18 -0.84 -53.99 8.70
CA ALA F 18 -1.23 -53.54 7.36
C ALA F 18 -0.02 -53.06 6.57
N ALA F 19 0.88 -52.33 7.21
CA ALA F 19 2.07 -51.82 6.52
C ALA F 19 2.96 -52.98 6.04
N VAL F 20 3.14 -53.99 6.90
CA VAL F 20 3.95 -55.14 6.51
C VAL F 20 3.26 -55.93 5.41
N VAL F 21 1.96 -56.18 5.56
CA VAL F 21 1.23 -56.98 4.58
C VAL F 21 1.19 -56.28 3.23
N TYR F 22 0.92 -54.97 3.23
CA TYR F 22 0.84 -54.24 1.97
C TYR F 22 2.20 -54.21 1.25
N ALA F 23 3.29 -54.01 1.99
CA ALA F 23 4.61 -53.99 1.38
C ALA F 23 4.96 -55.34 0.77
N VAL F 24 4.65 -56.43 1.47
CA VAL F 24 4.94 -57.76 0.94
C VAL F 24 4.02 -58.09 -0.23
N LEU F 25 2.74 -57.74 -0.11
CA LEU F 25 1.79 -58.07 -1.18
C LEU F 25 2.04 -57.24 -2.42
N THR F 26 2.66 -56.06 -2.29
CA THR F 26 3.02 -55.26 -3.44
C THR F 26 4.38 -55.65 -4.02
N ALA F 27 5.25 -56.24 -3.20
CA ALA F 27 6.52 -56.73 -3.72
C ALA F 27 6.31 -57.87 -4.72
N MET F 28 5.32 -58.73 -4.46
CA MET F 28 5.05 -59.88 -5.29
C MET F 28 3.75 -59.69 -6.06
N PHE F 29 3.72 -60.21 -7.29
CA PHE F 29 2.55 -60.18 -8.19
C PHE F 29 1.87 -58.81 -8.18
N ALA F 30 2.68 -57.76 -8.22
CA ALA F 30 2.18 -56.40 -8.38
C ALA F 30 3.12 -55.64 -9.31
N THR F 31 2.54 -54.98 -10.31
CA THR F 31 3.35 -54.29 -11.31
C THR F 31 4.16 -53.17 -10.67
N GLY F 32 5.43 -53.07 -11.07
CA GLY F 32 6.31 -52.03 -10.58
C GLY F 32 7.00 -52.33 -9.26
N GLY F 33 6.71 -53.48 -8.65
CA GLY F 33 7.30 -53.82 -7.38
C GLY F 33 6.60 -53.17 -6.21
N VAL F 34 7.35 -52.87 -5.15
CA VAL F 34 6.76 -52.28 -3.95
C VAL F 34 6.19 -50.91 -4.28
N GLU F 35 4.93 -50.69 -3.90
CA GLU F 35 4.29 -49.40 -4.10
C GLU F 35 4.71 -48.49 -2.95
N TRP F 36 5.57 -47.52 -3.24
CA TRP F 36 6.29 -46.81 -2.19
C TRP F 36 5.42 -45.79 -1.47
N ALA F 37 4.50 -45.13 -2.19
CA ALA F 37 3.71 -44.07 -1.58
C ALA F 37 2.84 -44.59 -0.44
N GLY F 38 2.08 -45.66 -0.70
CA GLY F 38 1.25 -46.24 0.34
C GLY F 38 2.05 -46.90 1.44
N THR F 39 3.14 -47.58 1.06
CA THR F 39 3.98 -48.24 2.06
C THR F 39 4.61 -47.23 3.02
N THR F 40 5.12 -46.13 2.48
CA THR F 40 5.69 -45.09 3.34
C THR F 40 4.63 -44.49 4.25
N ALA F 41 3.44 -44.22 3.71
CA ALA F 41 2.37 -43.65 4.53
C ALA F 41 1.94 -44.62 5.62
N LEU F 42 1.80 -45.90 5.29
CA LEU F 42 1.37 -46.88 6.28
C LEU F 42 2.44 -47.08 7.36
N VAL F 43 3.71 -47.13 6.96
CA VAL F 43 4.78 -47.35 7.92
C VAL F 43 4.85 -46.21 8.93
N LEU F 44 4.77 -44.97 8.44
CA LEU F 44 4.83 -43.82 9.34
C LEU F 44 3.48 -43.53 10.00
N THR F 45 2.38 -44.10 9.49
CA THR F 45 1.13 -44.07 10.24
C THR F 45 1.24 -44.91 11.50
N THR F 46 1.94 -46.05 11.41
CA THR F 46 2.27 -46.81 12.61
C THR F 46 3.13 -45.99 13.56
N GLY F 47 4.04 -45.18 13.01
CA GLY F 47 4.87 -44.35 13.85
C GLY F 47 4.08 -43.35 14.68
N LEU F 48 3.03 -42.77 14.09
CA LEU F 48 2.21 -41.80 14.82
C LEU F 48 1.60 -42.42 16.07
N THR F 49 0.98 -43.59 15.91
CA THR F 49 0.39 -44.27 17.06
C THR F 49 1.45 -44.82 18.01
N LEU F 50 2.63 -45.17 17.47
CA LEU F 50 3.69 -45.71 18.32
C LEU F 50 4.25 -44.66 19.27
N ILE F 51 4.52 -43.45 18.77
CA ILE F 51 5.07 -42.39 19.61
C ILE F 51 4.07 -42.00 20.69
N THR F 52 2.83 -41.76 20.30
CA THR F 52 1.81 -41.37 21.27
C THR F 52 1.54 -42.48 22.27
N GLY F 53 1.46 -43.72 21.79
CA GLY F 53 1.22 -44.84 22.69
C GLY F 53 2.36 -45.09 23.64
N THR F 54 3.60 -45.00 23.14
CA THR F 54 4.76 -45.21 24.01
C THR F 54 4.85 -44.15 25.09
N PHE F 55 4.61 -42.90 24.74
CA PHE F 55 4.62 -41.82 25.72
C PHE F 55 3.55 -42.04 26.78
N PHE F 56 2.35 -42.44 26.36
CA PHE F 56 1.28 -42.66 27.32
C PHE F 56 1.57 -43.85 28.21
N ARG F 57 2.33 -44.81 27.68
CA ARG F 57 2.74 -46.02 28.45
C ARG F 57 3.72 -45.60 29.55
N PHE F 58 4.65 -44.69 29.23
CA PHE F 58 5.63 -44.22 30.21
C PHE F 58 4.98 -43.32 31.25
N VAL F 59 4.04 -42.47 30.83
CA VAL F 59 3.35 -41.61 31.78
C VAL F 59 2.47 -42.43 32.71
N ALA F 60 1.82 -43.46 32.17
CA ALA F 60 0.87 -44.26 32.96
C ALA F 60 1.57 -44.98 34.10
N ARG F 61 2.73 -45.58 33.84
CA ARG F 61 3.43 -46.34 34.86
C ARG F 61 4.13 -45.47 35.90
N ARG F 62 4.21 -44.16 35.67
CA ARG F 62 4.82 -43.29 36.66
C ARG F 62 3.84 -42.92 37.77
N LEU F 63 2.69 -42.36 37.38
CA LEU F 63 1.71 -41.85 38.32
C LEU F 63 0.66 -42.91 38.64
N ASP F 64 0.16 -42.86 39.88
CA ASP F 64 -0.84 -43.82 40.34
C ASP F 64 -2.22 -43.45 39.79
N THR F 65 -3.24 -44.16 40.26
CA THR F 65 -4.59 -44.00 39.73
C THR F 65 -5.09 -42.58 39.96
N ARG F 66 -5.61 -41.97 38.90
CA ARG F 66 -6.22 -40.65 38.98
C ARG F 66 -7.70 -40.78 39.35
N PRO F 67 -8.31 -39.71 39.85
CA PRO F 67 -9.75 -39.77 40.16
C PRO F 67 -10.62 -40.13 38.98
N GLU F 68 -10.26 -39.70 37.77
CA GLU F 68 -11.01 -40.08 36.58
C GLU F 68 -10.63 -41.46 36.04
N ASP F 69 -9.58 -42.08 36.57
CA ASP F 69 -9.25 -43.46 36.25
C ASP F 69 -9.76 -44.45 37.28
N TYR F 70 -10.46 -43.96 38.30
CA TYR F 70 -11.00 -44.85 39.36
C TYR F 70 -12.36 -45.40 38.93
N GLU F 71 -12.67 -46.64 39.33
CA GLU F 71 -13.95 -47.30 38.96
C GLU F 71 -15.02 -46.96 40.01
N ASP F 72 -14.62 -46.27 41.08
CA ASP F 72 -15.59 -45.90 42.16
C ASP F 72 -15.06 -44.69 42.93
N ALA F 73 -14.67 -43.62 42.22
CA ALA F 73 -14.18 -42.42 42.85
C ALA F 73 -15.31 -41.46 43.15
N GLU F 74 -15.08 -40.59 44.15
CA GLU F 74 -16.08 -39.59 44.59
C GLU F 74 -15.74 -38.23 43.97
N ILE F 75 -16.76 -37.39 43.78
CA ILE F 75 -16.57 -36.06 43.20
C ILE F 75 -15.61 -35.23 44.06
N SER F 76 -15.71 -35.37 45.39
CA SER F 76 -14.84 -34.63 46.29
C SER F 76 -13.38 -35.02 46.17
N ASP F 77 -13.06 -36.14 45.52
CA ASP F 77 -11.67 -36.55 45.35
C ASP F 77 -10.92 -35.62 44.40
N GLY F 78 -11.63 -34.93 43.52
CA GLY F 78 -11.03 -34.01 42.58
C GLY F 78 -10.94 -32.57 43.03
N ALA F 79 -11.20 -32.29 44.31
CA ALA F 79 -11.15 -30.92 44.79
C ALA F 79 -9.73 -30.37 44.71
N GLY F 80 -9.62 -29.10 44.34
CA GLY F 80 -8.34 -28.43 44.20
C GLY F 80 -8.25 -27.66 42.90
N GLU F 81 -7.17 -26.89 42.79
CA GLU F 81 -6.92 -26.10 41.59
C GLU F 81 -6.55 -27.01 40.42
N LEU F 82 -7.20 -26.79 39.28
CA LEU F 82 -6.94 -27.62 38.11
C LEU F 82 -5.71 -27.12 37.36
N GLY F 83 -5.61 -25.83 37.13
CA GLY F 83 -4.50 -25.28 36.39
C GLY F 83 -4.87 -23.92 35.81
N PHE F 84 -4.02 -23.46 34.89
CA PHE F 84 -4.20 -22.17 34.24
C PHE F 84 -4.93 -22.34 32.92
N PHE F 85 -6.00 -21.57 32.74
CA PHE F 85 -6.74 -21.53 31.48
C PHE F 85 -6.95 -20.07 31.12
N ALA F 86 -6.57 -19.71 29.89
CA ALA F 86 -6.60 -18.31 29.49
C ALA F 86 -8.04 -17.79 29.46
N PRO F 87 -8.33 -16.68 30.14
CA PRO F 87 -9.70 -16.16 30.12
C PRO F 87 -10.10 -15.51 28.81
N HIS F 88 -9.20 -14.74 28.19
CA HIS F 88 -9.51 -14.06 26.94
C HIS F 88 -8.21 -13.69 26.26
N SER F 89 -8.26 -13.63 24.93
CA SER F 89 -7.10 -13.26 24.12
C SER F 89 -7.51 -12.95 22.68
N TRP F 90 -7.09 -11.80 22.17
CA TRP F 90 -7.30 -11.45 20.77
C TRP F 90 -6.09 -11.76 19.90
N TRP F 91 -5.05 -12.33 20.48
CA TRP F 91 -3.87 -12.78 19.74
C TRP F 91 -4.19 -13.88 18.73
N PRO F 92 -5.02 -14.88 19.06
CA PRO F 92 -5.29 -15.95 18.07
C PRO F 92 -5.82 -15.44 16.74
N ILE F 93 -6.69 -14.43 16.73
CA ILE F 93 -7.17 -13.92 15.45
C ILE F 93 -6.06 -13.18 14.70
N LEU F 94 -5.13 -12.56 15.44
CA LEU F 94 -4.00 -11.91 14.79
C LEU F 94 -3.04 -12.93 14.18
N ILE F 95 -2.85 -14.06 14.84
CA ILE F 95 -1.99 -15.11 14.30
C ILE F 95 -2.56 -15.64 12.99
N SER F 96 -3.87 -15.90 12.96
CA SER F 96 -4.50 -16.39 11.74
C SER F 96 -4.43 -15.37 10.62
N LEU F 97 -4.66 -14.08 10.94
CA LEU F 97 -4.53 -13.04 9.93
C LEU F 97 -3.09 -12.95 9.42
N SER F 98 -2.12 -13.09 10.32
CA SER F 98 -0.72 -13.10 9.92
C SER F 98 -0.42 -14.29 9.02
N PHE F 99 -0.94 -15.47 9.37
CA PHE F 99 -0.72 -16.66 8.55
C PHE F 99 -1.44 -16.56 7.23
N SER F 100 -2.65 -15.98 7.23
CA SER F 100 -3.39 -15.83 5.98
C SER F 100 -2.71 -14.85 5.04
N THR F 101 -2.05 -13.82 5.59
CA THR F 101 -1.31 -12.88 4.76
C THR F 101 -0.16 -13.59 4.04
N ALA F 102 0.57 -14.45 4.75
CA ALA F 102 1.65 -15.20 4.13
C ALA F 102 1.12 -16.17 3.08
N ALA F 103 -0.01 -16.81 3.34
CA ALA F 103 -0.57 -17.76 2.38
C ALA F 103 -1.00 -17.04 1.10
N VAL F 104 -1.60 -15.86 1.23
CA VAL F 104 -2.00 -15.10 0.04
C VAL F 104 -0.76 -14.70 -0.75
N GLY F 105 0.30 -14.27 -0.07
CA GLY F 105 1.53 -13.96 -0.75
C GLY F 105 2.15 -15.16 -1.45
N ALA F 106 2.07 -16.33 -0.81
CA ALA F 106 2.57 -17.55 -1.44
C ALA F 106 1.69 -17.99 -2.59
N ALA F 107 0.36 -17.78 -2.48
CA ALA F 107 -0.54 -18.18 -3.55
C ALA F 107 -0.28 -17.38 -4.82
N LEU F 108 -0.15 -16.07 -4.70
CA LEU F 108 0.12 -15.20 -5.84
C LEU F 108 1.59 -15.03 -6.11
N TRP F 109 2.45 -15.66 -5.33
CA TRP F 109 3.90 -15.58 -5.46
C TRP F 109 4.38 -14.14 -5.42
N LEU F 110 4.15 -13.49 -4.29
CA LEU F 110 4.65 -12.16 -4.02
C LEU F 110 5.67 -12.25 -2.89
N PRO F 111 6.97 -12.26 -3.18
CA PRO F 111 7.96 -12.43 -2.12
C PRO F 111 7.89 -11.38 -1.03
N TRP F 112 7.55 -10.13 -1.38
CA TRP F 112 7.40 -9.09 -0.37
C TRP F 112 6.25 -9.40 0.57
N LEU F 113 5.14 -9.90 0.04
CA LEU F 113 4.01 -10.26 0.88
C LEU F 113 4.32 -11.48 1.74
N ILE F 114 5.10 -12.43 1.20
CA ILE F 114 5.53 -13.58 1.99
C ILE F 114 6.41 -13.12 3.15
N ALA F 115 7.36 -12.22 2.88
CA ALA F 115 8.24 -11.73 3.92
C ALA F 115 7.46 -10.99 5.00
N ALA F 116 6.48 -10.17 4.58
CA ALA F 116 5.63 -9.49 5.55
C ALA F 116 4.82 -10.48 6.37
N GLY F 117 4.29 -11.52 5.72
CA GLY F 117 3.51 -12.50 6.45
C GLY F 117 4.32 -13.27 7.48
N VAL F 118 5.55 -13.66 7.11
CA VAL F 118 6.41 -14.37 8.05
C VAL F 118 6.75 -13.49 9.24
N ALA F 119 7.06 -12.21 8.99
CA ALA F 119 7.33 -11.29 10.08
C ALA F 119 6.09 -11.08 10.94
N PHE F 120 4.92 -11.01 10.31
CA PHE F 120 3.67 -10.87 11.07
C PHE F 120 3.41 -12.09 11.93
N VAL F 121 3.67 -13.29 11.40
CA VAL F 121 3.44 -14.51 12.16
C VAL F 121 4.35 -14.56 13.39
N ILE F 122 5.63 -14.21 13.21
CA ILE F 122 6.57 -14.23 14.32
C ILE F 122 6.15 -13.26 15.41
N THR F 123 5.75 -12.04 15.02
CA THR F 123 5.29 -11.07 16.00
C THR F 123 4.00 -11.52 16.67
N SER F 124 3.08 -12.08 15.89
CA SER F 124 1.81 -12.55 16.46
C SER F 124 2.02 -13.73 17.39
N VAL F 125 2.89 -14.66 17.02
CA VAL F 125 3.18 -15.81 17.88
C VAL F 125 3.89 -15.35 19.14
N CYS F 126 4.78 -14.36 19.02
CA CYS F 126 5.45 -13.82 20.19
C CYS F 126 4.46 -13.22 21.18
N GLY F 127 3.46 -12.51 20.67
CA GLY F 127 2.46 -11.93 21.55
C GLY F 127 1.66 -12.99 22.31
N LEU F 128 1.30 -14.07 21.63
CA LEU F 128 0.57 -15.15 22.30
C LEU F 128 1.42 -15.82 23.37
N VAL F 129 2.69 -16.07 23.08
CA VAL F 129 3.56 -16.75 24.03
C VAL F 129 3.85 -15.86 25.24
N PHE F 130 4.06 -14.57 25.01
CA PHE F 130 4.44 -13.65 26.08
C PHE F 130 3.25 -12.97 26.75
N GLU F 131 2.02 -13.32 26.37
CA GLU F 131 0.86 -12.56 26.83
C GLU F 131 0.73 -12.60 28.34
N TYR F 132 0.89 -13.77 28.95
CA TYR F 132 0.73 -13.94 30.38
C TYR F 132 2.05 -14.00 31.11
N TYR F 133 3.11 -13.43 30.52
CA TYR F 133 4.42 -13.38 31.17
C TYR F 133 5.05 -11.99 31.17
N TRP F 134 4.51 -11.03 30.43
CA TRP F 134 5.01 -9.66 30.49
C TRP F 134 4.83 -9.10 31.89
N GLY F 135 5.89 -8.49 32.43
CA GLY F 135 5.81 -7.85 33.72
C GLY F 135 5.23 -6.46 33.64
N PRO F 136 5.04 -5.85 34.80
CA PRO F 136 4.53 -4.48 34.83
C PRO F 136 5.55 -3.51 34.25
N GLU F 137 5.04 -2.41 33.70
CA GLU F 137 5.91 -1.39 33.12
C GLU F 137 6.75 -0.73 34.22
N LYS F 138 8.00 -0.42 33.88
CA LYS F 138 9.00 0.00 34.86
C LYS F 138 9.15 1.50 35.00
N HIS F 139 8.76 2.28 33.99
CA HIS F 139 8.98 3.73 33.98
C HIS F 139 10.45 4.08 34.23
N GLU G 10 -43.90 -19.69 49.03
CA GLU G 10 -42.89 -20.13 48.06
C GLU G 10 -43.06 -19.39 46.74
N LEU G 11 -43.12 -18.07 46.80
CA LEU G 11 -43.27 -17.23 45.62
C LEU G 11 -41.90 -16.70 45.23
N GLU G 12 -41.42 -17.12 44.06
CA GLU G 12 -40.10 -16.73 43.56
C GLU G 12 -40.30 -15.84 42.33
N ALA G 13 -39.69 -14.66 42.36
CA ALA G 13 -39.91 -13.66 41.31
C ALA G 13 -39.19 -14.06 40.03
N ARG G 14 -39.89 -13.95 38.91
CA ARG G 14 -39.35 -14.26 37.60
C ARG G 14 -39.74 -13.15 36.61
N ARG G 15 -39.00 -13.06 35.53
CA ARG G 15 -39.43 -12.12 34.52
C ARG G 15 -40.58 -12.69 33.71
N PRO G 16 -41.46 -11.85 33.19
CA PRO G 16 -42.54 -12.35 32.32
C PRO G 16 -42.02 -13.10 31.10
N PHE G 17 -40.87 -12.68 30.56
CA PHE G 17 -40.23 -13.35 29.44
C PHE G 17 -38.73 -13.16 29.58
N PRO G 18 -37.93 -14.15 29.20
CA PRO G 18 -36.48 -13.98 29.25
C PRO G 18 -36.01 -12.90 28.28
N GLU G 19 -34.85 -12.34 28.58
CA GLU G 19 -34.29 -11.28 27.74
C GLU G 19 -34.07 -11.78 26.32
N ARG G 20 -34.55 -11.00 25.34
CA ARG G 20 -34.46 -11.42 23.96
C ARG G 20 -33.02 -11.41 23.46
N MET G 21 -32.31 -10.31 23.70
CA MET G 21 -30.92 -10.17 23.29
C MET G 21 -30.18 -9.35 24.33
N GLY G 22 -28.86 -9.50 24.33
CA GLY G 22 -28.01 -8.72 25.21
C GLY G 22 -27.99 -7.26 24.80
N PRO G 23 -27.49 -6.40 25.68
CA PRO G 23 -27.44 -4.97 25.35
C PRO G 23 -26.42 -4.67 24.26
N LYS G 24 -26.30 -3.40 23.87
CA LYS G 24 -25.34 -3.02 22.86
C LYS G 24 -23.93 -3.30 23.34
N GLY G 25 -23.12 -3.92 22.50
CA GLY G 25 -21.77 -4.30 22.86
C GLY G 25 -21.65 -5.59 23.65
N ASN G 26 -22.65 -6.46 23.61
CA ASN G 26 -22.60 -7.68 24.42
C ASN G 26 -21.84 -8.79 23.71
N LEU G 27 -21.55 -8.65 22.43
CA LEU G 27 -21.03 -9.77 21.65
C LEU G 27 -19.76 -9.46 20.88
N ILE G 28 -19.60 -8.23 20.35
CA ILE G 28 -18.58 -7.97 19.34
C ILE G 28 -17.17 -8.16 19.91
N TYR G 29 -16.91 -7.67 21.12
CA TYR G 29 -15.58 -7.86 21.70
C TYR G 29 -15.37 -9.29 22.15
N LYS G 30 -16.44 -9.99 22.53
CA LYS G 30 -16.32 -11.40 22.89
C LYS G 30 -15.90 -12.24 21.68
N LEU G 31 -16.48 -11.94 20.51
CA LEU G 31 -16.24 -12.77 19.34
C LEU G 31 -14.76 -12.86 18.99
N ILE G 32 -14.04 -11.74 19.13
CA ILE G 32 -12.62 -11.72 18.76
C ILE G 32 -11.70 -12.02 19.93
N THR G 33 -12.22 -12.14 21.15
CA THR G 33 -11.39 -12.39 22.32
C THR G 33 -11.82 -13.61 23.14
N THR G 34 -12.88 -14.30 22.74
CA THR G 34 -13.39 -15.40 23.57
C THR G 34 -12.43 -16.58 23.58
N THR G 35 -12.31 -17.21 24.75
CA THR G 35 -11.68 -18.51 24.89
C THR G 35 -12.69 -19.56 25.36
N ASP G 36 -13.97 -19.20 25.39
CA ASP G 36 -15.02 -20.11 25.83
C ASP G 36 -15.42 -21.02 24.67
N HIS G 37 -15.34 -22.33 24.91
CA HIS G 37 -15.66 -23.36 23.89
C HIS G 37 -17.14 -23.27 23.50
N LYS G 38 -18.01 -22.85 24.43
CA LYS G 38 -19.43 -22.76 24.14
C LYS G 38 -19.71 -21.69 23.10
N LEU G 39 -19.12 -20.50 23.28
CA LEU G 39 -19.28 -19.45 22.27
C LEU G 39 -18.57 -19.82 20.98
N ILE G 40 -17.36 -20.39 21.08
CA ILE G 40 -16.62 -20.78 19.89
C ILE G 40 -17.37 -21.86 19.12
N GLY G 41 -17.96 -22.82 19.82
CA GLY G 41 -18.76 -23.84 19.17
C GLY G 41 -19.96 -23.26 18.44
N ILE G 42 -20.62 -22.27 19.05
CA ILE G 42 -21.71 -21.57 18.38
C ILE G 42 -21.18 -20.82 17.17
N MET G 43 -19.99 -20.21 17.29
CA MET G 43 -19.41 -19.48 16.18
C MET G 43 -19.07 -20.39 15.01
N TYR G 44 -18.80 -21.65 15.32
CA TYR G 44 -18.51 -22.64 14.27
C TYR G 44 -19.80 -23.05 13.55
N CYS G 45 -20.94 -23.08 14.22
CA CYS G 45 -22.20 -23.48 13.60
C CYS G 45 -22.73 -22.40 12.66
N VAL G 46 -22.64 -21.13 13.06
CA VAL G 46 -23.15 -20.05 12.23
C VAL G 46 -22.34 -19.92 10.95
N VAL G 47 -21.01 -19.94 11.08
CA VAL G 47 -20.15 -19.77 9.90
C VAL G 47 -20.22 -21.01 9.00
N CYS G 48 -20.27 -22.20 9.59
CA CYS G 48 -20.36 -23.43 8.77
C CYS G 48 -21.70 -23.49 8.10
N PHE G 49 -22.72 -22.92 8.73
CA PHE G 49 -24.05 -22.93 8.10
C PHE G 49 -24.14 -21.82 7.06
N ALA G 50 -23.24 -20.83 7.11
CA ALA G 50 -23.22 -19.79 6.07
C ALA G 50 -22.51 -20.40 4.86
N PHE G 51 -21.42 -21.13 5.08
CA PHE G 51 -20.72 -21.77 3.98
C PHE G 51 -21.60 -22.82 3.31
N PHE G 52 -22.39 -23.56 4.10
CA PHE G 52 -23.32 -24.53 3.54
C PHE G 52 -24.32 -23.85 2.63
N LEU G 53 -24.83 -22.69 3.03
CA LEU G 53 -25.71 -21.92 2.16
C LEU G 53 -24.97 -21.44 0.92
N VAL G 54 -23.72 -20.99 1.06
CA VAL G 54 -22.97 -20.50 -0.08
C VAL G 54 -22.72 -21.62 -1.08
N GLY G 55 -22.28 -22.78 -0.59
CA GLY G 55 -22.02 -23.91 -1.48
C GLY G 55 -23.28 -24.45 -2.13
N GLY G 56 -24.40 -24.40 -1.40
CA GLY G 56 -25.66 -24.87 -1.96
C GLY G 56 -26.11 -24.04 -3.16
N LEU G 57 -25.82 -22.74 -3.14
CA LEU G 57 -26.14 -21.90 -4.30
C LEU G 57 -25.36 -22.36 -5.53
N MET G 58 -24.12 -22.82 -5.33
CA MET G 58 -23.33 -23.32 -6.45
C MET G 58 -23.97 -24.55 -7.09
N ALA G 59 -24.47 -25.46 -6.25
CA ALA G 59 -25.13 -26.66 -6.77
C ALA G 59 -26.44 -26.31 -7.48
N LEU G 60 -27.13 -25.27 -7.00
CA LEU G 60 -28.35 -24.83 -7.67
C LEU G 60 -28.05 -24.31 -9.07
N PHE G 61 -26.93 -23.61 -9.24
CA PHE G 61 -26.55 -23.12 -10.56
C PHE G 61 -26.25 -24.27 -11.51
N MET G 62 -25.48 -25.27 -11.04
CA MET G 62 -25.19 -26.42 -11.88
C MET G 62 -26.47 -27.21 -12.19
N ARG G 63 -27.29 -27.45 -11.17
CA ARG G 63 -28.46 -28.29 -11.34
C ARG G 63 -29.46 -27.63 -12.28
N THR G 64 -29.56 -26.30 -12.23
CA THR G 64 -30.38 -25.58 -13.19
C THR G 64 -29.82 -25.71 -14.60
N GLU G 65 -28.49 -25.64 -14.75
CA GLU G 65 -27.88 -25.77 -16.05
C GLU G 65 -28.06 -27.17 -16.62
N LEU G 66 -28.00 -28.19 -15.78
CA LEU G 66 -28.12 -29.57 -16.24
C LEU G 66 -29.57 -29.97 -16.52
N ALA G 67 -30.54 -29.09 -16.23
CA ALA G 67 -31.94 -29.43 -16.47
C ALA G 67 -32.22 -29.65 -17.94
N MET G 68 -31.61 -28.84 -18.81
CA MET G 68 -31.85 -28.92 -20.24
C MET G 68 -30.55 -29.12 -21.01
N PRO G 69 -30.59 -29.80 -22.15
CA PRO G 69 -29.39 -29.88 -22.99
C PRO G 69 -29.03 -28.52 -23.55
N GLY G 70 -27.72 -28.32 -23.76
CA GLY G 70 -27.21 -27.04 -24.20
C GLY G 70 -26.92 -26.10 -23.04
N LEU G 71 -25.98 -25.19 -23.28
CA LEU G 71 -25.54 -24.23 -22.27
C LEU G 71 -26.44 -23.02 -22.34
N GLN G 72 -27.34 -22.89 -21.36
CA GLN G 72 -28.31 -21.78 -21.37
C GLN G 72 -27.69 -20.51 -20.79
N PHE G 73 -27.03 -20.60 -19.64
CA PHE G 73 -26.44 -19.42 -19.02
C PHE G 73 -25.03 -19.63 -18.49
N LEU G 74 -24.53 -20.86 -18.38
CA LEU G 74 -23.19 -21.12 -17.90
C LEU G 74 -22.28 -21.59 -19.03
N SER G 75 -21.00 -21.28 -18.88
CA SER G 75 -19.98 -21.80 -19.79
C SER G 75 -19.37 -23.08 -19.21
N ASN G 76 -18.54 -23.74 -20.01
CA ASN G 76 -17.86 -24.93 -19.53
C ASN G 76 -16.92 -24.60 -18.38
N GLU G 77 -16.18 -23.48 -18.50
CA GLU G 77 -15.24 -23.08 -17.47
C GLU G 77 -15.96 -22.78 -16.15
N GLN G 78 -17.07 -22.04 -16.23
CA GLN G 78 -17.81 -21.69 -15.01
C GLN G 78 -18.38 -22.94 -14.35
N PHE G 79 -18.93 -23.86 -15.14
CA PHE G 79 -19.45 -25.10 -14.57
C PHE G 79 -18.33 -25.91 -13.92
N ASN G 80 -17.17 -25.97 -14.57
CA ASN G 80 -16.04 -26.69 -13.99
C ASN G 80 -15.61 -26.07 -12.67
N GLN G 81 -15.59 -24.73 -12.61
CA GLN G 81 -15.29 -24.06 -11.34
C GLN G 81 -16.36 -24.34 -10.30
N LEU G 82 -17.60 -24.55 -10.72
CA LEU G 82 -18.71 -24.67 -9.77
C LEU G 82 -18.64 -25.96 -8.95
N PHE G 83 -18.44 -27.12 -9.59
CA PHE G 83 -18.45 -28.36 -8.83
C PHE G 83 -17.18 -28.52 -8.01
N THR G 84 -16.07 -27.92 -8.47
CA THR G 84 -14.85 -27.92 -7.69
C THR G 84 -15.07 -27.16 -6.38
N MET G 85 -15.57 -25.94 -6.46
CA MET G 85 -15.73 -25.11 -5.27
C MET G 85 -16.90 -25.55 -4.42
N HIS G 86 -17.94 -26.09 -5.07
CA HIS G 86 -19.15 -26.61 -4.39
C HIS G 86 -18.75 -27.77 -3.49
N GLY G 87 -17.96 -28.69 -4.01
CA GLY G 87 -17.45 -29.82 -3.27
C GLY G 87 -16.45 -29.42 -2.21
N THR G 88 -15.56 -28.46 -2.54
CA THR G 88 -14.59 -27.99 -1.55
C THR G 88 -15.28 -27.35 -0.36
N VAL G 89 -16.31 -26.54 -0.61
CA VAL G 89 -17.02 -25.86 0.46
C VAL G 89 -17.78 -26.86 1.32
N MET G 90 -18.44 -27.85 0.70
CA MET G 90 -19.22 -28.80 1.48
C MET G 90 -18.34 -29.74 2.27
N LEU G 91 -17.23 -30.20 1.69
CA LEU G 91 -16.42 -31.22 2.35
C LEU G 91 -15.48 -30.62 3.38
N LEU G 92 -14.79 -29.53 3.01
CA LEU G 92 -13.78 -28.95 3.87
C LEU G 92 -14.23 -27.69 4.61
N PHE G 93 -15.22 -26.96 4.08
CA PHE G 93 -15.65 -25.72 4.73
C PHE G 93 -16.96 -25.86 5.50
N TYR G 94 -17.68 -26.97 5.34
CA TYR G 94 -18.91 -27.19 6.11
C TYR G 94 -18.82 -28.44 6.98
N ALA G 95 -18.46 -29.58 6.42
CA ALA G 95 -18.56 -30.84 7.16
C ALA G 95 -17.43 -31.00 8.16
N THR G 96 -16.19 -30.83 7.72
CA THR G 96 -15.04 -30.98 8.63
C THR G 96 -15.08 -30.00 9.79
N PRO G 97 -15.37 -28.71 9.62
CA PRO G 97 -15.36 -27.81 10.78
C PRO G 97 -16.51 -28.05 11.75
N ILE G 98 -17.69 -28.40 11.25
CA ILE G 98 -18.84 -28.57 12.14
C ILE G 98 -18.66 -29.81 13.01
N VAL G 99 -17.76 -30.71 12.63
CA VAL G 99 -17.34 -31.79 13.53
C VAL G 99 -16.79 -31.19 14.82
N PHE G 100 -15.91 -30.21 14.70
CA PHE G 100 -15.43 -29.47 15.86
C PHE G 100 -16.44 -28.44 16.35
N GLY G 101 -17.46 -28.13 15.53
CA GLY G 101 -18.54 -27.30 16.01
C GLY G 101 -19.33 -27.96 17.11
N PHE G 102 -19.66 -29.24 16.92
CA PHE G 102 -20.37 -29.99 17.95
C PHE G 102 -19.44 -30.37 19.09
N ALA G 103 -18.13 -30.49 18.80
CA ALA G 103 -17.16 -30.83 19.84
C ALA G 103 -17.05 -29.74 20.89
N ASN G 104 -16.97 -28.48 20.46
CA ASN G 104 -16.87 -27.39 21.42
C ASN G 104 -18.18 -27.13 22.14
N LEU G 105 -19.29 -27.63 21.60
CA LEU G 105 -20.59 -27.38 22.23
C LEU G 105 -20.79 -28.25 23.46
N VAL G 106 -20.51 -29.54 23.36
CA VAL G 106 -20.91 -30.48 24.40
C VAL G 106 -19.77 -31.34 24.95
N LEU G 107 -18.65 -31.53 24.24
CA LEU G 107 -17.65 -32.48 24.72
C LEU G 107 -17.08 -32.12 26.10
N PRO G 108 -16.69 -30.88 26.39
CA PRO G 108 -16.33 -30.56 27.78
C PRO G 108 -17.47 -30.79 28.75
N LEU G 109 -18.71 -30.56 28.34
CA LEU G 109 -19.86 -30.88 29.19
C LEU G 109 -20.01 -32.38 29.37
N GLN G 110 -19.77 -33.15 28.31
CA GLN G 110 -19.98 -34.60 28.37
C GLN G 110 -19.01 -35.27 29.33
N ILE G 111 -17.77 -34.78 29.41
CA ILE G 111 -16.78 -35.36 30.30
C ILE G 111 -16.69 -34.64 31.64
N GLY G 112 -17.59 -33.70 31.90
CA GLY G 112 -17.56 -32.96 33.16
C GLY G 112 -16.36 -32.05 33.31
N ALA G 113 -15.95 -31.39 32.24
CA ALA G 113 -14.80 -30.50 32.25
C ALA G 113 -15.25 -29.05 32.24
N PRO G 114 -14.44 -28.15 32.81
CA PRO G 114 -14.79 -26.72 32.77
C PRO G 114 -14.37 -26.02 31.50
N ASP G 115 -13.41 -26.57 30.76
CA ASP G 115 -12.88 -25.92 29.57
C ASP G 115 -12.11 -26.96 28.77
N VAL G 116 -11.70 -26.56 27.56
CA VAL G 116 -10.86 -27.40 26.72
C VAL G 116 -9.43 -27.30 27.24
N ALA G 117 -8.56 -28.19 26.77
CA ALA G 117 -7.18 -28.21 27.25
C ALA G 117 -6.44 -26.92 26.92
N PHE G 118 -6.61 -26.41 25.70
CA PHE G 118 -5.91 -25.22 25.24
C PHE G 118 -6.93 -24.22 24.72
N PRO G 119 -7.45 -23.35 25.60
CA PRO G 119 -8.50 -22.41 25.16
C PRO G 119 -8.06 -21.46 24.06
N ARG G 120 -6.81 -20.99 24.08
CA ARG G 120 -6.36 -20.06 23.05
C ARG G 120 -6.08 -20.78 21.74
N LEU G 121 -5.56 -22.00 21.81
CA LEU G 121 -5.38 -22.79 20.60
C LEU G 121 -6.72 -23.15 19.98
N ASN G 122 -7.74 -23.33 20.81
CA ASN G 122 -9.09 -23.59 20.31
C ASN G 122 -9.60 -22.41 19.49
N ALA G 123 -9.38 -21.19 20.00
CA ALA G 123 -9.81 -20.00 19.28
C ALA G 123 -9.00 -19.80 18.01
N LEU G 124 -7.72 -20.18 18.03
CA LEU G 124 -6.89 -20.05 16.84
C LEU G 124 -7.41 -20.92 15.70
N SER G 125 -7.94 -22.10 16.02
CA SER G 125 -8.46 -22.99 14.99
C SER G 125 -9.62 -22.35 14.24
N PHE G 126 -10.52 -21.67 14.96
CA PHE G 126 -11.67 -21.06 14.33
C PHE G 126 -11.24 -20.02 13.30
N TRP G 127 -10.32 -19.14 13.68
CA TRP G 127 -9.92 -18.07 12.78
C TRP G 127 -9.05 -18.58 11.64
N LEU G 128 -8.19 -19.57 11.91
CA LEU G 128 -7.43 -20.20 10.84
C LEU G 128 -8.37 -20.81 9.81
N PHE G 129 -9.45 -21.43 10.30
CA PHE G 129 -10.49 -22.06 9.45
C PHE G 129 -11.31 -21.01 8.71
N LEU G 130 -11.62 -19.86 9.30
CA LEU G 130 -12.45 -18.85 8.66
C LEU G 130 -11.68 -18.10 7.59
N PHE G 131 -10.43 -17.76 7.89
CA PHE G 131 -9.62 -17.04 6.90
C PHE G 131 -9.08 -17.97 5.82
N GLY G 132 -8.83 -19.25 6.15
CA GLY G 132 -8.43 -20.19 5.13
C GLY G 132 -9.52 -20.48 4.12
N ALA G 133 -10.76 -20.61 4.62
CA ALA G 133 -11.89 -20.82 3.71
C ALA G 133 -12.13 -19.61 2.82
N LEU G 134 -11.96 -18.40 3.37
CA LEU G 134 -12.17 -17.19 2.60
C LEU G 134 -11.13 -17.05 1.49
N ILE G 135 -9.89 -17.49 1.75
CA ILE G 135 -8.85 -17.41 0.73
C ILE G 135 -9.21 -18.26 -0.48
N ALA G 136 -9.66 -19.50 -0.24
CA ALA G 136 -10.00 -20.39 -1.34
C ALA G 136 -11.22 -19.88 -2.11
N ILE G 137 -12.22 -19.36 -1.40
CA ILE G 137 -13.42 -18.84 -2.06
C ILE G 137 -13.09 -17.58 -2.84
N ALA G 138 -12.10 -16.81 -2.39
CA ALA G 138 -11.73 -15.55 -3.04
C ALA G 138 -11.25 -15.73 -4.47
N GLY G 139 -11.10 -16.97 -4.94
CA GLY G 139 -10.77 -17.18 -6.34
C GLY G 139 -11.88 -16.74 -7.28
N PHE G 140 -13.12 -16.70 -6.78
CA PHE G 140 -14.26 -16.32 -7.62
C PHE G 140 -14.24 -14.86 -8.01
N ILE G 141 -13.47 -14.02 -7.30
CA ILE G 141 -13.38 -12.61 -7.65
C ILE G 141 -12.26 -12.33 -8.64
N THR G 142 -11.42 -13.31 -8.93
CA THR G 142 -10.40 -13.17 -9.95
C THR G 142 -11.03 -13.30 -11.33
N PRO G 143 -10.47 -12.60 -12.33
CA PRO G 143 -11.05 -12.69 -13.69
C PRO G 143 -11.07 -14.10 -14.25
N GLY G 144 -10.02 -14.88 -13.99
CA GLY G 144 -10.00 -16.25 -14.46
C GLY G 144 -11.04 -17.12 -13.78
N GLY G 145 -11.25 -16.89 -12.49
CA GLY G 145 -12.19 -17.65 -11.69
C GLY G 145 -11.47 -18.50 -10.66
N ALA G 146 -12.26 -19.33 -9.97
CA ALA G 146 -11.73 -20.18 -8.93
C ALA G 146 -11.18 -21.48 -9.54
N ALA G 147 -10.86 -22.44 -8.67
CA ALA G 147 -10.35 -23.72 -9.12
C ALA G 147 -11.40 -24.47 -9.92
N ASP G 148 -10.96 -25.15 -10.99
CA ASP G 148 -11.87 -25.85 -11.88
C ASP G 148 -11.42 -27.27 -12.19
N PHE G 149 -10.52 -27.84 -11.39
CA PHE G 149 -10.01 -29.19 -11.62
C PHE G 149 -10.65 -30.23 -10.71
N GLY G 150 -11.74 -29.88 -10.04
CA GLY G 150 -12.37 -30.78 -9.10
C GLY G 150 -11.68 -30.75 -7.75
N TRP G 151 -12.46 -31.10 -6.71
CA TRP G 151 -11.89 -31.12 -5.37
C TRP G 151 -10.83 -32.19 -5.21
N THR G 152 -10.82 -33.21 -6.08
CA THR G 152 -9.78 -34.22 -6.07
C THR G 152 -8.44 -33.67 -6.53
N ALA G 153 -8.44 -32.66 -7.39
CA ALA G 153 -7.24 -31.98 -7.86
C ALA G 153 -6.22 -32.96 -8.45
N TYR G 154 -6.72 -33.79 -9.36
CA TYR G 154 -5.87 -34.79 -10.00
C TYR G 154 -4.78 -34.12 -10.83
N SER G 155 -3.58 -34.69 -10.78
CA SER G 155 -2.36 -34.34 -11.49
C SER G 155 -2.26 -35.14 -12.78
N PRO G 156 -1.68 -34.58 -13.86
CA PRO G 156 -1.07 -33.25 -13.98
C PRO G 156 -2.05 -32.15 -14.40
N LEU G 157 -3.35 -32.37 -14.19
CA LEU G 157 -4.32 -31.33 -14.51
C LEU G 157 -4.12 -30.09 -13.65
N THR G 158 -3.60 -30.27 -12.43
CA THR G 158 -3.35 -29.15 -11.53
C THR G 158 -1.99 -28.49 -11.77
N ASP G 159 -1.20 -28.99 -12.72
CA ASP G 159 0.09 -28.40 -13.01
C ASP G 159 -0.09 -27.01 -13.61
N ALA G 160 0.94 -26.18 -13.44
CA ALA G 160 0.88 -24.80 -13.94
C ALA G 160 0.67 -24.76 -15.45
N ILE G 161 1.09 -25.80 -16.16
CA ILE G 161 0.84 -25.87 -17.60
C ILE G 161 -0.67 -25.98 -17.86
N HIS G 162 -1.36 -26.82 -17.11
CA HIS G 162 -2.78 -27.07 -17.35
C HIS G 162 -3.70 -26.25 -16.47
N SER G 163 -3.22 -25.73 -15.34
CA SER G 163 -4.01 -24.86 -14.47
C SER G 163 -3.17 -23.64 -14.12
N PRO G 164 -2.96 -22.72 -15.06
CA PRO G 164 -2.09 -21.57 -14.80
C PRO G 164 -2.71 -20.49 -13.95
N GLY G 165 -4.03 -20.50 -13.75
CA GLY G 165 -4.70 -19.41 -13.07
C GLY G 165 -4.33 -19.33 -11.60
N ALA G 166 -4.59 -18.14 -11.03
CA ALA G 166 -4.37 -17.91 -9.62
C ALA G 166 -5.48 -18.50 -8.75
N GLY G 167 -6.61 -18.85 -9.34
CA GLY G 167 -7.68 -19.47 -8.56
C GLY G 167 -7.28 -20.81 -7.97
N GLY G 168 -6.55 -21.61 -8.74
CA GLY G 168 -6.03 -22.87 -8.22
C GLY G 168 -5.01 -22.67 -7.12
N ASP G 169 -4.15 -21.66 -7.26
CA ASP G 169 -3.16 -21.37 -6.23
C ASP G 169 -3.81 -20.93 -4.93
N LEU G 170 -4.84 -20.08 -5.02
CA LEU G 170 -5.58 -19.69 -3.83
C LEU G 170 -6.28 -20.89 -3.20
N TRP G 171 -6.75 -21.81 -4.03
CA TRP G 171 -7.38 -23.04 -3.53
C TRP G 171 -6.38 -23.88 -2.74
N ILE G 172 -5.14 -23.97 -3.23
CA ILE G 172 -4.13 -24.76 -2.54
C ILE G 172 -3.76 -24.13 -1.20
N MET G 173 -3.49 -22.81 -1.21
CA MET G 173 -3.07 -22.14 0.01
C MET G 173 -4.20 -22.01 1.02
N GLY G 174 -5.44 -21.82 0.54
CA GLY G 174 -6.57 -21.76 1.45
C GLY G 174 -6.79 -23.07 2.18
N LEU G 175 -6.58 -24.20 1.49
CA LEU G 175 -6.72 -25.50 2.13
C LEU G 175 -5.63 -25.71 3.18
N ALA G 176 -4.42 -25.24 2.90
CA ALA G 176 -3.32 -25.42 3.86
C ALA G 176 -3.58 -24.69 5.16
N VAL G 177 -4.10 -23.46 5.07
CA VAL G 177 -4.39 -22.69 6.29
C VAL G 177 -5.50 -23.35 7.09
N GLY G 178 -6.59 -23.76 6.41
CA GLY G 178 -7.66 -24.43 7.11
C GLY G 178 -7.25 -25.80 7.64
N GLY G 179 -6.39 -26.50 6.93
CA GLY G 179 -5.92 -27.80 7.41
C GLY G 179 -5.12 -27.69 8.69
N LEU G 180 -4.35 -26.60 8.84
CA LEU G 180 -3.60 -26.38 10.08
C LEU G 180 -4.55 -26.21 11.26
N GLY G 181 -5.64 -25.47 11.06
CA GLY G 181 -6.62 -25.32 12.12
C GLY G 181 -7.27 -26.63 12.51
N THR G 182 -7.56 -27.48 11.53
CA THR G 182 -8.14 -28.79 11.81
C THR G 182 -7.17 -29.66 12.61
N ILE G 183 -5.89 -29.62 12.26
CA ILE G 183 -4.90 -30.40 13.00
C ILE G 183 -4.82 -29.93 14.45
N LEU G 184 -4.79 -28.61 14.65
CA LEU G 184 -4.74 -28.08 16.01
C LEU G 184 -5.99 -28.42 16.80
N GLY G 185 -7.16 -28.37 16.15
CA GLY G 185 -8.38 -28.78 16.82
C GLY G 185 -8.38 -30.24 17.20
N GLY G 186 -7.85 -31.10 16.34
CA GLY G 186 -7.71 -32.51 16.68
C GLY G 186 -6.75 -32.72 17.83
N VAL G 187 -5.67 -31.95 17.88
CA VAL G 187 -4.73 -32.02 18.99
C VAL G 187 -5.41 -31.59 20.29
N ASN G 188 -6.24 -30.56 20.21
CA ASN G 188 -6.93 -30.07 21.40
C ASN G 188 -7.90 -31.12 21.94
N MET G 189 -8.61 -31.80 21.04
CA MET G 189 -9.65 -32.74 21.47
C MET G 189 -9.05 -34.01 22.07
N ILE G 190 -7.92 -34.48 21.55
CA ILE G 190 -7.28 -35.64 22.17
C ILE G 190 -6.82 -35.28 23.58
N THR G 191 -6.17 -34.13 23.74
CA THR G 191 -5.67 -33.74 25.05
C THR G 191 -6.79 -33.52 26.04
N THR G 192 -7.90 -32.92 25.58
CA THR G 192 -9.01 -32.63 26.49
C THR G 192 -9.63 -33.91 27.04
N VAL G 193 -9.78 -34.93 26.20
CA VAL G 193 -10.40 -36.18 26.64
C VAL G 193 -9.49 -36.90 27.63
N VAL G 194 -8.18 -36.88 27.38
CA VAL G 194 -7.23 -37.60 28.23
C VAL G 194 -7.02 -36.94 29.59
N CYS G 195 -7.08 -35.61 29.67
CA CYS G 195 -6.65 -34.91 30.87
C CYS G 195 -7.76 -34.19 31.64
N MET G 196 -8.90 -33.89 31.02
CA MET G 196 -9.90 -33.04 31.66
C MET G 196 -11.14 -33.80 32.11
N ARG G 197 -11.06 -35.13 32.21
CA ARG G 197 -12.21 -35.91 32.65
C ARG G 197 -12.50 -35.67 34.12
N ALA G 198 -13.79 -35.64 34.46
CA ALA G 198 -14.22 -35.43 35.83
C ALA G 198 -13.93 -36.67 36.67
N PRO G 199 -13.78 -36.52 37.99
CA PRO G 199 -13.55 -37.68 38.84
C PRO G 199 -14.68 -38.69 38.73
N GLY G 200 -14.32 -39.96 38.56
CA GLY G 200 -15.28 -41.02 38.37
C GLY G 200 -15.68 -41.28 36.93
N MET G 201 -15.29 -40.40 36.00
CA MET G 201 -15.59 -40.59 34.58
C MET G 201 -14.43 -41.33 33.93
N THR G 202 -14.53 -42.65 33.94
CA THR G 202 -13.51 -43.50 33.32
C THR G 202 -13.66 -43.44 31.80
N MET G 203 -12.69 -44.07 31.13
CA MET G 203 -12.70 -44.07 29.66
C MET G 203 -13.95 -44.77 29.12
N PHE G 204 -14.35 -45.87 29.75
CA PHE G 204 -15.51 -46.62 29.31
C PHE G 204 -16.81 -46.16 29.96
N ARG G 205 -16.85 -44.93 30.48
CA ARG G 205 -18.09 -44.31 30.92
C ARG G 205 -18.42 -43.04 30.12
N MET G 206 -17.55 -42.64 29.20
CA MET G 206 -17.81 -41.46 28.40
C MET G 206 -18.93 -41.73 27.40
N PRO G 207 -19.63 -40.68 26.97
CA PRO G 207 -20.65 -40.85 25.93
C PRO G 207 -20.03 -41.29 24.61
N ILE G 208 -20.86 -41.92 23.77
CA ILE G 208 -20.40 -42.39 22.47
C ILE G 208 -19.92 -41.22 21.61
N PHE G 209 -20.57 -40.07 21.71
CA PHE G 209 -20.13 -38.90 20.96
C PHE G 209 -18.72 -38.50 21.36
N THR G 210 -18.40 -38.52 22.65
CA THR G 210 -17.05 -38.21 23.10
C THR G 210 -16.06 -39.24 22.57
N TRP G 211 -16.44 -40.53 22.57
CA TRP G 211 -15.58 -41.56 22.02
C TRP G 211 -15.32 -41.35 20.54
N ASN G 212 -16.37 -40.98 19.80
CA ASN G 212 -16.29 -40.77 18.34
C ASN G 212 -15.37 -39.58 18.02
N ILE G 213 -15.48 -38.49 18.78
CA ILE G 213 -14.66 -37.30 18.53
C ILE G 213 -13.19 -37.59 18.81
N LEU G 214 -12.90 -38.28 19.92
CA LEU G 214 -11.52 -38.62 20.24
C LEU G 214 -10.90 -39.50 19.16
N VAL G 215 -11.66 -40.48 18.69
CA VAL G 215 -11.17 -41.36 17.63
C VAL G 215 -11.05 -40.60 16.32
N THR G 216 -12.00 -39.71 16.04
CA THR G 216 -11.93 -38.89 14.84
C THR G 216 -10.71 -37.98 14.85
N SER G 217 -10.39 -37.40 16.01
CA SER G 217 -9.24 -36.50 16.10
C SER G 217 -7.95 -37.23 15.77
N ILE G 218 -7.88 -38.53 16.08
CA ILE G 218 -6.72 -39.33 15.68
C ILE G 218 -6.64 -39.44 14.16
N LEU G 219 -7.79 -39.61 13.50
CA LEU G 219 -7.81 -39.70 12.05
C LEU G 219 -7.39 -38.39 11.40
N VAL G 220 -7.70 -37.27 12.04
CA VAL G 220 -7.28 -35.97 11.52
C VAL G 220 -5.75 -35.89 11.46
N LEU G 221 -5.09 -36.31 12.53
CA LEU G 221 -3.64 -36.23 12.63
C LEU G 221 -2.93 -37.11 11.61
N ILE G 222 -3.62 -38.09 11.04
CA ILE G 222 -3.04 -38.95 10.02
C ILE G 222 -3.32 -38.42 8.62
N ALA G 223 -4.55 -37.94 8.39
CA ALA G 223 -4.98 -37.57 7.05
C ALA G 223 -4.54 -36.17 6.67
N PHE G 224 -4.74 -35.19 7.56
CA PHE G 224 -4.53 -33.80 7.18
C PHE G 224 -3.06 -33.42 7.00
N PRO G 225 -2.14 -33.86 7.85
CA PRO G 225 -0.72 -33.54 7.58
C PRO G 225 -0.21 -34.05 6.24
N ILE G 226 -0.65 -35.23 5.81
CA ILE G 226 -0.19 -35.73 4.52
C ILE G 226 -0.81 -34.91 3.38
N LEU G 227 -2.05 -34.42 3.56
CA LEU G 227 -2.62 -33.52 2.58
C LEU G 227 -1.85 -32.21 2.50
N THR G 228 -1.44 -31.68 3.66
CA THR G 228 -0.63 -30.47 3.66
C THR G 228 0.71 -30.70 2.97
N ALA G 229 1.33 -31.86 3.21
CA ALA G 229 2.58 -32.19 2.53
C ALA G 229 2.38 -32.28 1.02
N ALA G 230 1.30 -32.92 0.58
CA ALA G 230 1.04 -33.05 -0.84
C ALA G 230 0.77 -31.70 -1.48
N LEU G 231 0.01 -30.84 -0.80
CA LEU G 231 -0.30 -29.52 -1.35
C LEU G 231 0.95 -28.66 -1.50
N PHE G 232 1.87 -28.74 -0.52
CA PHE G 232 3.11 -28.00 -0.62
C PHE G 232 3.98 -28.49 -1.78
N GLY G 233 3.96 -29.81 -2.04
CA GLY G 233 4.64 -30.32 -3.22
C GLY G 233 4.01 -29.82 -4.51
N LEU G 234 2.68 -29.73 -4.54
CA LEU G 234 1.99 -29.16 -5.69
C LEU G 234 2.33 -27.69 -5.87
N ALA G 235 2.41 -26.95 -4.75
CA ALA G 235 2.79 -25.54 -4.81
C ALA G 235 4.22 -25.38 -5.31
N ALA G 236 5.10 -26.31 -4.93
CA ALA G 236 6.48 -26.27 -5.42
C ALA G 236 6.52 -26.48 -6.93
N ASP G 237 5.72 -27.39 -7.45
CA ASP G 237 5.67 -27.63 -8.89
C ASP G 237 5.19 -26.39 -9.64
N ARG G 238 4.17 -25.73 -9.11
CA ARG G 238 3.55 -24.61 -9.82
C ARG G 238 4.38 -23.34 -9.76
N HIS G 239 5.15 -23.15 -8.69
CA HIS G 239 5.88 -21.91 -8.48
C HIS G 239 7.38 -22.04 -8.62
N LEU G 240 7.96 -23.19 -8.28
CA LEU G 240 9.39 -23.40 -8.38
C LEU G 240 9.80 -24.28 -9.56
N GLY G 241 8.84 -24.72 -10.37
CA GLY G 241 9.15 -25.59 -11.48
C GLY G 241 9.70 -26.94 -11.08
N ALA G 242 9.24 -27.50 -9.97
CA ALA G 242 9.71 -28.79 -9.51
C ALA G 242 9.08 -29.91 -10.33
N HIS G 243 9.60 -31.13 -10.14
CA HIS G 243 9.14 -32.31 -10.86
C HIS G 243 8.54 -33.36 -9.93
N ILE G 244 7.79 -32.93 -8.91
CA ILE G 244 7.24 -33.88 -7.94
C ILE G 244 6.17 -34.74 -8.60
N TYR G 245 5.24 -34.12 -9.32
CA TYR G 245 4.09 -34.81 -9.89
C TYR G 245 4.18 -34.91 -11.42
N ASP G 246 5.39 -34.99 -11.94
CA ASP G 246 5.58 -35.12 -13.39
C ASP G 246 5.25 -36.54 -13.81
N PRO G 247 4.39 -36.73 -14.82
CA PRO G 247 4.04 -38.12 -15.21
C PRO G 247 5.23 -39.00 -15.56
N ALA G 248 6.27 -38.44 -16.17
CA ALA G 248 7.46 -39.23 -16.47
C ALA G 248 8.19 -39.66 -15.20
N ASN G 249 7.97 -38.97 -14.09
CA ASN G 249 8.57 -39.30 -12.81
C ASN G 249 7.67 -40.17 -11.95
N GLY G 250 6.52 -40.58 -12.46
CA GLY G 250 5.56 -41.35 -11.68
C GLY G 250 4.64 -40.52 -10.82
N GLY G 251 4.46 -39.24 -11.13
CA GLY G 251 3.68 -38.36 -10.28
C GLY G 251 2.18 -38.44 -10.48
N VAL G 252 1.71 -39.12 -11.52
CA VAL G 252 0.27 -39.27 -11.73
C VAL G 252 -0.32 -40.10 -10.60
N LEU G 253 0.27 -41.25 -10.31
CA LEU G 253 -0.17 -42.07 -9.20
C LEU G 253 0.36 -41.59 -7.86
N LEU G 254 1.47 -40.85 -7.85
CA LEU G 254 2.00 -40.33 -6.60
C LEU G 254 1.02 -39.36 -5.95
N TRP G 255 0.43 -38.47 -6.75
CA TRP G 255 -0.56 -37.54 -6.21
C TRP G 255 -1.81 -38.27 -5.78
N GLN G 256 -2.27 -39.23 -6.59
CA GLN G 256 -3.50 -39.95 -6.26
C GLN G 256 -3.35 -40.73 -4.96
N HIS G 257 -2.21 -41.41 -4.78
CA HIS G 257 -2.00 -42.21 -3.58
C HIS G 257 -2.05 -41.34 -2.32
N LEU G 258 -1.29 -40.25 -2.31
CA LEU G 258 -1.27 -39.38 -1.13
C LEU G 258 -2.62 -38.72 -0.91
N PHE G 259 -3.24 -38.23 -1.98
CA PHE G 259 -4.51 -37.53 -1.83
C PHE G 259 -5.60 -38.45 -1.32
N TRP G 260 -5.60 -39.71 -1.75
CA TRP G 260 -6.63 -40.63 -1.29
C TRP G 260 -6.29 -41.24 0.05
N PHE G 261 -5.00 -41.28 0.41
CA PHE G 261 -4.63 -41.61 1.78
C PHE G 261 -5.12 -40.55 2.75
N PHE G 262 -5.15 -39.29 2.31
CA PHE G 262 -5.81 -38.26 3.11
C PHE G 262 -7.32 -38.38 3.04
N GLY G 263 -7.87 -38.58 1.84
CA GLY G 263 -9.27 -38.27 1.60
C GLY G 263 -10.23 -39.25 2.25
N HIS G 264 -9.92 -40.55 2.19
CA HIS G 264 -10.86 -41.53 2.71
C HIS G 264 -10.88 -41.55 4.23
N PRO G 265 -9.75 -41.39 4.93
CA PRO G 265 -9.85 -41.13 6.38
C PRO G 265 -10.58 -39.84 6.69
N GLU G 266 -10.60 -38.90 5.75
CA GLU G 266 -11.25 -37.62 5.95
C GLU G 266 -12.77 -37.71 5.93
N VAL G 267 -13.33 -38.66 5.18
CA VAL G 267 -14.78 -38.79 5.11
C VAL G 267 -15.36 -39.54 6.31
N TYR G 268 -14.53 -40.25 7.07
CA TYR G 268 -14.94 -40.74 8.38
C TYR G 268 -14.65 -39.76 9.51
N ILE G 269 -13.81 -38.74 9.24
CA ILE G 269 -13.75 -37.60 10.14
C ILE G 269 -15.09 -36.89 10.19
N ILE G 270 -15.87 -36.99 9.12
CA ILE G 270 -17.18 -36.35 9.06
C ILE G 270 -18.28 -37.41 9.01
N ALA G 271 -17.96 -38.62 9.47
CA ALA G 271 -18.96 -39.68 9.57
C ALA G 271 -19.11 -40.14 11.01
N LEU G 272 -18.00 -40.50 11.64
CA LEU G 272 -18.03 -41.01 13.01
C LEU G 272 -18.61 -40.03 14.03
N PRO G 273 -18.25 -38.75 14.04
CA PRO G 273 -18.88 -37.83 15.00
C PRO G 273 -20.39 -37.74 14.85
N PHE G 274 -20.91 -37.83 13.62
CA PHE G 274 -22.34 -37.80 13.42
C PHE G 274 -22.98 -39.15 13.71
N PHE G 275 -22.18 -40.23 13.66
CA PHE G 275 -22.63 -41.50 14.24
C PHE G 275 -22.81 -41.36 15.75
N GLY G 276 -21.90 -40.64 16.39
CA GLY G 276 -22.03 -40.39 17.81
C GLY G 276 -23.23 -39.52 18.16
N ILE G 277 -23.60 -38.59 17.28
CA ILE G 277 -24.70 -37.67 17.56
C ILE G 277 -26.01 -38.44 17.66
N VAL G 278 -26.28 -39.32 16.69
CA VAL G 278 -27.50 -40.11 16.76
C VAL G 278 -27.41 -41.13 17.88
N SER G 279 -26.20 -41.60 18.21
CA SER G 279 -26.03 -42.50 19.34
C SER G 279 -26.37 -41.82 20.66
N GLU G 280 -26.33 -40.49 20.70
CA GLU G 280 -26.77 -39.76 21.89
C GLU G 280 -28.28 -39.56 21.89
N ILE G 281 -28.88 -39.48 20.70
CA ILE G 281 -30.29 -39.10 20.60
C ILE G 281 -31.21 -40.30 20.73
N PHE G 282 -30.83 -41.44 20.15
CA PHE G 282 -31.69 -42.62 20.19
C PHE G 282 -32.04 -43.06 21.60
N PRO G 283 -31.10 -43.20 22.55
CA PRO G 283 -31.50 -43.60 23.90
C PRO G 283 -32.43 -42.63 24.60
N VAL G 284 -32.30 -41.33 24.32
CA VAL G 284 -33.10 -40.34 25.02
C VAL G 284 -34.57 -40.49 24.67
N PHE G 285 -34.88 -40.61 23.38
CA PHE G 285 -36.26 -40.67 22.92
C PHE G 285 -36.83 -42.09 22.89
N SER G 286 -36.01 -43.11 23.13
CA SER G 286 -36.49 -44.47 23.26
C SER G 286 -36.72 -44.88 24.71
N ARG G 287 -36.33 -44.03 25.67
CA ARG G 287 -36.45 -44.33 27.09
C ARG G 287 -35.72 -45.63 27.44
N LYS G 288 -34.63 -45.89 26.74
CA LYS G 288 -33.85 -47.14 26.97
C LYS G 288 -32.34 -46.84 26.85
N PRO G 289 -31.46 -47.62 27.51
CA PRO G 289 -30.02 -47.40 27.42
C PRO G 289 -29.52 -47.81 26.02
N ILE G 290 -28.45 -47.16 25.55
CA ILE G 290 -27.87 -47.45 24.25
C ILE G 290 -27.54 -48.93 24.17
N PHE G 291 -27.95 -49.57 23.08
CA PHE G 291 -27.73 -50.99 22.92
C PHE G 291 -26.30 -51.25 22.48
N GLY G 292 -25.62 -52.15 23.18
CA GLY G 292 -24.23 -52.46 22.87
C GLY G 292 -23.32 -51.25 22.99
N TYR G 293 -23.31 -50.63 24.18
CA TYR G 293 -22.44 -49.49 24.40
C TYR G 293 -20.98 -49.88 24.25
N THR G 294 -20.60 -51.03 24.83
CA THR G 294 -19.21 -51.46 24.73
C THR G 294 -18.84 -51.80 23.30
N THR G 295 -19.74 -52.46 22.56
CA THR G 295 -19.43 -52.88 21.20
C THR G 295 -19.33 -51.70 20.24
N LEU G 296 -20.12 -50.65 20.45
CA LEU G 296 -20.06 -49.49 19.58
C LEU G 296 -18.67 -48.86 19.58
N ILE G 297 -18.00 -48.88 20.73
CA ILE G 297 -16.63 -48.37 20.80
C ILE G 297 -15.70 -49.21 19.94
N TYR G 298 -15.82 -50.54 20.02
CA TYR G 298 -15.02 -51.42 19.17
C TYR G 298 -15.35 -51.20 17.70
N ALA G 299 -16.64 -51.01 17.37
CA ALA G 299 -17.01 -50.76 15.99
C ALA G 299 -16.38 -49.46 15.48
N THR G 300 -16.41 -48.41 16.30
CA THR G 300 -15.80 -47.14 15.90
C THR G 300 -14.30 -47.30 15.70
N LEU G 301 -13.63 -48.00 16.62
CA LEU G 301 -12.19 -48.20 16.50
C LEU G 301 -11.84 -49.00 15.26
N ALA G 302 -12.62 -50.05 14.96
CA ALA G 302 -12.38 -50.85 13.77
C ALA G 302 -12.60 -50.03 12.51
N ILE G 303 -13.64 -49.19 12.48
CA ILE G 303 -13.88 -48.34 11.33
C ILE G 303 -12.72 -47.38 11.12
N ALA G 304 -12.22 -46.79 12.22
CA ALA G 304 -11.09 -45.86 12.10
C ALA G 304 -9.84 -46.57 11.61
N ALA G 305 -9.55 -47.74 12.16
CA ALA G 305 -8.36 -48.48 11.75
C ALA G 305 -8.45 -48.92 10.30
N LEU G 306 -9.61 -49.42 9.89
CA LEU G 306 -9.77 -49.94 8.54
C LEU G 306 -9.72 -48.83 7.49
N SER G 307 -10.16 -47.62 7.84
CA SER G 307 -10.24 -46.53 6.88
C SER G 307 -8.89 -46.03 6.41
N VAL G 308 -7.80 -46.46 7.04
CA VAL G 308 -6.47 -45.96 6.72
C VAL G 308 -5.82 -46.78 5.60
N ALA G 309 -6.32 -47.99 5.35
CA ALA G 309 -5.67 -48.88 4.40
C ALA G 309 -6.63 -49.36 3.31
N VAL G 310 -7.59 -48.52 2.93
CA VAL G 310 -8.55 -48.84 1.88
C VAL G 310 -8.61 -47.70 0.88
N TRP G 311 -7.59 -46.85 0.88
CA TRP G 311 -7.64 -45.61 0.11
C TRP G 311 -7.75 -45.87 -1.39
N ALA G 312 -7.09 -46.91 -1.88
CA ALA G 312 -7.01 -47.12 -3.33
C ALA G 312 -8.29 -47.65 -3.94
N HIS G 313 -9.40 -47.85 -3.23
CA HIS G 313 -10.62 -48.24 -3.92
C HIS G 313 -11.23 -47.09 -4.71
N HIS G 314 -10.72 -45.87 -4.55
CA HIS G 314 -11.06 -44.76 -5.42
C HIS G 314 -10.26 -44.77 -6.72
N MET G 315 -9.31 -45.70 -6.86
CA MET G 315 -8.40 -45.75 -8.01
C MET G 315 -8.50 -47.09 -8.72
N TYR G 316 -9.71 -47.68 -8.75
CA TYR G 316 -9.89 -48.95 -9.45
C TYR G 316 -9.62 -48.83 -10.93
N ALA G 317 -10.09 -47.75 -11.56
CA ALA G 317 -10.02 -47.59 -13.01
C ALA G 317 -8.64 -47.18 -13.50
N THR G 318 -7.72 -46.85 -12.61
CA THR G 318 -6.37 -46.48 -13.02
C THR G 318 -5.55 -47.67 -13.50
N GLY G 319 -5.92 -48.90 -13.13
CA GLY G 319 -5.14 -50.06 -13.51
C GLY G 319 -3.74 -50.09 -12.95
N ALA G 320 -3.53 -49.51 -11.76
CA ALA G 320 -2.20 -49.46 -11.17
C ALA G 320 -2.21 -49.75 -9.68
N VAL G 321 -3.26 -50.37 -9.16
CA VAL G 321 -3.36 -50.67 -7.74
C VAL G 321 -3.65 -52.15 -7.57
N LEU G 322 -3.28 -52.68 -6.40
CA LEU G 322 -3.54 -54.08 -6.08
C LEU G 322 -5.01 -54.28 -5.72
N LEU G 323 -5.79 -54.76 -6.69
CA LEU G 323 -7.24 -54.88 -6.49
C LEU G 323 -7.63 -55.80 -5.34
N PRO G 324 -7.11 -57.02 -5.21
CA PRO G 324 -7.58 -57.90 -4.13
C PRO G 324 -7.36 -57.34 -2.74
N PHE G 325 -6.27 -56.61 -2.52
CA PHE G 325 -5.98 -56.09 -1.18
C PHE G 325 -7.00 -55.05 -0.76
N PHE G 326 -7.24 -54.06 -1.62
CA PHE G 326 -8.13 -52.96 -1.26
C PHE G 326 -9.60 -53.37 -1.35
N SER G 327 -9.93 -54.28 -2.26
CA SER G 327 -11.32 -54.74 -2.37
C SER G 327 -11.74 -55.49 -1.12
N PHE G 328 -10.87 -56.35 -0.60
CA PHE G 328 -11.22 -57.13 0.59
C PHE G 328 -11.34 -56.25 1.82
N MET G 329 -10.36 -55.37 2.06
CA MET G 329 -10.40 -54.53 3.25
C MET G 329 -11.56 -53.54 3.18
N THR G 330 -11.93 -53.10 1.98
CA THR G 330 -13.09 -52.24 1.83
C THR G 330 -14.36 -52.99 2.23
N PHE G 331 -14.45 -54.27 1.87
CA PHE G 331 -15.59 -55.08 2.30
C PHE G 331 -15.62 -55.23 3.81
N LEU G 332 -14.45 -55.21 4.46
CA LEU G 332 -14.39 -55.41 5.90
C LEU G 332 -15.04 -54.23 6.64
N ILE G 333 -14.96 -53.03 6.07
CA ILE G 333 -15.53 -51.85 6.73
C ILE G 333 -17.03 -51.98 6.89
N ALA G 334 -17.70 -52.68 5.97
CA ALA G 334 -19.14 -52.81 6.03
C ALA G 334 -19.62 -53.58 7.26
N VAL G 335 -18.74 -54.36 7.89
CA VAL G 335 -19.15 -55.17 9.04
C VAL G 335 -19.34 -54.30 10.27
N PRO G 336 -18.33 -53.52 10.73
CA PRO G 336 -18.59 -52.65 11.89
C PRO G 336 -19.66 -51.61 11.62
N THR G 337 -19.77 -51.10 10.40
CA THR G 337 -20.85 -50.17 10.08
C THR G 337 -22.21 -50.84 10.19
N GLY G 338 -22.31 -52.10 9.75
CA GLY G 338 -23.55 -52.84 9.94
C GLY G 338 -23.85 -53.09 11.41
N ILE G 339 -22.81 -53.27 12.22
CA ILE G 339 -23.00 -53.43 13.66
C ILE G 339 -23.68 -52.21 14.26
N LYS G 340 -23.29 -51.02 13.81
CA LYS G 340 -23.86 -49.80 14.36
C LYS G 340 -25.36 -49.71 14.09
N PHE G 341 -25.81 -50.16 12.91
CA PHE G 341 -27.24 -50.20 12.62
C PHE G 341 -27.97 -51.12 13.60
N PHE G 342 -27.41 -52.29 13.88
CA PHE G 342 -28.08 -53.24 14.76
C PHE G 342 -28.14 -52.72 16.19
N ASN G 343 -27.12 -51.98 16.62
CA ASN G 343 -27.17 -51.34 17.93
C ASN G 343 -28.20 -50.22 17.96
N TRP G 344 -28.26 -49.42 16.90
CA TRP G 344 -29.23 -48.33 16.85
C TRP G 344 -30.66 -48.86 16.79
N ILE G 345 -30.90 -49.91 16.00
CA ILE G 345 -32.21 -50.53 15.97
C ILE G 345 -32.50 -51.22 17.30
N GLY G 346 -31.51 -51.89 17.87
CA GLY G 346 -31.70 -52.52 19.16
C GLY G 346 -32.02 -51.53 20.26
N THR G 347 -31.43 -50.33 20.18
CA THR G 347 -31.78 -49.27 21.13
C THR G 347 -33.24 -48.86 20.99
N MET G 348 -33.72 -48.74 19.75
CA MET G 348 -35.12 -48.37 19.52
C MET G 348 -36.07 -49.53 19.80
N TRP G 349 -35.55 -50.75 19.83
CA TRP G 349 -36.40 -51.93 19.97
C TRP G 349 -37.02 -51.98 21.36
N LYS G 350 -38.33 -52.22 21.41
CA LYS G 350 -39.08 -52.35 22.67
C LYS G 350 -38.89 -51.13 23.56
N GLY G 351 -38.90 -49.95 22.97
CA GLY G 351 -38.82 -48.71 23.70
C GLY G 351 -40.15 -47.99 23.74
N GLN G 352 -40.09 -46.69 24.05
CA GLN G 352 -41.26 -45.81 24.05
C GLN G 352 -40.90 -44.60 23.19
N LEU G 353 -41.13 -44.73 21.88
CA LEU G 353 -40.75 -43.70 20.94
C LEU G 353 -41.81 -42.61 20.87
N THR G 354 -41.37 -41.35 20.88
CA THR G 354 -42.25 -40.22 20.72
C THR G 354 -42.02 -39.44 19.44
N PHE G 355 -40.85 -39.57 18.81
CA PHE G 355 -40.56 -38.99 17.50
C PHE G 355 -40.67 -37.47 17.51
N GLU G 356 -39.90 -36.83 18.39
CA GLU G 356 -39.71 -35.40 18.29
C GLU G 356 -38.75 -35.08 17.13
N THR G 357 -38.53 -33.79 16.90
CA THR G 357 -37.68 -33.37 15.78
C THR G 357 -36.26 -33.91 15.86
N PRO G 358 -35.55 -33.87 17.00
CA PRO G 358 -34.24 -34.54 17.05
C PRO G 358 -34.32 -36.02 16.75
N MET G 359 -35.37 -36.69 17.21
CA MET G 359 -35.55 -38.11 16.91
C MET G 359 -35.97 -38.32 15.47
N LEU G 360 -36.81 -37.44 14.94
CA LEU G 360 -37.29 -37.58 13.57
C LEU G 360 -36.15 -37.48 12.57
N PHE G 361 -35.21 -36.55 12.79
CA PHE G 361 -34.06 -36.44 11.90
C PHE G 361 -33.13 -37.65 12.02
N SER G 362 -33.01 -38.20 13.22
CA SER G 362 -32.17 -39.39 13.40
C SER G 362 -32.72 -40.58 12.64
N VAL G 363 -34.04 -40.74 12.62
CA VAL G 363 -34.66 -41.82 11.86
C VAL G 363 -34.43 -41.62 10.36
N GLY G 364 -34.50 -40.36 9.91
CA GLY G 364 -34.19 -40.08 8.52
C GLY G 364 -32.76 -40.45 8.16
N PHE G 365 -31.84 -40.30 9.11
CA PHE G 365 -30.46 -40.72 8.93
C PHE G 365 -30.37 -42.22 8.66
N LEU G 366 -31.10 -43.02 9.43
CA LEU G 366 -31.05 -44.47 9.27
C LEU G 366 -31.53 -44.89 7.88
N ILE G 367 -32.63 -44.28 7.42
CA ILE G 367 -33.17 -44.63 6.12
C ILE G 367 -32.24 -44.16 5.00
N THR G 368 -31.74 -42.92 5.11
CA THR G 368 -30.93 -42.35 4.05
C THR G 368 -29.54 -42.99 4.00
N PHE G 369 -28.90 -43.18 5.16
CA PHE G 369 -27.53 -43.68 5.18
C PHE G 369 -27.46 -45.11 4.65
N LEU G 370 -28.50 -45.92 4.85
CA LEU G 370 -28.45 -47.31 4.45
C LEU G 370 -28.35 -47.47 2.94
N LEU G 371 -29.17 -46.72 2.19
CA LEU G 371 -29.16 -46.85 0.74
C LEU G 371 -27.83 -46.41 0.15
N GLY G 372 -27.26 -45.32 0.68
CA GLY G 372 -25.92 -44.94 0.27
C GLY G 372 -24.89 -45.97 0.67
N GLY G 373 -25.08 -46.60 1.83
CA GLY G 373 -24.18 -47.65 2.25
C GLY G 373 -24.25 -48.89 1.37
N LEU G 374 -25.47 -49.26 0.96
CA LEU G 374 -25.62 -50.43 0.08
C LEU G 374 -24.96 -50.17 -1.27
N SER G 375 -25.01 -48.93 -1.74
CA SER G 375 -24.29 -48.59 -2.97
C SER G 375 -22.78 -48.66 -2.77
N GLY G 376 -22.33 -48.51 -1.52
CA GLY G 376 -20.90 -48.58 -1.26
C GLY G 376 -20.30 -49.94 -1.53
N VAL G 377 -20.97 -51.01 -1.10
CA VAL G 377 -20.46 -52.35 -1.34
C VAL G 377 -20.54 -52.70 -2.82
N LEU G 378 -21.52 -52.13 -3.52
CA LEU G 378 -21.58 -52.29 -4.98
C LEU G 378 -20.36 -51.68 -5.64
N LEU G 379 -19.93 -50.51 -5.18
CA LEU G 379 -18.75 -49.85 -5.71
C LEU G 379 -17.46 -50.52 -5.25
N ALA G 380 -17.47 -51.15 -4.07
CA ALA G 380 -16.24 -51.73 -3.52
C ALA G 380 -15.70 -52.87 -4.38
N SER G 381 -16.54 -53.49 -5.19
CA SER G 381 -16.09 -54.55 -6.10
C SER G 381 -15.55 -53.92 -7.38
N PRO G 382 -14.29 -54.17 -7.74
CA PRO G 382 -13.71 -53.55 -8.94
C PRO G 382 -14.50 -53.86 -10.21
N PRO G 383 -14.98 -55.09 -10.42
CA PRO G 383 -15.72 -55.34 -11.68
C PRO G 383 -16.94 -54.45 -11.86
N LEU G 384 -17.74 -54.24 -10.81
CA LEU G 384 -18.91 -53.38 -10.93
C LEU G 384 -18.49 -51.92 -11.02
N ASP G 385 -17.43 -51.54 -10.30
CA ASP G 385 -16.93 -50.17 -10.36
C ASP G 385 -16.34 -49.83 -11.72
N PHE G 386 -15.97 -50.83 -12.52
CA PHE G 386 -15.40 -50.56 -13.83
C PHE G 386 -16.39 -49.86 -14.76
N HIS G 387 -17.69 -49.99 -14.48
CA HIS G 387 -18.71 -49.35 -15.31
C HIS G 387 -19.30 -48.10 -14.68
N VAL G 388 -19.31 -48.02 -13.35
CA VAL G 388 -20.02 -46.92 -12.69
C VAL G 388 -19.10 -45.86 -12.10
N THR G 389 -17.79 -46.07 -12.11
CA THR G 389 -16.87 -45.06 -11.62
C THR G 389 -16.88 -43.84 -12.51
N ASP G 390 -16.60 -42.68 -11.92
CA ASP G 390 -16.55 -41.37 -12.65
C ASP G 390 -17.91 -41.12 -13.34
N SER G 391 -18.98 -41.62 -12.75
CA SER G 391 -20.36 -41.46 -13.28
C SER G 391 -21.27 -40.92 -12.17
N TYR G 392 -22.54 -40.69 -12.50
CA TYR G 392 -23.50 -40.19 -11.53
C TYR G 392 -23.96 -41.24 -10.53
N PHE G 393 -23.68 -42.52 -10.77
CA PHE G 393 -23.91 -43.53 -9.74
C PHE G 393 -23.00 -43.28 -8.54
N VAL G 394 -21.74 -42.92 -8.79
CA VAL G 394 -20.85 -42.51 -7.72
C VAL G 394 -21.39 -41.28 -7.03
N ILE G 395 -21.90 -40.33 -7.82
CA ILE G 395 -22.49 -39.11 -7.25
C ILE G 395 -23.64 -39.45 -6.32
N ALA G 396 -24.42 -40.48 -6.69
CA ALA G 396 -25.51 -40.93 -5.83
C ALA G 396 -24.98 -41.61 -4.56
N HIS G 397 -23.86 -42.29 -4.64
CA HIS G 397 -23.36 -42.91 -3.40
C HIS G 397 -22.96 -41.85 -2.38
N PHE G 398 -22.02 -40.95 -2.68
CA PHE G 398 -21.56 -40.07 -1.62
C PHE G 398 -22.57 -38.99 -1.29
N HIS G 399 -23.66 -38.88 -2.03
CA HIS G 399 -24.68 -37.88 -1.67
C HIS G 399 -25.68 -38.51 -0.71
N TYR G 400 -26.10 -39.76 -0.91
CA TYR G 400 -26.92 -40.43 0.09
C TYR G 400 -26.16 -40.64 1.39
N VAL G 401 -24.85 -40.85 1.30
CA VAL G 401 -24.13 -41.30 2.48
C VAL G 401 -23.48 -40.14 3.23
N LEU G 402 -23.30 -38.99 2.58
CA LEU G 402 -22.90 -37.77 3.28
C LEU G 402 -24.11 -37.05 3.85
N PHE G 403 -25.14 -36.91 3.03
CA PHE G 403 -26.37 -36.19 3.45
C PHE G 403 -26.89 -36.73 4.76
N GLY G 404 -26.92 -38.05 4.93
CA GLY G 404 -27.42 -38.63 6.16
C GLY G 404 -26.60 -38.22 7.37
N THR G 405 -25.27 -38.16 7.20
CA THR G 405 -24.40 -37.89 8.33
C THR G 405 -24.28 -36.40 8.62
N ILE G 406 -23.95 -35.60 7.61
CA ILE G 406 -23.60 -34.20 7.83
C ILE G 406 -24.79 -33.27 7.62
N VAL G 407 -25.99 -33.81 7.36
CA VAL G 407 -27.18 -32.97 7.26
C VAL G 407 -28.25 -33.49 8.20
N PHE G 408 -28.63 -34.76 8.04
CA PHE G 408 -29.68 -35.33 8.90
C PHE G 408 -29.21 -35.39 10.35
N ALA G 409 -28.03 -35.97 10.59
CA ALA G 409 -27.50 -36.00 11.95
C ALA G 409 -27.08 -34.62 12.42
N THR G 410 -26.60 -33.76 11.51
CA THR G 410 -26.30 -32.39 11.89
C THR G 410 -27.54 -31.65 12.36
N TYR G 411 -28.64 -31.77 11.61
CA TYR G 411 -29.89 -31.13 12.03
C TYR G 411 -30.43 -31.75 13.30
N ALA G 412 -30.28 -33.07 13.44
CA ALA G 412 -30.70 -33.73 14.67
C ALA G 412 -29.94 -33.21 15.87
N GLY G 413 -28.63 -33.01 15.73
CA GLY G 413 -27.84 -32.43 16.81
C GLY G 413 -28.20 -30.99 17.09
N ILE G 414 -28.49 -30.21 16.04
CA ILE G 414 -28.86 -28.82 16.21
C ILE G 414 -30.16 -28.71 17.00
N TYR G 415 -31.18 -29.51 16.61
CA TYR G 415 -32.44 -29.50 17.34
C TYR G 415 -32.27 -30.08 18.74
N PHE G 416 -31.37 -31.04 18.90
CA PHE G 416 -31.18 -31.69 20.19
C PHE G 416 -30.53 -30.75 21.19
N TRP G 417 -29.46 -30.06 20.77
CA TRP G 417 -28.65 -29.26 21.67
C TRP G 417 -28.93 -27.76 21.61
N PHE G 418 -29.92 -27.34 20.81
CA PHE G 418 -30.28 -25.91 20.81
C PHE G 418 -30.80 -25.44 22.15
N PRO G 419 -31.75 -26.12 22.81
CA PRO G 419 -32.13 -25.69 24.17
C PRO G 419 -30.98 -25.69 25.15
N LYS G 420 -30.03 -26.62 25.01
CA LYS G 420 -28.92 -26.67 25.94
C LYS G 420 -28.00 -25.46 25.80
N MET G 421 -27.67 -25.07 24.57
CA MET G 421 -26.74 -23.97 24.35
C MET G 421 -27.40 -22.60 24.35
N THR G 422 -28.73 -22.54 24.27
CA THR G 422 -29.43 -21.27 24.18
C THR G 422 -30.48 -21.05 25.26
N GLY G 423 -30.99 -22.11 25.89
CA GLY G 423 -32.07 -21.94 26.82
C GLY G 423 -33.41 -21.69 26.18
N ARG G 424 -33.52 -21.92 24.87
CA ARG G 424 -34.78 -21.75 24.15
C ARG G 424 -35.01 -22.95 23.25
N LEU G 425 -36.28 -23.30 23.07
CA LEU G 425 -36.65 -24.45 22.25
C LEU G 425 -37.06 -24.00 20.86
N LEU G 426 -36.52 -24.67 19.84
CA LEU G 426 -36.98 -24.47 18.49
C LEU G 426 -38.39 -25.01 18.30
N ASP G 427 -39.14 -24.35 17.43
CA ASP G 427 -40.53 -24.75 17.19
C ASP G 427 -40.56 -26.12 16.51
N GLU G 428 -41.37 -27.03 17.07
CA GLU G 428 -41.45 -28.37 16.53
C GLU G 428 -42.28 -28.44 15.25
N ARG G 429 -43.35 -27.65 15.14
CA ARG G 429 -44.16 -27.65 13.94
C ARG G 429 -43.35 -27.16 12.74
N LEU G 430 -42.53 -26.12 12.95
CA LEU G 430 -41.65 -25.65 11.89
C LEU G 430 -40.54 -26.66 11.61
N GLY G 431 -40.08 -27.37 12.64
CA GLY G 431 -39.07 -28.39 12.43
C GLY G 431 -39.56 -29.58 11.64
N LYS G 432 -40.80 -30.00 11.87
CA LYS G 432 -41.35 -31.12 11.11
C LYS G 432 -41.52 -30.78 9.64
N LEU G 433 -41.95 -29.55 9.35
CA LEU G 433 -42.02 -29.09 7.97
C LEU G 433 -40.65 -29.11 7.32
N HIS G 434 -39.63 -28.62 8.03
CA HIS G 434 -38.27 -28.61 7.51
C HIS G 434 -37.78 -30.02 7.21
N PHE G 435 -38.02 -30.96 8.13
CA PHE G 435 -37.54 -32.32 7.95
C PHE G 435 -38.17 -32.96 6.72
N TRP G 436 -39.49 -32.82 6.57
CA TRP G 436 -40.17 -33.48 5.46
C TRP G 436 -39.81 -32.83 4.12
N LEU G 437 -39.70 -31.50 4.10
CA LEU G 437 -39.22 -30.84 2.89
C LEU G 437 -37.83 -31.35 2.51
N THR G 438 -36.91 -31.41 3.49
CA THR G 438 -35.56 -31.88 3.22
C THR G 438 -35.56 -33.32 2.71
N PHE G 439 -36.32 -34.19 3.36
CA PHE G 439 -36.37 -35.60 2.99
C PHE G 439 -36.90 -35.78 1.56
N ILE G 440 -38.04 -35.17 1.27
CA ILE G 440 -38.66 -35.32 -0.04
C ILE G 440 -37.76 -34.73 -1.12
N GLY G 441 -37.22 -33.53 -0.89
CA GLY G 441 -36.36 -32.92 -1.89
C GLY G 441 -35.09 -33.74 -2.14
N PHE G 442 -34.44 -34.20 -1.08
CA PHE G 442 -33.24 -35.00 -1.23
C PHE G 442 -33.51 -36.27 -2.03
N HIS G 443 -34.55 -37.02 -1.66
CA HIS G 443 -34.83 -38.24 -2.38
C HIS G 443 -35.25 -37.98 -3.82
N THR G 444 -36.05 -36.94 -4.07
CA THR G 444 -36.44 -36.63 -5.43
C THR G 444 -35.24 -36.26 -6.29
N THR G 445 -34.29 -35.49 -5.73
CA THR G 445 -33.17 -35.04 -6.54
C THR G 445 -32.06 -36.07 -6.65
N PHE G 446 -32.05 -37.11 -5.80
CA PHE G 446 -30.94 -38.06 -5.84
C PHE G 446 -31.33 -39.51 -6.13
N LEU G 447 -32.62 -39.83 -6.27
CA LEU G 447 -32.99 -41.21 -6.57
C LEU G 447 -32.69 -41.56 -8.01
N VAL G 448 -32.99 -40.65 -8.94
CA VAL G 448 -32.85 -40.93 -10.37
C VAL G 448 -31.39 -40.88 -10.82
N GLN G 449 -30.49 -40.36 -10.01
CA GLN G 449 -29.09 -40.25 -10.42
C GLN G 449 -28.40 -41.60 -10.46
N HIS G 450 -28.96 -42.61 -9.78
CA HIS G 450 -28.47 -43.97 -9.93
C HIS G 450 -28.67 -44.47 -11.36
N TRP G 451 -29.84 -44.20 -11.93
CA TRP G 451 -30.12 -44.60 -13.30
C TRP G 451 -29.26 -43.84 -14.30
N LEU G 452 -29.05 -42.54 -14.06
CA LEU G 452 -28.30 -41.72 -15.00
C LEU G 452 -26.87 -42.20 -15.15
N GLY G 453 -26.22 -42.50 -14.02
CA GLY G 453 -24.85 -42.99 -14.09
C GLY G 453 -24.76 -44.37 -14.73
N ASP G 454 -25.73 -45.23 -14.47
CA ASP G 454 -25.74 -46.55 -15.09
C ASP G 454 -26.04 -46.47 -16.57
N GLU G 455 -26.89 -45.52 -16.98
CA GLU G 455 -27.26 -45.40 -18.38
C GLU G 455 -26.08 -44.97 -19.23
N GLY G 456 -25.11 -44.26 -18.65
CA GLY G 456 -23.95 -43.84 -19.41
C GLY G 456 -23.63 -42.36 -19.32
N MET G 457 -24.15 -41.70 -18.29
CA MET G 457 -23.89 -40.27 -18.10
C MET G 457 -22.73 -40.10 -17.13
N PRO G 458 -21.56 -39.66 -17.57
CA PRO G 458 -20.43 -39.48 -16.66
C PRO G 458 -20.60 -38.24 -15.78
N ARG G 459 -19.86 -38.25 -14.68
CA ARG G 459 -19.87 -37.12 -13.77
C ARG G 459 -19.04 -35.95 -14.31
N ARG G 460 -19.27 -34.77 -13.73
CA ARG G 460 -18.53 -33.56 -14.08
C ARG G 460 -18.69 -33.19 -15.56
N TYR G 461 -19.91 -33.33 -16.08
CA TYR G 461 -20.25 -32.89 -17.42
C TYR G 461 -21.07 -31.62 -17.36
N ALA G 462 -20.62 -30.57 -18.04
CA ALA G 462 -21.37 -29.33 -18.09
C ALA G 462 -22.57 -29.42 -19.02
N ASP G 463 -22.48 -30.26 -20.05
CA ASP G 463 -23.52 -30.32 -21.07
C ASP G 463 -23.66 -31.75 -21.58
N TYR G 464 -24.82 -32.04 -22.16
CA TYR G 464 -25.09 -33.30 -22.82
C TYR G 464 -25.95 -33.02 -24.05
N LEU G 465 -26.24 -34.05 -24.81
CA LEU G 465 -26.98 -33.91 -26.06
C LEU G 465 -28.43 -34.35 -25.89
N PRO G 466 -29.34 -33.77 -26.66
CA PRO G 466 -30.75 -34.21 -26.57
C PRO G 466 -30.96 -35.66 -26.93
N THR G 467 -30.08 -36.24 -27.76
CA THR G 467 -30.19 -37.65 -28.14
C THR G 467 -29.53 -38.58 -27.14
N ASP G 468 -28.92 -38.05 -26.08
CA ASP G 468 -28.28 -38.89 -25.09
C ASP G 468 -29.28 -39.61 -24.20
N GLY G 469 -30.51 -39.10 -24.10
CA GLY G 469 -31.52 -39.72 -23.25
C GLY G 469 -31.36 -39.44 -21.78
N PHE G 470 -30.80 -38.29 -21.42
CA PHE G 470 -30.61 -37.92 -20.02
C PHE G 470 -31.50 -36.77 -19.57
N THR G 471 -32.38 -36.27 -20.44
CA THR G 471 -33.11 -35.05 -20.14
C THR G 471 -34.16 -35.27 -19.05
N THR G 472 -34.94 -36.35 -19.17
CA THR G 472 -36.08 -36.54 -18.27
C THR G 472 -35.63 -36.70 -16.82
N LEU G 473 -34.61 -37.53 -16.58
CA LEU G 473 -34.13 -37.73 -15.23
C LEU G 473 -33.43 -36.50 -14.68
N ASN G 474 -32.75 -35.74 -15.54
CA ASN G 474 -32.10 -34.51 -15.09
C ASN G 474 -33.12 -33.48 -14.65
N VAL G 475 -34.26 -33.40 -15.35
CA VAL G 475 -35.31 -32.47 -14.94
C VAL G 475 -35.89 -32.87 -13.58
N ILE G 476 -36.11 -34.17 -13.37
CA ILE G 476 -36.64 -34.63 -12.09
C ILE G 476 -35.67 -34.31 -10.96
N SER G 477 -34.37 -34.54 -11.19
CA SER G 477 -33.37 -34.19 -10.18
C SER G 477 -33.33 -32.68 -9.93
N THR G 478 -33.57 -31.88 -10.97
CA THR G 478 -33.57 -30.44 -10.80
C THR G 478 -34.76 -29.97 -9.97
N VAL G 479 -35.91 -30.61 -10.14
CA VAL G 479 -37.09 -30.26 -9.34
C VAL G 479 -36.83 -30.54 -7.87
N GLY G 480 -36.24 -31.71 -7.58
CA GLY G 480 -35.97 -32.07 -6.19
C GLY G 480 -34.94 -31.17 -5.54
N ALA G 481 -33.95 -30.72 -6.32
CA ALA G 481 -32.91 -29.87 -5.77
C ALA G 481 -33.47 -28.53 -5.31
N PHE G 482 -34.40 -27.96 -6.08
CA PHE G 482 -35.04 -26.72 -5.67
C PHE G 482 -35.96 -26.90 -4.47
N ILE G 483 -36.46 -28.11 -4.24
CA ILE G 483 -37.17 -28.39 -2.99
C ILE G 483 -36.21 -28.34 -1.82
N LEU G 484 -34.99 -28.86 -2.01
CA LEU G 484 -33.96 -28.73 -0.98
C LEU G 484 -33.61 -27.26 -0.73
N GLY G 485 -33.66 -26.43 -1.78
CA GLY G 485 -33.41 -25.01 -1.59
C GLY G 485 -34.49 -24.33 -0.76
N VAL G 486 -35.76 -24.65 -1.05
CA VAL G 486 -36.85 -24.07 -0.27
C VAL G 486 -37.01 -24.77 1.08
N SER G 487 -36.46 -25.97 1.24
CA SER G 487 -36.42 -26.60 2.55
C SER G 487 -35.52 -25.83 3.51
N MET G 488 -34.65 -24.98 2.99
CA MET G 488 -33.72 -24.21 3.82
C MET G 488 -34.41 -23.07 4.55
N LEU G 489 -35.45 -22.49 3.96
CA LEU G 489 -36.11 -21.33 4.56
C LEU G 489 -36.74 -21.64 5.91
N PRO G 490 -37.53 -22.72 6.08
CA PRO G 490 -38.16 -22.94 7.40
C PRO G 490 -37.16 -23.09 8.54
N PHE G 491 -36.02 -23.75 8.31
CA PHE G 491 -35.05 -23.94 9.39
C PHE G 491 -34.38 -22.62 9.75
N VAL G 492 -34.03 -21.82 8.74
CA VAL G 492 -33.43 -20.51 9.01
C VAL G 492 -34.42 -19.63 9.76
N TRP G 493 -35.69 -19.65 9.35
CA TRP G 493 -36.71 -18.88 10.07
C TRP G 493 -36.87 -19.37 11.50
N ASN G 494 -36.84 -20.68 11.71
CA ASN G 494 -36.97 -21.24 13.05
C ASN G 494 -35.81 -20.81 13.94
N VAL G 495 -34.59 -20.86 13.40
CA VAL G 495 -33.43 -20.44 14.18
C VAL G 495 -33.49 -18.95 14.49
N PHE G 496 -33.89 -18.15 13.50
CA PHE G 496 -33.95 -16.70 13.69
C PHE G 496 -35.00 -16.31 14.73
N LYS G 497 -36.16 -16.96 14.70
CA LYS G 497 -37.24 -16.58 15.60
C LYS G 497 -37.10 -17.20 16.98
N SER G 498 -36.69 -18.48 17.05
CA SER G 498 -36.63 -19.18 18.33
C SER G 498 -35.42 -18.78 19.14
N TRP G 499 -34.52 -17.98 18.57
CA TRP G 499 -33.30 -17.57 19.32
C TRP G 499 -33.59 -16.41 20.26
N ARG G 500 -34.69 -15.69 20.04
CA ARG G 500 -35.10 -14.59 20.90
C ARG G 500 -36.52 -14.73 21.43
N TYR G 501 -37.41 -15.37 20.68
CA TYR G 501 -38.80 -15.53 21.09
C TYR G 501 -39.19 -17.00 21.25
N GLY G 502 -38.21 -17.89 21.33
CA GLY G 502 -38.50 -19.30 21.51
C GLY G 502 -38.98 -19.61 22.91
N GLU G 503 -39.46 -20.83 23.07
CA GLU G 503 -39.99 -21.25 24.36
C GLU G 503 -38.87 -21.33 25.39
N PRO G 504 -38.99 -20.64 26.52
CA PRO G 504 -37.90 -20.65 27.51
C PRO G 504 -37.69 -22.03 28.10
N VAL G 505 -36.44 -22.34 28.44
CA VAL G 505 -36.07 -23.59 29.07
C VAL G 505 -35.55 -23.27 30.46
N THR G 506 -36.30 -23.68 31.48
CA THR G 506 -35.90 -23.48 32.87
C THR G 506 -35.44 -24.76 33.55
N VAL G 507 -35.37 -25.86 32.81
CA VAL G 507 -34.98 -27.15 33.37
C VAL G 507 -33.63 -27.56 32.81
N ASP G 508 -32.98 -28.51 33.48
CA ASP G 508 -31.69 -29.00 33.02
C ASP G 508 -31.81 -29.90 31.80
N ASP G 509 -32.89 -30.67 31.70
CA ASP G 509 -33.09 -31.62 30.60
C ASP G 509 -34.44 -31.35 29.95
N PRO G 510 -34.46 -30.55 28.87
CA PRO G 510 -35.73 -30.31 28.17
C PRO G 510 -36.29 -31.55 27.49
N TRP G 511 -35.49 -32.58 27.25
CA TRP G 511 -35.95 -33.79 26.59
C TRP G 511 -36.31 -34.90 27.56
N GLY G 512 -36.17 -34.67 28.86
CA GLY G 512 -36.67 -35.60 29.85
C GLY G 512 -35.74 -36.72 30.25
N TYR G 513 -35.19 -37.43 29.28
CA TYR G 513 -34.44 -38.66 29.55
C TYR G 513 -33.04 -38.59 28.96
N GLY G 514 -32.38 -37.44 29.10
CA GLY G 514 -30.99 -37.35 28.68
C GLY G 514 -30.09 -38.18 29.57
N ASN G 515 -28.98 -38.63 28.98
CA ASN G 515 -28.06 -39.51 29.68
C ASN G 515 -26.71 -38.89 29.98
N SER G 516 -26.17 -38.06 29.10
CA SER G 516 -24.84 -37.50 29.28
C SER G 516 -24.88 -36.33 30.25
N LEU G 517 -23.68 -35.90 30.67
CA LEU G 517 -23.56 -34.94 31.76
C LEU G 517 -24.07 -33.55 31.40
N GLU G 518 -24.14 -33.19 30.12
CA GLU G 518 -24.61 -31.86 29.77
C GLU G 518 -26.07 -31.65 30.20
N TRP G 519 -26.84 -32.73 30.31
CA TRP G 519 -28.23 -32.62 30.75
C TRP G 519 -28.35 -32.53 32.26
N ALA G 520 -27.24 -32.55 32.99
CA ALA G 520 -27.23 -32.36 34.43
C ALA G 520 -26.82 -30.94 34.82
N THR G 521 -26.95 -29.99 33.89
CA THR G 521 -26.60 -28.60 34.17
C THR G 521 -27.65 -27.70 33.52
N SER G 522 -27.59 -26.42 33.86
CA SER G 522 -28.61 -25.47 33.44
C SER G 522 -28.54 -25.21 31.94
N CYS G 523 -29.61 -24.64 31.41
CA CYS G 523 -29.71 -24.28 29.99
C CYS G 523 -29.85 -22.77 29.86
N PRO G 524 -28.80 -22.05 29.42
CA PRO G 524 -27.47 -22.56 29.05
C PRO G 524 -26.57 -22.81 30.26
N PRO G 525 -25.52 -23.61 30.08
CA PRO G 525 -24.58 -23.85 31.18
C PRO G 525 -23.85 -22.57 31.56
N PRO G 526 -23.38 -22.46 32.81
CA PRO G 526 -22.64 -21.26 33.21
C PRO G 526 -21.30 -21.16 32.51
N ARG G 527 -20.51 -20.14 32.86
CA ARG G 527 -19.23 -19.91 32.19
C ARG G 527 -18.32 -21.13 32.30
N HIS G 528 -18.29 -21.76 33.47
CA HIS G 528 -17.45 -22.94 33.70
C HIS G 528 -18.27 -24.23 33.70
N ASN G 529 -19.46 -24.19 33.13
CA ASN G 529 -20.23 -25.37 32.70
C ASN G 529 -20.87 -26.16 33.84
N PHE G 530 -20.53 -25.87 35.09
CA PHE G 530 -20.98 -26.73 36.19
C PHE G 530 -20.94 -25.96 37.50
N THR G 531 -22.08 -25.92 38.19
CA THR G 531 -22.14 -25.48 39.57
C THR G 531 -22.08 -26.63 40.56
N GLU G 532 -22.06 -27.87 40.07
CA GLU G 532 -21.96 -29.09 40.87
C GLU G 532 -21.86 -30.26 39.90
N LEU G 533 -21.40 -31.39 40.43
CA LEU G 533 -21.30 -32.61 39.66
C LEU G 533 -21.91 -33.77 40.43
N PRO G 534 -22.59 -34.69 39.75
CA PRO G 534 -23.14 -35.86 40.42
C PRO G 534 -22.14 -37.02 40.43
N ARG G 535 -22.51 -38.07 41.18
CA ARG G 535 -21.70 -39.31 41.28
C ARG G 535 -21.77 -40.03 39.93
N ILE G 536 -20.61 -40.36 39.36
CA ILE G 536 -20.53 -41.00 38.05
C ILE G 536 -20.29 -42.49 38.27
N ARG G 537 -21.25 -43.31 37.87
CA ARG G 537 -21.15 -44.75 38.04
C ARG G 537 -21.46 -45.53 36.76
N SER G 538 -21.85 -44.86 35.68
CA SER G 538 -22.15 -45.51 34.42
C SER G 538 -22.09 -44.47 33.31
N GLU G 539 -22.56 -44.84 32.12
CA GLU G 539 -22.57 -43.96 30.97
C GLU G 539 -23.84 -43.13 30.88
N ARG G 540 -24.71 -43.20 31.90
CA ARG G 540 -25.90 -42.35 31.98
C ARG G 540 -25.96 -41.65 33.32
N PRO G 541 -25.00 -40.77 33.65
CA PRO G 541 -25.05 -40.10 34.96
C PRO G 541 -26.26 -39.19 35.16
N ALA G 542 -26.68 -38.49 34.11
CA ALA G 542 -27.83 -37.59 34.25
C ALA G 542 -29.12 -38.37 34.46
N PHE G 543 -29.27 -39.49 33.76
CA PHE G 543 -30.46 -40.33 33.93
C PHE G 543 -30.53 -40.88 35.35
N GLU G 544 -29.38 -41.31 35.91
CA GLU G 544 -29.35 -41.76 37.29
C GLU G 544 -29.65 -40.62 38.26
N LEU G 545 -29.11 -39.43 38.00
CA LEU G 545 -29.36 -38.30 38.88
C LEU G 545 -30.84 -37.93 38.91
N HIS G 546 -31.47 -37.86 37.75
CA HIS G 546 -32.87 -37.46 37.66
C HIS G 546 -33.84 -38.57 38.03
N TYR G 547 -33.45 -39.84 37.88
CA TYR G 547 -34.31 -40.98 38.20
C TYR G 547 -33.54 -41.96 39.08
N PRO G 548 -33.36 -41.62 40.37
CA PRO G 548 -32.64 -42.54 41.26
C PRO G 548 -33.32 -43.88 41.43
N HIS G 549 -34.66 -43.93 41.37
CA HIS G 549 -35.37 -45.17 41.55
C HIS G 549 -35.12 -46.17 40.42
N MET G 550 -34.69 -45.69 39.25
CA MET G 550 -34.44 -46.59 38.13
C MET G 550 -33.03 -47.17 38.14
N VAL G 551 -32.20 -46.82 39.13
CA VAL G 551 -30.83 -47.31 39.16
C VAL G 551 -30.81 -48.82 39.34
N GLU G 552 -31.64 -49.34 40.25
CA GLU G 552 -31.69 -50.78 40.47
C GLU G 552 -32.16 -51.52 39.23
N ARG G 553 -33.15 -50.95 38.52
CA ARG G 553 -33.72 -51.62 37.36
C ARG G 553 -32.70 -51.74 36.23
N MET G 554 -31.94 -50.68 35.98
CA MET G 554 -31.00 -50.69 34.86
C MET G 554 -29.90 -51.73 35.06
N ARG G 555 -29.41 -51.87 36.29
CA ARG G 555 -28.41 -52.90 36.57
C ARG G 555 -28.98 -54.30 36.42
N ALA G 556 -30.23 -54.52 36.84
CA ALA G 556 -30.82 -55.86 36.77
C ALA G 556 -31.20 -56.25 35.36
N GLU G 557 -31.75 -55.31 34.59
CA GLU G 557 -32.27 -55.60 33.26
C GLU G 557 -31.26 -55.36 32.14
N ALA G 558 -30.01 -55.05 32.49
CA ALA G 558 -29.04 -54.65 31.47
C ALA G 558 -28.76 -55.78 30.47
N HIS G 559 -28.82 -57.03 30.92
CA HIS G 559 -28.48 -58.17 30.08
C HIS G 559 -29.76 -58.91 29.69
N VAL G 560 -29.86 -59.27 28.42
CA VAL G 560 -31.03 -60.00 27.92
C VAL G 560 -30.88 -61.48 28.21
N TRP H 27 -37.96 -59.08 -13.93
CA TRP H 27 -37.33 -58.56 -15.13
C TRP H 27 -35.90 -58.16 -14.88
N SER H 28 -34.99 -58.57 -15.78
CA SER H 28 -33.59 -58.21 -15.64
C SER H 28 -33.35 -56.73 -15.89
N ASP H 29 -34.11 -56.11 -16.80
CA ASP H 29 -33.93 -54.70 -17.09
C ASP H 29 -34.26 -53.83 -15.89
N ALA H 30 -35.34 -54.17 -15.17
CA ALA H 30 -35.68 -53.41 -13.96
C ALA H 30 -34.62 -53.58 -12.88
N LEU H 31 -34.11 -54.80 -12.72
CA LEU H 31 -33.08 -55.05 -11.72
C LEU H 31 -31.71 -54.53 -12.14
N ALA H 32 -31.51 -54.25 -13.43
CA ALA H 32 -30.25 -53.72 -13.91
C ALA H 32 -30.06 -52.24 -13.57
N LEU H 33 -31.15 -51.53 -13.32
CA LEU H 33 -31.12 -50.12 -12.92
C LEU H 33 -30.43 -49.24 -13.96
N GLY H 34 -30.65 -49.51 -15.25
CA GLY H 34 -30.09 -48.72 -16.31
C GLY H 34 -28.83 -49.28 -16.94
N TRP H 35 -28.29 -50.36 -16.42
CA TRP H 35 -27.10 -50.98 -16.99
C TRP H 35 -27.38 -51.47 -18.42
N PRO H 36 -26.55 -51.10 -19.40
CA PRO H 36 -26.71 -51.65 -20.75
C PRO H 36 -26.51 -53.15 -20.76
N THR H 37 -27.15 -53.80 -21.74
CA THR H 37 -27.09 -55.25 -21.84
C THR H 37 -25.67 -55.75 -22.07
N GLY H 38 -24.89 -55.05 -22.88
CA GLY H 38 -23.53 -55.46 -23.16
C GLY H 38 -23.41 -56.07 -24.54
N ILE H 39 -22.21 -55.94 -25.12
CA ILE H 39 -21.96 -56.42 -26.47
C ILE H 39 -20.75 -57.35 -26.48
N THR H 40 -20.16 -57.58 -25.31
CA THR H 40 -19.02 -58.44 -25.15
C THR H 40 -19.31 -59.47 -24.07
N PRO H 41 -18.70 -60.66 -24.15
CA PRO H 41 -18.91 -61.66 -23.09
C PRO H 41 -18.47 -61.17 -21.72
N GLU H 42 -17.42 -60.35 -21.65
CA GLU H 42 -17.01 -59.78 -20.38
C GLU H 42 -18.08 -58.87 -19.82
N ALA H 43 -18.73 -58.09 -20.68
CA ALA H 43 -19.85 -57.25 -20.25
C ALA H 43 -21.01 -58.09 -19.72
N LYS H 44 -21.30 -59.21 -20.40
CA LYS H 44 -22.38 -60.08 -19.96
C LYS H 44 -22.09 -60.66 -18.58
N LEU H 45 -20.85 -61.09 -18.36
CA LEU H 45 -20.47 -61.61 -17.04
C LEU H 45 -20.52 -60.51 -15.99
N ASN H 46 -20.08 -59.31 -16.35
CA ASN H 46 -20.14 -58.19 -15.41
C ASN H 46 -21.58 -57.83 -15.07
N ARG H 47 -22.47 -57.87 -16.06
CA ARG H 47 -23.87 -57.54 -15.81
C ARG H 47 -24.53 -58.60 -14.92
N GLU H 48 -24.16 -59.87 -15.10
CA GLU H 48 -24.70 -60.92 -14.24
C GLU H 48 -24.29 -60.71 -12.79
N LEU H 49 -23.04 -60.32 -12.56
CA LEU H 49 -22.58 -60.03 -11.21
C LEU H 49 -23.34 -58.84 -10.62
N TRP H 50 -23.62 -57.83 -11.45
CA TRP H 50 -24.31 -56.64 -10.96
C TRP H 50 -25.72 -56.97 -10.49
N ILE H 51 -26.45 -57.77 -11.27
CA ILE H 51 -27.83 -58.10 -10.93
C ILE H 51 -27.90 -58.89 -9.63
N GLY H 52 -27.03 -59.89 -9.48
CA GLY H 52 -27.01 -60.67 -8.26
C GLY H 52 -26.65 -59.84 -7.04
N SER H 53 -25.68 -58.94 -7.18
CA SER H 53 -25.29 -58.08 -6.07
C SER H 53 -26.41 -57.11 -5.71
N VAL H 54 -27.11 -56.57 -6.71
CA VAL H 54 -28.23 -55.68 -6.44
C VAL H 54 -29.35 -56.44 -5.73
N ILE H 55 -29.61 -57.68 -6.14
CA ILE H 55 -30.60 -58.49 -5.46
C ILE H 55 -30.19 -58.74 -4.02
N ALA H 56 -28.93 -59.05 -3.78
CA ALA H 56 -28.43 -59.25 -2.43
C ALA H 56 -28.54 -57.96 -1.61
N SER H 57 -28.19 -56.83 -2.22
CA SER H 57 -28.27 -55.56 -1.51
C SER H 57 -29.70 -55.18 -1.19
N PHE H 58 -30.62 -55.40 -2.14
CA PHE H 58 -32.02 -55.06 -1.89
C PHE H 58 -32.61 -55.94 -0.80
N ALA H 59 -32.24 -57.23 -0.76
CA ALA H 59 -32.74 -58.12 0.29
C ALA H 59 -32.30 -57.66 1.66
N VAL H 60 -31.02 -57.26 1.79
CA VAL H 60 -30.52 -56.74 3.06
C VAL H 60 -31.21 -55.43 3.42
N GLY H 61 -31.36 -54.54 2.44
CA GLY H 61 -32.00 -53.26 2.71
C GLY H 61 -33.44 -53.39 3.13
N ALA H 62 -34.17 -54.33 2.52
CA ALA H 62 -35.57 -54.54 2.88
C ALA H 62 -35.69 -55.04 4.33
N ILE H 63 -34.76 -55.89 4.76
CA ILE H 63 -34.80 -56.40 6.13
C ILE H 63 -34.56 -55.26 7.11
N VAL H 64 -33.55 -54.43 6.86
CA VAL H 64 -33.22 -53.35 7.78
C VAL H 64 -34.30 -52.28 7.76
N TRP H 65 -34.80 -51.93 6.57
CA TRP H 65 -35.89 -50.96 6.48
C TRP H 65 -37.15 -51.48 7.16
N GLY H 66 -37.44 -52.77 7.01
CA GLY H 66 -38.59 -53.35 7.69
C GLY H 66 -38.44 -53.31 9.20
N LEU H 67 -37.24 -53.60 9.70
CA LEU H 67 -37.01 -53.52 11.14
C LEU H 67 -37.16 -52.10 11.65
N ILE H 68 -36.66 -51.12 10.89
CA ILE H 68 -36.80 -49.72 11.28
C ILE H 68 -38.28 -49.32 11.28
N PHE H 69 -39.02 -49.74 10.26
CA PHE H 69 -40.45 -49.40 10.16
C PHE H 69 -41.25 -50.15 11.22
N TRP H 70 -40.84 -51.37 11.55
CA TRP H 70 -41.59 -52.13 12.55
C TRP H 70 -41.53 -51.47 13.91
N THR H 71 -40.34 -51.07 14.35
CA THR H 71 -40.20 -50.45 15.67
C THR H 71 -40.78 -49.04 15.68
N SER H 72 -40.86 -48.39 14.51
CA SER H 72 -41.41 -47.04 14.45
C SER H 72 -42.93 -47.04 14.52
N ALA H 73 -43.58 -48.16 14.18
CA ALA H 73 -45.04 -48.21 14.14
C ALA H 73 -45.65 -48.94 15.32
N PHE H 74 -44.92 -49.86 15.94
CA PHE H 74 -45.46 -50.69 17.01
C PHE H 74 -44.80 -50.47 18.36
N HIS H 75 -43.69 -49.74 18.42
CA HIS H 75 -43.01 -49.47 19.68
C HIS H 75 -43.10 -48.00 20.08
N ARG H 76 -44.06 -47.26 19.54
CA ARG H 76 -44.28 -45.89 19.95
C ARG H 76 -44.88 -45.86 21.36
N LYS H 77 -44.64 -44.76 22.06
CA LYS H 77 -45.14 -44.62 23.42
C LYS H 77 -46.66 -44.55 23.43
N LYS H 78 -47.28 -45.41 24.22
CA LYS H 78 -48.73 -45.42 24.35
C LYS H 78 -49.18 -44.42 25.39
N ALA H 79 -50.49 -44.22 25.50
CA ALA H 79 -51.04 -43.31 26.49
C ALA H 79 -51.35 -44.01 27.81
N THR H 80 -51.19 -45.32 27.89
CA THR H 80 -51.54 -46.09 29.09
C THR H 80 -50.32 -46.77 29.70
N ASP H 81 -49.14 -46.18 29.52
CA ASP H 81 -47.92 -46.70 30.12
C ASP H 81 -47.32 -45.66 31.06
N THR H 82 -47.01 -46.08 32.28
CA THR H 82 -46.47 -45.18 33.29
C THR H 82 -45.01 -45.49 33.65
N GLU H 83 -44.63 -46.77 33.64
CA GLU H 83 -43.26 -47.16 33.96
C GLU H 83 -42.42 -47.20 32.69
N LEU H 84 -41.12 -46.95 32.88
CA LEU H 84 -40.20 -46.98 31.75
C LEU H 84 -40.01 -48.41 31.25
N PRO H 85 -39.70 -48.59 29.97
CA PRO H 85 -39.56 -49.94 29.42
C PRO H 85 -38.35 -50.66 30.01
N ARG H 86 -38.23 -51.94 29.66
CA ARG H 86 -37.12 -52.74 30.13
C ARG H 86 -35.80 -52.15 29.65
N GLN H 87 -34.85 -51.99 30.56
CA GLN H 87 -33.60 -51.29 30.27
C GLN H 87 -32.50 -52.29 29.91
N PHE H 88 -32.69 -52.94 28.76
CA PHE H 88 -31.69 -53.87 28.26
C PHE H 88 -30.79 -53.21 27.24
N GLY H 89 -29.50 -53.49 27.33
CA GLY H 89 -28.53 -52.88 26.44
C GLY H 89 -27.40 -53.80 26.03
N TYR H 90 -27.53 -55.09 26.34
CA TYR H 90 -26.48 -56.06 26.01
C TYR H 90 -27.12 -57.40 25.70
N ASN H 91 -26.88 -57.90 24.49
CA ASN H 91 -27.31 -59.24 24.07
C ASN H 91 -26.11 -59.88 23.36
N MET H 92 -25.26 -60.54 24.13
CA MET H 92 -24.02 -61.08 23.57
C MET H 92 -24.26 -62.14 22.49
N PRO H 93 -25.14 -63.14 22.68
CA PRO H 93 -25.37 -64.10 21.58
C PRO H 93 -25.86 -63.45 20.30
N LEU H 94 -26.73 -62.44 20.41
CA LEU H 94 -27.21 -61.76 19.21
C LEU H 94 -26.10 -60.96 18.55
N GLU H 95 -25.27 -60.29 19.35
CA GLU H 95 -24.20 -59.46 18.80
C GLU H 95 -23.19 -60.29 18.04
N LEU H 96 -22.77 -61.43 18.60
CA LEU H 96 -21.79 -62.27 17.92
C LEU H 96 -22.35 -62.83 16.62
N THR H 97 -23.65 -63.16 16.61
CA THR H 97 -24.29 -63.63 15.39
C THR H 97 -24.35 -62.56 14.31
N LEU H 98 -24.54 -61.30 14.70
CA LEU H 98 -24.72 -60.21 13.74
C LEU H 98 -23.40 -59.67 13.21
N THR H 99 -22.26 -60.20 13.64
CA THR H 99 -20.98 -59.89 13.02
C THR H 99 -20.49 -60.99 12.08
N VAL H 100 -21.05 -62.20 12.19
CA VAL H 100 -20.63 -63.30 11.33
C VAL H 100 -21.41 -63.29 10.02
N ILE H 101 -22.72 -63.04 10.09
CA ILE H 101 -23.54 -63.04 8.87
C ILE H 101 -23.07 -61.99 7.86
N PRO H 102 -22.82 -60.72 8.24
CA PRO H 102 -22.26 -59.79 7.25
C PRO H 102 -20.91 -60.22 6.71
N PHE H 103 -20.09 -60.87 7.54
CA PHE H 103 -18.79 -61.35 7.07
C PHE H 103 -18.96 -62.44 6.01
N LEU H 104 -19.96 -63.32 6.19
CA LEU H 104 -20.21 -64.37 5.21
C LEU H 104 -20.67 -63.79 3.88
N ILE H 105 -21.54 -62.77 3.92
CA ILE H 105 -22.06 -62.20 2.68
C ILE H 105 -20.96 -61.52 1.88
N ILE H 106 -20.11 -60.73 2.55
CA ILE H 106 -19.02 -60.06 1.84
C ILE H 106 -18.00 -61.07 1.34
N SER H 107 -17.77 -62.16 2.08
CA SER H 107 -16.84 -63.19 1.62
C SER H 107 -17.35 -63.85 0.36
N VAL H 108 -18.66 -64.14 0.29
CA VAL H 108 -19.24 -64.70 -0.93
C VAL H 108 -19.15 -63.70 -2.07
N LEU H 109 -19.46 -62.43 -1.79
CA LEU H 109 -19.37 -61.40 -2.81
C LEU H 109 -17.93 -61.18 -3.27
N PHE H 110 -16.99 -61.25 -2.34
CA PHE H 110 -15.58 -61.07 -2.69
C PHE H 110 -15.10 -62.17 -3.64
N TYR H 111 -15.52 -63.41 -3.39
CA TYR H 111 -15.11 -64.51 -4.26
C TYR H 111 -15.59 -64.30 -5.69
N PHE H 112 -16.88 -64.00 -5.86
CA PHE H 112 -17.41 -63.72 -7.19
C PHE H 112 -16.83 -62.46 -7.78
N THR H 113 -16.49 -61.48 -6.92
CA THR H 113 -15.80 -60.28 -7.41
C THR H 113 -14.44 -60.62 -7.98
N VAL H 114 -13.68 -61.46 -7.28
CA VAL H 114 -12.36 -61.85 -7.76
C VAL H 114 -12.47 -62.67 -9.03
N VAL H 115 -13.49 -63.54 -9.11
CA VAL H 115 -13.65 -64.38 -10.30
C VAL H 115 -13.91 -63.51 -11.53
N VAL H 116 -14.80 -62.51 -11.40
CA VAL H 116 -15.19 -61.72 -12.56
C VAL H 116 -14.05 -60.82 -13.03
N GLN H 117 -13.35 -60.17 -12.09
CA GLN H 117 -12.28 -59.26 -12.50
C GLN H 117 -11.12 -60.00 -13.15
N GLU H 118 -10.87 -61.24 -12.75
CA GLU H 118 -9.84 -62.03 -13.41
C GLU H 118 -10.22 -62.31 -14.86
N ARG H 119 -11.50 -62.59 -15.11
CA ARG H 119 -11.96 -62.82 -16.48
C ARG H 119 -11.94 -61.54 -17.30
N MET H 120 -12.32 -60.43 -16.69
CA MET H 120 -12.38 -59.16 -17.42
C MET H 120 -11.00 -58.61 -17.73
N MET H 121 -10.02 -58.86 -16.87
CA MET H 121 -8.67 -58.36 -17.07
C MET H 121 -7.75 -59.37 -17.76
N HIS H 122 -8.28 -60.53 -18.16
CA HIS H 122 -7.46 -61.52 -18.84
C HIS H 122 -7.08 -61.02 -20.24
N LYS H 123 -5.83 -61.27 -20.62
CA LYS H 123 -5.30 -60.82 -21.90
C LYS H 123 -4.71 -62.01 -22.66
N ASP H 124 -5.16 -62.17 -23.90
CA ASP H 124 -4.64 -63.23 -24.77
C ASP H 124 -3.39 -62.75 -25.48
N PRO H 125 -2.33 -63.56 -25.54
CA PRO H 125 -1.10 -63.15 -26.22
C PRO H 125 -1.27 -62.95 -27.72
N ASN H 126 -2.36 -63.40 -28.32
CA ASN H 126 -2.57 -63.31 -29.77
C ASN H 126 -3.91 -62.64 -30.05
N PRO H 127 -4.00 -61.32 -29.88
CA PRO H 127 -5.22 -60.62 -30.29
C PRO H 127 -5.33 -60.54 -31.80
N GLU H 128 -6.56 -60.33 -32.28
CA GLU H 128 -6.81 -60.23 -33.70
C GLU H 128 -6.77 -58.81 -34.23
N VAL H 129 -7.12 -57.81 -33.40
CA VAL H 129 -7.02 -56.41 -33.76
C VAL H 129 -6.41 -55.66 -32.59
N VAL H 130 -5.39 -54.85 -32.87
CA VAL H 130 -4.73 -54.03 -31.87
C VAL H 130 -4.99 -52.56 -32.22
N ILE H 131 -5.56 -51.82 -31.28
CA ILE H 131 -5.95 -50.43 -31.48
C ILE H 131 -5.12 -49.55 -30.56
N ASP H 132 -4.50 -48.52 -31.13
CA ASP H 132 -3.79 -47.51 -30.36
C ASP H 132 -4.74 -46.36 -30.07
N VAL H 133 -5.07 -46.16 -28.80
CA VAL H 133 -5.97 -45.10 -28.38
C VAL H 133 -5.14 -43.97 -27.80
N THR H 134 -5.15 -42.82 -28.47
CA THR H 134 -4.42 -41.63 -28.04
C THR H 134 -5.42 -40.58 -27.60
N ALA H 135 -5.40 -40.24 -26.32
CA ALA H 135 -6.28 -39.23 -25.77
C ALA H 135 -5.50 -37.93 -25.54
N PHE H 136 -6.13 -36.81 -25.89
CA PHE H 136 -5.52 -35.51 -25.71
C PHE H 136 -6.61 -34.49 -25.46
N GLN H 137 -6.19 -33.28 -25.12
CA GLN H 137 -7.12 -32.17 -24.83
C GLN H 137 -7.39 -31.41 -26.13
N TRP H 138 -8.63 -31.45 -26.62
CA TRP H 138 -9.73 -32.24 -25.98
C TRP H 138 -10.45 -33.07 -27.06
N ASN H 139 -9.88 -34.22 -27.43
CA ASN H 139 -10.48 -35.11 -28.46
C ASN H 139 -9.82 -36.49 -28.37
N TRP H 140 -9.94 -37.28 -29.46
CA TRP H 140 -9.37 -38.61 -29.50
C TRP H 140 -8.67 -38.85 -30.82
N LYS H 141 -7.74 -39.81 -30.82
CA LYS H 141 -7.09 -40.31 -32.03
C LYS H 141 -6.99 -41.82 -31.94
N PHE H 142 -7.47 -42.51 -32.97
CA PHE H 142 -7.47 -43.96 -33.00
C PHE H 142 -6.57 -44.45 -34.13
N GLY H 143 -5.64 -45.35 -33.79
CA GLY H 143 -4.70 -45.90 -34.75
C GLY H 143 -4.78 -47.41 -34.77
N TYR H 144 -4.55 -47.98 -35.96
CA TYR H 144 -4.58 -49.42 -36.17
C TYR H 144 -3.15 -49.96 -36.12
N GLN H 145 -2.74 -50.45 -34.95
CA GLN H 145 -1.38 -50.93 -34.79
C GLN H 145 -1.13 -52.23 -35.55
N LYS H 146 -2.03 -53.19 -35.42
CA LYS H 146 -1.78 -54.51 -35.98
C LYS H 146 -3.10 -55.27 -36.09
N ILE H 147 -3.31 -55.90 -37.24
CA ILE H 147 -4.47 -56.74 -37.49
C ILE H 147 -3.98 -58.12 -37.92
N ALA H 148 -4.40 -59.15 -37.20
CA ALA H 148 -4.02 -60.54 -37.49
C ALA H 148 -5.23 -61.43 -37.21
N PHE H 149 -6.03 -61.66 -38.25
CA PHE H 149 -7.21 -62.50 -38.11
C PHE H 149 -6.81 -63.94 -37.78
N ALA H 150 -7.59 -64.57 -36.91
CA ALA H 150 -7.26 -65.93 -36.47
C ALA H 150 -7.38 -66.95 -37.59
N ASP H 151 -8.18 -66.67 -38.62
CA ASP H 151 -8.32 -67.55 -39.77
C ASP H 151 -7.33 -67.23 -40.88
N GLY H 152 -6.49 -66.21 -40.70
CA GLY H 152 -5.44 -65.91 -41.65
C GLY H 152 -5.88 -65.25 -42.94
N SER H 153 -7.08 -64.68 -42.99
CA SER H 153 -7.57 -64.02 -44.19
C SER H 153 -7.20 -62.55 -44.25
N PHE H 154 -6.56 -62.01 -43.22
CA PHE H 154 -6.19 -60.60 -43.20
C PHE H 154 -5.04 -60.39 -42.23
N ASP H 155 -3.91 -59.91 -42.74
CA ASP H 155 -2.77 -59.53 -41.92
C ASP H 155 -2.31 -58.13 -42.32
N TYR H 156 -2.01 -57.31 -41.32
CA TYR H 156 -1.61 -55.92 -41.58
C TYR H 156 -0.78 -55.41 -40.41
N ASP H 157 0.35 -54.79 -40.73
CA ASP H 157 1.24 -54.21 -39.72
C ASP H 157 1.20 -52.70 -39.88
N GLY H 158 0.59 -52.01 -38.92
CA GLY H 158 0.42 -50.58 -38.99
C GLY H 158 1.40 -49.79 -38.16
N ALA H 159 2.41 -50.46 -37.62
CA ALA H 159 3.40 -49.79 -36.78
C ALA H 159 4.15 -48.74 -37.59
N ASP H 160 4.38 -47.59 -36.96
CA ASP H 160 5.05 -46.44 -37.58
C ASP H 160 6.21 -46.02 -36.69
N PRO H 161 7.34 -46.72 -36.73
CA PRO H 161 8.47 -46.39 -35.86
C PRO H 161 9.33 -45.22 -36.33
N GLU H 162 9.15 -44.74 -37.55
CA GLU H 162 9.91 -43.59 -38.03
C GLU H 162 9.34 -42.26 -37.57
N ARG H 163 8.16 -42.26 -36.94
CA ARG H 163 7.61 -41.08 -36.31
C ARG H 163 7.65 -41.13 -34.79
N LYS H 164 7.79 -42.32 -34.21
CA LYS H 164 7.95 -42.46 -32.76
C LYS H 164 9.33 -42.05 -32.28
N GLU H 165 10.36 -42.23 -33.12
CA GLU H 165 11.72 -41.85 -32.78
C GLU H 165 11.99 -40.37 -33.00
N ALA H 166 11.06 -39.64 -33.61
CA ALA H 166 11.21 -38.21 -33.88
C ALA H 166 10.77 -37.34 -32.70
N MET H 167 10.24 -37.94 -31.64
CA MET H 167 9.80 -37.20 -30.46
C MET H 167 10.88 -37.11 -29.39
N THR H 168 11.95 -37.87 -29.50
CA THR H 168 12.95 -37.95 -28.43
C THR H 168 13.52 -36.58 -28.11
N SER H 169 13.59 -36.27 -26.81
CA SER H 169 14.07 -34.99 -26.31
C SER H 169 15.03 -35.26 -25.16
N ARG H 170 16.31 -34.91 -25.36
CA ARG H 170 17.33 -35.14 -24.34
C ARG H 170 18.22 -33.92 -24.17
N VAL H 182 22.02 -32.96 -17.37
CA VAL H 182 21.28 -33.88 -18.22
C VAL H 182 19.79 -33.64 -18.08
N GLY H 183 18.99 -34.56 -18.62
CA GLY H 183 17.55 -34.48 -18.53
C GLY H 183 17.06 -34.58 -17.11
N PRO H 184 16.00 -33.84 -16.79
CA PRO H 184 15.48 -33.85 -15.40
C PRO H 184 15.01 -35.23 -14.94
N ILE H 185 14.48 -36.05 -15.84
CA ILE H 185 13.93 -37.35 -15.48
C ILE H 185 14.67 -38.40 -16.30
N ARG H 186 15.48 -39.21 -15.61
CA ARG H 186 16.29 -40.29 -16.18
C ARG H 186 16.91 -39.90 -17.52
N GLY H 187 17.40 -38.67 -17.63
CA GLY H 187 18.01 -38.18 -18.84
C GLY H 187 17.07 -37.63 -19.89
N MET H 188 15.77 -37.55 -19.59
CA MET H 188 14.77 -37.06 -20.54
C MET H 188 14.04 -35.85 -19.97
N THR H 189 13.77 -34.88 -20.84
CA THR H 189 12.95 -33.75 -20.47
C THR H 189 11.48 -34.16 -20.42
N PRO H 190 10.62 -33.40 -19.72
CA PRO H 190 9.20 -33.73 -19.69
C PRO H 190 8.50 -33.66 -21.04
N GLU H 191 9.18 -33.23 -22.10
CA GLU H 191 8.61 -33.19 -23.43
C GLU H 191 9.08 -34.35 -24.30
N ASP H 192 9.41 -35.49 -23.69
CA ASP H 192 9.95 -36.61 -24.43
C ASP H 192 8.91 -37.20 -25.38
N ARG H 193 7.71 -37.49 -24.88
CA ARG H 193 6.56 -37.95 -25.67
C ARG H 193 6.82 -39.24 -26.44
N THR H 194 7.93 -39.93 -26.18
CA THR H 194 8.21 -41.17 -26.91
C THR H 194 7.29 -42.32 -26.49
N TYR H 195 6.57 -42.14 -25.37
CA TYR H 195 5.65 -43.19 -24.85
C TYR H 195 4.44 -43.36 -25.77
N LEU H 196 4.14 -42.35 -26.58
CA LEU H 196 2.98 -42.40 -27.48
C LEU H 196 3.27 -43.30 -28.67
N ASN H 197 2.20 -43.84 -29.26
CA ASN H 197 2.28 -44.73 -30.39
C ASN H 197 1.67 -44.06 -31.62
N PHE H 198 2.28 -44.28 -32.78
CA PHE H 198 1.82 -43.71 -34.04
C PHE H 198 1.66 -44.81 -35.07
N ASP H 199 0.68 -44.65 -35.95
CA ASP H 199 0.34 -45.68 -36.92
C ASP H 199 0.07 -45.05 -38.28
N LYS H 200 0.12 -45.88 -39.32
CA LYS H 200 -0.10 -45.41 -40.69
C LYS H 200 -1.54 -44.98 -40.91
N ILE H 201 -2.49 -45.78 -40.45
CA ILE H 201 -3.92 -45.46 -40.55
C ILE H 201 -4.38 -44.94 -39.20
N GLU H 202 -4.75 -43.67 -39.14
CA GLU H 202 -5.16 -43.05 -37.89
C GLU H 202 -6.43 -42.23 -38.12
N THR H 203 -7.38 -42.36 -37.20
CA THR H 203 -8.60 -41.58 -37.21
C THR H 203 -8.47 -40.47 -36.17
N LEU H 204 -8.35 -39.23 -36.63
CA LEU H 204 -8.09 -38.09 -35.76
C LEU H 204 -9.40 -37.35 -35.50
N GLY H 205 -9.69 -37.13 -34.21
CA GLY H 205 -10.93 -36.43 -33.79
C GLY H 205 -10.86 -34.94 -34.08
N THR H 206 -12.01 -34.33 -34.39
CA THR H 206 -12.09 -32.87 -34.70
C THR H 206 -13.19 -32.24 -33.86
N SER H 207 -13.25 -30.90 -33.83
CA SER H 207 -14.28 -30.17 -33.05
C SER H 207 -15.61 -30.20 -33.79
N SER H 208 -15.57 -30.42 -35.12
CA SER H 208 -16.80 -30.46 -35.94
C SER H 208 -16.94 -31.84 -36.60
N GLU H 209 -16.20 -32.84 -36.08
CA GLU H 209 -16.25 -34.22 -36.63
C GLU H 209 -15.91 -35.21 -35.52
N ILE H 210 -16.92 -35.98 -35.06
CA ILE H 210 -16.72 -36.97 -33.99
C ILE H 210 -15.85 -38.11 -34.52
N PRO H 211 -14.77 -38.49 -33.85
CA PRO H 211 -13.95 -39.61 -34.32
C PRO H 211 -14.72 -40.92 -34.17
N VAL H 212 -14.70 -41.72 -35.24
CA VAL H 212 -15.40 -43.00 -35.28
C VAL H 212 -14.37 -44.11 -35.42
N LEU H 213 -14.37 -45.03 -34.48
CA LEU H 213 -13.48 -46.18 -34.53
C LEU H 213 -14.21 -47.38 -35.11
N VAL H 214 -13.62 -47.98 -36.15
CA VAL H 214 -14.22 -49.10 -36.86
C VAL H 214 -13.55 -50.39 -36.42
N LEU H 215 -14.34 -51.35 -35.96
CA LEU H 215 -13.86 -52.61 -35.48
C LEU H 215 -14.66 -53.75 -36.10
N PRO H 216 -14.04 -54.92 -36.28
CA PRO H 216 -14.79 -56.08 -36.80
C PRO H 216 -15.52 -56.82 -35.69
N ALA H 217 -16.66 -57.40 -36.06
CA ALA H 217 -17.45 -58.17 -35.11
C ALA H 217 -16.93 -59.59 -34.99
N GLY H 218 -17.00 -60.13 -33.77
CA GLY H 218 -16.57 -61.49 -33.52
C GLY H 218 -15.08 -61.70 -33.44
N LYS H 219 -14.29 -60.62 -33.32
CA LYS H 219 -12.84 -60.70 -33.27
C LYS H 219 -12.33 -60.13 -31.97
N ARG H 220 -11.21 -60.66 -31.50
CA ARG H 220 -10.59 -60.17 -30.27
C ARG H 220 -9.91 -58.83 -30.53
N ILE H 221 -10.25 -57.83 -29.74
CA ILE H 221 -9.75 -56.47 -29.91
C ILE H 221 -8.88 -56.11 -28.71
N GLU H 222 -7.69 -55.58 -28.97
CA GLU H 222 -6.79 -55.09 -27.95
C GLU H 222 -6.73 -53.57 -28.02
N PHE H 223 -6.92 -52.93 -26.87
CA PHE H 223 -6.87 -51.48 -26.77
C PHE H 223 -5.64 -51.06 -25.96
N VAL H 224 -4.79 -50.23 -26.55
CA VAL H 224 -3.64 -49.66 -25.88
C VAL H 224 -3.91 -48.17 -25.67
N LEU H 225 -3.94 -47.75 -24.42
CA LEU H 225 -4.34 -46.40 -24.05
C LEU H 225 -3.11 -45.58 -23.68
N ASN H 226 -2.93 -44.44 -24.35
CA ASN H 226 -1.88 -43.49 -24.02
C ASN H 226 -2.46 -42.09 -24.12
N SER H 227 -2.10 -41.24 -23.17
CA SER H 227 -2.60 -39.88 -23.11
C SER H 227 -1.46 -38.88 -23.33
N ALA H 228 -1.73 -37.85 -24.14
CA ALA H 228 -0.69 -36.89 -24.48
C ALA H 228 -0.36 -35.98 -23.31
N ASP H 229 -1.40 -35.42 -22.72
CA ASP H 229 -1.23 -34.38 -21.71
C ASP H 229 -1.63 -34.84 -20.31
N VAL H 230 -2.93 -35.00 -20.07
CA VAL H 230 -3.51 -35.20 -18.72
C VAL H 230 -4.08 -36.61 -18.64
N ILE H 231 -5.03 -36.84 -17.74
CA ILE H 231 -5.67 -38.18 -17.65
C ILE H 231 -7.04 -38.05 -18.31
N HIS H 232 -7.39 -39.01 -19.14
CA HIS H 232 -8.70 -39.06 -19.76
C HIS H 232 -9.38 -40.39 -19.40
N GLY H 233 -10.58 -40.58 -19.94
CA GLY H 233 -11.31 -41.80 -19.66
C GLY H 233 -11.85 -42.48 -20.91
N PHE H 234 -11.50 -43.74 -21.10
CA PHE H 234 -11.98 -44.53 -22.23
C PHE H 234 -13.14 -45.38 -21.75
N TRP H 235 -14.37 -44.90 -22.00
CA TRP H 235 -15.58 -45.56 -21.53
C TRP H 235 -16.53 -45.77 -22.70
N VAL H 236 -16.80 -47.02 -23.03
CA VAL H 236 -17.91 -47.40 -23.89
C VAL H 236 -18.99 -48.02 -23.00
N PRO H 237 -20.13 -47.36 -22.80
CA PRO H 237 -21.15 -47.92 -21.88
C PRO H 237 -21.59 -49.33 -22.26
N GLU H 238 -21.62 -49.65 -23.55
CA GLU H 238 -21.97 -51.00 -23.96
C GLU H 238 -20.89 -52.02 -23.62
N PHE H 239 -19.65 -51.57 -23.42
CA PHE H 239 -18.60 -52.47 -22.95
C PHE H 239 -18.76 -52.82 -21.48
N LEU H 240 -19.50 -52.00 -20.72
CA LEU H 240 -19.66 -52.17 -19.28
C LEU H 240 -18.30 -52.23 -18.58
N PHE H 241 -17.37 -51.39 -19.05
CA PHE H 241 -16.00 -51.38 -18.55
C PHE H 241 -15.32 -50.11 -19.05
N LYS H 242 -14.43 -49.56 -18.23
CA LYS H 242 -13.64 -48.41 -18.62
C LYS H 242 -12.31 -48.43 -17.91
N ARG H 243 -11.34 -47.75 -18.49
CA ARG H 243 -10.02 -47.60 -17.91
C ARG H 243 -9.52 -46.19 -18.17
N ASP H 244 -8.79 -45.64 -17.20
CA ASP H 244 -8.22 -44.31 -17.33
C ASP H 244 -7.07 -44.32 -18.33
N VAL H 245 -6.95 -43.23 -19.07
CA VAL H 245 -5.90 -43.06 -20.08
C VAL H 245 -4.84 -42.15 -19.49
N LEU H 246 -3.63 -42.68 -19.32
CA LEU H 246 -2.62 -41.96 -18.56
C LEU H 246 -1.44 -41.54 -19.43
N PRO H 247 -0.84 -40.38 -19.16
CA PRO H 247 0.46 -40.06 -19.74
C PRO H 247 1.58 -40.75 -18.98
N GLU H 248 2.52 -41.31 -19.71
CA GLU H 248 3.57 -42.16 -19.15
C GLU H 248 2.98 -43.28 -18.30
N PRO H 249 2.14 -44.15 -18.89
CA PRO H 249 1.54 -45.23 -18.08
C PRO H 249 2.57 -46.19 -17.50
N LYS H 250 3.65 -46.46 -18.23
CA LYS H 250 4.66 -47.37 -17.73
C LYS H 250 5.38 -46.80 -16.50
N ALA H 251 5.69 -45.50 -16.54
CA ALA H 251 6.36 -44.86 -15.42
C ALA H 251 5.47 -44.78 -14.18
N ASN H 252 4.15 -44.86 -14.36
CA ASN H 252 3.21 -44.83 -13.26
C ASN H 252 2.72 -46.21 -12.87
N ASN H 253 3.35 -47.27 -13.39
CA ASN H 253 3.02 -48.65 -13.06
C ASN H 253 1.56 -48.98 -13.41
N SER H 254 1.04 -48.35 -14.47
CA SER H 254 -0.33 -48.58 -14.89
C SER H 254 -0.37 -49.54 -16.07
N ASP H 255 -1.29 -50.50 -16.00
CA ASP H 255 -1.51 -51.45 -17.10
C ASP H 255 -2.52 -50.81 -18.05
N ASN H 256 -2.01 -50.21 -19.13
CA ASN H 256 -2.82 -49.45 -20.06
C ASN H 256 -3.36 -50.30 -21.21
N VAL H 257 -3.31 -51.62 -21.08
CA VAL H 257 -3.76 -52.52 -22.13
C VAL H 257 -4.87 -53.41 -21.59
N PHE H 258 -6.01 -53.42 -22.27
CA PHE H 258 -7.11 -54.33 -21.95
C PHE H 258 -7.67 -54.89 -23.24
N GLN H 259 -8.23 -56.09 -23.15
CA GLN H 259 -8.75 -56.81 -24.31
C GLN H 259 -10.18 -57.23 -24.08
N VAL H 260 -10.93 -57.33 -25.17
CA VAL H 260 -12.26 -57.92 -25.17
C VAL H 260 -12.21 -59.15 -26.07
N SER H 261 -12.84 -60.24 -25.62
CA SER H 261 -12.78 -61.48 -26.37
C SER H 261 -13.41 -61.35 -27.75
N GLU H 262 -14.55 -60.67 -27.83
CA GLU H 262 -15.21 -60.41 -29.11
C GLU H 262 -16.34 -59.43 -28.88
N ILE H 263 -16.81 -58.84 -29.97
CA ILE H 263 -18.02 -58.00 -29.96
C ILE H 263 -19.11 -58.80 -30.67
N GLN H 264 -20.20 -59.05 -29.96
CA GLN H 264 -21.20 -60.02 -30.37
C GLN H 264 -22.24 -59.47 -31.32
N GLN H 265 -22.25 -58.16 -31.58
CA GLN H 265 -23.22 -57.60 -32.52
C GLN H 265 -22.65 -56.35 -33.17
N THR H 266 -23.17 -56.04 -34.35
CA THR H 266 -22.75 -54.86 -35.09
C THR H 266 -23.64 -53.67 -34.74
N GLY H 267 -23.13 -52.48 -35.00
CA GLY H 267 -23.86 -51.26 -34.76
C GLY H 267 -22.91 -50.13 -34.40
N ALA H 268 -23.50 -49.07 -33.84
CA ALA H 268 -22.74 -47.90 -33.41
C ALA H 268 -22.99 -47.67 -31.94
N PHE H 269 -21.91 -47.45 -31.19
CA PHE H 269 -21.99 -47.29 -29.74
C PHE H 269 -21.18 -46.06 -29.34
N VAL H 270 -21.76 -45.24 -28.46
CA VAL H 270 -21.12 -43.99 -28.07
C VAL H 270 -20.01 -44.26 -27.05
N GLY H 271 -19.02 -43.39 -27.04
CA GLY H 271 -17.99 -43.42 -26.03
C GLY H 271 -17.75 -42.04 -25.48
N ARG H 272 -17.47 -41.98 -24.18
CA ARG H 272 -17.34 -40.73 -23.47
C ARG H 272 -16.08 -40.72 -22.61
N CYS H 273 -15.59 -39.52 -22.33
CA CYS H 273 -14.48 -39.34 -21.40
C CYS H 273 -15.01 -39.25 -19.98
N THR H 274 -14.36 -39.94 -19.05
CA THR H 274 -14.84 -40.04 -17.67
C THR H 274 -13.95 -39.32 -16.68
N GLU H 275 -12.69 -39.04 -17.01
CA GLU H 275 -11.76 -38.43 -16.09
C GLU H 275 -11.68 -36.93 -16.39
N MET H 276 -11.81 -36.12 -15.34
CA MET H 276 -11.77 -34.67 -15.48
C MET H 276 -10.47 -34.24 -16.15
N CYS H 277 -10.60 -33.67 -17.36
CA CYS H 277 -9.43 -33.36 -18.18
C CYS H 277 -9.38 -31.91 -18.64
N GLY H 278 -10.28 -31.04 -18.17
CA GLY H 278 -10.20 -29.63 -18.47
C GLY H 278 -11.53 -29.06 -18.94
N THR H 279 -11.45 -27.99 -19.73
CA THR H 279 -12.63 -27.22 -20.09
C THR H 279 -13.63 -28.05 -20.89
N PHE H 280 -13.14 -28.85 -21.83
CA PHE H 280 -13.98 -29.60 -22.75
C PHE H 280 -13.98 -31.09 -22.42
N HIS H 281 -14.08 -31.39 -21.12
CA HIS H 281 -14.12 -32.79 -20.64
C HIS H 281 -15.46 -33.43 -21.03
N ALA H 282 -16.51 -32.60 -21.18
CA ALA H 282 -17.83 -33.09 -21.55
C ALA H 282 -18.08 -33.07 -23.06
N MET H 283 -17.14 -32.56 -23.85
CA MET H 283 -17.34 -32.37 -25.28
C MET H 283 -16.24 -33.07 -26.08
N MET H 284 -15.89 -34.29 -25.68
CA MET H 284 -14.90 -35.07 -26.42
C MET H 284 -15.36 -36.52 -26.52
N ASN H 285 -16.62 -36.70 -26.88
CA ASN H 285 -17.19 -38.02 -27.08
C ASN H 285 -16.70 -38.62 -28.40
N PHE H 286 -16.77 -39.95 -28.48
CA PHE H 286 -16.41 -40.68 -29.69
C PHE H 286 -17.44 -41.77 -29.94
N GLU H 287 -17.28 -42.47 -31.06
CA GLU H 287 -18.20 -43.53 -31.44
C GLU H 287 -17.41 -44.75 -31.90
N VAL H 288 -17.89 -45.93 -31.54
CA VAL H 288 -17.32 -47.19 -31.99
C VAL H 288 -18.30 -47.82 -32.98
N ARG H 289 -17.84 -48.02 -34.21
CA ARG H 289 -18.65 -48.62 -35.26
C ARG H 289 -18.19 -50.06 -35.46
N VAL H 290 -19.10 -51.00 -35.29
CA VAL H 290 -18.80 -52.43 -35.43
C VAL H 290 -19.41 -52.91 -36.74
N VAL H 291 -18.60 -53.52 -37.59
CA VAL H 291 -19.03 -54.02 -38.88
C VAL H 291 -18.58 -55.47 -39.02
N GLU H 292 -19.05 -56.12 -40.10
CA GLU H 292 -18.71 -57.54 -40.39
C GLU H 292 -17.24 -57.66 -40.80
N PRO H 293 -16.58 -58.81 -40.58
CA PRO H 293 -15.16 -58.99 -40.94
C PRO H 293 -14.85 -58.56 -42.38
N ASN H 294 -15.69 -58.97 -43.33
CA ASN H 294 -15.50 -58.62 -44.76
C ASN H 294 -15.59 -57.09 -44.92
N ASP H 295 -16.53 -56.46 -44.21
CA ASP H 295 -16.71 -54.99 -44.28
C ASP H 295 -15.47 -54.31 -43.72
N PHE H 296 -14.96 -54.80 -42.58
CA PHE H 296 -13.77 -54.23 -41.96
C PHE H 296 -12.56 -54.33 -42.87
N LYS H 297 -12.40 -55.45 -43.56
CA LYS H 297 -11.31 -55.59 -44.52
C LYS H 297 -11.45 -54.60 -45.66
N ALA H 298 -12.67 -54.40 -46.15
CA ALA H 298 -12.89 -53.42 -47.20
C ALA H 298 -12.58 -52.00 -46.72
N TYR H 299 -12.96 -51.68 -45.48
CA TYR H 299 -12.73 -50.34 -44.95
C TYR H 299 -11.23 -50.06 -44.80
N ILE H 300 -10.47 -51.05 -44.33
CA ILE H 300 -9.03 -50.86 -44.15
C ILE H 300 -8.35 -50.63 -45.49
N ASP H 301 -8.78 -51.36 -46.52
CA ASP H 301 -8.22 -51.16 -47.86
C ASP H 301 -8.49 -49.75 -48.36
N GLN H 302 -9.69 -49.23 -48.11
CA GLN H 302 -9.99 -47.86 -48.51
C GLN H 302 -9.10 -46.87 -47.78
N ARG H 303 -8.90 -47.07 -46.48
CA ARG H 303 -8.01 -46.19 -45.72
C ARG H 303 -6.58 -46.29 -46.22
N ASN H 304 -6.14 -47.50 -46.57
CA ASN H 304 -4.81 -47.66 -47.16
C ASN H 304 -4.71 -46.98 -48.51
N ALA H 305 -5.83 -46.85 -49.22
CA ALA H 305 -5.86 -46.18 -50.52
C ALA H 305 -5.94 -44.66 -50.42
N GLY H 306 -5.67 -44.11 -49.24
CA GLY H 306 -5.67 -42.66 -49.05
C GLY H 306 -7.01 -42.05 -48.69
N LYS H 307 -8.07 -42.84 -48.61
CA LYS H 307 -9.38 -42.31 -48.24
C LYS H 307 -9.40 -41.89 -46.78
N THR H 308 -10.17 -40.84 -46.49
CA THR H 308 -10.38 -40.41 -45.12
C THR H 308 -11.38 -41.32 -44.43
N ASN H 309 -11.57 -41.12 -43.13
CA ASN H 309 -12.49 -41.97 -42.38
C ASN H 309 -13.92 -41.83 -42.86
N ALA H 310 -14.34 -40.60 -43.19
CA ALA H 310 -15.72 -40.37 -43.60
C ALA H 310 -16.03 -41.04 -44.93
N GLU H 311 -15.15 -40.88 -45.92
CA GLU H 311 -15.43 -41.45 -47.24
C GLU H 311 -15.20 -42.95 -47.28
N ALA H 312 -14.26 -43.46 -46.47
CA ALA H 312 -14.07 -44.90 -46.39
C ALA H 312 -15.28 -45.59 -45.79
N LEU H 313 -15.91 -44.97 -44.78
CA LEU H 313 -17.14 -45.51 -44.23
C LEU H 313 -18.26 -45.49 -45.26
N ALA H 314 -18.33 -44.43 -46.07
CA ALA H 314 -19.32 -44.38 -47.13
C ALA H 314 -19.06 -45.42 -48.21
N ALA H 315 -17.81 -45.87 -48.34
CA ALA H 315 -17.48 -46.88 -49.33
C ALA H 315 -17.98 -48.26 -48.96
N ILE H 316 -18.26 -48.51 -47.69
CA ILE H 316 -18.78 -49.78 -47.23
C ILE H 316 -20.26 -49.68 -46.84
N ASN H 317 -20.97 -48.73 -47.43
CA ASN H 317 -22.40 -48.53 -47.20
C ASN H 317 -22.69 -48.27 -45.71
N GLN H 318 -21.90 -47.38 -45.12
CA GLN H 318 -22.08 -46.95 -43.75
C GLN H 318 -22.20 -45.43 -43.68
N PRO H 319 -22.91 -44.90 -42.68
CA PRO H 319 -22.98 -43.45 -42.51
C PRO H 319 -21.60 -42.85 -42.35
N PRO H 320 -21.31 -41.73 -43.03
CA PRO H 320 -19.96 -41.15 -42.92
C PRO H 320 -19.66 -40.56 -41.56
N LEU H 321 -20.67 -40.06 -40.84
CA LEU H 321 -20.49 -39.42 -39.55
C LEU H 321 -21.09 -40.28 -38.45
N ALA H 322 -20.74 -39.93 -37.21
CA ALA H 322 -21.27 -40.65 -36.06
C ALA H 322 -22.77 -40.44 -35.94
N ILE H 323 -23.48 -41.50 -35.57
CA ILE H 323 -24.93 -41.45 -35.45
C ILE H 323 -25.41 -41.48 -34.01
N THR H 324 -24.66 -42.05 -33.08
CA THR H 324 -25.05 -42.02 -31.68
C THR H 324 -24.80 -40.66 -31.05
N THR H 325 -23.78 -39.94 -31.51
CA THR H 325 -23.46 -38.61 -31.00
C THR H 325 -23.13 -37.69 -32.17
N GLU H 326 -23.30 -36.40 -31.93
CA GLU H 326 -23.00 -35.36 -32.92
C GLU H 326 -22.08 -34.32 -32.30
N PRO H 327 -21.30 -33.62 -33.11
CA PRO H 327 -20.39 -32.60 -32.56
C PRO H 327 -21.14 -31.51 -31.84
N PHE H 328 -20.55 -31.05 -30.74
CA PHE H 328 -21.13 -29.95 -29.98
C PHE H 328 -20.93 -28.62 -30.70
N GLU H 329 -21.90 -27.73 -30.56
CA GLU H 329 -21.75 -26.39 -31.11
C GLU H 329 -20.57 -25.67 -30.48
N SER H 330 -19.74 -25.08 -31.33
CA SER H 330 -18.51 -24.36 -30.90
C SER H 330 -18.87 -23.14 -30.05
N ARG H 331 -20.06 -22.57 -30.25
CA ARG H 331 -20.45 -21.39 -29.49
C ARG H 331 -20.49 -21.72 -28.00
N ARG H 332 -20.02 -20.78 -27.17
CA ARG H 332 -19.88 -21.03 -25.75
C ARG H 332 -21.22 -21.12 -25.03
N GLY H 333 -22.32 -20.78 -25.68
CA GLY H 333 -23.62 -20.88 -25.05
C GLY H 333 -24.69 -20.23 -25.91
N GLU H 334 -25.91 -20.24 -25.38
CA GLU H 334 -27.05 -19.67 -26.08
C GLU H 334 -27.12 -18.15 -25.99
N LEU H 335 -26.40 -17.54 -25.05
CA LEU H 335 -26.39 -16.09 -24.92
C LEU H 335 -25.32 -15.41 -25.78
N VAL H 336 -24.50 -16.18 -26.48
CA VAL H 336 -23.44 -15.62 -27.31
C VAL H 336 -24.04 -15.04 -28.59
N SER I 2 -40.53 -30.55 -23.34
CA SER I 2 -40.49 -29.20 -23.89
C SER I 2 -39.66 -28.27 -23.03
N THR I 3 -39.86 -26.97 -23.19
CA THR I 3 -39.14 -25.97 -22.41
C THR I 3 -40.02 -25.21 -21.43
N ALA I 4 -41.30 -24.98 -21.75
CA ALA I 4 -42.19 -24.32 -20.80
C ALA I 4 -42.56 -25.26 -19.65
N LEU I 5 -42.75 -26.54 -19.95
CA LEU I 5 -43.07 -27.50 -18.91
C LEU I 5 -41.90 -27.68 -17.94
N THR I 6 -40.67 -27.68 -18.47
CA THR I 6 -39.51 -27.86 -17.62
C THR I 6 -39.38 -26.73 -16.60
N HIS I 7 -39.56 -25.48 -17.03
CA HIS I 7 -39.49 -24.36 -16.11
C HIS I 7 -40.69 -24.33 -15.17
N GLY I 8 -41.85 -24.81 -15.62
CA GLY I 8 -43.01 -24.86 -14.75
C GLY I 8 -42.84 -25.84 -13.60
N LEU I 9 -42.29 -27.02 -13.89
CA LEU I 9 -42.08 -28.01 -12.83
C LEU I 9 -41.02 -27.56 -11.85
N ILE I 10 -39.93 -26.96 -12.34
CA ILE I 10 -38.84 -26.54 -11.47
C ILE I 10 -39.29 -25.45 -10.51
N GLY I 11 -40.04 -24.48 -11.01
CA GLY I 11 -40.49 -23.37 -10.19
C GLY I 11 -41.81 -23.61 -9.49
N GLY I 12 -42.61 -24.55 -9.99
CA GLY I 12 -43.95 -24.76 -9.47
C GLY I 12 -44.05 -25.82 -8.39
N VAL I 13 -43.41 -26.97 -8.61
CA VAL I 13 -43.52 -28.08 -7.65
C VAL I 13 -42.98 -27.72 -6.28
N PRO I 14 -41.79 -27.12 -6.14
CA PRO I 14 -41.32 -26.76 -4.79
C PRO I 14 -42.26 -25.81 -4.05
N LEU I 15 -42.86 -24.86 -4.76
CA LEU I 15 -43.78 -23.93 -4.11
C LEU I 15 -45.09 -24.62 -3.74
N VAL I 16 -45.60 -25.49 -4.61
CA VAL I 16 -46.83 -26.22 -4.31
C VAL I 16 -46.60 -27.17 -3.14
N LEU I 17 -45.47 -27.87 -3.14
CA LEU I 17 -45.16 -28.78 -2.04
C LEU I 17 -44.96 -28.01 -0.74
N PHE I 18 -44.32 -26.84 -0.81
CA PHE I 18 -44.13 -26.02 0.39
C PHE I 18 -45.47 -25.59 0.97
N ALA I 19 -46.41 -25.17 0.11
CA ALA I 19 -47.72 -24.73 0.60
C ALA I 19 -48.49 -25.90 1.21
N VAL I 20 -48.46 -27.06 0.57
CA VAL I 20 -49.21 -28.21 1.06
C VAL I 20 -48.66 -28.67 2.41
N LEU I 21 -47.34 -28.78 2.51
CA LEU I 21 -46.73 -29.24 3.76
C LEU I 21 -46.88 -28.21 4.88
N ALA I 22 -46.83 -26.92 4.54
CA ALA I 22 -47.04 -25.89 5.55
C ALA I 22 -48.46 -25.90 6.09
N LEU I 23 -49.44 -26.16 5.22
CA LEU I 23 -50.83 -26.25 5.68
C LEU I 23 -51.03 -27.43 6.61
N ILE I 24 -50.29 -28.52 6.39
CA ILE I 24 -50.43 -29.71 7.23
C ILE I 24 -49.87 -29.45 8.63
N PHE I 25 -48.70 -28.81 8.71
CA PHE I 25 -47.96 -28.70 9.96
C PHE I 25 -48.16 -27.37 10.68
N LEU I 26 -48.15 -26.25 9.96
CA LEU I 26 -48.24 -24.94 10.60
C LEU I 26 -49.64 -24.58 11.04
N THR I 27 -50.66 -25.32 10.61
CA THR I 27 -52.02 -25.10 11.08
C THR I 27 -52.35 -25.88 12.34
N ARG I 28 -51.43 -26.72 12.81
CA ARG I 28 -51.66 -27.48 14.04
C ARG I 28 -51.50 -26.58 15.26
N LYS I 29 -52.03 -27.07 16.39
CA LYS I 29 -51.96 -26.32 17.67
C LYS I 29 -50.60 -26.60 18.34
N GLY I 30 -49.88 -25.53 18.70
CA GLY I 30 -48.59 -25.66 19.35
C GLY I 30 -48.73 -25.98 20.82
N PRO I 31 -47.59 -26.25 21.45
CA PRO I 31 -47.60 -26.57 22.89
C PRO I 31 -47.90 -25.38 23.79
N HIS I 32 -47.95 -24.18 23.21
CA HIS I 32 -48.25 -22.94 23.98
C HIS I 32 -49.62 -23.06 24.63
N PRO I 33 -49.80 -22.64 25.90
CA PRO I 33 -51.10 -22.73 26.57
C PRO I 33 -52.10 -21.71 26.02
N ASP I 34 -53.40 -22.02 26.12
CA ASP I 34 -54.48 -21.12 25.62
C ASP I 34 -54.54 -19.88 26.52
N THR I 35 -54.75 -18.71 25.92
CA THR I 35 -54.84 -17.46 26.67
C THR I 35 -55.95 -17.54 27.71
N TYR I 36 -55.64 -17.12 28.93
CA TYR I 36 -56.62 -17.16 30.01
C TYR I 36 -57.75 -16.17 29.76
N LYS I 37 -58.97 -16.56 30.12
CA LYS I 37 -60.15 -15.74 29.96
C LYS I 37 -60.71 -15.35 31.33
N MET I 38 -61.22 -14.12 31.44
CA MET I 38 -61.76 -13.65 32.70
C MET I 38 -62.98 -14.47 33.14
N SER I 39 -63.85 -14.81 32.19
CA SER I 39 -65.05 -15.57 32.53
C SER I 39 -64.72 -16.93 33.14
N ASP I 40 -63.56 -17.50 32.83
CA ASP I 40 -63.14 -18.76 33.42
C ASP I 40 -62.39 -18.51 34.72
N PRO I 41 -62.48 -19.44 35.67
CA PRO I 41 -61.73 -19.28 36.93
C PRO I 41 -60.23 -19.35 36.70
N TRP I 42 -59.50 -18.70 37.61
CA TRP I 42 -58.04 -18.69 37.56
C TRP I 42 -57.54 -19.97 38.20
N THR I 43 -57.33 -21.00 37.38
CA THR I 43 -56.87 -22.30 37.83
C THR I 43 -55.36 -22.44 37.79
N HIS I 44 -54.65 -21.44 37.28
CA HIS I 44 -53.20 -21.50 37.20
C HIS I 44 -52.58 -21.22 38.57
N ALA I 45 -51.33 -21.63 38.72
CA ALA I 45 -50.59 -21.36 39.95
C ALA I 45 -50.36 -19.86 40.09
N PRO I 46 -50.23 -19.35 41.32
CA PRO I 46 -49.97 -17.92 41.50
C PRO I 46 -48.68 -17.49 40.81
N ILE I 47 -48.74 -16.30 40.20
CA ILE I 47 -47.65 -15.78 39.38
C ILE I 47 -47.11 -14.52 40.03
N LEU I 48 -45.80 -14.46 40.22
CA LEU I 48 -45.12 -13.26 40.73
C LEU I 48 -44.06 -12.86 39.72
N TRP I 49 -44.25 -11.70 39.09
CA TRP I 49 -43.32 -11.17 38.11
C TRP I 49 -42.65 -9.91 38.64
N ALA I 50 -41.33 -9.83 38.48
CA ALA I 50 -40.57 -8.68 38.94
C ALA I 50 -39.45 -8.40 37.95
N ALA I 51 -39.18 -7.11 37.74
CA ALA I 51 -38.10 -6.71 36.84
C ALA I 51 -36.75 -6.88 37.52
N GLU I 52 -35.72 -7.13 36.70
CA GLU I 52 -34.37 -7.29 37.22
C GLU I 52 -33.66 -5.96 37.43
N GLU I 53 -34.27 -4.83 37.02
CA GLU I 53 -33.66 -3.53 37.21
C GLU I 53 -34.41 -2.74 38.28
N PRO I 54 -33.70 -1.96 39.11
CA PRO I 54 -32.24 -1.78 39.10
C PRO I 54 -31.48 -2.98 39.65
N ARG I 55 -30.26 -3.18 39.17
CA ARG I 55 -29.45 -4.31 39.60
C ARG I 55 -29.10 -4.18 41.08
N GLU I 56 -29.15 -5.31 41.78
CA GLU I 56 -28.82 -5.34 43.20
C GLU I 56 -27.40 -5.83 43.43
N VAL I 69 -38.90 -5.19 56.43
CA VAL I 69 -39.54 -4.59 55.27
C VAL I 69 -40.63 -3.62 55.69
N VAL I 70 -40.28 -2.33 55.74
CA VAL I 70 -41.24 -1.26 56.14
C VAL I 70 -41.95 -0.74 54.89
N ILE I 71 -43.28 -0.83 54.87
CA ILE I 71 -44.09 -0.35 53.71
C ILE I 71 -44.28 1.17 53.83
N GLY I 72 -44.45 1.86 52.70
CA GLY I 72 -44.63 3.32 52.69
C GLY I 72 -46.07 3.71 52.40
N GLY I 73 -46.92 2.71 52.08
CA GLY I 73 -48.34 2.97 51.77
C GLY I 73 -48.81 2.15 50.59
N GLY I 74 -50.10 2.25 50.25
CA GLY I 74 -50.68 1.51 49.11
C GLY I 74 -52.03 2.06 48.71
N ALA I 75 -52.85 1.24 48.04
CA ALA I 75 -54.19 1.67 47.59
C ALA I 75 -55.07 0.44 47.32
N SER I 76 -56.38 0.62 47.26
CA SER I 76 -57.33 -0.50 47.01
C SER I 76 -58.00 -0.31 45.64
N GLY I 77 -58.71 -1.34 45.17
CA GLY I 77 -59.40 -1.27 43.86
C GLY I 77 -60.18 -2.54 43.56
N LYS I 78 -61.27 -2.42 42.79
CA LYS I 78 -62.11 -3.58 42.42
C LYS I 78 -62.79 -3.30 41.07
N TRP I 79 -62.76 -4.28 40.16
CA TRP I 79 -63.37 -4.12 38.82
C TRP I 79 -64.59 -5.05 38.69
N ASP J 15 -40.98 -35.25 47.85
CA ASP J 15 -41.86 -34.12 47.57
C ASP J 15 -41.51 -33.47 46.23
N LEU J 16 -40.33 -33.77 45.72
CA LEU J 16 -39.88 -33.22 44.45
C LEU J 16 -40.70 -33.80 43.30
N PRO J 17 -40.90 -33.03 42.24
CA PRO J 17 -41.65 -33.53 41.07
C PRO J 17 -40.89 -34.67 40.39
N TYR J 18 -41.60 -35.34 39.48
CA TYR J 18 -41.02 -36.47 38.76
C TYR J 18 -39.85 -36.00 37.90
N GLY J 19 -38.73 -36.70 38.00
CA GLY J 19 -37.54 -36.33 37.27
C GLY J 19 -36.74 -35.19 37.88
N SER J 20 -37.14 -34.68 39.04
CA SER J 20 -36.44 -33.61 39.72
C SER J 20 -35.61 -34.17 40.85
N ALA J 21 -34.39 -33.67 41.00
CA ALA J 21 -33.46 -34.15 42.01
C ALA J 21 -32.79 -32.98 42.71
N LEU J 22 -32.43 -33.19 43.96
CA LEU J 22 -31.67 -32.20 44.73
C LEU J 22 -30.18 -32.53 44.59
N THR J 23 -29.43 -31.58 44.05
CA THR J 23 -28.02 -31.79 43.78
C THR J 23 -27.18 -31.54 45.03
N SER J 24 -25.89 -31.87 44.93
CA SER J 24 -24.98 -31.71 46.05
C SER J 24 -24.73 -30.25 46.42
N SER J 25 -25.01 -29.31 45.50
CA SER J 25 -24.85 -27.89 45.79
C SER J 25 -26.14 -27.22 46.24
N GLY J 26 -27.22 -27.99 46.38
CA GLY J 26 -28.51 -27.44 46.75
C GLY J 26 -29.40 -27.04 45.59
N ARG J 27 -28.86 -26.99 44.38
CA ARG J 27 -29.65 -26.66 43.20
C ARG J 27 -30.57 -27.83 42.84
N ILE J 28 -31.69 -27.50 42.21
CA ILE J 28 -32.67 -28.49 41.77
C ILE J 28 -32.50 -28.73 40.29
N SER J 29 -32.21 -29.98 39.92
CA SER J 29 -32.07 -30.37 38.52
C SER J 29 -33.38 -31.00 38.07
N ALA J 30 -34.18 -30.24 37.33
CA ALA J 30 -35.49 -30.68 36.89
C ALA J 30 -35.47 -31.06 35.42
N VAL J 31 -36.47 -31.83 35.01
CA VAL J 31 -36.64 -32.26 33.63
C VAL J 31 -38.08 -32.00 33.21
N THR J 32 -38.31 -31.97 31.91
CA THR J 32 -39.64 -31.88 31.35
C THR J 32 -39.77 -32.90 30.23
N GLU J 33 -40.98 -33.40 30.03
CA GLU J 33 -41.21 -34.41 29.01
C GLU J 33 -40.93 -33.81 27.63
N PRO J 34 -40.40 -34.60 26.69
CA PRO J 34 -40.12 -34.07 25.35
C PRO J 34 -41.39 -33.55 24.69
N GLY J 35 -41.27 -32.41 24.03
CA GLY J 35 -42.41 -31.75 23.41
C GLY J 35 -43.24 -30.91 24.35
N GLU J 36 -42.86 -30.81 25.62
CA GLU J 36 -43.59 -30.02 26.60
C GLU J 36 -42.81 -28.77 26.98
N LEU J 37 -43.49 -27.85 27.65
CA LEU J 37 -42.94 -26.56 28.00
C LEU J 37 -42.65 -26.50 29.49
N SER J 38 -41.62 -25.71 29.86
CA SER J 38 -41.23 -25.58 31.25
C SER J 38 -41.84 -24.36 31.92
N VAL J 39 -42.35 -23.41 31.13
CA VAL J 39 -42.89 -22.15 31.65
C VAL J 39 -44.41 -22.17 31.63
N HIS J 40 -45.02 -22.34 30.46
CA HIS J 40 -46.47 -22.45 30.26
C HIS J 40 -47.25 -21.41 31.05
N TYR J 41 -47.01 -20.13 30.73
CA TYR J 41 -47.92 -19.10 31.22
C TYR J 41 -49.11 -18.97 30.28
N PRO J 42 -50.33 -18.82 30.81
CA PRO J 42 -51.53 -18.73 29.96
C PRO J 42 -51.72 -17.38 29.27
N PHE J 43 -50.65 -16.90 28.63
CA PHE J 43 -50.67 -15.65 27.91
C PHE J 43 -49.84 -15.79 26.64
N PRO J 44 -50.15 -15.01 25.60
CA PRO J 44 -49.35 -15.08 24.37
C PRO J 44 -47.91 -14.64 24.62
N THR J 45 -47.00 -15.23 23.85
CA THR J 45 -45.58 -14.94 24.02
C THR J 45 -45.27 -13.47 23.77
N MET J 46 -45.87 -12.89 22.72
CA MET J 46 -45.58 -11.49 22.40
C MET J 46 -46.16 -10.54 23.44
N ASP J 47 -47.31 -10.89 24.03
CA ASP J 47 -47.86 -10.08 25.11
C ASP J 47 -46.96 -10.10 26.33
N LEU J 48 -46.35 -11.26 26.62
CA LEU J 48 -45.40 -11.34 27.74
C LEU J 48 -44.20 -10.46 27.50
N VAL J 49 -43.73 -10.38 26.24
CA VAL J 49 -42.59 -9.54 25.91
C VAL J 49 -42.93 -8.08 26.17
N VAL J 50 -44.15 -7.65 25.81
CA VAL J 50 -44.55 -6.27 26.02
C VAL J 50 -44.57 -5.95 27.51
N LEU J 51 -45.12 -6.86 28.33
CA LEU J 51 -45.14 -6.62 29.77
C LEU J 51 -43.74 -6.59 30.35
N ASP J 52 -42.86 -7.48 29.90
CA ASP J 52 -41.49 -7.47 30.38
C ASP J 52 -40.78 -6.17 30.03
N ASP J 53 -41.01 -5.67 28.81
CA ASP J 53 -40.43 -4.38 28.42
C ASP J 53 -41.00 -3.26 29.29
N ALA J 54 -42.30 -3.29 29.56
CA ALA J 54 -42.90 -2.28 30.42
C ALA J 54 -42.33 -2.34 31.83
N LEU J 55 -42.15 -3.55 32.35
CA LEU J 55 -41.58 -3.71 33.69
C LEU J 55 -40.11 -3.29 33.71
N LYS J 56 -39.34 -3.74 32.71
CA LYS J 56 -37.90 -3.46 32.71
C LYS J 56 -37.63 -1.97 32.51
N TYR J 57 -38.24 -1.38 31.48
CA TYR J 57 -38.00 0.03 31.18
C TYR J 57 -38.73 0.97 32.14
N GLY J 58 -39.89 0.56 32.66
CA GLY J 58 -40.56 1.36 33.66
C GLY J 58 -39.78 1.44 34.96
N SER J 59 -39.19 0.32 35.38
CA SER J 59 -38.35 0.33 36.58
C SER J 59 -37.10 1.15 36.37
N ARG J 60 -36.50 1.06 35.18
CA ARG J 60 -35.29 1.82 34.89
C ARG J 60 -35.54 3.32 34.95
N ALA J 61 -36.66 3.77 34.38
CA ALA J 61 -36.97 5.20 34.35
C ALA J 61 -37.28 5.77 35.73
N ALA J 62 -37.68 4.92 36.69
CA ALA J 62 -38.01 5.38 38.02
C ALA J 62 -37.07 4.86 39.10
N LYS J 63 -36.13 3.97 38.75
CA LYS J 63 -35.18 3.40 39.71
C LYS J 63 -35.90 2.71 40.87
N ALA J 64 -37.07 2.16 40.58
CA ALA J 64 -37.85 1.40 41.55
C ALA J 64 -38.34 0.13 40.87
N ARG J 65 -38.10 -1.01 41.51
CA ARG J 65 -38.44 -2.30 40.94
C ARG J 65 -39.95 -2.48 40.93
N PHE J 66 -40.52 -2.62 39.73
CA PHE J 66 -41.95 -2.83 39.59
C PHE J 66 -42.26 -4.32 39.51
N ALA J 67 -43.30 -4.74 40.22
CA ALA J 67 -43.67 -6.13 40.30
C ALA J 67 -45.16 -6.29 40.03
N VAL J 68 -45.52 -7.45 39.50
CA VAL J 68 -46.92 -7.78 39.17
C VAL J 68 -47.23 -9.16 39.72
N TYR J 69 -48.34 -9.27 40.45
CA TYR J 69 -48.77 -10.53 41.03
C TYR J 69 -50.16 -10.89 40.52
N ILE J 70 -50.34 -12.16 40.13
CA ILE J 70 -51.63 -12.65 39.60
C ILE J 70 -52.04 -13.92 40.38
N GLY J 71 -53.04 -13.81 41.25
CA GLY J 71 -53.51 -14.96 42.05
C GLY J 71 -54.45 -14.52 43.15
N PRO J 72 -54.65 -15.33 44.22
CA PRO J 72 -55.56 -14.96 45.31
C PRO J 72 -54.91 -13.94 46.27
N LEU J 73 -55.72 -13.31 47.12
CA LEU J 73 -55.22 -12.29 48.08
C LEU J 73 -55.93 -12.47 49.42
N GLY J 74 -56.17 -13.72 49.83
CA GLY J 74 -56.85 -14.02 51.11
C GLY J 74 -58.27 -13.49 51.13
N ALA J 75 -58.73 -12.94 52.25
CA ALA J 75 -60.10 -12.39 52.34
C ALA J 75 -59.96 -10.87 52.40
N ASP J 76 -58.95 -10.41 53.14
CA ASP J 76 -58.60 -8.97 53.19
C ASP J 76 -57.42 -8.84 52.23
N THR J 77 -57.69 -8.52 50.95
CA THR J 77 -56.66 -8.49 49.91
C THR J 77 -55.45 -7.69 50.40
N ALA J 78 -55.69 -6.46 50.87
CA ALA J 78 -54.63 -5.53 51.36
C ALA J 78 -53.55 -6.11 52.28
N ALA J 79 -53.84 -7.14 53.08
CA ALA J 79 -52.84 -7.68 54.01
C ALA J 79 -52.14 -8.85 53.30
N THR J 80 -52.70 -9.32 52.19
CA THR J 80 -52.01 -10.42 51.47
C THR J 80 -50.94 -9.79 50.58
N ALA J 81 -51.31 -8.71 49.89
CA ALA J 81 -50.36 -7.98 49.02
C ALA J 81 -49.13 -7.64 49.87
N ARG J 82 -49.34 -7.02 51.03
CA ARG J 82 -48.26 -6.64 51.99
C ARG J 82 -47.28 -7.81 52.20
N GLU J 83 -47.79 -9.01 52.45
CA GLU J 83 -46.90 -10.17 52.66
C GLU J 83 -46.22 -10.52 51.35
N ILE J 84 -46.98 -10.51 50.25
CA ILE J 84 -46.45 -10.86 48.89
C ILE J 84 -45.26 -9.98 48.54
N LEU J 85 -45.31 -8.67 48.84
CA LEU J 85 -44.22 -7.72 48.48
C LEU J 85 -42.90 -8.10 49.14
N ALA J 86 -42.92 -8.88 50.21
CA ALA J 86 -41.67 -9.31 50.84
C ALA J 86 -40.88 -10.27 49.96
N ASN J 87 -41.51 -10.91 48.98
CA ASN J 87 -40.80 -11.81 48.07
C ASN J 87 -40.10 -11.08 46.94
N VAL J 88 -40.50 -9.85 46.63
CA VAL J 88 -39.84 -9.08 45.58
C VAL J 88 -38.43 -8.70 46.04
N PRO J 89 -37.41 -8.86 45.20
CA PRO J 89 -36.06 -8.41 45.58
C PRO J 89 -36.04 -6.92 45.87
N THR J 90 -35.30 -6.55 46.90
CA THR J 90 -35.26 -5.19 47.46
C THR J 90 -36.68 -4.66 47.65
N PRO J 91 -37.47 -5.27 48.54
CA PRO J 91 -38.87 -4.86 48.68
C PRO J 91 -39.06 -3.43 49.15
N GLU J 92 -38.06 -2.85 49.82
CA GLU J 92 -38.17 -1.47 50.27
C GLU J 92 -38.25 -0.49 49.10
N ASN J 93 -37.63 -0.82 47.96
CA ASN J 93 -37.68 0.01 46.77
C ASN J 93 -38.52 -0.61 45.66
N ALA J 94 -39.53 -1.39 46.03
CA ALA J 94 -40.35 -2.11 45.07
C ALA J 94 -41.78 -1.60 45.08
N VAL J 95 -42.45 -1.72 43.93
CA VAL J 95 -43.85 -1.36 43.77
C VAL J 95 -44.54 -2.60 43.18
N LEU J 96 -45.44 -3.19 43.95
CA LEU J 96 -46.10 -4.43 43.55
C LEU J 96 -47.56 -4.16 43.20
N LEU J 97 -48.01 -4.74 42.09
CA LEU J 97 -49.40 -4.68 41.65
C LEU J 97 -49.98 -6.08 41.72
N ALA J 98 -50.89 -6.30 42.66
CA ALA J 98 -51.51 -7.59 42.87
C ALA J 98 -52.90 -7.61 42.26
N VAL J 99 -53.20 -8.67 41.51
CA VAL J 99 -54.46 -8.82 40.81
C VAL J 99 -55.03 -10.20 41.12
N SER J 100 -56.31 -10.23 41.53
CA SER J 100 -57.00 -11.50 41.87
C SER J 100 -58.26 -11.63 41.00
N PRO J 101 -58.20 -12.33 39.84
CA PRO J 101 -59.36 -12.49 38.96
C PRO J 101 -60.61 -12.99 39.69
N ASP J 102 -60.44 -14.00 40.54
CA ASP J 102 -61.58 -14.59 41.31
C ASP J 102 -62.08 -13.59 42.35
N GLN J 103 -61.18 -12.75 42.88
CA GLN J 103 -61.57 -11.74 43.91
C GLN J 103 -62.02 -10.45 43.23
N ARG J 104 -61.68 -10.28 41.95
CA ARG J 104 -62.06 -9.07 41.17
C ARG J 104 -61.66 -7.82 41.96
N ALA J 105 -60.38 -7.71 42.32
CA ALA J 105 -59.87 -6.55 43.09
C ALA J 105 -58.47 -6.17 42.55
N ILE J 106 -57.93 -5.04 43.03
CA ILE J 106 -56.59 -4.56 42.58
C ILE J 106 -55.84 -3.99 43.79
N GLU J 107 -54.92 -4.78 44.37
CA GLU J 107 -54.14 -4.34 45.55
C GLU J 107 -52.75 -3.86 45.08
N VAL J 108 -52.37 -2.63 45.47
CA VAL J 108 -51.06 -2.05 45.09
C VAL J 108 -50.29 -1.71 46.36
N VAL J 109 -49.06 -2.21 46.50
CA VAL J 109 -48.24 -1.95 47.72
C VAL J 109 -46.82 -1.55 47.29
N TYR J 110 -46.20 -0.64 48.05
CA TYR J 110 -44.85 -0.16 47.77
C TYR J 110 -44.09 0.00 49.08
N GLY J 111 -42.76 -0.07 48.99
CA GLY J 111 -41.92 0.04 50.15
C GLY J 111 -41.75 1.47 50.62
N ALA J 112 -40.97 1.62 51.69
CA ALA J 112 -40.75 2.94 52.29
C ALA J 112 -39.83 3.81 51.44
N ASP J 113 -38.94 3.21 50.66
CA ASP J 113 -38.03 3.99 49.83
C ASP J 113 -38.77 4.73 48.72
N VAL J 114 -39.92 4.19 48.28
CA VAL J 114 -40.71 4.85 47.24
C VAL J 114 -41.59 5.95 47.80
N LYS J 115 -41.78 6.00 49.12
CA LYS J 115 -42.63 7.01 49.73
C LYS J 115 -42.13 8.42 49.41
N GLY J 116 -43.06 9.28 48.99
CA GLY J 116 -42.73 10.66 48.69
C GLY J 116 -42.13 10.91 47.32
N ARG J 117 -42.13 9.90 46.44
CA ARG J 117 -41.56 10.03 45.10
C ARG J 117 -42.63 10.16 44.03
N GLY J 118 -43.89 10.37 44.41
CA GLY J 118 -44.97 10.50 43.46
C GLY J 118 -45.81 9.26 43.27
N ILE J 119 -45.57 8.20 44.04
CA ILE J 119 -46.35 6.98 43.91
C ILE J 119 -47.78 7.20 44.41
N GLU J 120 -47.98 8.14 45.34
CA GLU J 120 -49.31 8.37 45.90
C GLU J 120 -50.29 8.87 44.85
N SER J 121 -49.83 9.71 43.93
CA SER J 121 -50.70 10.16 42.85
C SER J 121 -50.86 9.08 41.77
N ALA J 122 -49.83 8.29 41.54
CA ALA J 122 -49.83 7.32 40.45
C ALA J 122 -50.50 6.00 40.80
N ALA J 123 -50.43 5.58 42.05
CA ALA J 123 -51.01 4.28 42.43
C ALA J 123 -52.51 4.19 42.17
N PRO J 124 -53.34 5.17 42.55
CA PRO J 124 -54.75 5.11 42.14
C PRO J 124 -54.92 5.14 40.62
N LEU J 125 -54.08 5.88 39.91
CA LEU J 125 -54.16 5.90 38.45
C LEU J 125 -53.87 4.52 37.88
N GLY J 126 -52.87 3.83 38.43
CA GLY J 126 -52.62 2.46 38.01
C GLY J 126 -53.77 1.53 38.34
N VAL J 127 -54.43 1.76 39.48
CA VAL J 127 -55.63 1.02 39.82
C VAL J 127 -56.74 1.30 38.80
N SER J 128 -56.94 2.58 38.45
CA SER J 128 -57.97 2.92 37.48
C SER J 128 -57.64 2.39 36.08
N ALA J 129 -56.38 2.48 35.68
CA ALA J 129 -55.99 1.98 34.36
C ALA J 129 -56.18 0.48 34.26
N ALA J 130 -55.79 -0.27 35.29
CA ALA J 130 -55.95 -1.71 35.27
C ALA J 130 -57.42 -2.11 35.27
N ALA J 131 -58.24 -1.41 36.07
CA ALA J 131 -59.65 -1.75 36.18
C ALA J 131 -60.38 -1.53 34.86
N ALA J 132 -60.04 -0.45 34.15
CA ALA J 132 -60.72 -0.16 32.90
C ALA J 132 -60.51 -1.26 31.86
N SER J 133 -59.28 -1.75 31.74
CA SER J 133 -58.99 -2.80 30.77
C SER J 133 -59.48 -4.16 31.23
N PHE J 134 -59.58 -4.38 32.55
CA PHE J 134 -60.06 -5.66 33.06
C PHE J 134 -61.53 -5.88 32.72
N LYS J 135 -62.29 -4.79 32.64
CA LYS J 135 -63.75 -4.87 32.32
C LYS J 135 -63.93 -5.38 30.88
N GLU J 136 -62.91 -5.19 30.03
CA GLU J 136 -62.95 -5.61 28.64
C GLU J 136 -62.41 -7.01 28.43
N GLY J 137 -62.03 -7.72 29.50
CA GLY J 137 -61.50 -9.05 29.36
C GLY J 137 -60.06 -9.13 28.95
N ASN J 138 -59.25 -8.13 29.28
CA ASN J 138 -57.84 -8.07 28.91
C ASN J 138 -57.01 -8.00 30.19
N LEU J 139 -56.45 -9.15 30.60
CA LEU J 139 -55.66 -9.20 31.82
C LEU J 139 -54.25 -8.63 31.58
N ILE J 140 -53.58 -9.12 30.54
CA ILE J 140 -52.21 -8.67 30.28
C ILE J 140 -52.20 -7.21 29.87
N ASP J 141 -53.20 -6.77 29.10
CA ASP J 141 -53.27 -5.37 28.70
C ASP J 141 -53.49 -4.47 29.90
N GLY J 142 -54.34 -4.90 30.84
CA GLY J 142 -54.54 -4.12 32.05
C GLY J 142 -53.28 -3.98 32.87
N LEU J 143 -52.53 -5.07 33.03
CA LEU J 143 -51.27 -5.00 33.76
C LEU J 143 -50.27 -4.08 33.05
N ILE J 144 -50.19 -4.17 31.73
CA ILE J 144 -49.28 -3.32 30.97
C ILE J 144 -49.64 -1.86 31.14
N SER J 145 -50.94 -1.55 31.05
CA SER J 145 -51.38 -0.17 31.21
C SER J 145 -51.12 0.34 32.62
N ALA J 146 -51.38 -0.49 33.63
CA ALA J 146 -51.17 -0.06 35.02
C ALA J 146 -49.69 0.17 35.29
N VAL J 147 -48.81 -0.69 34.78
CA VAL J 147 -47.38 -0.52 35.00
C VAL J 147 -46.89 0.76 34.33
N ARG J 148 -47.36 1.03 33.11
CA ARG J 148 -46.89 2.19 32.36
C ARG J 148 -47.24 3.50 33.07
N VAL J 149 -48.49 3.63 33.53
CA VAL J 149 -48.92 4.88 34.15
C VAL J 149 -48.26 5.06 35.52
N MET J 150 -48.11 3.97 36.27
CA MET J 150 -47.48 4.08 37.59
C MET J 150 -46.01 4.41 37.47
N SER J 151 -45.31 3.81 36.51
CA SER J 151 -43.89 4.08 36.34
C SER J 151 -43.64 5.50 35.85
N ALA J 152 -44.50 6.03 34.99
CA ALA J 152 -44.33 7.40 34.50
C ALA J 152 -44.56 8.43 35.59
N GLY J 153 -45.29 8.08 36.64
CA GLY J 153 -45.57 8.99 37.73
C GLY J 153 -44.63 8.89 38.91
N VAL J 154 -43.58 8.07 38.83
CA VAL J 154 -42.62 7.88 39.91
C VAL J 154 -41.27 8.39 39.43
N SER J 155 -40.64 9.26 40.22
CA SER J 155 -39.35 9.84 39.92
C SER J 155 -38.22 9.01 40.52
N PRO J 156 -37.03 9.06 39.93
CA PRO J 156 -35.90 8.28 40.48
C PRO J 156 -35.37 8.80 41.81
N ALA J 157 -35.95 9.86 42.37
CA ALA J 157 -35.51 10.40 43.64
C ALA J 157 -35.71 9.40 44.78
N CYS K 24 -16.46 -14.14 -13.90
CA CYS K 24 -17.02 -12.94 -14.57
C CYS K 24 -16.47 -12.85 -16.01
N SER K 25 -15.15 -13.01 -16.16
CA SER K 25 -14.52 -12.95 -17.47
C SER K 25 -14.38 -14.32 -18.11
N ALA K 26 -14.81 -15.38 -17.43
CA ALA K 26 -14.74 -16.74 -17.94
C ALA K 26 -16.10 -17.29 -18.34
N GLY K 27 -17.07 -16.40 -18.58
CA GLY K 27 -18.40 -16.80 -18.97
C GLY K 27 -18.51 -17.06 -20.45
N GLN K 28 -19.75 -17.09 -20.94
CA GLN K 28 -20.00 -17.34 -22.36
C GLN K 28 -19.39 -16.25 -23.23
N ILE K 29 -19.52 -14.99 -22.80
CA ILE K 29 -18.86 -13.89 -23.48
C ILE K 29 -17.44 -13.80 -22.95
N SER K 30 -16.49 -14.32 -23.71
CA SER K 30 -15.09 -14.35 -23.32
C SER K 30 -14.27 -13.51 -24.29
N GLN K 31 -13.30 -12.78 -23.74
CA GLN K 31 -12.49 -11.88 -24.57
C GLN K 31 -11.49 -12.64 -25.44
N THR K 32 -10.90 -13.72 -24.91
CA THR K 32 -9.89 -14.44 -25.68
C THR K 32 -10.50 -15.28 -26.78
N THR K 33 -11.64 -15.91 -26.52
CA THR K 33 -12.21 -16.87 -27.46
C THR K 33 -12.71 -16.23 -28.74
N THR K 34 -13.18 -14.98 -28.67
CA THR K 34 -13.72 -14.30 -29.85
C THR K 34 -12.68 -13.49 -30.61
N GLN K 35 -11.41 -13.57 -30.21
CA GLN K 35 -10.37 -12.78 -30.83
C GLN K 35 -10.10 -13.24 -32.26
N GLU K 36 -9.81 -12.28 -33.13
CA GLU K 36 -9.43 -12.52 -34.52
C GLU K 36 -7.93 -12.66 -34.65
N PRO K 37 -7.45 -13.36 -35.68
CA PRO K 37 -6.00 -13.48 -35.88
C PRO K 37 -5.36 -12.12 -36.11
N ALA K 38 -4.14 -11.96 -35.59
CA ALA K 38 -3.40 -10.71 -35.73
C ALA K 38 -2.63 -10.72 -37.04
N VAL K 39 -3.39 -10.74 -38.13
CA VAL K 39 -2.86 -10.75 -39.48
C VAL K 39 -3.57 -9.68 -40.30
N ASN K 40 -3.01 -9.38 -41.46
CA ASN K 40 -3.59 -8.37 -42.35
C ASN K 40 -4.68 -8.94 -43.25
N GLY K 41 -4.86 -10.26 -43.27
CA GLY K 41 -5.87 -10.86 -44.12
C GLY K 41 -7.26 -10.77 -43.52
N VAL K 42 -8.23 -11.26 -44.28
CA VAL K 42 -9.63 -11.24 -43.90
C VAL K 42 -10.19 -12.65 -43.94
N ASN K 43 -10.92 -13.00 -42.89
CA ASN K 43 -11.65 -14.26 -42.84
C ASN K 43 -13.00 -14.12 -43.53
N ALA K 44 -13.41 -15.17 -44.22
CA ALA K 44 -14.67 -15.16 -44.95
C ALA K 44 -15.25 -16.57 -44.98
N GLN K 45 -16.56 -16.65 -45.04
CA GLN K 45 -17.29 -17.92 -45.08
C GLN K 45 -18.04 -18.00 -46.40
N ALA K 46 -17.52 -18.80 -47.33
CA ALA K 46 -18.15 -18.97 -48.63
C ALA K 46 -19.01 -20.24 -48.63
N GLY K 47 -20.05 -20.20 -47.80
CA GLY K 47 -20.96 -21.31 -47.68
C GLY K 47 -20.41 -22.46 -46.86
N GLN K 48 -19.40 -23.15 -47.41
CA GLN K 48 -18.77 -24.28 -46.73
C GLN K 48 -17.25 -24.19 -46.77
N VAL K 49 -16.69 -23.18 -47.45
CA VAL K 49 -15.26 -23.00 -47.59
C VAL K 49 -14.83 -21.80 -46.76
N SER K 50 -13.77 -21.98 -45.97
CA SER K 50 -13.24 -20.93 -45.11
C SER K 50 -12.10 -20.24 -45.82
N LEU K 51 -12.25 -18.94 -46.07
CA LEU K 51 -11.23 -18.12 -46.71
C LEU K 51 -10.42 -17.42 -45.63
N ARG K 52 -9.13 -17.76 -45.53
CA ARG K 52 -8.26 -17.25 -44.49
C ARG K 52 -7.11 -16.46 -45.09
N ASN K 53 -6.70 -15.40 -44.39
CA ASN K 53 -5.56 -14.56 -44.78
C ASN K 53 -5.74 -14.02 -46.19
N VAL K 54 -6.93 -13.51 -46.49
CA VAL K 54 -7.23 -13.00 -47.82
C VAL K 54 -6.67 -11.59 -47.92
N HIS K 55 -5.70 -11.40 -48.82
CA HIS K 55 -5.08 -10.09 -48.97
C HIS K 55 -4.50 -9.97 -50.37
N LEU K 56 -4.22 -8.73 -50.76
CA LEU K 56 -3.62 -8.41 -52.05
C LEU K 56 -2.17 -7.99 -51.86
N ARG K 57 -1.29 -8.54 -52.68
CA ARG K 57 0.11 -8.13 -52.69
C ARG K 57 0.31 -7.16 -53.85
N ALA K 58 0.74 -5.94 -53.51
CA ALA K 58 0.91 -4.89 -54.51
C ALA K 58 1.94 -3.87 -54.05
N PRO K 59 3.21 -4.04 -54.43
CA PRO K 59 4.21 -3.02 -54.09
C PRO K 59 3.82 -1.67 -54.67
N GLN K 60 4.03 -0.62 -53.88
CA GLN K 60 3.58 0.71 -54.22
C GLN K 60 4.77 1.68 -54.26
N GLN K 61 4.63 2.71 -55.07
CA GLN K 61 5.63 3.77 -55.16
C GLN K 61 5.03 5.16 -54.95
N THR K 62 3.83 5.40 -55.45
CA THR K 62 3.14 6.68 -55.33
C THR K 62 1.82 6.48 -54.57
N ASP K 63 0.98 7.51 -54.59
CA ASP K 63 -0.32 7.48 -53.86
C ASP K 63 -1.25 6.39 -54.41
N TYR K 64 -1.03 5.94 -55.65
CA TYR K 64 -1.91 4.96 -56.27
C TYR K 64 -1.09 3.92 -57.01
N VAL K 65 -1.69 2.73 -57.17
CA VAL K 65 -1.20 1.72 -58.09
C VAL K 65 -2.01 1.84 -59.36
N GLU K 66 -1.40 2.34 -60.42
CA GLU K 66 -2.11 2.76 -61.61
C GLU K 66 -2.73 1.57 -62.34
N PRO K 67 -3.81 1.80 -63.09
CA PRO K 67 -4.41 0.71 -63.87
C PRO K 67 -3.44 0.16 -64.90
N GLY K 68 -3.59 -1.13 -65.18
CA GLY K 68 -2.67 -1.85 -66.04
C GLY K 68 -1.58 -2.59 -65.29
N THR K 69 -1.36 -2.25 -64.04
CA THR K 69 -0.39 -2.97 -63.21
C THR K 69 -0.99 -4.30 -62.77
N THR K 70 -0.13 -5.33 -62.74
CA THR K 70 -0.54 -6.67 -62.35
C THR K 70 -0.18 -6.91 -60.88
N VAL K 71 -1.20 -7.18 -60.08
CA VAL K 71 -1.02 -7.50 -58.67
C VAL K 71 -1.44 -8.94 -58.43
N GLU K 72 -1.21 -9.41 -57.20
CA GLU K 72 -1.48 -10.79 -56.83
C GLU K 72 -2.48 -10.82 -55.68
N LEU K 73 -3.45 -11.73 -55.78
CA LEU K 73 -4.43 -11.99 -54.73
C LEU K 73 -4.09 -13.31 -54.07
N LEU K 74 -3.85 -13.28 -52.77
CA LEU K 74 -3.40 -14.45 -52.02
C LEU K 74 -4.40 -14.78 -50.93
N PHE K 75 -4.70 -16.07 -50.78
CA PHE K 75 -5.63 -16.55 -49.76
C PHE K 75 -5.45 -18.05 -49.61
N VAL K 76 -6.03 -18.58 -48.53
CA VAL K 76 -6.04 -20.01 -48.26
C VAL K 76 -7.49 -20.44 -48.08
N ALA K 77 -7.90 -21.46 -48.83
CA ALA K 77 -9.26 -21.97 -48.79
C ALA K 77 -9.27 -23.26 -47.99
N ALA K 78 -10.11 -23.32 -46.96
CA ALA K 78 -10.21 -24.48 -46.08
C ALA K 78 -11.59 -25.11 -46.24
N ASN K 79 -11.62 -26.42 -46.48
CA ASN K 79 -12.85 -27.16 -46.67
C ASN K 79 -13.37 -27.61 -45.31
N ASP K 80 -14.45 -26.98 -44.85
CA ASP K 80 -15.05 -27.37 -43.57
C ASP K 80 -15.57 -28.81 -43.62
N SER K 81 -16.23 -29.17 -44.71
CA SER K 81 -16.71 -30.54 -44.89
C SER K 81 -15.54 -31.49 -45.09
N THR K 82 -15.72 -32.74 -44.67
CA THR K 82 -14.70 -33.76 -44.80
C THR K 82 -15.14 -34.96 -45.63
N GLU K 83 -16.29 -34.89 -46.29
CA GLU K 83 -16.79 -36.01 -47.09
C GLU K 83 -16.50 -35.83 -48.58
N GLY K 84 -16.88 -34.68 -49.14
CA GLY K 84 -16.70 -34.41 -50.54
C GLY K 84 -15.60 -33.41 -50.82
N SER K 85 -15.47 -33.06 -52.10
CA SER K 85 -14.47 -32.11 -52.57
C SER K 85 -15.17 -30.87 -53.10
N ASN K 86 -14.37 -29.86 -53.44
CA ASN K 86 -14.90 -28.60 -53.95
C ASN K 86 -13.88 -27.97 -54.89
N LYS K 87 -14.37 -27.09 -55.76
CA LYS K 87 -13.54 -26.42 -56.75
C LYS K 87 -13.90 -24.93 -56.78
N LEU K 88 -12.90 -24.11 -57.07
CA LEU K 88 -13.05 -22.66 -57.08
C LEU K 88 -13.23 -22.17 -58.52
N LYS K 89 -14.22 -21.29 -58.73
CA LYS K 89 -14.52 -20.75 -60.03
C LYS K 89 -14.80 -19.25 -59.95
N SER K 90 -14.50 -18.56 -61.05
CA SER K 90 -15.02 -17.22 -61.32
C SER K 90 -14.80 -16.21 -60.19
N ILE K 91 -13.54 -15.87 -59.91
CA ILE K 91 -13.24 -14.77 -58.99
C ILE K 91 -13.37 -13.47 -59.76
N THR K 92 -14.30 -12.62 -59.33
CA THR K 92 -14.57 -11.35 -60.00
C THR K 92 -14.51 -10.21 -59.00
N SER K 93 -14.18 -9.02 -59.51
CA SER K 93 -14.10 -7.82 -58.69
C SER K 93 -14.26 -6.60 -59.58
N ASP K 94 -14.66 -5.49 -58.97
CA ASP K 94 -14.75 -4.21 -59.67
C ASP K 94 -13.45 -3.41 -59.52
N VAL K 95 -12.32 -4.07 -59.76
CA VAL K 95 -11.02 -3.43 -59.79
C VAL K 95 -10.29 -3.90 -61.03
N GLY K 96 -10.80 -4.96 -61.65
CA GLY K 96 -10.18 -5.53 -62.82
C GLY K 96 -10.63 -6.97 -63.01
N GLU K 97 -9.85 -7.70 -63.80
CA GLU K 97 -10.13 -9.09 -64.12
C GLU K 97 -9.15 -10.00 -63.38
N VAL K 98 -9.68 -11.04 -62.76
CA VAL K 98 -8.89 -11.97 -61.94
C VAL K 98 -8.74 -13.26 -62.73
N THR K 99 -7.50 -13.68 -62.95
CA THR K 99 -7.18 -14.89 -63.69
C THR K 99 -6.69 -15.96 -62.72
N LEU K 100 -7.29 -17.15 -62.79
CA LEU K 100 -6.92 -18.27 -61.94
C LEU K 100 -6.11 -19.27 -62.77
N THR K 101 -4.91 -19.59 -62.31
CA THR K 101 -4.02 -20.53 -62.98
C THR K 101 -3.69 -21.68 -62.03
N GLY K 102 -3.89 -22.90 -62.51
CA GLY K 102 -3.62 -24.09 -61.71
C GLY K 102 -4.90 -24.84 -61.36
N ASP K 103 -4.71 -25.91 -60.59
CA ASP K 103 -5.81 -26.76 -60.16
C ASP K 103 -6.47 -26.13 -58.94
N SER K 104 -7.58 -25.43 -59.16
CA SER K 104 -8.27 -24.70 -58.11
C SER K 104 -9.18 -25.58 -57.27
N THR K 105 -9.01 -26.89 -57.30
CA THR K 105 -9.83 -27.79 -56.49
C THR K 105 -9.22 -27.95 -55.11
N VAL K 106 -10.04 -27.80 -54.08
CA VAL K 106 -9.64 -28.03 -52.70
C VAL K 106 -9.94 -29.49 -52.36
N PRO K 107 -9.05 -30.20 -51.66
CA PRO K 107 -9.31 -31.61 -51.35
C PRO K 107 -10.41 -31.79 -50.31
N ALA K 108 -10.64 -33.04 -49.89
CA ALA K 108 -11.73 -33.36 -48.98
C ALA K 108 -11.62 -32.57 -47.69
N ASP K 109 -10.55 -32.81 -46.93
CA ASP K 109 -10.32 -32.13 -45.65
C ASP K 109 -8.94 -31.49 -45.64
N GLY K 110 -8.59 -30.83 -46.76
CA GLY K 110 -7.31 -30.17 -46.87
C GLY K 110 -7.44 -28.69 -47.16
N VAL K 111 -6.34 -28.06 -47.61
CA VAL K 111 -6.32 -26.65 -47.90
C VAL K 111 -5.97 -26.45 -49.37
N LEU K 112 -6.22 -25.24 -49.86
CA LEU K 112 -5.84 -24.83 -51.20
C LEU K 112 -5.14 -23.49 -51.07
N ILE K 113 -3.81 -23.50 -51.18
CA ILE K 113 -3.01 -22.29 -51.05
C ILE K 113 -2.94 -21.61 -52.41
N VAL K 114 -3.56 -20.44 -52.51
CA VAL K 114 -3.55 -19.63 -53.73
C VAL K 114 -2.58 -18.48 -53.49
N GLY K 115 -1.51 -18.44 -54.26
CA GLY K 115 -0.45 -17.47 -54.05
C GLY K 115 0.63 -18.00 -53.13
N GLU K 116 1.83 -17.45 -53.29
CA GLU K 116 2.98 -17.86 -52.49
C GLU K 116 3.50 -16.66 -51.72
N PRO K 117 3.08 -16.46 -50.48
CA PRO K 117 3.50 -15.26 -49.73
C PRO K 117 4.96 -15.30 -49.34
N ASP K 118 5.44 -14.16 -48.85
CA ASP K 118 6.81 -14.03 -48.37
C ASP K 118 7.05 -14.93 -47.16
N GLY K 119 8.18 -15.63 -47.15
CA GLY K 119 8.47 -16.57 -46.09
C GLY K 119 7.94 -17.96 -46.42
N GLN K 120 8.12 -18.38 -47.67
CA GLN K 120 7.62 -19.66 -48.14
C GLN K 120 8.70 -20.39 -48.93
N ILE K 121 9.95 -20.26 -48.49
CA ILE K 121 11.09 -20.92 -49.11
C ILE K 121 11.23 -20.53 -50.57
N ALA K 132 0.82 -25.03 -58.29
CA ALA K 132 0.95 -23.65 -57.80
C ALA K 132 -0.19 -22.79 -58.29
N VAL K 133 -1.24 -22.67 -57.47
CA VAL K 133 -2.39 -21.87 -57.83
C VAL K 133 -2.12 -20.41 -57.51
N THR K 134 -2.33 -19.54 -58.50
CA THR K 134 -2.14 -18.11 -58.34
C THR K 134 -3.35 -17.36 -58.85
N ALA K 135 -3.60 -16.19 -58.26
CA ALA K 135 -4.69 -15.31 -58.68
C ALA K 135 -4.08 -14.02 -59.20
N GLU K 136 -4.14 -13.82 -60.51
CA GLU K 136 -3.58 -12.65 -61.17
C GLU K 136 -4.67 -11.65 -61.47
N VAL K 137 -4.49 -10.41 -60.99
CA VAL K 137 -5.49 -9.35 -61.14
C VAL K 137 -4.90 -8.28 -62.04
N GLU K 138 -5.57 -8.03 -63.17
CA GLU K 138 -5.19 -6.96 -64.08
C GLU K 138 -6.05 -5.73 -63.74
N LEU K 139 -5.41 -4.69 -63.21
CA LEU K 139 -6.15 -3.56 -62.66
C LEU K 139 -6.81 -2.74 -63.76
N THR K 140 -8.04 -2.29 -63.48
CA THR K 140 -8.77 -1.37 -64.32
C THR K 140 -8.87 0.03 -63.72
N LYS K 141 -8.95 0.13 -62.40
CA LYS K 141 -8.97 1.39 -61.67
C LYS K 141 -7.89 1.37 -60.60
N PRO K 142 -7.35 2.53 -60.25
CA PRO K 142 -6.23 2.57 -59.29
C PRO K 142 -6.65 2.12 -57.90
N ILE K 143 -5.68 1.52 -57.20
CA ILE K 143 -5.87 1.05 -55.84
C ILE K 143 -4.71 1.57 -54.98
N THR K 144 -4.98 1.68 -53.69
CA THR K 144 -3.98 2.16 -52.74
C THR K 144 -4.10 1.37 -51.43
N ASN K 145 -2.99 1.27 -50.72
CA ASN K 145 -2.98 0.55 -49.45
C ASN K 145 -3.71 1.36 -48.39
N GLY K 146 -4.64 0.72 -47.70
CA GLY K 146 -5.42 1.39 -46.67
C GLY K 146 -6.92 1.30 -46.90
N LEU K 147 -7.32 1.12 -48.15
CA LEU K 147 -8.73 1.00 -48.51
C LEU K 147 -9.11 -0.46 -48.71
N LEU K 148 -10.40 -0.69 -48.91
CA LEU K 148 -10.95 -2.03 -49.10
C LEU K 148 -11.60 -2.12 -50.46
N TYR K 149 -11.36 -3.23 -51.16
CA TYR K 149 -11.89 -3.47 -52.49
C TYR K 149 -12.61 -4.81 -52.51
N ASP K 150 -13.82 -4.82 -53.05
CA ASP K 150 -14.68 -6.00 -52.99
C ASP K 150 -14.25 -7.05 -54.00
N PHE K 151 -14.14 -8.29 -53.54
CA PHE K 151 -13.91 -9.45 -54.38
C PHE K 151 -15.00 -10.49 -54.16
N THR K 152 -15.30 -11.26 -55.21
CA THR K 152 -16.39 -12.23 -55.19
C THR K 152 -15.81 -13.62 -55.39
N PHE K 153 -16.15 -14.53 -54.48
CA PHE K 153 -15.69 -15.91 -54.56
C PHE K 153 -16.87 -16.85 -54.72
N THR K 154 -16.79 -17.74 -55.71
CA THR K 154 -17.79 -18.76 -55.97
C THR K 154 -17.09 -20.10 -56.07
N PHE K 155 -17.60 -21.12 -55.37
CA PHE K 155 -16.97 -22.43 -55.47
C PHE K 155 -17.94 -23.38 -56.15
N GLU K 156 -19.01 -23.81 -55.48
CA GLU K 156 -20.16 -24.37 -56.18
C GLU K 156 -21.45 -24.14 -55.40
N ASP K 157 -21.32 -23.66 -54.17
CA ASP K 157 -22.45 -23.65 -53.24
C ASP K 157 -22.48 -22.40 -52.39
N GLY K 158 -22.27 -21.24 -52.99
CA GLY K 158 -22.27 -20.00 -52.24
C GLY K 158 -21.34 -18.95 -52.80
N GLU K 159 -21.83 -17.72 -52.90
CA GLU K 159 -21.09 -16.59 -53.46
C GLU K 159 -21.10 -15.46 -52.45
N THR K 160 -19.91 -15.08 -51.98
CA THR K 160 -19.78 -14.08 -50.92
C THR K 160 -18.78 -13.01 -51.34
N THR K 161 -18.91 -11.84 -50.72
CA THR K 161 -18.02 -10.71 -50.92
C THR K 161 -17.12 -10.57 -49.70
N VAL K 162 -15.83 -10.28 -49.95
CA VAL K 162 -14.82 -10.31 -48.91
C VAL K 162 -14.35 -8.91 -48.52
N ALA K 163 -14.34 -7.96 -49.47
CA ALA K 163 -13.77 -6.63 -49.27
C ALA K 163 -12.29 -6.73 -48.90
N VAL K 164 -11.52 -7.23 -49.86
CA VAL K 164 -10.12 -7.60 -49.68
C VAL K 164 -9.26 -6.35 -49.48
N PRO K 165 -8.36 -6.34 -48.50
CA PRO K 165 -7.42 -5.23 -48.34
C PRO K 165 -6.11 -5.49 -49.07
N ILE K 166 -5.25 -4.47 -49.07
CA ILE K 166 -3.89 -4.57 -49.59
C ILE K 166 -2.94 -4.70 -48.41
N SER K 167 -2.09 -5.72 -48.44
CA SER K 167 -1.22 -6.06 -47.32
C SER K 167 0.22 -6.14 -47.80
N ALA K 168 1.06 -5.23 -47.31
CA ALA K 168 2.50 -5.39 -47.46
C ALA K 168 2.99 -6.46 -46.49
N GLY K 169 3.82 -7.37 -46.98
CA GLY K 169 4.22 -8.50 -46.18
C GLY K 169 5.50 -8.24 -45.39
N GLU K 170 6.55 -9.00 -45.69
CA GLU K 170 7.83 -8.86 -45.01
C GLU K 170 8.76 -7.89 -45.73
N GLN K 171 8.23 -7.07 -46.63
CA GLN K 171 9.03 -6.09 -47.33
C GLN K 171 9.52 -5.02 -46.34
N PRO K 172 10.75 -4.55 -46.50
CA PRO K 172 11.27 -3.51 -45.61
C PRO K 172 10.62 -2.16 -45.87
N ARG K 173 10.77 -1.27 -44.90
CA ARG K 173 10.24 0.08 -45.04
C ARG K 173 10.95 0.80 -46.18
N ARG K 174 10.17 1.41 -47.07
CA ARG K 174 10.75 2.14 -48.18
C ARG K 174 11.48 3.39 -47.67
N PRO K 175 12.61 3.75 -48.28
CA PRO K 175 13.34 4.92 -47.79
C PRO K 175 12.57 6.21 -48.02
N VAL K 176 12.76 7.15 -47.11
CA VAL K 176 12.13 8.48 -47.18
C VAL K 176 13.21 9.48 -47.52
N PRO K 177 12.98 10.37 -48.48
CA PRO K 177 13.99 11.38 -48.83
C PRO K 177 14.34 12.24 -47.62
N PRO K 178 15.60 12.62 -47.46
CA PRO K 178 16.00 13.37 -46.26
C PRO K 178 15.49 14.80 -46.33
N ALA K 179 14.84 15.23 -45.25
CA ALA K 179 14.34 16.60 -45.16
C ALA K 179 15.50 17.57 -44.97
N GLY K 180 15.32 18.79 -45.49
CA GLY K 180 16.31 19.82 -45.36
C GLY K 180 16.23 20.52 -44.02
N PRO K 181 16.95 21.64 -43.88
CA PRO K 181 16.91 22.39 -42.62
C PRO K 181 15.63 23.18 -42.41
N GLY K 182 14.78 23.32 -43.43
CA GLY K 182 13.54 24.05 -43.31
C GLY K 182 13.66 25.50 -43.71
N CYS L 21 -25.72 14.19 -17.44
CA CYS L 21 -26.10 14.74 -18.74
C CYS L 21 -25.15 14.27 -19.83
N SER L 22 -25.60 14.34 -21.07
CA SER L 22 -24.78 13.93 -22.21
C SER L 22 -24.36 15.14 -23.03
N PRO L 23 -23.17 15.10 -23.63
CA PRO L 23 -22.72 16.24 -24.44
C PRO L 23 -23.60 16.42 -25.66
N PRO L 24 -24.19 17.61 -25.83
CA PRO L 24 -25.06 17.84 -26.99
C PRO L 24 -24.36 17.69 -28.33
N GLY L 25 -23.08 18.04 -28.42
CA GLY L 25 -22.36 17.97 -29.67
C GLY L 25 -21.65 16.65 -29.90
N GLU L 26 -22.29 15.55 -29.48
CA GLU L 26 -21.72 14.21 -29.65
C GLU L 26 -22.88 13.25 -29.90
N THR L 27 -23.17 13.02 -31.18
CA THR L 27 -24.24 12.10 -31.57
C THR L 27 -23.75 11.20 -32.70
N ALA L 28 -24.20 9.95 -32.66
CA ALA L 28 -23.85 9.00 -33.71
C ALA L 28 -24.63 9.30 -34.98
N SER L 29 -24.03 8.96 -36.12
CA SER L 29 -24.64 9.18 -37.43
C SER L 29 -24.69 7.88 -38.21
N SER L 30 -25.67 7.80 -39.11
CA SER L 30 -25.86 6.63 -39.97
C SER L 30 -25.34 6.84 -41.38
N GLU L 31 -24.88 8.03 -41.72
CA GLU L 31 -24.34 8.27 -43.06
C GLU L 31 -23.06 7.48 -43.25
N PRO L 32 -22.87 6.84 -44.41
CA PRO L 32 -21.67 6.01 -44.59
C PRO L 32 -20.39 6.81 -44.72
N GLY L 33 -20.42 7.94 -45.40
CA GLY L 33 -19.23 8.72 -45.65
C GLY L 33 -18.52 8.30 -46.93
N THR L 34 -17.66 9.20 -47.42
CA THR L 34 -16.95 8.99 -48.67
C THR L 34 -15.45 8.93 -48.41
N THR L 35 -14.73 8.34 -49.36
CA THR L 35 -13.28 8.27 -49.26
C THR L 35 -12.69 9.67 -49.39
N PRO L 36 -11.81 10.09 -48.48
CA PRO L 36 -11.23 11.43 -48.58
C PRO L 36 -10.43 11.61 -49.87
N ALA L 37 -10.49 12.82 -50.41
CA ALA L 37 -9.77 13.13 -51.64
C ALA L 37 -8.28 13.28 -51.39
N ILE L 38 -7.50 13.12 -52.45
CA ILE L 38 -6.05 13.25 -52.34
C ILE L 38 -5.70 14.71 -52.04
N TRP L 39 -4.81 14.90 -51.07
CA TRP L 39 -4.40 16.23 -50.66
C TRP L 39 -3.43 16.83 -51.67
N THR L 40 -3.64 18.11 -52.01
CA THR L 40 -2.78 18.81 -52.95
C THR L 40 -1.79 19.72 -52.24
N GLY L 41 -2.28 20.67 -51.44
CA GLY L 41 -1.41 21.57 -50.71
C GLY L 41 -1.19 22.90 -51.41
N SER L 42 -1.60 23.99 -50.76
CA SER L 42 -1.44 25.32 -51.33
C SER L 42 -0.06 25.89 -51.00
N PRO L 43 0.48 26.73 -51.88
CA PRO L 43 1.80 27.32 -51.64
C PRO L 43 1.78 28.55 -50.75
N SER L 44 2.92 29.23 -50.67
CA SER L 44 3.11 30.50 -49.95
C SER L 44 2.89 30.36 -48.45
N PRO L 45 3.80 29.68 -47.72
CA PRO L 45 3.74 29.57 -46.26
C PRO L 45 3.74 30.94 -45.58
N ASP M 4 -23.49 46.23 19.28
CA ASP M 4 -22.48 47.07 19.94
C ASP M 4 -21.07 46.54 19.68
N PHE M 5 -20.17 47.43 19.27
CA PHE M 5 -18.78 47.05 19.08
C PHE M 5 -18.10 46.77 20.41
N ALA M 6 -18.46 47.50 21.46
CA ALA M 6 -17.90 47.23 22.78
C ALA M 6 -18.31 45.86 23.29
N LYS M 7 -19.56 45.46 23.01
CA LYS M 7 -20.02 44.13 23.39
C LYS M 7 -19.21 43.05 22.67
N LEU M 8 -18.95 43.25 21.38
CA LEU M 8 -18.13 42.29 20.64
C LEU M 8 -16.69 42.29 21.14
N ALA M 9 -16.13 43.47 21.42
CA ALA M 9 -14.77 43.55 21.92
C ALA M 9 -14.64 42.89 23.29
N ALA M 10 -15.62 43.11 24.16
CA ALA M 10 -15.60 42.46 25.47
C ALA M 10 -15.73 40.94 25.35
N ALA M 11 -16.58 40.48 24.44
CA ALA M 11 -16.75 39.04 24.25
C ALA M 11 -15.47 38.39 23.72
N GLN M 12 -14.82 39.05 22.75
CA GLN M 12 -13.57 38.50 22.21
C GLN M 12 -12.46 38.55 23.24
N GLY M 13 -12.37 39.63 24.01
CA GLY M 13 -11.38 39.69 25.08
C GLY M 13 -11.65 38.67 26.16
N ASP M 14 -12.93 38.41 26.45
CA ASP M 14 -13.28 37.36 27.40
C ASP M 14 -12.89 35.98 26.88
N ALA M 15 -13.11 35.73 25.59
CA ALA M 15 -12.77 34.44 25.01
C ALA M 15 -11.26 34.22 25.01
N ILE M 16 -10.48 35.26 24.69
CA ILE M 16 -9.03 35.13 24.67
C ILE M 16 -8.50 34.89 26.07
N ASP M 17 -9.02 35.62 27.06
CA ASP M 17 -8.52 35.48 28.43
C ASP M 17 -8.86 34.11 29.00
N SER M 18 -10.06 33.59 28.69
CA SER M 18 -10.46 32.30 29.25
C SER M 18 -9.60 31.16 28.71
N ARG M 19 -9.06 31.30 27.51
CA ARG M 19 -8.30 30.22 26.90
C ARG M 19 -6.79 30.37 27.10
N TYR M 20 -6.25 31.57 26.98
CA TYR M 20 -4.81 31.79 27.02
C TYR M 20 -4.33 32.59 28.21
N HIS M 21 -5.23 33.24 28.95
CA HIS M 21 -4.95 34.13 30.07
C HIS M 21 -3.68 34.98 29.83
N PRO M 22 -3.70 35.86 28.83
CA PRO M 22 -2.53 36.71 28.55
C PRO M 22 -2.58 38.09 29.20
N SER M 23 -3.54 38.35 30.09
CA SER M 23 -3.75 39.70 30.61
C SER M 23 -2.51 40.22 31.33
N ALA M 24 -1.90 39.39 32.17
CA ALA M 24 -0.69 39.81 32.88
C ALA M 24 0.46 40.05 31.91
N ALA M 25 0.62 39.17 30.92
CA ALA M 25 1.73 39.32 29.98
C ALA M 25 1.50 40.50 29.04
N VAL M 26 0.26 40.70 28.58
CA VAL M 26 -0.02 41.79 27.67
C VAL M 26 0.17 43.15 28.35
N ARG M 27 -0.29 43.26 29.60
CA ARG M 27 -0.20 44.54 30.31
C ARG M 27 1.25 44.95 30.50
N ARG M 28 2.14 44.00 30.80
CA ARG M 28 3.56 44.31 30.89
C ARG M 28 4.10 44.80 29.55
N GLN M 29 3.65 44.19 28.45
CA GLN M 29 4.10 44.61 27.13
C GLN M 29 3.57 45.98 26.75
N LEU M 30 2.34 46.31 27.16
CA LEU M 30 1.75 47.61 26.81
C LEU M 30 2.37 48.73 27.63
N ASN M 31 2.86 48.45 28.83
CA ASN M 31 3.43 49.45 29.71
C ASN M 31 4.92 49.65 29.52
N LYS M 32 5.53 48.96 28.56
CA LYS M 32 6.96 49.12 28.31
C LYS M 32 7.27 50.55 27.88
N VAL M 33 8.30 51.13 28.47
CA VAL M 33 8.67 52.53 28.23
C VAL M 33 9.89 52.57 27.32
N PHE M 34 9.80 53.40 26.29
CA PHE M 34 10.91 53.55 25.32
C PHE M 34 11.34 55.01 25.25
N PRO M 35 12.65 55.31 25.23
CA PRO M 35 13.11 56.69 25.05
C PRO M 35 12.69 57.23 23.68
N THR M 36 12.47 58.55 23.59
CA THR M 36 11.97 59.18 22.38
C THR M 36 13.01 60.07 21.71
N HIS M 37 14.27 59.64 21.71
CA HIS M 37 15.32 60.37 21.02
C HIS M 37 15.23 60.14 19.51
N TRP M 38 15.64 61.14 18.75
CA TRP M 38 15.57 61.05 17.30
C TRP M 38 16.54 59.99 16.77
N SER M 39 17.72 59.89 17.37
CA SER M 39 18.73 58.94 16.90
C SER M 39 18.37 57.49 17.18
N PHE M 40 17.32 57.24 17.97
CA PHE M 40 16.90 55.88 18.26
C PHE M 40 16.03 55.28 17.17
N LEU M 41 15.65 56.07 16.18
CA LEU M 41 14.93 55.57 15.01
C LEU M 41 15.87 55.06 13.93
N LEU M 42 17.19 55.13 14.15
CA LEU M 42 18.14 54.65 13.15
C LEU M 42 18.00 53.15 12.94
N GLY M 43 17.83 52.39 14.01
CA GLY M 43 17.62 50.96 13.88
C GLY M 43 16.25 50.59 13.36
N GLU M 44 15.27 51.48 13.52
CA GLU M 44 13.93 51.22 13.00
C GLU M 44 13.91 51.23 11.48
N ILE M 45 14.67 52.15 10.87
CA ILE M 45 14.69 52.23 9.41
C ILE M 45 15.31 50.97 8.82
N ALA M 46 16.40 50.49 9.41
CA ALA M 46 17.01 49.25 8.92
C ALA M 46 16.07 48.06 9.06
N LEU M 47 15.39 47.95 10.20
CA LEU M 47 14.43 46.88 10.40
C LEU M 47 13.26 47.00 9.43
N TYR M 48 12.76 48.22 9.23
CA TYR M 48 11.62 48.42 8.34
C TYR M 48 11.99 48.21 6.88
N SER M 49 13.23 48.57 6.50
CA SER M 49 13.68 48.32 5.13
C SER M 49 13.81 46.82 4.86
N PHE M 50 14.20 46.04 5.86
CA PHE M 50 14.30 44.59 5.68
C PHE M 50 12.94 43.98 5.38
N ILE M 51 11.89 44.47 6.05
CA ILE M 51 10.54 43.98 5.79
C ILE M 51 10.12 44.26 4.36
N ILE M 52 10.42 45.47 3.87
CA ILE M 52 10.12 45.81 2.48
C ILE M 52 10.90 44.91 1.53
N LEU M 53 12.14 44.59 1.87
CA LEU M 53 12.93 43.67 1.05
C LEU M 53 12.31 42.28 1.05
N LEU M 54 11.79 41.84 2.21
CA LEU M 54 11.14 40.53 2.27
C LEU M 54 9.89 40.49 1.40
N LEU M 55 9.08 41.55 1.45
CA LEU M 55 7.83 41.55 0.68
C LEU M 55 8.11 41.66 -0.82
N THR M 56 9.03 42.53 -1.22
CA THR M 56 9.35 42.66 -2.63
C THR M 56 10.14 41.48 -3.15
N GLY M 57 10.99 40.88 -2.32
CA GLY M 57 11.74 39.71 -2.75
C GLY M 57 10.84 38.52 -3.03
N VAL M 58 9.78 38.37 -2.25
CA VAL M 58 8.81 37.30 -2.50
C VAL M 58 8.14 37.50 -3.85
N TRP M 59 7.77 38.74 -4.17
CA TRP M 59 7.14 39.03 -5.46
C TRP M 59 8.07 38.70 -6.62
N LEU M 60 9.36 39.04 -6.49
CA LEU M 60 10.29 38.81 -7.58
C LEU M 60 10.55 37.33 -7.81
N THR M 61 10.44 36.50 -6.76
CA THR M 61 10.69 35.06 -6.91
C THR M 61 9.65 34.37 -7.76
N LEU M 62 8.49 35.01 -8.00
CA LEU M 62 7.44 34.41 -8.80
C LEU M 62 7.69 34.53 -10.30
N PHE M 63 8.71 35.28 -10.72
CA PHE M 63 8.97 35.50 -12.13
C PHE M 63 10.43 35.33 -12.53
N PHE M 64 11.30 34.90 -11.62
CA PHE M 64 12.74 34.85 -11.87
C PHE M 64 13.20 33.41 -12.06
N ASP M 65 13.95 33.18 -13.14
CA ASP M 65 14.58 31.89 -13.40
C ASP M 65 16.09 32.03 -13.19
N PRO M 66 16.69 31.36 -12.21
CA PRO M 66 18.10 31.58 -11.92
C PRO M 66 19.05 30.77 -12.78
N SER M 67 18.56 30.22 -13.88
CA SER M 67 19.39 29.35 -14.72
C SER M 67 20.43 30.15 -15.49
N MET M 68 21.58 29.53 -15.72
CA MET M 68 22.62 30.06 -16.59
C MET M 68 22.56 29.50 -17.99
N ALA M 69 21.54 28.69 -18.30
CA ALA M 69 21.44 28.07 -19.62
C ALA M 69 21.29 29.11 -20.71
N HIS M 70 22.04 28.92 -21.80
CA HIS M 70 22.02 29.89 -22.90
C HIS M 70 20.72 29.80 -23.67
N VAL M 71 20.05 30.93 -23.83
CA VAL M 71 18.79 31.02 -24.56
C VAL M 71 18.83 32.25 -25.46
N THR M 72 17.92 32.27 -26.44
CA THR M 72 17.80 33.38 -27.38
C THR M 72 16.62 34.25 -26.98
N TYR M 73 16.87 35.56 -26.87
CA TYR M 73 15.82 36.48 -26.42
C TYR M 73 14.69 36.57 -27.43
N ASP M 74 13.46 36.57 -26.94
CA ASP M 74 12.28 36.68 -27.77
C ASP M 74 11.23 37.61 -27.16
N GLY M 75 11.68 38.58 -26.36
CA GLY M 75 10.79 39.49 -25.68
C GLY M 75 10.46 40.72 -26.50
N VAL M 76 10.01 41.77 -25.81
CA VAL M 76 9.60 43.00 -26.48
C VAL M 76 10.72 44.01 -26.63
N TYR M 77 11.87 43.77 -26.03
CA TYR M 77 13.00 44.70 -26.12
C TYR M 77 13.67 44.51 -27.47
N GLN M 78 13.42 45.43 -28.40
CA GLN M 78 13.99 45.32 -29.74
C GLN M 78 15.51 45.32 -29.77
N PRO M 79 16.24 46.18 -29.03
CA PRO M 79 17.70 46.19 -29.17
C PRO M 79 18.37 44.85 -28.84
N LEU M 80 17.77 44.04 -27.98
CA LEU M 80 18.35 42.75 -27.59
C LEU M 80 17.64 41.58 -28.26
N ARG M 81 16.87 41.83 -29.32
CA ARG M 81 16.17 40.75 -30.01
C ARG M 81 17.18 39.83 -30.70
N GLY M 82 17.03 38.53 -30.47
CA GLY M 82 17.92 37.55 -31.06
C GLY M 82 19.27 37.42 -30.39
N VAL M 83 19.51 38.13 -29.29
CA VAL M 83 20.79 38.08 -28.61
C VAL M 83 20.79 36.89 -27.65
N GLN M 84 21.83 36.07 -27.74
CA GLN M 84 21.94 34.91 -26.86
C GLN M 84 22.27 35.36 -25.45
N MET M 85 21.47 34.91 -24.49
CA MET M 85 21.65 35.27 -23.09
C MET M 85 21.30 34.07 -22.21
N SER M 86 21.37 34.27 -20.91
CA SER M 86 21.00 33.25 -19.94
C SER M 86 19.58 33.46 -19.47
N ARG M 87 19.02 32.41 -18.85
CA ARG M 87 17.66 32.50 -18.32
C ARG M 87 17.56 33.53 -17.22
N ALA M 88 18.66 33.76 -16.49
CA ALA M 88 18.65 34.77 -15.44
C ALA M 88 18.46 36.17 -16.02
N TYR M 89 19.12 36.46 -17.14
CA TYR M 89 19.01 37.80 -17.73
C TYR M 89 17.67 37.99 -18.42
N GLU M 90 17.16 36.95 -19.09
CA GLU M 90 15.90 37.10 -19.81
C GLU M 90 14.74 37.33 -18.85
N THR M 91 14.67 36.55 -17.76
CA THR M 91 13.60 36.73 -16.79
C THR M 91 13.71 38.07 -16.08
N ALA M 92 14.93 38.55 -15.82
CA ALA M 92 15.10 39.89 -15.30
C ALA M 92 14.58 40.93 -16.29
N LEU M 93 14.83 40.71 -17.58
CA LEU M 93 14.22 41.55 -18.60
C LEU M 93 12.71 41.34 -18.66
N ASP M 94 12.26 40.10 -18.45
CA ASP M 94 10.83 39.81 -18.47
C ASP M 94 10.10 40.54 -17.35
N ILE M 95 10.72 40.61 -16.17
CA ILE M 95 10.12 41.34 -15.06
C ILE M 95 9.97 42.81 -15.40
N SER M 96 11.01 43.40 -16.00
CA SER M 96 11.00 44.84 -16.23
C SER M 96 10.06 45.25 -17.35
N PHE M 97 9.84 44.38 -18.34
CA PHE M 97 9.13 44.78 -19.55
C PHE M 97 7.81 44.04 -19.76
N GLU M 98 7.80 42.71 -19.65
CA GLU M 98 6.61 41.93 -19.95
C GLU M 98 5.77 41.59 -18.71
N VAL M 99 6.10 42.16 -17.56
CA VAL M 99 5.30 41.99 -16.34
C VAL M 99 4.86 43.39 -15.89
N ARG M 100 3.55 43.56 -15.68
CA ARG M 100 3.04 44.84 -15.23
C ARG M 100 3.46 45.10 -13.80
N GLY M 101 4.10 46.25 -13.57
CA GLY M 101 4.59 46.60 -12.26
C GLY M 101 5.89 45.93 -11.86
N GLY M 102 6.47 45.11 -12.74
CA GLY M 102 7.71 44.44 -12.40
C GLY M 102 8.88 45.39 -12.25
N LEU M 103 8.97 46.41 -13.12
CA LEU M 103 10.03 47.39 -13.01
C LEU M 103 9.90 48.19 -11.72
N PHE M 104 8.67 48.53 -11.35
CA PHE M 104 8.45 49.27 -10.10
C PHE M 104 8.88 48.44 -8.89
N VAL M 105 8.52 47.15 -8.86
CA VAL M 105 8.89 46.29 -7.75
C VAL M 105 10.40 46.05 -7.76
N ARG M 106 10.97 45.87 -8.94
CA ARG M 106 12.42 45.60 -9.07
C ARG M 106 13.23 46.80 -8.56
N GLN M 107 12.81 48.02 -8.86
CA GLN M 107 13.54 49.20 -8.43
C GLN M 107 13.31 49.51 -6.95
N VAL M 108 12.09 49.25 -6.46
CA VAL M 108 11.82 49.41 -5.03
C VAL M 108 12.68 48.44 -4.23
N HIS M 109 12.81 47.20 -4.71
CA HIS M 109 13.65 46.22 -4.03
C HIS M 109 15.11 46.66 -3.99
N HIS M 110 15.62 47.20 -5.10
CA HIS M 110 16.99 47.67 -5.12
C HIS M 110 17.17 48.90 -4.23
N TRP M 111 16.21 49.82 -4.26
CA TRP M 111 16.29 51.00 -3.40
C TRP M 111 16.16 50.64 -1.93
N ALA M 112 15.35 49.64 -1.61
CA ALA M 112 15.24 49.18 -0.23
C ALA M 112 16.56 48.62 0.26
N ALA M 113 17.29 47.91 -0.60
CA ALA M 113 18.59 47.38 -0.23
C ALA M 113 19.58 48.50 0.08
N LEU M 114 19.56 49.57 -0.72
CA LEU M 114 20.45 50.69 -0.46
C LEU M 114 20.10 51.38 0.86
N MET M 115 18.81 51.59 1.13
CA MET M 115 18.41 52.14 2.41
C MET M 115 18.70 51.17 3.55
N PHE M 116 18.57 49.85 3.29
CA PHE M 116 18.91 48.87 4.31
C PHE M 116 20.38 48.94 4.68
N ALA M 117 21.27 48.93 3.67
CA ALA M 117 22.70 48.98 3.94
C ALA M 117 23.11 50.31 4.54
N ALA M 118 22.55 51.42 4.05
CA ALA M 118 22.91 52.73 4.57
C ALA M 118 22.48 52.89 6.02
N SER M 119 21.29 52.38 6.37
CA SER M 119 20.79 52.52 7.73
C SER M 119 21.63 51.74 8.73
N ILE M 120 22.17 50.59 8.33
CA ILE M 120 22.98 49.79 9.24
C ILE M 120 24.25 50.56 9.63
N MET M 121 24.91 51.15 8.64
CA MET M 121 26.13 51.91 8.92
C MET M 121 25.85 53.15 9.75
N VAL M 122 24.75 53.85 9.46
CA VAL M 122 24.39 55.02 10.26
C VAL M 122 23.99 54.61 11.67
N HIS M 123 23.22 53.52 11.81
CA HIS M 123 22.85 53.03 13.12
C HIS M 123 24.06 52.51 13.88
N LEU M 124 25.02 51.89 13.17
CA LEU M 124 26.26 51.45 13.82
C LEU M 124 27.04 52.63 14.38
N ALA M 125 27.01 53.77 13.67
CA ALA M 125 27.71 54.96 14.15
C ALA M 125 27.12 55.44 15.46
N ARG M 126 25.79 55.42 15.59
CA ARG M 126 25.16 55.84 16.84
C ARG M 126 25.58 54.94 17.99
N ILE M 127 25.60 53.63 17.76
CA ILE M 127 26.03 52.69 18.79
C ILE M 127 27.48 52.93 19.17
N PHE M 128 28.34 53.16 18.16
CA PHE M 128 29.76 53.36 18.41
C PHE M 128 30.01 54.68 19.14
N PHE M 129 29.42 55.77 18.66
CA PHE M 129 29.74 57.09 19.20
C PHE M 129 29.16 57.30 20.59
N THR M 130 27.96 56.79 20.84
CA THR M 130 27.29 56.97 22.12
C THR M 130 27.68 55.90 23.14
N GLY M 131 28.52 54.94 22.77
CA GLY M 131 28.96 53.92 23.70
C GLY M 131 27.87 52.97 24.15
N ALA M 132 26.95 52.62 23.26
CA ALA M 132 25.89 51.68 23.59
C ALA M 132 26.35 50.22 23.55
N PHE M 133 27.59 49.98 23.12
CA PHE M 133 28.15 48.63 23.05
C PHE M 133 28.74 48.15 24.37
N ARG M 134 28.74 48.99 25.40
CA ARG M 134 29.34 48.61 26.68
C ARG M 134 28.46 47.58 27.40
N ARG M 135 29.00 47.03 28.47
CA ARG M 135 28.28 46.04 29.26
C ARG M 135 27.01 46.67 29.82
N PRO M 136 25.86 45.95 29.79
CA PRO M 136 25.71 44.55 29.37
C PRO M 136 25.30 44.35 27.91
N ARG M 137 25.56 45.33 27.05
CA ARG M 137 25.11 45.29 25.67
C ARG M 137 26.26 45.02 24.70
N GLU M 138 27.21 44.20 25.16
CA GLU M 138 28.41 43.83 24.36
C GLU M 138 28.05 42.70 23.40
N ALA M 139 27.22 41.75 23.84
CA ALA M 139 26.83 40.63 22.99
C ALA M 139 25.92 41.09 21.86
N ASN M 140 25.10 42.11 22.11
CA ASN M 140 24.26 42.65 21.04
C ASN M 140 25.09 43.32 19.95
N TRP M 141 26.24 43.90 20.33
CA TRP M 141 27.14 44.44 19.32
C TRP M 141 27.69 43.35 18.43
N VAL M 142 28.04 42.19 19.01
CA VAL M 142 28.53 41.07 18.22
C VAL M 142 27.44 40.55 17.29
N ILE M 143 26.21 40.43 17.80
CA ILE M 143 25.10 39.97 16.97
C ILE M 143 24.84 40.96 15.84
N GLY M 144 24.87 42.26 16.14
CA GLY M 144 24.68 43.26 15.10
C GLY M 144 25.80 43.24 14.08
N SER M 145 27.04 43.07 14.53
CA SER M 145 28.17 43.05 13.61
C SER M 145 28.04 41.92 12.60
N LEU M 146 27.54 40.77 13.04
CA LEU M 146 27.27 39.68 12.10
C LEU M 146 26.19 40.06 11.11
N LEU M 147 25.18 40.82 11.56
CA LEU M 147 24.11 41.26 10.67
C LEU M 147 24.65 42.17 9.58
N LEU M 148 25.59 43.06 9.92
CA LEU M 148 26.20 43.92 8.91
C LEU M 148 26.96 43.10 7.87
N ILE M 149 27.70 42.09 8.31
CA ILE M 149 28.46 41.26 7.38
C ILE M 149 27.51 40.44 6.49
N LEU M 150 26.47 39.86 7.09
CA LEU M 150 25.52 39.09 6.29
C LEU M 150 24.77 39.97 5.30
N ALA M 151 24.33 41.15 5.73
CA ALA M 151 23.71 42.09 4.81
C ALA M 151 24.69 42.61 3.77
N MET M 152 25.99 42.57 4.07
CA MET M 152 26.99 42.98 3.09
C MET M 152 27.02 42.03 1.90
N PHE M 153 27.10 40.73 2.16
CA PHE M 153 27.13 39.74 1.09
C PHE M 153 25.75 39.51 0.48
N GLU M 154 24.69 39.71 1.27
CA GLU M 154 23.34 39.50 0.75
C GLU M 154 23.03 40.45 -0.39
N GLY M 155 23.41 41.72 -0.25
CA GLY M 155 23.19 42.66 -1.34
C GLY M 155 24.05 42.37 -2.54
N PHE M 156 25.31 41.93 -2.32
CA PHE M 156 26.19 41.60 -3.42
C PHE M 156 25.67 40.42 -4.22
N PHE M 157 25.18 39.39 -3.54
CA PHE M 157 24.64 38.22 -4.24
C PHE M 157 23.39 38.59 -5.03
N GLY M 158 22.51 39.41 -4.46
CA GLY M 158 21.31 39.81 -5.17
C GLY M 158 21.61 40.67 -6.38
N TYR M 159 22.59 41.57 -6.26
CA TYR M 159 22.95 42.43 -7.37
C TYR M 159 23.50 41.63 -8.54
N SER M 160 24.10 40.48 -8.27
CA SER M 160 24.64 39.61 -9.32
C SER M 160 23.62 38.63 -9.87
N LEU M 161 22.42 38.56 -9.28
CA LEU M 161 21.41 37.64 -9.76
C LEU M 161 20.98 37.88 -11.21
N PRO M 162 20.72 39.12 -11.66
CA PRO M 162 20.30 39.30 -13.06
C PRO M 162 21.34 38.86 -14.08
N ASP M 163 22.61 38.72 -13.68
CA ASP M 163 23.68 38.25 -14.56
C ASP M 163 23.84 39.17 -15.77
N ASP M 164 23.81 40.48 -15.51
CA ASP M 164 24.04 41.45 -16.56
C ASP M 164 25.55 41.64 -16.78
N LEU M 165 25.90 42.50 -17.74
CA LEU M 165 27.31 42.70 -18.08
C LEU M 165 28.09 43.30 -16.91
N LEU M 166 27.49 44.27 -16.22
CA LEU M 166 28.19 44.92 -15.11
C LEU M 166 28.29 43.99 -13.90
N SER M 167 27.19 43.32 -13.55
CA SER M 167 27.21 42.43 -12.39
C SER M 167 28.12 41.23 -12.63
N GLY M 168 28.11 40.69 -13.85
CA GLY M 168 28.96 39.55 -14.15
C GLY M 168 30.44 39.89 -14.08
N THR M 169 30.81 41.11 -14.48
CA THR M 169 32.20 41.52 -14.39
C THR M 169 32.67 41.58 -12.94
N GLY M 170 31.81 42.06 -12.04
CA GLY M 170 32.17 42.10 -10.64
C GLY M 170 32.38 40.72 -10.05
N ILE M 171 31.60 39.74 -10.49
CA ILE M 171 31.78 38.37 -10.03
C ILE M 171 33.14 37.83 -10.48
N ARG M 172 33.52 38.11 -11.73
CA ARG M 172 34.78 37.61 -12.25
C ARG M 172 35.97 38.20 -11.49
N ALA M 173 35.93 39.51 -11.20
CA ALA M 173 37.05 40.15 -10.55
C ALA M 173 37.05 39.93 -9.05
N ALA M 174 35.92 40.21 -8.39
CA ALA M 174 35.86 40.15 -6.94
C ALA M 174 35.63 38.73 -6.44
N LEU M 175 34.50 38.12 -6.83
CA LEU M 175 34.16 36.81 -6.30
C LEU M 175 35.11 35.73 -6.78
N SER M 176 35.55 35.80 -8.04
CA SER M 176 36.39 34.76 -8.63
C SER M 176 37.87 35.12 -8.61
N GLY M 177 38.22 36.34 -9.00
CA GLY M 177 39.62 36.70 -9.10
C GLY M 177 40.33 36.73 -7.75
N ILE M 178 39.69 37.33 -6.75
CA ILE M 178 40.31 37.42 -5.43
C ILE M 178 40.35 36.04 -4.76
N THR M 179 39.27 35.27 -4.88
CA THR M 179 39.19 33.94 -4.21
C THR M 179 40.23 32.95 -4.77
N MET M 180 40.41 32.93 -6.09
CA MET M 180 41.32 32.00 -6.80
C MET M 180 42.78 32.32 -6.53
N GLY M 181 43.06 33.38 -5.77
CA GLY M 181 44.46 33.76 -5.47
C GLY M 181 44.80 33.75 -4.00
N ILE M 182 43.93 33.16 -3.16
CA ILE M 182 44.16 33.07 -1.69
C ILE M 182 45.16 31.93 -1.45
N PRO M 183 46.17 32.10 -0.57
CA PRO M 183 47.17 31.06 -0.32
C PRO M 183 46.61 29.65 -0.10
N VAL M 184 47.30 28.66 -0.65
CA VAL M 184 47.05 27.21 -0.44
C VAL M 184 45.64 26.75 -0.81
N ILE M 185 44.59 27.37 -0.25
CA ILE M 185 43.22 26.82 -0.48
C ILE M 185 42.40 27.70 -1.42
N GLY M 186 42.95 28.79 -1.93
CA GLY M 186 42.18 29.69 -2.81
C GLY M 186 41.55 29.01 -4.01
N THR M 187 42.27 28.08 -4.66
CA THR M 187 41.70 27.41 -5.86
C THR M 187 40.78 26.29 -5.40
N TRP M 188 40.94 25.82 -4.18
CA TRP M 188 40.05 24.77 -3.63
C TRP M 188 38.75 25.42 -3.24
N MET M 189 38.78 26.70 -2.88
CA MET M 189 37.55 27.43 -2.49
C MET M 189 36.84 27.86 -3.76
N HIS M 190 37.57 28.03 -4.85
CA HIS M 190 36.98 28.44 -6.14
C HIS M 190 36.32 27.24 -6.79
N TRP M 191 36.98 26.08 -6.78
CA TRP M 191 36.37 24.87 -7.39
C TRP M 191 35.19 24.41 -6.55
N ALA M 192 35.10 24.92 -5.33
CA ALA M 192 34.06 24.53 -4.40
C ALA M 192 32.81 25.38 -4.54
N LEU M 193 32.96 26.71 -4.53
CA LEU M 193 31.82 27.61 -4.69
C LEU M 193 31.31 27.62 -6.12
N PHE M 194 32.22 27.71 -7.10
CA PHE M 194 31.85 27.76 -8.50
C PHE M 194 31.59 26.37 -9.10
N GLY M 195 31.99 25.31 -8.41
CA GLY M 195 31.83 23.97 -8.94
C GLY M 195 32.61 23.74 -10.22
N GLY M 196 33.75 24.40 -10.35
CA GLY M 196 34.54 24.32 -11.55
C GLY M 196 35.24 25.66 -11.79
N ASP M 197 35.39 26.02 -13.06
CA ASP M 197 36.05 27.24 -13.45
C ASP M 197 35.01 28.28 -13.84
N PHE M 198 35.43 29.54 -13.83
CA PHE M 198 34.54 30.62 -14.21
C PHE M 198 34.20 30.50 -15.70
N PRO M 199 32.94 30.75 -16.08
CA PRO M 199 31.81 31.06 -15.20
C PRO M 199 31.19 29.82 -14.55
N GLY M 200 31.16 28.71 -15.29
CA GLY M 200 30.54 27.50 -14.81
C GLY M 200 29.07 27.42 -15.17
N GLU M 201 28.34 26.54 -14.48
CA GLU M 201 26.91 26.40 -14.76
C GLU M 201 26.06 26.34 -13.49
N ILE M 202 26.63 26.54 -12.31
CA ILE M 202 25.87 26.46 -11.07
C ILE M 202 26.07 27.73 -10.26
N LEU M 203 26.69 28.74 -10.88
CA LEU M 203 27.00 29.98 -10.15
C LEU M 203 25.72 30.68 -9.71
N ILE M 204 24.90 31.12 -10.67
CA ILE M 204 23.68 31.86 -10.39
C ILE M 204 22.69 31.02 -9.57
N PRO M 205 22.42 29.75 -9.93
CA PRO M 205 21.50 28.96 -9.09
C PRO M 205 21.94 28.81 -7.65
N ARG M 206 23.24 28.67 -7.40
CA ARG M 206 23.72 28.56 -6.02
C ARG M 206 23.57 29.89 -5.29
N LEU M 207 23.89 31.00 -5.96
CA LEU M 207 23.72 32.31 -5.34
C LEU M 207 22.25 32.64 -5.12
N TYR M 208 21.38 32.21 -6.04
CA TYR M 208 19.95 32.48 -5.89
C TYR M 208 19.40 31.81 -4.64
N ALA M 209 19.77 30.55 -4.40
CA ALA M 209 19.33 29.86 -3.19
C ALA M 209 19.89 30.53 -1.95
N LEU M 210 21.16 30.93 -1.99
CA LEU M 210 21.77 31.63 -0.86
C LEU M 210 21.10 32.97 -0.60
N HIS M 211 20.80 33.71 -1.67
CA HIS M 211 20.37 35.10 -1.52
C HIS M 211 18.91 35.22 -1.08
N ILE M 212 18.04 34.33 -1.52
CA ILE M 212 16.61 34.51 -1.26
C ILE M 212 16.20 33.72 -0.01
N LEU M 213 16.94 32.68 0.31
CA LEU M 213 16.51 31.74 1.35
C LEU M 213 17.48 31.64 2.52
N LEU M 214 18.75 31.34 2.27
CA LEU M 214 19.65 30.96 3.36
C LEU M 214 20.11 32.19 4.15
N ILE M 215 20.69 33.16 3.46
CA ILE M 215 21.13 34.38 4.14
C ILE M 215 19.99 35.14 4.79
N PRO M 216 18.83 35.34 4.13
CA PRO M 216 17.70 35.97 4.85
C PRO M 216 17.24 35.17 6.05
N GLY M 217 17.32 33.84 5.99
CA GLY M 217 16.94 33.04 7.15
C GLY M 217 17.85 33.27 8.33
N ILE M 218 19.17 33.35 8.09
CA ILE M 218 20.10 33.65 9.16
C ILE M 218 19.91 35.08 9.65
N ILE M 219 19.68 36.02 8.71
CA ILE M 219 19.46 37.42 9.09
C ILE M 219 18.19 37.54 9.93
N LEU M 220 17.12 36.85 9.51
CA LEU M 220 15.86 36.91 10.26
C LEU M 220 16.03 36.34 11.65
N ALA M 221 16.76 35.21 11.78
CA ALA M 221 17.02 34.64 13.09
C ALA M 221 17.87 35.58 13.94
N LEU M 222 18.90 36.18 13.34
CA LEU M 222 19.75 37.10 14.09
C LEU M 222 19.01 38.38 14.44
N ILE M 223 18.13 38.85 13.56
CA ILE M 223 17.33 40.04 13.86
C ILE M 223 16.39 39.74 15.03
N GLY M 224 15.77 38.56 15.03
CA GLY M 224 14.89 38.19 16.12
C GLY M 224 15.62 38.15 17.45
N ALA M 225 16.83 37.59 17.47
CA ALA M 225 17.63 37.63 18.68
C ALA M 225 18.09 39.04 19.01
N HIS M 226 18.35 39.85 17.99
CA HIS M 226 18.74 41.24 18.21
C HIS M 226 17.60 42.04 18.83
N LEU M 227 16.39 41.90 18.29
CA LEU M 227 15.25 42.65 18.81
C LEU M 227 14.84 42.14 20.18
N ALA M 228 14.91 40.83 20.40
CA ALA M 228 14.56 40.27 21.70
C ALA M 228 15.51 40.77 22.79
N LEU M 229 16.80 40.89 22.47
CA LEU M 229 17.77 41.39 23.43
C LEU M 229 17.45 42.82 23.83
N VAL M 230 17.16 43.68 22.85
CA VAL M 230 16.86 45.08 23.17
C VAL M 230 15.58 45.19 23.98
N TRP M 231 14.57 44.37 23.64
CA TRP M 231 13.29 44.45 24.35
C TRP M 231 13.45 44.08 25.82
N PHE M 232 14.28 43.09 26.12
CA PHE M 232 14.45 42.63 27.49
C PHE M 232 15.61 43.30 28.20
N GLN M 233 16.53 43.92 27.46
CA GLN M 233 17.62 44.66 28.10
C GLN M 233 17.28 46.12 28.33
N LYS M 234 16.06 46.55 27.95
CA LYS M 234 15.57 47.88 28.33
C LYS M 234 16.46 49.00 27.81
N HIS M 235 16.36 49.25 26.50
CA HIS M 235 17.19 50.18 25.73
C HIS M 235 17.59 51.41 26.52
N THR M 236 18.87 51.78 26.35
CA THR M 236 19.51 52.86 27.08
C THR M 236 18.87 54.21 26.79
N GLN M 237 19.35 55.24 27.49
CA GLN M 237 18.84 56.58 27.35
C GLN M 237 19.98 57.58 27.55
N PHE M 238 19.82 58.77 27.01
CA PHE M 238 20.78 59.83 27.22
C PHE M 238 20.60 60.46 28.60
N PRO M 239 21.68 60.92 29.21
CA PRO M 239 21.57 61.60 30.51
C PRO M 239 20.75 62.88 30.38
N GLY M 240 19.99 63.19 31.43
CA GLY M 240 19.14 64.36 31.44
C GLY M 240 18.35 64.50 32.72
N PRO M 241 17.33 65.36 32.71
CA PRO M 241 16.51 65.56 33.90
C PRO M 241 15.70 64.31 34.21
N GLY M 242 15.92 63.75 35.40
CA GLY M 242 15.22 62.56 35.82
C GLY M 242 15.76 61.25 35.28
N ARG M 243 16.82 61.29 34.47
CA ARG M 243 17.39 60.09 33.88
C ARG M 243 18.47 59.55 34.80
N THR M 244 18.27 58.35 35.32
CA THR M 244 19.22 57.67 36.18
C THR M 244 19.66 56.37 35.51
N GLU M 245 20.60 55.68 36.16
CA GLU M 245 21.09 54.40 35.64
C GLU M 245 20.13 53.25 35.90
N THR M 246 19.10 53.45 36.73
CA THR M 246 18.16 52.39 37.10
C THR M 246 16.73 52.79 36.76
N ASN M 247 16.53 53.47 35.63
CA ASN M 247 15.18 53.82 35.20
C ASN M 247 15.20 54.08 33.70
N VAL M 248 14.01 54.05 33.12
CA VAL M 248 13.80 54.37 31.70
C VAL M 248 12.81 55.52 31.64
N VAL M 249 13.18 56.60 30.95
CA VAL M 249 12.34 57.79 30.81
C VAL M 249 11.94 57.90 29.35
N GLY M 250 10.63 57.94 29.11
CA GLY M 250 10.11 58.04 27.76
C GLY M 250 8.59 57.95 27.72
N VAL M 251 8.06 57.18 26.77
CA VAL M 251 6.63 56.99 26.64
C VAL M 251 6.33 55.49 26.60
N ARG M 252 5.10 55.16 26.99
CA ARG M 252 4.68 53.77 27.00
C ARG M 252 4.34 53.29 25.59
N VAL M 253 4.20 51.98 25.44
CA VAL M 253 3.86 51.41 24.14
C VAL M 253 2.50 51.89 23.68
N MET M 254 1.52 51.86 24.57
CA MET M 254 0.17 52.30 24.22
C MET M 254 -0.17 53.63 24.89
N PRO M 255 -0.71 54.58 24.12
CA PRO M 255 -0.90 54.48 22.68
C PRO M 255 0.05 55.37 21.89
N VAL M 256 1.21 55.69 22.47
CA VAL M 256 2.10 56.68 21.89
C VAL M 256 3.11 56.00 20.98
N PHE M 257 3.92 55.09 21.54
CA PHE M 257 4.99 54.47 20.78
C PHE M 257 4.45 53.60 19.65
N ALA M 258 3.35 52.88 19.91
CA ALA M 258 2.78 52.01 18.88
C ALA M 258 2.31 52.81 17.67
N VAL M 259 1.65 53.94 17.92
CA VAL M 259 1.22 54.80 16.82
C VAL M 259 2.42 55.46 16.15
N LYS M 260 3.37 55.95 16.96
CA LYS M 260 4.54 56.62 16.40
C LYS M 260 5.38 55.65 15.57
N SER M 261 5.59 54.44 16.05
CA SER M 261 6.37 53.46 15.29
C SER M 261 5.61 53.00 14.06
N GLY M 262 4.28 52.83 14.18
CA GLY M 262 3.50 52.41 13.02
C GLY M 262 3.46 53.46 11.93
N ALA M 263 3.34 54.73 12.30
CA ALA M 263 3.34 55.80 11.31
C ALA M 263 4.70 55.98 10.67
N PHE M 264 5.78 55.76 11.44
CA PHE M 264 7.12 55.82 10.87
C PHE M 264 7.33 54.71 9.83
N PHE M 265 6.62 53.61 10.01
CA PHE M 265 6.72 52.49 9.05
C PHE M 265 6.11 52.94 7.74
N ALA M 266 5.00 53.67 7.79
CA ALA M 266 4.35 54.15 6.58
C ALA M 266 5.25 55.13 5.81
N MET M 267 5.94 56.01 6.54
CA MET M 267 6.82 56.96 5.87
C MET M 267 7.98 56.26 5.18
N ILE M 268 8.57 55.24 5.81
CA ILE M 268 9.64 54.49 5.19
C ILE M 268 9.14 53.79 3.94
N THR M 269 7.96 53.18 4.01
CA THR M 269 7.35 52.57 2.83
C THR M 269 7.02 53.63 1.79
N GLY M 270 6.50 54.78 2.24
CA GLY M 270 6.18 55.85 1.29
C GLY M 270 7.41 56.42 0.62
N VAL M 271 8.48 56.63 1.38
CA VAL M 271 9.72 57.15 0.78
C VAL M 271 10.30 56.12 -0.20
N LEU M 272 10.31 54.85 0.19
CA LEU M 272 10.86 53.82 -0.69
C LEU M 272 10.05 53.70 -1.97
N GLY M 273 8.72 53.82 -1.87
CA GLY M 273 7.90 53.78 -3.07
C GLY M 273 8.14 54.94 -4.00
N LEU M 274 8.44 56.12 -3.45
CA LEU M 274 8.70 57.29 -4.27
C LEU M 274 10.00 57.14 -5.06
N MET M 275 11.08 56.72 -4.38
CA MET M 275 12.34 56.54 -5.07
C MET M 275 12.32 55.36 -6.03
N GLY M 276 11.55 54.32 -5.71
CA GLY M 276 11.50 53.15 -6.57
C GLY M 276 10.75 53.39 -7.86
N GLY M 277 9.91 54.42 -7.91
CA GLY M 277 9.16 54.72 -9.10
C GLY M 277 9.74 55.88 -9.90
N LEU M 278 10.18 56.92 -9.20
CA LEU M 278 10.64 58.13 -9.88
C LEU M 278 12.11 58.03 -10.28
N LEU M 279 12.95 57.39 -9.47
CA LEU M 279 14.38 57.31 -9.73
C LEU M 279 14.72 55.94 -10.31
N THR M 280 15.27 55.93 -11.52
CA THR M 280 15.69 54.69 -12.15
C THR M 280 17.00 54.21 -11.54
N ILE M 281 17.04 52.94 -11.15
CA ILE M 281 18.22 52.34 -10.54
C ILE M 281 18.54 51.03 -11.24
N ASN M 282 19.80 50.83 -11.60
CA ASN M 282 20.32 49.61 -12.22
C ASN M 282 19.56 49.25 -13.49
N PRO M 283 19.69 50.03 -14.57
CA PRO M 283 19.07 49.63 -15.85
C PRO M 283 19.90 48.56 -16.53
N ILE M 284 19.40 47.32 -16.50
CA ILE M 284 20.19 46.19 -16.99
C ILE M 284 20.06 46.00 -18.49
N TRP M 285 19.03 46.55 -19.12
CA TRP M 285 18.84 46.36 -20.55
C TRP M 285 19.84 47.18 -21.37
N ASN M 286 20.41 48.24 -20.80
CA ASN M 286 21.35 49.07 -21.54
C ASN M 286 22.70 48.40 -21.74
N LEU M 287 23.01 47.37 -20.95
CA LEU M 287 24.32 46.74 -20.98
C LEU M 287 24.34 45.38 -21.66
N GLY M 288 23.22 44.66 -21.68
CA GLY M 288 23.18 43.36 -22.30
C GLY M 288 23.65 42.27 -21.36
N PRO M 289 23.55 41.02 -21.81
CA PRO M 289 23.98 39.89 -20.98
C PRO M 289 25.50 39.90 -20.80
N TYR M 290 25.93 39.28 -19.70
CA TYR M 290 27.35 39.19 -19.42
C TYR M 290 28.05 38.27 -20.40
N LYS M 291 29.18 38.71 -20.94
CA LYS M 291 30.02 37.92 -21.81
C LYS M 291 31.45 38.00 -21.30
N PRO M 292 32.15 36.87 -21.19
CA PRO M 292 33.53 36.90 -20.69
C PRO M 292 34.47 37.72 -21.55
N SER M 293 34.17 37.90 -22.84
CA SER M 293 35.03 38.65 -23.74
C SER M 293 34.71 40.14 -23.77
N GLN M 294 33.58 40.56 -23.21
CA GLN M 294 33.13 41.95 -23.26
C GLN M 294 33.05 42.53 -21.85
N VAL M 295 33.63 43.71 -21.66
CA VAL M 295 33.52 44.45 -20.42
C VAL M 295 33.28 45.92 -20.76
N SER M 296 32.25 46.50 -20.11
CA SER M 296 31.88 47.93 -20.34
C SER M 296 32.82 48.83 -19.54
N ALA M 297 32.91 50.11 -19.94
CA ALA M 297 33.77 51.09 -19.24
C ALA M 297 32.94 51.91 -18.25
N GLY M 298 31.81 52.46 -18.72
CA GLY M 298 30.92 53.27 -17.86
C GLY M 298 29.93 52.40 -17.12
N SER M 299 30.07 52.37 -15.77
CA SER M 299 29.31 51.51 -14.80
C SER M 299 28.65 52.34 -13.68
N GLN M 300 28.09 51.67 -12.68
CA GLN M 300 27.42 52.34 -11.53
C GLN M 300 27.36 51.37 -10.35
N PRO M 301 28.50 51.03 -9.71
CA PRO M 301 28.54 50.10 -8.57
C PRO M 301 27.76 50.62 -7.35
N ASP M 302 27.26 49.70 -6.52
CA ASP M 302 26.50 50.06 -5.29
C ASP M 302 27.45 50.64 -4.25
N PHE M 303 26.93 51.47 -3.34
CA PHE M 303 27.75 52.11 -2.28
C PHE M 303 27.75 51.24 -1.02
N TYR M 304 27.06 50.10 -1.07
CA TYR M 304 26.98 49.18 0.10
C TYR M 304 28.05 48.09 -0.05
N MET M 305 28.88 48.19 -1.08
CA MET M 305 29.97 47.22 -1.35
C MET M 305 30.91 47.79 -2.41
N MET M 306 31.54 48.93 -2.12
CA MET M 306 32.47 49.60 -3.07
C MET M 306 33.83 49.82 -2.39
N TRP M 307 33.82 50.03 -1.07
CA TRP M 307 35.06 50.25 -0.33
C TRP M 307 36.10 49.19 -0.63
N THR M 308 35.67 47.94 -0.85
CA THR M 308 36.61 46.90 -1.24
C THR M 308 37.21 47.18 -2.62
N ASP M 309 36.39 47.66 -3.55
CA ASP M 309 36.88 47.99 -4.89
C ASP M 309 37.89 49.13 -4.80
N GLY M 310 37.59 50.15 -4.00
CA GLY M 310 38.53 51.26 -3.85
C GLY M 310 39.86 50.84 -3.25
N LEU M 311 39.82 49.89 -2.31
CA LEU M 311 41.06 49.37 -1.75
C LEU M 311 41.89 48.61 -2.78
N ILE M 312 41.22 47.96 -3.74
CA ILE M 312 41.93 47.22 -4.78
C ILE M 312 42.77 48.16 -5.63
N ARG M 313 42.18 49.28 -6.05
CA ARG M 313 42.89 50.21 -6.92
C ARG M 313 44.03 50.92 -6.18
N LEU M 314 43.76 51.37 -4.95
CA LEU M 314 44.74 52.19 -4.24
C LEU M 314 45.94 51.37 -3.80
N TRP M 315 45.76 50.11 -3.47
CA TRP M 315 46.86 49.31 -2.95
C TRP M 315 47.91 49.08 -4.04
N PRO M 316 49.19 49.23 -3.71
CA PRO M 316 50.23 49.01 -4.71
C PRO M 316 50.34 47.55 -5.11
N ALA M 317 50.89 47.33 -6.30
CA ALA M 317 51.06 46.00 -6.87
C ALA M 317 52.21 45.28 -6.17
N TRP M 318 51.95 44.88 -4.93
CA TRP M 318 52.91 44.14 -4.11
C TRP M 318 52.56 42.66 -4.14
N GLU M 319 53.48 41.84 -4.64
CA GLU M 319 53.27 40.41 -4.76
C GLU M 319 54.51 39.67 -4.26
N PHE M 320 54.29 38.43 -3.84
CA PHE M 320 55.36 37.58 -3.33
C PHE M 320 55.37 36.27 -4.10
N TYR M 321 56.57 35.74 -4.32
CA TYR M 321 56.77 34.49 -5.06
C TYR M 321 57.68 33.56 -4.26
N PRO M 322 57.16 33.00 -3.17
CA PRO M 322 58.00 32.16 -2.28
C PRO M 322 58.14 30.74 -2.81
N PHE M 323 59.34 30.40 -3.25
CA PHE M 323 59.71 29.03 -3.60
C PHE M 323 58.80 28.47 -4.71
N GLY M 324 58.86 29.12 -5.87
CA GLY M 324 58.09 28.67 -7.02
C GLY M 324 56.59 28.78 -6.84
N HIS M 325 56.13 29.81 -6.13
CA HIS M 325 54.70 30.03 -5.93
C HIS M 325 54.36 31.48 -6.23
N THR M 326 53.13 31.90 -5.93
CA THR M 326 52.71 33.26 -6.19
C THR M 326 51.70 33.69 -5.14
N ILE M 327 51.90 34.88 -4.57
CA ILE M 327 50.92 35.51 -3.69
C ILE M 327 50.51 36.82 -4.32
N PRO M 328 49.40 36.86 -5.07
CA PRO M 328 49.07 38.06 -5.85
C PRO M 328 48.63 39.24 -5.01
N GLN M 329 48.34 40.36 -5.67
CA GLN M 329 47.93 41.59 -4.99
C GLN M 329 46.55 41.45 -4.36
N GLY M 330 45.71 40.54 -4.87
CA GLY M 330 44.37 40.39 -4.34
C GLY M 330 44.33 39.81 -2.94
N VAL M 331 45.42 39.19 -2.48
CA VAL M 331 45.46 38.63 -1.13
C VAL M 331 45.41 39.75 -0.09
N TRP M 332 46.02 40.90 -0.38
CA TRP M 332 46.02 42.01 0.55
C TRP M 332 44.60 42.50 0.82
N VAL M 333 43.79 42.61 -0.23
CA VAL M 333 42.41 43.07 -0.06
C VAL M 333 41.60 42.04 0.72
N ALA M 334 41.75 40.75 0.39
CA ALA M 334 41.05 39.71 1.12
C ALA M 334 41.47 39.67 2.59
N VAL M 335 42.77 39.82 2.85
CA VAL M 335 43.25 39.88 4.22
C VAL M 335 42.77 41.17 4.89
N GLY M 336 42.74 42.28 4.13
CA GLY M 336 42.31 43.55 4.69
C GLY M 336 40.89 43.51 5.21
N MET M 337 40.00 42.81 4.50
CA MET M 337 38.62 42.67 4.99
C MET M 337 38.57 41.83 6.27
N GLY M 338 39.48 40.87 6.42
CA GLY M 338 39.50 40.06 7.63
C GLY M 338 39.80 40.87 8.88
N LEU M 339 40.82 41.72 8.82
CA LEU M 339 41.15 42.57 9.97
C LEU M 339 40.06 43.59 10.24
N VAL M 340 39.49 44.18 9.20
CA VAL M 340 38.43 45.18 9.38
C VAL M 340 37.23 44.56 10.06
N PHE M 341 36.80 43.37 9.59
CA PHE M 341 35.67 42.69 10.21
C PHE M 341 36.02 42.22 11.62
N ALA M 342 37.23 41.72 11.83
CA ALA M 342 37.63 41.26 13.14
C ALA M 342 37.68 42.41 14.15
N LEU M 343 38.24 43.55 13.74
CA LEU M 343 38.32 44.70 14.65
C LEU M 343 36.93 45.24 14.97
N LEU M 344 36.05 45.29 13.96
CA LEU M 344 34.71 45.82 14.19
C LEU M 344 33.92 44.94 15.14
N ILE M 345 34.02 43.62 14.99
CA ILE M 345 33.25 42.71 15.84
C ILE M 345 33.71 42.81 17.28
N ALA M 346 35.01 42.70 17.52
CA ALA M 346 35.58 42.72 18.87
C ALA M 346 36.06 44.10 19.27
N TYR M 347 35.24 45.13 19.11
CA TYR M 347 35.64 46.45 19.59
C TYR M 347 35.41 46.62 21.10
N PRO M 348 34.22 46.30 21.64
CA PRO M 348 34.01 46.51 23.08
C PRO M 348 34.98 45.74 23.95
N PHE M 349 35.39 44.54 23.54
CA PHE M 349 36.36 43.78 24.31
C PHE M 349 37.73 44.46 24.31
N ILE M 350 38.14 45.00 23.17
CA ILE M 350 39.38 45.78 23.13
C ILE M 350 39.19 47.11 23.85
N GLU M 351 38.04 47.75 23.68
CA GLU M 351 37.78 49.03 24.33
C GLU M 351 37.80 48.90 25.85
N LYS M 352 37.18 47.84 26.39
CA LYS M 352 37.20 47.63 27.83
C LYS M 352 38.56 47.20 28.34
N LYS M 353 39.41 46.65 27.46
CA LYS M 353 40.74 46.24 27.89
C LYS M 353 41.69 47.43 28.05
N VAL M 354 41.54 48.45 27.21
CA VAL M 354 42.44 49.61 27.29
C VAL M 354 41.89 50.66 28.25
N THR M 355 40.57 50.85 28.30
CA THR M 355 39.99 51.81 29.23
C THR M 355 39.87 51.25 30.65
N GLY M 356 39.83 49.92 30.79
CA GLY M 356 39.82 49.30 32.09
C GLY M 356 38.51 49.32 32.83
N ASP M 357 37.42 49.75 32.19
CA ASP M 357 36.11 49.81 32.82
C ASP M 357 35.25 48.64 32.34
N ASP M 358 34.79 47.83 33.28
CA ASP M 358 33.90 46.70 32.99
C ASP M 358 32.66 46.77 33.88
N ALA M 359 32.13 47.97 34.07
CA ALA M 359 30.99 48.20 34.95
C ALA M 359 29.71 48.27 34.14
N HIS M 360 28.59 48.08 34.85
CA HIS M 360 27.28 48.17 34.21
C HIS M 360 27.01 49.61 33.78
N HIS M 361 26.55 49.77 32.54
CA HIS M 361 26.28 51.08 31.97
C HIS M 361 24.90 51.08 31.34
N ASN M 362 24.10 52.09 31.68
CA ASN M 362 22.75 52.23 31.14
C ASN M 362 22.55 53.62 30.55
N LEU M 363 23.37 54.57 30.99
CA LEU M 363 23.29 55.93 30.49
C LEU M 363 24.29 56.10 29.35
N LEU M 364 23.81 56.63 28.23
CA LEU M 364 24.66 56.79 27.06
C LEU M 364 25.77 57.80 27.34
N GLN M 365 26.97 57.50 26.84
CA GLN M 365 28.15 58.39 27.02
C GLN M 365 28.16 59.45 25.92
N ARG M 366 28.49 60.70 26.29
CA ARG M 366 28.54 61.83 25.32
C ARG M 366 29.73 61.65 24.36
N PRO M 367 29.56 61.93 23.06
CA PRO M 367 30.67 61.79 22.09
C PRO M 367 31.83 62.74 22.42
N ARG M 368 31.52 63.93 22.92
CA ARG M 368 32.57 64.94 23.27
C ARG M 368 33.31 64.48 24.53
N ASP M 369 32.63 63.72 25.41
CA ASP M 369 33.26 63.22 26.66
C ASP M 369 34.50 62.39 26.32
N VAL M 370 34.38 61.51 25.31
CA VAL M 370 35.52 60.65 24.88
C VAL M 370 36.03 61.14 23.51
N PRO M 371 37.02 62.05 23.46
CA PRO M 371 37.54 62.56 22.18
C PRO M 371 38.39 61.52 21.45
N VAL M 372 38.95 60.56 22.19
CA VAL M 372 39.81 59.49 21.59
C VAL M 372 38.93 58.61 20.69
N ARG M 373 37.80 58.14 21.22
CA ARG M 373 36.87 57.27 20.44
C ARG M 373 36.21 58.08 19.33
N THR M 374 35.70 59.27 19.66
CA THR M 374 35.03 60.15 18.66
C THR M 374 35.94 60.35 17.45
N ALA M 375 37.17 60.81 17.68
CA ALA M 375 38.12 61.04 16.60
C ALA M 375 38.39 59.76 15.82
N ILE M 376 38.50 58.62 16.52
CA ILE M 376 38.72 57.35 15.84
C ILE M 376 37.53 57.00 14.95
N GLY M 377 36.31 57.21 15.45
CA GLY M 377 35.14 56.98 14.63
C GLY M 377 35.07 57.91 13.43
N SER M 378 35.43 59.18 13.64
CA SER M 378 35.49 60.12 12.53
C SER M 378 36.59 59.72 11.54
N MET M 379 37.73 59.25 12.05
CA MET M 379 38.79 58.76 11.18
C MET M 379 38.33 57.53 10.40
N ALA M 380 37.62 56.61 11.05
CA ALA M 380 37.12 55.43 10.35
C ALA M 380 36.09 55.80 9.30
N ILE M 381 35.20 56.75 9.63
CA ILE M 381 34.20 57.20 8.66
C ILE M 381 34.88 57.88 7.48
N ALA M 382 35.87 58.72 7.77
CA ALA M 382 36.60 59.39 6.69
C ALA M 382 37.34 58.39 5.81
N LEU M 383 38.00 57.42 6.42
CA LEU M 383 38.73 56.41 5.64
C LEU M 383 37.79 55.61 4.76
N TYR M 384 36.59 55.31 5.27
CA TYR M 384 35.59 54.60 4.47
C TYR M 384 35.16 55.42 3.26
N LEU M 385 35.01 56.74 3.44
CA LEU M 385 34.49 57.59 2.36
C LEU M 385 35.47 57.70 1.20
N LEU M 386 36.76 57.90 1.47
CA LEU M 386 37.74 57.96 0.39
C LEU M 386 37.83 56.63 -0.34
N LEU M 387 37.80 55.51 0.40
CA LEU M 387 37.78 54.21 -0.25
C LEU M 387 36.54 54.04 -1.11
N THR M 388 35.40 54.56 -0.65
CA THR M 388 34.20 54.56 -1.49
C THR M 388 34.37 55.43 -2.73
N PHE M 389 35.02 56.59 -2.58
CA PHE M 389 35.19 57.54 -3.68
C PHE M 389 36.47 57.31 -4.47
N ALA M 390 37.23 56.26 -4.13
CA ALA M 390 38.47 55.96 -4.84
C ALA M 390 38.25 55.14 -6.11
N CYS M 391 37.04 54.64 -6.34
CA CYS M 391 36.75 53.82 -7.50
C CYS M 391 35.98 54.54 -8.59
N MET M 392 35.60 55.81 -8.38
CA MET M 392 35.07 56.66 -9.45
C MET M 392 36.18 57.52 -10.04
N ASN M 393 37.40 56.97 -10.03
CA ASN M 393 38.61 57.69 -10.54
C ASN M 393 38.49 57.98 -12.05
N ASP M 394 37.66 57.22 -12.77
CA ASP M 394 37.52 57.42 -14.20
C ASP M 394 36.97 58.81 -14.51
N ILE M 395 35.95 59.24 -13.76
CA ILE M 395 35.41 60.59 -13.92
C ILE M 395 36.26 61.64 -13.23
N ILE M 396 36.85 61.31 -12.09
CA ILE M 396 37.68 62.27 -11.36
C ILE M 396 38.92 62.64 -12.17
N ALA M 397 39.47 61.70 -12.95
CA ALA M 397 40.69 61.97 -13.70
C ALA M 397 40.48 63.09 -14.71
N LEU M 398 39.32 63.14 -15.33
CA LEU M 398 39.03 64.19 -16.33
C LEU M 398 38.43 65.43 -15.68
N LYS M 399 39.09 65.93 -14.65
CA LYS M 399 38.68 67.16 -13.98
C LYS M 399 39.82 68.16 -13.83
N PHE M 400 41.04 67.68 -13.57
CA PHE M 400 42.21 68.54 -13.41
C PHE M 400 43.22 68.42 -14.53
N HIS M 401 43.32 67.24 -15.15
CA HIS M 401 44.16 67.00 -16.33
C HIS M 401 45.65 67.25 -16.05
N ILE M 402 46.08 67.12 -14.81
CA ILE M 402 47.51 67.28 -14.54
C ILE M 402 48.28 66.00 -14.86
N SER M 403 47.62 64.85 -14.79
CA SER M 403 48.21 63.56 -15.12
C SER M 403 47.12 62.50 -15.11
N LEU M 404 47.32 61.47 -15.93
CA LEU M 404 46.35 60.37 -15.99
C LEU M 404 46.47 59.44 -14.80
N ASN M 405 47.69 59.21 -14.29
CA ASN M 405 47.91 58.26 -13.22
C ASN M 405 48.10 58.91 -11.86
N ALA M 406 48.17 60.24 -11.78
CA ALA M 406 48.35 60.90 -10.49
C ALA M 406 47.10 60.84 -9.63
N THR M 407 45.95 60.44 -10.19
CA THR M 407 44.73 60.34 -9.40
C THR M 407 44.85 59.30 -8.31
N THR M 408 45.45 58.15 -8.62
CA THR M 408 45.66 57.11 -7.60
C THR M 408 46.73 57.52 -6.60
N TRP M 409 47.75 58.25 -7.05
CA TRP M 409 48.76 58.77 -6.12
C TRP M 409 48.16 59.72 -5.11
N ILE M 410 47.08 60.42 -5.48
CA ILE M 410 46.34 61.21 -4.49
C ILE M 410 45.75 60.29 -3.44
N GLY M 411 45.18 59.17 -3.87
CA GLY M 411 44.61 58.19 -2.95
C GLY M 411 45.66 57.50 -2.10
N ARG M 412 46.79 57.12 -2.70
CA ARG M 412 47.84 56.43 -1.96
C ARG M 412 48.39 57.32 -0.84
N ILE M 413 48.78 58.55 -1.18
CA ILE M 413 49.29 59.47 -0.18
C ILE M 413 48.17 59.94 0.74
N GLY M 414 46.98 60.19 0.17
CA GLY M 414 45.90 60.80 0.91
C GLY M 414 45.04 59.85 1.72
N MET M 415 45.40 58.56 1.77
CA MET M 415 44.71 57.61 2.63
C MET M 415 45.37 57.53 4.01
N VAL M 416 46.47 58.25 4.23
CA VAL M 416 47.09 58.34 5.54
C VAL M 416 47.10 59.76 6.10
N VAL M 417 47.14 60.78 5.27
CA VAL M 417 47.21 62.17 5.73
C VAL M 417 45.82 62.70 6.11
N LEU M 418 44.85 62.54 5.22
CA LEU M 418 43.49 63.03 5.46
C LEU M 418 42.87 62.35 6.68
N PRO M 419 42.95 61.01 6.82
CA PRO M 419 42.45 60.39 8.07
C PRO M 419 43.13 60.93 9.31
N ALA M 420 44.44 61.20 9.24
CA ALA M 420 45.13 61.83 10.36
C ALA M 420 44.61 63.24 10.62
N ILE M 421 44.34 63.99 9.54
CA ILE M 421 43.79 65.33 9.69
C ILE M 421 42.40 65.27 10.31
N VAL M 422 41.56 64.35 9.85
CA VAL M 422 40.22 64.20 10.40
C VAL M 422 40.29 63.80 11.86
N TYR M 423 41.24 62.92 12.21
CA TYR M 423 41.42 62.52 13.60
C TYR M 423 41.77 63.72 14.49
N PHE M 424 42.69 64.56 14.03
CA PHE M 424 43.12 65.70 14.84
C PHE M 424 42.01 66.75 14.96
N VAL M 425 41.27 66.99 13.88
CA VAL M 425 40.20 67.99 13.92
C VAL M 425 39.09 67.53 14.86
N ALA M 426 38.69 66.25 14.75
CA ALA M 426 37.64 65.73 15.63
C ALA M 426 38.10 65.71 17.08
N TYR M 427 39.35 65.34 17.32
CA TYR M 427 39.86 65.30 18.70
C TYR M 427 39.90 66.69 19.31
N ARG M 428 40.33 67.69 18.53
CA ARG M 428 40.36 69.05 19.05
C ARG M 428 38.95 69.61 19.22
N TRP M 429 38.03 69.26 18.32
CA TRP M 429 36.66 69.74 18.43
C TRP M 429 35.99 69.18 19.69
N ALA M 430 36.25 67.92 20.03
CA ALA M 430 35.63 67.33 21.20
C ALA M 430 36.08 68.04 22.48
N ILE M 431 37.37 68.35 22.59
CA ILE M 431 37.87 69.05 23.76
C ILE M 431 37.28 70.46 23.84
N SER M 432 37.22 71.16 22.70
CA SER M 432 36.63 72.49 22.69
C SER M 432 35.16 72.45 23.08
N LEU M 433 34.41 71.47 22.56
CA LEU M 433 33.01 71.32 22.93
C LEU M 433 32.87 70.89 24.38
N GLN M 434 33.84 70.16 24.92
CA GLN M 434 33.79 69.76 26.31
C GLN M 434 33.82 70.97 27.24
N ARG M 435 34.70 71.92 26.96
CA ARG M 435 34.86 73.10 27.80
C ARG M 435 34.05 74.29 27.32
N SER M 436 33.28 74.14 26.23
CA SER M 436 32.41 75.22 25.79
C SER M 436 31.34 75.52 26.84
N ASP M 437 30.77 74.48 27.44
CA ASP M 437 29.81 74.60 28.54
C ASP M 437 30.37 73.77 29.70
N ARG M 438 31.21 74.38 30.51
CA ARG M 438 31.84 73.70 31.62
C ARG M 438 32.34 74.68 32.67
N GLN N 28 -3.20 42.64 44.84
CA GLN N 28 -3.30 42.83 46.28
C GLN N 28 -4.71 43.24 46.76
N PRO N 29 -5.35 44.22 46.11
CA PRO N 29 -6.73 44.55 46.51
C PRO N 29 -7.68 43.42 46.18
N THR N 30 -8.73 43.31 46.99
CA THR N 30 -9.74 42.29 46.77
C THR N 30 -10.70 42.72 45.66
N ASP N 31 -11.63 41.82 45.31
CA ASP N 31 -12.57 42.10 44.25
C ASP N 31 -13.52 43.25 44.62
N ALA N 32 -13.72 43.48 45.92
CA ALA N 32 -14.59 44.57 46.35
C ALA N 32 -14.03 45.93 45.95
N GLU N 33 -12.72 46.13 46.14
CA GLU N 33 -12.11 47.40 45.77
C GLU N 33 -12.12 47.61 44.25
N LEU N 34 -11.84 46.55 43.48
CA LEU N 34 -11.75 46.69 42.04
C LEU N 34 -13.07 47.10 41.41
N ALA N 35 -14.20 46.77 42.06
CA ALA N 35 -15.50 47.14 41.52
C ALA N 35 -15.67 48.66 41.50
N GLU N 36 -15.23 49.34 42.56
CA GLU N 36 -15.41 50.78 42.69
C GLU N 36 -14.25 51.59 42.15
N MET N 37 -13.17 50.95 41.70
CA MET N 37 -12.06 51.70 41.10
C MET N 37 -12.45 52.21 39.73
N SER N 38 -12.14 53.48 39.47
CA SER N 38 -12.39 54.06 38.16
C SER N 38 -11.25 53.71 37.21
N ARG N 39 -11.41 54.11 35.94
CA ARG N 39 -10.39 53.81 34.94
C ARG N 39 -9.08 54.54 35.22
N GLU N 40 -9.16 55.77 35.73
CA GLU N 40 -7.95 56.55 35.95
C GLU N 40 -7.06 55.91 37.01
N GLU N 41 -7.65 55.41 38.10
CA GLU N 41 -6.88 54.73 39.12
C GLU N 41 -6.46 53.33 38.70
N LEU N 42 -7.26 52.66 37.87
CA LEU N 42 -6.90 51.33 37.40
C LEU N 42 -5.64 51.37 36.55
N VAL N 43 -5.50 52.40 35.71
CA VAL N 43 -4.29 52.56 34.90
C VAL N 43 -3.07 52.74 35.79
N LYS N 44 -3.19 53.57 36.83
CA LYS N 44 -2.08 53.75 37.76
C LYS N 44 -1.73 52.45 38.48
N LEU N 45 -2.76 51.69 38.89
CA LEU N 45 -2.52 50.44 39.60
C LEU N 45 -1.80 49.44 38.71
N GLY N 46 -2.22 49.33 37.44
CA GLY N 46 -1.55 48.43 36.53
C GLY N 46 -0.11 48.83 36.25
N GLY N 47 0.14 50.12 36.09
CA GLY N 47 1.50 50.60 35.88
C GLY N 47 2.39 50.40 37.10
N LYS N 48 1.82 50.52 38.30
CA LYS N 48 2.62 50.34 39.51
C LYS N 48 3.15 48.92 39.62
N ILE N 49 2.35 47.93 39.24
CA ILE N 49 2.79 46.54 39.27
C ILE N 49 3.96 46.35 38.30
N ASP N 50 3.87 46.93 37.11
CA ASP N 50 4.92 46.82 36.11
C ASP N 50 6.10 47.74 36.37
N GLY N 51 6.02 48.61 37.38
CA GLY N 51 7.08 49.54 37.66
C GLY N 51 7.03 50.83 36.89
N VAL N 52 5.94 51.09 36.17
CA VAL N 52 5.80 52.29 35.36
C VAL N 52 5.09 53.36 36.18
N GLU N 53 5.66 54.56 36.19
CA GLU N 53 5.11 55.70 36.92
C GLU N 53 4.93 56.85 35.93
N THR N 54 3.69 57.06 35.49
CA THR N 54 3.36 58.16 34.59
C THR N 54 3.32 59.45 35.39
N ILE N 55 4.43 60.20 35.38
CA ILE N 55 4.56 61.38 36.22
C ILE N 55 3.85 62.61 35.66
N PHE N 56 3.44 62.58 34.40
CA PHE N 56 2.80 63.75 33.79
C PHE N 56 1.97 63.30 32.60
N LYS N 57 0.67 63.61 32.64
CA LYS N 57 -0.24 63.33 31.54
C LYS N 57 -1.16 64.53 31.38
N GLU N 58 -1.15 65.14 30.19
CA GLU N 58 -1.92 66.35 29.92
C GLU N 58 -2.57 66.24 28.56
N PRO N 59 -3.86 66.56 28.46
CA PRO N 59 -4.53 66.61 27.15
C PRO N 59 -4.02 67.78 26.33
N ARG N 60 -4.13 67.63 25.00
CA ARG N 60 -3.65 68.64 24.06
C ARG N 60 -4.48 69.92 24.09
N TRP N 61 -5.79 69.81 24.17
CA TRP N 61 -6.67 70.97 24.14
C TRP N 61 -7.32 71.16 25.50
N PRO N 62 -6.90 72.16 26.29
CA PRO N 62 -7.53 72.36 27.61
C PRO N 62 -8.93 72.93 27.53
N VAL N 63 -9.29 73.59 26.44
CA VAL N 63 -10.60 74.21 26.31
C VAL N 63 -11.24 73.67 25.03
N PRO N 64 -12.13 72.68 25.13
CA PRO N 64 -12.84 72.20 23.94
C PRO N 64 -13.70 73.29 23.34
N GLY N 65 -13.81 73.28 22.01
CA GLY N 65 -14.65 74.23 21.29
C GLY N 65 -13.89 75.32 20.58
N THR N 66 -12.59 75.45 20.76
CA THR N 66 -11.84 76.51 20.08
C THR N 66 -11.69 76.19 18.59
N LYS N 67 -11.48 77.24 17.80
CA LYS N 67 -11.35 77.07 16.36
C LYS N 67 -10.02 76.43 15.98
N ALA N 68 -8.98 76.63 16.79
CA ALA N 68 -7.68 76.05 16.49
C ALA N 68 -7.74 74.53 16.52
N GLU N 69 -8.45 73.98 17.51
CA GLU N 69 -8.62 72.53 17.59
C GLU N 69 -9.38 72.01 16.38
N LYS N 70 -10.44 72.71 15.97
CA LYS N 70 -11.19 72.32 14.79
C LYS N 70 -10.33 72.42 13.53
N ARG N 71 -9.52 73.48 13.43
CA ARG N 71 -8.64 73.65 12.28
C ARG N 71 -7.61 72.53 12.22
N THR N 72 -7.02 72.17 13.36
CA THR N 72 -6.04 71.10 13.38
C THR N 72 -6.67 69.76 13.00
N GLU N 73 -7.91 69.53 13.44
CA GLU N 73 -8.61 68.29 13.08
C GLU N 73 -8.82 68.20 11.57
N ARG N 74 -9.13 69.32 10.92
CA ARG N 74 -9.30 69.32 9.48
C ARG N 74 -7.97 69.07 8.77
N LEU N 75 -6.87 69.56 9.31
CA LEU N 75 -5.56 69.32 8.70
C LEU N 75 -5.21 67.84 8.72
N VAL N 76 -5.49 67.16 9.84
CA VAL N 76 -5.22 65.73 9.92
C VAL N 76 -6.13 64.96 8.96
N ALA N 77 -7.40 65.37 8.86
CA ALA N 77 -8.31 64.72 7.94
C ALA N 77 -7.86 64.92 6.49
N TYR N 78 -7.32 66.10 6.17
CA TYR N 78 -6.84 66.35 4.82
C TYR N 78 -5.70 65.42 4.45
N TRP N 79 -4.77 65.20 5.38
CA TRP N 79 -3.66 64.27 5.12
C TRP N 79 -4.17 62.84 4.94
N LEU N 80 -5.14 62.43 5.76
CA LEU N 80 -5.68 61.08 5.64
C LEU N 80 -6.54 60.93 4.39
N MET N 81 -7.33 61.95 4.06
CA MET N 81 -8.12 61.90 2.83
C MET N 81 -7.24 61.92 1.59
N LEU N 82 -6.13 62.64 1.63
CA LEU N 82 -5.21 62.65 0.50
C LEU N 82 -4.58 61.27 0.30
N GLY N 83 -4.43 60.50 1.37
CA GLY N 83 -3.94 59.13 1.21
C GLY N 83 -4.92 58.25 0.47
N GLY N 84 -6.21 58.37 0.77
CA GLY N 84 -7.22 57.62 0.04
C GLY N 84 -7.36 58.07 -1.39
N LEU N 85 -7.27 59.37 -1.65
CA LEU N 85 -7.33 59.86 -3.02
C LEU N 85 -6.15 59.36 -3.85
N SER N 86 -4.95 59.35 -3.25
CA SER N 86 -3.79 58.82 -3.96
C SER N 86 -3.85 57.31 -4.06
N GLY N 87 -4.38 56.64 -3.03
CA GLY N 87 -4.52 55.20 -3.10
C GLY N 87 -5.50 54.76 -4.18
N LEU N 88 -6.60 55.50 -4.34
CA LEU N 88 -7.53 55.23 -5.43
C LEU N 88 -6.89 55.51 -6.78
N ALA N 89 -6.02 56.52 -6.85
CA ALA N 89 -5.32 56.81 -8.09
C ALA N 89 -4.38 55.67 -8.48
N LEU N 90 -3.74 55.04 -7.48
CA LEU N 90 -2.85 53.92 -7.78
C LEU N 90 -3.62 52.77 -8.43
N LEU N 91 -4.81 52.47 -7.94
CA LEU N 91 -5.63 51.44 -8.55
C LEU N 91 -6.03 51.83 -9.97
N LEU N 92 -6.31 53.11 -10.20
CA LEU N 92 -6.74 53.55 -11.52
C LEU N 92 -5.59 53.53 -12.52
N VAL N 93 -4.41 54.03 -12.12
CA VAL N 93 -3.29 54.07 -13.05
C VAL N 93 -2.76 52.68 -13.34
N PHE N 94 -2.84 51.76 -12.37
CA PHE N 94 -2.39 50.40 -12.61
C PHE N 94 -3.26 49.71 -13.66
N LEU N 95 -4.56 49.95 -13.61
CA LEU N 95 -5.48 49.31 -14.55
C LEU N 95 -5.50 50.05 -15.89
N PHE N 96 -5.90 51.32 -15.88
CA PHE N 96 -6.12 52.08 -17.10
C PHE N 96 -4.97 53.05 -17.32
N TRP N 97 -3.90 52.54 -17.93
CA TRP N 97 -2.76 53.35 -18.36
C TRP N 97 -1.88 52.51 -19.27
N PRO N 98 -1.36 53.08 -20.35
CA PRO N 98 -0.45 52.32 -21.23
C PRO N 98 0.82 51.90 -20.51
N TRP N 99 0.98 50.60 -20.27
CA TRP N 99 2.11 50.08 -19.52
C TRP N 99 3.11 49.32 -20.38
N GLU N 100 2.71 48.86 -21.56
CA GLU N 100 3.59 48.07 -22.40
C GLU N 100 4.80 48.89 -22.86
N TYR N 101 5.94 48.22 -22.95
CA TYR N 101 7.17 48.89 -23.38
C TYR N 101 7.06 49.36 -24.82
N GLN N 102 7.50 50.59 -25.06
CA GLN N 102 7.49 51.16 -26.40
C GLN N 102 8.91 51.51 -26.83
N PRO N 103 9.26 51.26 -28.09
CA PRO N 103 10.63 51.53 -28.54
C PRO N 103 10.92 53.02 -28.60
N PHE N 104 12.21 53.35 -28.52
CA PHE N 104 12.65 54.74 -28.63
C PHE N 104 12.23 55.30 -29.98
N GLY N 105 11.58 56.45 -29.98
CA GLY N 105 11.11 57.06 -31.20
C GLY N 105 9.81 56.45 -31.67
N SER N 106 8.78 56.54 -30.83
CA SER N 106 7.47 55.99 -31.16
C SER N 106 6.40 56.88 -30.51
N GLU N 107 5.17 56.73 -31.01
CA GLU N 107 4.08 57.57 -30.53
C GLU N 107 3.80 57.32 -29.05
N GLY N 108 3.81 56.06 -28.62
CA GLY N 108 3.53 55.71 -27.25
C GLY N 108 4.73 55.69 -26.33
N GLU N 109 5.90 56.12 -26.79
CA GLU N 109 7.09 56.08 -25.96
C GLU N 109 6.97 57.03 -24.77
N PHE N 110 6.41 58.22 -24.98
CA PHE N 110 6.29 59.18 -23.89
C PHE N 110 5.36 58.67 -22.79
N LEU N 111 4.22 58.09 -23.17
CA LEU N 111 3.28 57.60 -22.18
C LEU N 111 3.84 56.39 -21.43
N TYR N 112 4.59 55.53 -22.10
CA TYR N 112 5.22 54.40 -21.43
C TYR N 112 6.24 54.86 -20.40
N SER N 113 7.01 55.90 -20.73
CA SER N 113 8.04 56.38 -19.82
C SER N 113 7.46 56.92 -18.52
N LEU N 114 6.18 57.27 -18.50
CA LEU N 114 5.50 57.75 -17.31
C LEU N 114 4.76 56.66 -16.56
N ALA N 115 4.83 55.41 -17.02
CA ALA N 115 4.09 54.33 -16.38
C ALA N 115 4.67 54.01 -15.01
N THR N 116 5.94 53.63 -14.96
CA THR N 116 6.57 53.35 -13.68
C THR N 116 6.61 54.55 -12.73
N PRO N 117 6.96 55.76 -13.17
CA PRO N 117 6.90 56.91 -12.24
C PRO N 117 5.52 57.13 -11.63
N LEU N 118 4.45 56.92 -12.39
CA LEU N 118 3.12 57.06 -11.82
C LEU N 118 2.80 55.92 -10.85
N TYR N 119 3.35 54.73 -11.08
CA TYR N 119 3.15 53.64 -10.14
C TYR N 119 3.75 53.96 -8.78
N GLY N 120 4.95 54.55 -8.77
CA GLY N 120 5.57 54.94 -7.51
C GLY N 120 5.07 56.25 -6.94
N LEU N 121 4.56 57.14 -7.79
CA LEU N 121 4.04 58.41 -7.29
C LEU N 121 2.69 58.22 -6.59
N THR N 122 1.84 57.37 -7.15
CA THR N 122 0.53 57.13 -6.56
C THR N 122 0.54 56.12 -5.42
N PHE N 123 1.63 55.38 -5.26
CA PHE N 123 1.76 54.40 -4.19
C PHE N 123 2.50 54.96 -2.98
N GLY N 124 3.71 55.50 -3.19
CA GLY N 124 4.48 56.04 -2.08
C GLY N 124 3.80 57.23 -1.43
N LEU N 125 3.28 58.15 -2.24
CA LEU N 125 2.60 59.32 -1.70
C LEU N 125 1.30 58.97 -1.01
N SER N 126 0.68 57.84 -1.35
CA SER N 126 -0.56 57.43 -0.70
C SER N 126 -0.31 57.02 0.75
N ILE N 127 0.72 56.23 0.99
CA ILE N 127 1.01 55.75 2.34
C ILE N 127 1.89 56.72 3.12
N LEU N 128 2.69 57.54 2.42
CA LEU N 128 3.45 58.57 3.11
C LEU N 128 2.52 59.60 3.76
N SER N 129 1.47 60.01 3.04
CA SER N 129 0.51 60.95 3.60
C SER N 129 -0.27 60.32 4.76
N ILE N 130 -0.58 59.03 4.67
CA ILE N 130 -1.25 58.36 5.78
C ILE N 130 -0.37 58.36 7.02
N GLY N 131 0.92 58.07 6.84
CA GLY N 131 1.83 58.13 7.97
C GLY N 131 2.01 59.53 8.51
N ILE N 132 2.00 60.53 7.63
CA ILE N 132 2.07 61.91 8.08
C ILE N 132 0.84 62.29 8.88
N GLY N 133 -0.34 61.87 8.42
CA GLY N 133 -1.57 62.16 9.13
C GLY N 133 -1.68 61.45 10.46
N ALA N 134 -0.94 60.35 10.65
CA ALA N 134 -0.93 59.64 11.92
C ALA N 134 0.05 60.26 12.91
N VAL N 135 1.20 60.72 12.43
CA VAL N 135 2.15 61.42 13.30
C VAL N 135 1.54 62.72 13.80
N LEU N 136 0.85 63.45 12.92
CA LEU N 136 0.17 64.67 13.35
C LEU N 136 -0.90 64.38 14.38
N PHE N 137 -1.62 63.27 14.22
CA PHE N 137 -2.65 62.90 15.19
C PHE N 137 -2.05 62.59 16.55
N GLN N 138 -0.91 61.91 16.57
CA GLN N 138 -0.36 61.45 17.85
C GLN N 138 0.28 62.59 18.64
N LYS N 139 0.81 63.61 17.96
CA LYS N 139 1.47 64.72 18.65
C LYS N 139 0.59 65.96 18.74
N LYS N 140 -0.66 65.89 18.31
CA LYS N 140 -1.60 66.99 18.44
C LYS N 140 -2.94 66.61 19.04
N PHE N 141 -3.26 65.32 19.14
CA PHE N 141 -4.51 64.88 19.76
C PHE N 141 -4.31 63.84 20.85
N ILE N 142 -3.35 62.94 20.68
CA ILE N 142 -3.03 61.98 21.75
C ILE N 142 -2.36 62.74 22.89
N PRO N 143 -2.81 62.58 24.14
CA PRO N 143 -2.25 63.37 25.23
C PRO N 143 -0.75 63.12 25.40
N GLU N 144 -0.01 64.19 25.68
CA GLU N 144 1.42 64.09 25.90
C GLU N 144 1.68 63.43 27.25
N GLU N 145 2.61 62.48 27.29
CA GLU N 145 2.92 61.75 28.50
C GLU N 145 4.42 61.56 28.62
N ILE N 146 4.87 61.39 29.86
CA ILE N 146 6.26 61.02 30.16
C ILE N 146 6.21 60.06 31.35
N SER N 147 6.57 58.80 31.10
CA SER N 147 6.47 57.75 32.11
C SER N 147 7.86 57.21 32.42
N VAL N 148 8.09 56.93 33.69
CA VAL N 148 9.37 56.42 34.17
C VAL N 148 9.17 54.96 34.60
N GLN N 149 9.94 54.06 34.00
CA GLN N 149 9.87 52.64 34.30
C GLN N 149 11.16 52.22 35.00
N ASP N 150 11.04 51.60 36.17
CA ASP N 150 12.19 51.13 36.91
C ASP N 150 12.74 49.87 36.24
N ARG N 151 14.01 49.90 35.88
CA ARG N 151 14.66 48.77 35.23
C ARG N 151 15.39 47.94 36.29
N HIS N 152 15.04 46.66 36.37
CA HIS N 152 15.67 45.74 37.33
C HIS N 152 16.84 45.00 36.69
N ASP N 153 17.78 45.77 36.15
CA ASP N 153 18.95 45.19 35.50
C ASP N 153 19.92 44.62 36.55
N GLY N 154 20.90 43.88 36.07
CA GLY N 154 21.89 43.27 36.92
C GLY N 154 21.55 41.83 37.26
N ARG N 155 22.13 41.38 38.37
CA ARG N 155 21.93 40.01 38.81
C ARG N 155 20.54 39.83 39.42
N SER N 156 20.08 38.58 39.41
CA SER N 156 18.80 38.24 40.01
C SER N 156 18.89 38.38 41.53
N PRO N 157 17.75 38.53 42.23
CA PRO N 157 17.80 38.86 43.65
C PRO N 157 18.17 37.69 44.55
N GLU N 158 19.17 36.90 44.14
CA GLU N 158 19.85 35.93 44.99
C GLU N 158 18.94 34.78 45.42
N VAL N 159 17.66 34.84 45.07
CA VAL N 159 16.73 33.76 45.35
C VAL N 159 16.49 32.90 44.12
N HIS N 160 16.40 33.53 42.94
CA HIS N 160 16.33 32.78 41.70
C HIS N 160 17.68 32.22 41.29
N ARG N 161 18.77 32.92 41.63
CA ARG N 161 20.11 32.43 41.29
C ARG N 161 20.42 31.13 42.01
N LYS N 162 20.11 31.05 43.31
CA LYS N 162 20.41 29.85 44.08
C LYS N 162 19.53 28.68 43.64
N THR N 163 18.25 28.95 43.35
CA THR N 163 17.35 27.87 42.99
C THR N 163 17.67 27.31 41.61
N VAL N 164 17.96 28.18 40.63
CA VAL N 164 18.28 27.68 39.30
C VAL N 164 19.62 26.98 39.28
N ALA N 165 20.58 27.44 40.09
CA ALA N 165 21.87 26.75 40.18
C ALA N 165 21.71 25.37 40.81
N ALA N 166 20.89 25.27 41.85
CA ALA N 166 20.64 23.97 42.47
C ALA N 166 19.89 23.04 41.53
N ASN N 167 18.95 23.58 40.76
CA ASN N 167 18.18 22.76 39.83
C ASN N 167 19.08 22.12 38.78
N LEU N 168 20.02 22.89 38.23
CA LEU N 168 20.93 22.33 37.23
C LEU N 168 21.95 21.40 37.86
N THR N 169 22.44 21.74 39.05
CA THR N 169 23.41 20.88 39.74
C THR N 169 22.77 19.57 40.17
N ASP N 170 21.52 19.61 40.63
CA ASP N 170 20.85 18.39 41.04
C ASP N 170 20.66 17.43 39.87
N ALA N 171 20.32 17.96 38.69
CA ALA N 171 20.16 17.12 37.52
C ALA N 171 21.48 16.44 37.14
N LEU N 172 22.58 17.17 37.20
CA LEU N 172 23.88 16.58 36.86
C LEU N 172 24.35 15.61 37.93
N GLU N 173 24.23 15.99 39.20
CA GLU N 173 24.66 15.12 40.29
C GLU N 173 23.73 13.93 40.46
N GLY N 174 22.42 14.15 40.30
CA GLY N 174 21.47 13.07 40.47
C GLY N 174 21.62 12.00 39.41
N SER N 175 21.94 12.39 38.17
CA SER N 175 22.09 11.44 37.09
C SER N 175 23.33 10.57 37.23
N THR N 176 24.24 10.91 38.14
CA THR N 176 25.47 10.14 38.39
C THR N 176 26.32 10.00 37.14
N LEU N 177 26.22 10.97 36.23
CA LEU N 177 27.01 10.92 34.99
C LEU N 177 28.47 11.28 35.25
N LYS N 178 28.74 12.10 36.26
CA LYS N 178 30.11 12.54 36.53
C LYS N 178 30.99 11.38 36.98
N ARG N 179 30.45 10.48 37.80
CA ARG N 179 31.22 9.40 38.39
C ARG N 179 31.25 8.13 37.54
N ARG N 180 30.66 8.17 36.35
CA ARG N 180 30.67 7.04 35.41
C ARG N 180 31.48 7.47 34.20
N LYS N 181 32.79 7.22 34.26
CA LYS N 181 33.69 7.65 33.20
C LYS N 181 33.49 6.84 31.92
N VAL N 182 33.13 5.56 32.04
CA VAL N 182 32.99 4.72 30.86
C VAL N 182 31.84 5.20 29.98
N ILE N 183 30.76 5.70 30.60
CA ILE N 183 29.67 6.27 29.81
C ILE N 183 30.04 7.65 29.29
N GLY N 184 30.70 8.47 30.12
CA GLY N 184 31.04 9.82 29.71
C GLY N 184 32.01 9.87 28.53
N LEU N 185 33.08 9.06 28.59
CA LEU N 185 34.02 9.04 27.49
C LEU N 185 33.41 8.45 26.23
N SER N 186 32.59 7.40 26.38
CA SER N 186 31.92 6.82 25.22
C SER N 186 30.96 7.80 24.57
N LEU N 187 30.23 8.57 25.40
CA LEU N 187 29.31 9.56 24.86
C LEU N 187 30.04 10.63 24.06
N GLY N 188 31.17 11.11 24.59
CA GLY N 188 31.93 12.12 23.87
C GLY N 188 32.53 11.59 22.57
N ILE N 189 33.11 10.38 22.62
CA ILE N 189 33.68 9.78 21.42
C ILE N 189 32.57 9.43 20.43
N GLY N 190 31.46 8.88 20.94
CA GLY N 190 30.36 8.51 20.05
C GLY N 190 29.74 9.71 19.36
N LEU N 191 29.51 10.79 20.11
CA LEU N 191 28.97 12.00 19.50
C LEU N 191 29.98 12.66 18.58
N GLY N 192 31.27 12.64 18.96
CA GLY N 192 32.28 13.23 18.11
C GLY N 192 32.47 12.48 16.81
N ALA N 193 32.47 11.14 16.87
CA ALA N 193 32.62 10.34 15.65
C ALA N 193 31.44 10.53 14.72
N PHE N 194 30.22 10.54 15.26
CA PHE N 194 29.04 10.78 14.43
C PHE N 194 29.05 12.19 13.85
N GLY N 195 29.43 13.17 14.65
CA GLY N 195 29.48 14.54 14.15
C GLY N 195 30.53 14.73 13.07
N ALA N 196 31.71 14.13 13.26
CA ALA N 196 32.77 14.24 12.26
C ALA N 196 32.36 13.58 10.95
N GLY N 197 31.73 12.41 11.02
CA GLY N 197 31.29 11.74 9.81
C GLY N 197 30.18 12.48 9.10
N THR N 198 29.20 12.99 9.86
CA THR N 198 28.09 13.72 9.26
C THR N 198 28.57 15.02 8.63
N LEU N 199 29.44 15.76 9.32
CA LEU N 199 29.93 17.02 8.77
C LEU N 199 30.75 16.80 7.50
N VAL N 200 31.59 15.76 7.49
CA VAL N 200 32.38 15.46 6.30
C VAL N 200 31.47 15.05 5.15
N ALA N 201 30.49 14.18 5.43
CA ALA N 201 29.56 13.74 4.40
C ALA N 201 28.64 14.87 3.92
N PHE N 202 28.43 15.89 4.75
CA PHE N 202 27.56 17.00 4.35
C PHE N 202 28.26 17.93 3.37
N ILE N 203 29.56 18.13 3.52
CA ILE N 203 30.34 19.02 2.66
C ILE N 203 31.30 18.28 1.77
N GLY N 204 31.28 16.95 1.83
CA GLY N 204 32.17 16.10 1.02
C GLY N 204 31.79 16.14 -0.46
N GLY N 205 30.58 16.58 -0.76
CA GLY N 205 30.09 16.67 -2.16
C GLY N 205 30.35 18.04 -2.76
N LEU N 206 30.87 18.96 -1.96
CA LEU N 206 31.16 20.34 -2.45
C LEU N 206 32.68 20.55 -2.52
N ILE N 207 33.44 19.45 -2.43
CA ILE N 207 34.93 19.52 -2.48
C ILE N 207 35.40 18.89 -3.80
N LYS N 208 35.95 19.70 -4.70
CA LYS N 208 36.45 19.20 -6.02
C LYS N 208 37.93 19.55 -6.18
N ASN N 209 38.74 18.59 -6.62
CA ASN N 209 40.16 18.80 -6.83
C ASN N 209 40.38 19.70 -8.04
N PRO N 210 41.00 20.87 -7.87
CA PRO N 210 41.19 21.78 -9.02
C PRO N 210 42.22 21.30 -10.03
N TRP N 211 43.02 20.30 -9.68
CA TRP N 211 44.12 19.85 -10.54
C TRP N 211 43.90 18.45 -11.09
N LYS N 212 42.63 18.01 -11.12
CA LYS N 212 42.27 16.69 -11.67
C LYS N 212 42.31 16.77 -13.20
N PRO N 213 43.25 16.09 -13.89
CA PRO N 213 43.34 16.15 -15.35
C PRO N 213 42.00 15.89 -16.05
N VAL N 214 41.43 16.92 -16.70
CA VAL N 214 40.17 16.77 -17.39
C VAL N 214 40.18 17.35 -18.80
N VAL N 215 41.13 18.21 -19.15
CA VAL N 215 41.17 18.84 -20.46
C VAL N 215 42.09 18.02 -21.37
N PRO N 216 41.58 17.43 -22.45
CA PRO N 216 42.46 16.70 -23.38
C PRO N 216 43.33 17.67 -24.16
N THR N 217 44.64 17.51 -24.03
CA THR N 217 45.61 18.37 -24.70
C THR N 217 46.50 17.52 -25.62
N ALA N 218 47.50 18.17 -26.21
CA ALA N 218 48.43 17.46 -27.09
C ALA N 218 49.22 16.41 -26.32
N GLU N 219 49.64 16.74 -25.11
CA GLU N 219 50.40 15.83 -24.25
C GLU N 219 49.53 15.43 -23.07
N GLY N 220 48.75 14.36 -23.25
CA GLY N 220 47.92 13.85 -22.19
C GLY N 220 46.78 14.80 -21.81
N LYS N 221 46.35 14.67 -20.56
CA LYS N 221 45.28 15.49 -20.00
C LYS N 221 45.85 16.40 -18.92
N LYS N 222 45.50 17.68 -18.99
CA LYS N 222 46.01 18.64 -17.99
C LYS N 222 44.81 19.24 -17.24
N ALA N 223 45.11 20.04 -16.22
CA ALA N 223 44.11 20.74 -15.44
C ALA N 223 43.54 21.92 -16.23
N VAL N 224 42.41 22.44 -15.74
CA VAL N 224 41.71 23.51 -16.45
C VAL N 224 42.57 24.78 -16.49
N LEU N 225 43.18 25.13 -15.36
CA LEU N 225 43.95 26.37 -15.30
C LEU N 225 45.18 26.36 -16.21
N TRP N 226 45.77 25.18 -16.44
CA TRP N 226 46.96 25.09 -17.28
C TRP N 226 46.64 25.17 -18.76
N THR N 227 45.37 25.15 -19.14
CA THR N 227 44.95 25.10 -20.54
C THR N 227 44.04 26.26 -20.86
N SER N 228 43.79 26.44 -22.15
CA SER N 228 42.87 27.44 -22.66
C SER N 228 42.40 26.98 -24.04
N GLY N 229 41.75 27.88 -24.78
CA GLY N 229 41.32 27.54 -26.13
C GLY N 229 42.47 27.47 -27.13
N TRP N 230 43.63 28.02 -26.78
CA TRP N 230 44.80 27.99 -27.64
C TRP N 230 45.69 26.79 -27.39
N THR N 231 45.35 25.95 -26.42
CA THR N 231 46.15 24.76 -26.14
C THR N 231 45.94 23.74 -27.23
N PRO N 232 46.97 23.28 -27.94
CA PRO N 232 46.78 22.29 -28.99
C PRO N 232 46.25 20.98 -28.42
N ARG N 233 45.37 20.34 -29.19
CA ARG N 233 44.83 19.04 -28.82
C ARG N 233 45.59 17.89 -29.45
N PHE N 234 46.38 18.16 -30.49
CA PHE N 234 47.29 17.18 -31.07
C PHE N 234 48.44 17.94 -31.72
N LYS N 235 49.54 17.23 -31.95
CA LYS N 235 50.72 17.85 -32.52
C LYS N 235 50.43 18.35 -33.93
N GLY N 236 50.81 19.60 -34.20
CA GLY N 236 50.58 20.20 -35.50
C GLY N 236 49.20 20.77 -35.73
N GLU N 237 48.37 20.86 -34.69
CA GLU N 237 47.03 21.41 -34.84
C GLU N 237 47.08 22.87 -35.23
N THR N 238 46.20 23.27 -36.14
CA THR N 238 46.16 24.63 -36.65
C THR N 238 45.03 25.38 -35.98
N ILE N 239 45.36 26.49 -35.32
CA ILE N 239 44.40 27.36 -34.67
C ILE N 239 44.50 28.74 -35.31
N TYR N 240 43.37 29.28 -35.76
CA TYR N 240 43.33 30.53 -36.50
C TYR N 240 42.98 31.69 -35.57
N LEU N 241 43.58 32.85 -35.84
CA LEU N 241 43.21 34.09 -35.17
C LEU N 241 41.97 34.64 -35.86
N ALA N 242 40.82 34.07 -35.50
CA ALA N 242 39.58 34.38 -36.19
C ALA N 242 38.89 35.59 -35.57
N ARG N 243 38.38 36.46 -36.44
CA ARG N 243 37.59 37.60 -36.01
C ARG N 243 36.13 37.20 -35.82
N ALA N 244 35.38 38.05 -35.12
CA ALA N 244 33.96 37.86 -34.89
C ALA N 244 33.18 38.73 -35.86
N THR N 245 32.33 38.11 -36.69
CA THR N 245 31.50 38.86 -37.61
C THR N 245 30.54 39.79 -36.86
N GLY N 246 29.90 39.26 -35.83
CA GLY N 246 29.04 40.05 -34.98
C GLY N 246 29.38 39.86 -33.52
N ARG N 247 28.40 39.48 -32.71
CA ARG N 247 28.66 39.14 -31.32
C ARG N 247 29.42 37.83 -31.25
N PRO N 248 30.51 37.74 -30.49
CA PRO N 248 31.25 36.48 -30.41
C PRO N 248 30.38 35.36 -29.86
N GLY N 249 30.52 34.17 -30.45
CA GLY N 249 29.74 33.02 -30.07
C GLY N 249 28.37 32.94 -30.70
N GLU N 250 27.90 34.01 -31.34
CA GLU N 250 26.61 34.02 -32.01
C GLU N 250 26.72 34.25 -33.51
N SER N 251 27.89 34.57 -34.02
CA SER N 251 28.13 34.79 -35.44
C SER N 251 29.33 33.96 -35.88
N PRO N 252 29.38 33.57 -37.15
CA PRO N 252 30.49 32.74 -37.62
C PRO N 252 31.82 33.46 -37.48
N PHE N 253 32.86 32.70 -37.13
CA PHE N 253 34.21 33.24 -37.05
C PHE N 253 34.86 33.24 -38.42
N VAL N 254 35.57 34.31 -38.74
CA VAL N 254 36.20 34.49 -40.03
C VAL N 254 37.70 34.67 -39.84
N LYS N 255 38.49 33.98 -40.67
CA LYS N 255 39.92 34.11 -40.63
C LYS N 255 40.36 35.47 -41.17
N MET N 256 41.56 35.88 -40.80
CA MET N 256 42.12 37.15 -41.25
C MET N 256 43.54 36.94 -41.75
N ARG N 257 44.03 37.94 -42.47
CA ARG N 257 45.38 37.97 -43.01
C ARG N 257 46.10 39.19 -42.45
N PRO N 258 47.43 39.25 -42.53
CA PRO N 258 48.13 40.44 -42.02
C PRO N 258 47.68 41.74 -42.65
N GLU N 259 47.23 41.72 -43.90
CA GLU N 259 46.74 42.92 -44.57
C GLU N 259 45.28 43.18 -44.25
N ASP N 260 44.96 43.16 -42.95
CA ASP N 260 43.62 43.47 -42.47
C ASP N 260 43.61 44.43 -41.29
N ILE N 261 44.76 44.71 -40.69
CA ILE N 261 44.87 45.63 -39.57
C ILE N 261 45.78 46.77 -39.99
N ASP N 262 45.30 48.00 -39.84
CA ASP N 262 46.09 49.17 -40.18
C ASP N 262 47.13 49.46 -39.10
N ALA N 263 48.04 50.39 -39.40
CA ALA N 263 49.06 50.76 -38.44
C ALA N 263 48.44 51.36 -37.19
N GLY N 264 48.88 50.86 -36.03
CA GLY N 264 48.30 51.28 -34.78
C GLY N 264 46.94 50.71 -34.47
N GLY N 265 46.45 49.77 -35.27
CA GLY N 265 45.13 49.22 -35.06
C GLY N 265 45.11 48.12 -34.00
N MET N 266 43.89 47.77 -33.60
CA MET N 266 43.65 46.75 -32.60
C MET N 266 42.54 45.84 -33.07
N GLU N 267 42.73 44.53 -32.90
CA GLU N 267 41.73 43.55 -33.27
C GLU N 267 41.63 42.48 -32.19
N THR N 268 40.42 41.95 -32.01
CA THR N 268 40.16 40.90 -31.04
C THR N 268 40.01 39.57 -31.78
N VAL N 269 40.77 38.57 -31.36
CA VAL N 269 40.78 37.27 -32.02
C VAL N 269 40.43 36.20 -31.00
N PHE N 270 39.90 35.09 -31.52
CA PHE N 270 39.50 33.95 -30.71
C PHE N 270 40.10 32.68 -31.29
N PRO N 271 40.35 31.66 -30.46
CA PRO N 271 40.88 30.40 -30.98
C PRO N 271 39.82 29.60 -31.72
N TRP N 272 39.92 29.57 -33.04
CA TRP N 272 38.95 28.90 -33.89
C TRP N 272 39.64 27.84 -34.73
N ARG N 273 39.08 26.64 -34.75
CA ARG N 273 39.58 25.54 -35.57
C ARG N 273 38.70 25.37 -36.81
N GLU N 274 39.27 24.73 -37.82
CA GLU N 274 38.52 24.47 -39.04
C GLU N 274 37.34 23.54 -38.80
N SER N 275 37.48 22.61 -37.85
CA SER N 275 36.43 21.65 -37.54
C SER N 275 35.36 22.23 -36.62
N ASP N 276 35.47 23.50 -36.23
CA ASP N 276 34.48 24.11 -35.36
C ASP N 276 33.23 24.57 -36.10
N GLY N 277 33.28 24.66 -37.43
CA GLY N 277 32.13 25.09 -38.20
C GLY N 277 31.93 26.59 -38.14
N ASP N 278 30.78 27.02 -38.66
CA ASP N 278 30.41 28.43 -38.69
C ASP N 278 29.08 28.69 -38.00
N GLY N 279 28.64 27.78 -37.13
CA GLY N 279 27.42 27.97 -36.37
C GLY N 279 26.14 27.61 -37.09
N THR N 280 26.22 27.10 -38.32
CA THR N 280 25.01 26.71 -39.04
C THR N 280 24.30 25.54 -38.36
N THR N 281 25.06 24.57 -37.89
CA THR N 281 24.48 23.38 -37.25
C THR N 281 24.42 23.58 -35.73
N VAL N 282 23.64 22.71 -35.09
CA VAL N 282 23.49 22.79 -33.63
C VAL N 282 24.81 22.48 -32.94
N GLU N 283 25.50 21.43 -33.39
CA GLU N 283 26.78 21.06 -32.79
C GLU N 283 27.81 22.17 -32.97
N SER N 284 27.86 22.77 -34.16
CA SER N 284 28.81 23.85 -34.41
C SER N 284 28.48 25.08 -33.56
N GLU N 285 27.19 25.37 -33.37
CA GLU N 285 26.80 26.51 -32.56
C GLU N 285 27.23 26.33 -31.10
N HIS N 286 27.12 25.11 -30.58
CA HIS N 286 27.61 24.84 -29.24
C HIS N 286 29.12 25.01 -29.15
N LYS N 287 29.84 24.55 -30.17
CA LYS N 287 31.30 24.69 -30.17
C LYS N 287 31.71 26.16 -30.22
N LEU N 288 31.03 26.97 -31.05
CA LEU N 288 31.37 28.38 -31.14
C LEU N 288 31.03 29.12 -29.86
N THR N 289 29.92 28.73 -29.20
CA THR N 289 29.57 29.35 -27.93
C THR N 289 30.63 29.09 -26.87
N GLU N 290 31.16 27.86 -26.83
CA GLU N 290 32.21 27.54 -25.87
C GLU N 290 33.47 28.36 -26.12
N ILE N 291 33.76 28.67 -27.39
CA ILE N 291 34.92 29.50 -27.69
C ILE N 291 34.75 30.89 -27.09
N ALA N 292 33.56 31.48 -27.24
CA ALA N 292 33.31 32.79 -26.67
C ALA N 292 33.13 32.73 -25.15
N MET N 293 32.67 31.58 -24.64
CA MET N 293 32.51 31.43 -23.20
C MET N 293 33.85 31.27 -22.48
N GLY N 294 34.91 30.95 -23.20
CA GLY N 294 36.21 30.76 -22.61
C GLY N 294 36.73 31.99 -21.89
N VAL N 295 37.20 31.81 -20.66
CA VAL N 295 37.68 32.93 -19.87
C VAL N 295 39.10 33.34 -20.24
N ARG N 296 39.89 32.42 -20.82
CA ARG N 296 41.24 32.72 -21.25
C ARG N 296 41.38 32.71 -22.77
N ASN N 297 40.26 32.71 -23.50
CA ASN N 297 40.25 32.61 -24.95
C ASN N 297 40.60 33.92 -25.66
N PRO N 298 39.99 35.06 -25.30
CA PRO N 298 40.25 36.29 -26.07
C PRO N 298 41.72 36.69 -26.07
N VAL N 299 42.19 37.13 -27.24
CA VAL N 299 43.55 37.59 -27.42
C VAL N 299 43.51 38.90 -28.22
N MET N 300 44.27 39.89 -27.78
CA MET N 300 44.31 41.19 -28.43
C MET N 300 45.45 41.22 -29.44
N LEU N 301 45.12 41.42 -30.70
CA LEU N 301 46.10 41.51 -31.78
C LEU N 301 46.31 42.98 -32.12
N ILE N 302 47.56 43.43 -32.07
CA ILE N 302 47.91 44.81 -32.31
C ILE N 302 49.04 44.87 -33.33
N ARG N 303 48.98 45.86 -34.22
CA ARG N 303 50.04 46.11 -35.19
C ARG N 303 50.62 47.50 -34.93
N ILE N 304 51.91 47.54 -34.63
CA ILE N 304 52.59 48.80 -34.37
C ILE N 304 53.14 49.34 -35.68
N LYS N 305 53.29 50.66 -35.74
CA LYS N 305 53.76 51.30 -36.96
C LYS N 305 55.23 50.93 -37.21
N PRO N 306 55.64 50.87 -38.48
CA PRO N 306 57.04 50.52 -38.79
C PRO N 306 58.04 51.53 -38.25
N ALA N 307 57.63 52.76 -37.98
CA ALA N 307 58.50 53.78 -37.43
C ALA N 307 58.62 53.69 -35.91
N ASP N 308 58.26 52.56 -35.32
CA ASP N 308 58.34 52.38 -33.88
C ASP N 308 58.95 51.04 -33.47
N MET N 309 59.40 50.23 -34.43
CA MET N 309 60.00 48.94 -34.09
C MET N 309 61.32 49.09 -33.36
N HIS N 310 62.00 50.23 -33.49
CA HIS N 310 63.28 50.42 -32.80
C HIS N 310 63.10 50.46 -31.29
N ARG N 311 62.04 51.10 -30.82
CA ARG N 311 61.77 51.20 -29.38
C ARG N 311 60.89 50.05 -28.88
N VAL N 312 61.29 48.82 -29.23
CA VAL N 312 60.56 47.62 -28.85
C VAL N 312 61.52 46.72 -28.06
N ILE N 313 61.09 46.31 -26.87
CA ILE N 313 61.88 45.44 -26.00
C ILE N 313 61.20 44.08 -25.95
N LYS N 314 61.96 43.03 -26.21
CA LYS N 314 61.44 41.68 -26.21
C LYS N 314 61.49 41.07 -24.81
N ARG N 315 60.95 39.87 -24.69
CA ARG N 315 60.96 39.11 -23.45
C ARG N 315 61.80 37.86 -23.62
N LYS N 316 62.47 37.45 -22.54
CA LYS N 316 63.36 36.30 -22.58
C LYS N 316 62.54 35.02 -22.74
N GLY N 317 62.37 34.58 -23.98
CA GLY N 317 61.56 33.41 -24.28
C GLY N 317 60.55 33.70 -25.36
N GLN N 318 60.25 34.98 -25.58
CA GLN N 318 59.31 35.41 -26.61
C GLN N 318 59.98 36.33 -27.63
N GLU N 319 61.27 36.12 -27.89
CA GLU N 319 61.99 36.97 -28.83
C GLU N 319 61.44 36.82 -30.24
N SER N 320 61.13 35.60 -30.66
CA SER N 320 60.65 35.31 -32.01
C SER N 320 59.18 34.90 -32.00
N PHE N 321 58.38 35.52 -31.12
CA PHE N 321 56.95 35.24 -31.07
C PHE N 321 56.14 36.14 -32.00
N ASN N 322 56.57 37.37 -32.19
CA ASN N 322 55.86 38.30 -33.07
C ASN N 322 56.12 37.95 -34.54
N PHE N 323 55.18 38.34 -35.39
CA PHE N 323 55.30 38.16 -36.84
C PHE N 323 55.36 39.55 -37.47
N GLY N 324 56.57 39.97 -37.86
CA GLY N 324 56.74 41.31 -38.38
C GLY N 324 56.46 42.33 -37.30
N GLU N 325 55.55 43.27 -37.60
CA GLU N 325 55.13 44.28 -36.64
C GLU N 325 53.80 43.94 -35.98
N LEU N 326 53.41 42.67 -36.01
CA LEU N 326 52.16 42.21 -35.41
C LEU N 326 52.46 41.49 -34.10
N PHE N 327 51.76 41.89 -33.04
CA PHE N 327 51.92 41.29 -31.72
C PHE N 327 50.58 40.79 -31.22
N ALA N 328 50.63 39.69 -30.46
CA ALA N 328 49.43 39.04 -29.93
C ALA N 328 49.59 38.86 -28.43
N TYR N 329 48.91 39.70 -27.66
CA TYR N 329 48.86 39.59 -26.21
C TYR N 329 47.46 39.20 -25.79
N THR N 330 47.37 38.42 -24.71
CA THR N 330 46.06 38.01 -24.20
C THR N 330 45.28 39.24 -23.72
N LYS N 331 43.98 39.23 -24.00
CA LYS N 331 43.13 40.34 -23.59
C LYS N 331 42.80 40.30 -22.10
N VAL N 332 42.92 39.13 -21.47
CA VAL N 332 42.60 38.99 -20.06
C VAL N 332 43.69 39.65 -19.22
N CYS N 333 43.29 40.54 -18.32
CA CYS N 333 44.24 41.19 -17.43
C CYS N 333 44.83 40.19 -16.45
N SER N 334 46.10 40.39 -16.12
CA SER N 334 46.81 39.50 -15.22
C SER N 334 46.49 39.77 -13.75
N HIS N 335 45.77 40.85 -13.44
CA HIS N 335 45.48 41.17 -12.05
C HIS N 335 44.28 40.38 -11.54
N LEU N 336 43.10 40.59 -12.13
CA LEU N 336 41.89 39.96 -11.64
C LEU N 336 41.03 39.33 -12.75
N GLY N 337 41.47 39.36 -14.00
CA GLY N 337 40.80 38.64 -15.06
C GLY N 337 39.91 39.46 -15.96
N CYS N 338 39.85 40.77 -15.78
CA CYS N 338 39.03 41.60 -16.66
C CYS N 338 39.66 41.67 -18.05
N PRO N 339 38.92 41.38 -19.12
CA PRO N 339 39.47 41.58 -20.46
C PRO N 339 39.69 43.05 -20.76
N SER N 340 40.94 43.48 -20.85
CA SER N 340 41.29 44.88 -21.07
C SER N 340 40.95 45.24 -22.51
N SER N 341 39.84 45.97 -22.68
CA SER N 341 39.38 46.35 -24.01
C SER N 341 39.99 47.65 -24.49
N LEU N 342 40.21 48.60 -23.59
CA LEU N 342 40.74 49.90 -23.97
C LEU N 342 42.19 49.77 -24.43
N TYR N 343 42.56 50.56 -25.44
CA TYR N 343 43.90 50.53 -26.00
C TYR N 343 44.18 51.88 -26.64
N GLU N 344 45.26 52.53 -26.20
CA GLU N 344 45.65 53.85 -26.71
C GLU N 344 46.68 53.65 -27.81
N GLN N 345 46.27 53.91 -29.07
CA GLN N 345 47.17 53.72 -30.19
C GLN N 345 48.30 54.74 -30.20
N GLN N 346 48.08 55.92 -29.62
CA GLN N 346 49.10 56.95 -29.62
C GLN N 346 50.27 56.58 -28.71
N THR N 347 49.97 56.09 -27.52
CA THR N 347 50.99 55.77 -26.53
C THR N 347 51.33 54.28 -26.46
N TYR N 348 50.70 53.45 -27.29
CA TYR N 348 50.92 52.01 -27.29
C TYR N 348 50.71 51.40 -25.89
N ARG N 349 49.64 51.85 -25.23
CA ARG N 349 49.31 51.40 -23.89
C ARG N 349 47.99 50.64 -23.90
N ILE N 350 47.91 49.59 -23.08
CA ILE N 350 46.72 48.78 -22.92
C ILE N 350 46.13 49.07 -21.55
N LEU N 351 44.89 49.54 -21.53
CA LEU N 351 44.24 49.96 -20.29
C LEU N 351 43.14 48.98 -19.92
N CYS N 352 43.15 48.55 -18.65
CA CYS N 352 42.10 47.67 -18.13
C CYS N 352 41.00 48.51 -17.53
N PRO N 353 39.74 48.37 -17.97
CA PRO N 353 38.68 49.26 -17.48
C PRO N 353 38.25 49.01 -16.05
N CYS N 354 38.60 47.87 -15.46
CA CYS N 354 38.13 47.56 -14.11
C CYS N 354 38.88 48.35 -13.05
N HIS N 355 40.22 48.16 -12.99
CA HIS N 355 41.03 48.83 -11.94
C HIS N 355 42.08 49.79 -12.53
N GLN N 356 41.97 50.13 -13.82
CA GLN N 356 42.79 51.15 -14.46
C GLN N 356 44.29 50.80 -14.37
N SER N 357 44.64 49.72 -15.05
CA SER N 357 46.03 49.28 -15.18
C SER N 357 46.48 49.47 -16.61
N GLN N 358 47.67 50.04 -16.79
CA GLN N 358 48.25 50.25 -18.10
C GLN N 358 49.39 49.26 -18.33
N PHE N 359 49.38 48.62 -19.50
CA PHE N 359 50.44 47.71 -19.91
C PHE N 359 51.14 48.29 -21.13
N ASP N 360 52.46 48.39 -21.07
CA ASP N 360 53.25 48.96 -22.16
C ASP N 360 53.45 47.90 -23.23
N ALA N 361 52.69 48.01 -24.32
CA ALA N 361 52.73 47.00 -25.38
C ALA N 361 54.12 46.92 -26.02
N LEU N 362 54.87 48.02 -26.01
CA LEU N 362 56.22 47.98 -26.55
C LEU N 362 57.12 47.07 -25.73
N GLU N 363 57.01 47.14 -24.40
CA GLU N 363 57.85 46.34 -23.51
C GLU N 363 57.09 45.08 -23.07
N PHE N 364 56.88 44.20 -24.05
CA PHE N 364 56.21 42.90 -23.89
C PHE N 364 54.99 42.97 -22.97
N ALA N 365 54.21 44.05 -23.09
CA ALA N 365 52.96 44.21 -22.35
C ALA N 365 53.19 44.13 -20.84
N LYS N 366 54.30 44.67 -20.37
CA LYS N 366 54.54 44.69 -18.93
C LYS N 366 53.72 45.81 -18.29
N PRO N 367 53.29 45.62 -17.04
CA PRO N 367 52.50 46.65 -16.38
C PRO N 367 53.37 47.83 -15.96
N ILE N 368 52.82 49.03 -16.12
CA ILE N 368 53.53 50.24 -15.73
C ILE N 368 52.82 51.02 -14.63
N PHE N 369 51.52 50.81 -14.41
CA PHE N 369 50.81 51.52 -13.36
C PHE N 369 49.58 50.71 -12.99
N GLY N 370 49.14 50.87 -11.74
CA GLY N 370 47.96 50.19 -11.26
C GLY N 370 48.29 48.98 -10.41
N PRO N 371 47.25 48.24 -9.99
CA PRO N 371 47.48 47.07 -9.14
C PRO N 371 48.03 45.85 -9.86
N ALA N 372 48.12 45.89 -11.18
CA ALA N 372 48.69 44.77 -11.93
C ALA N 372 50.19 44.69 -11.72
N ALA N 373 50.70 43.47 -11.59
CA ALA N 373 52.13 43.24 -11.36
C ALA N 373 52.79 42.31 -12.36
N ARG N 374 52.03 41.55 -13.13
CA ARG N 374 52.57 40.60 -14.09
C ARG N 374 52.23 41.04 -15.51
N ALA N 375 53.16 40.80 -16.43
CA ALA N 375 52.95 41.16 -17.82
C ALA N 375 51.92 40.25 -18.46
N LEU N 376 51.18 40.79 -19.43
CA LEU N 376 50.21 40.01 -20.18
C LEU N 376 50.93 38.94 -21.00
N ALA N 377 50.35 37.74 -21.00
CA ALA N 377 50.95 36.64 -21.75
C ALA N 377 50.90 36.93 -23.25
N GLN N 378 51.97 36.54 -23.95
CA GLN N 378 52.10 36.77 -25.37
C GLN N 378 51.90 35.46 -26.12
N LEU N 379 51.04 35.48 -27.14
CA LEU N 379 50.77 34.29 -27.94
C LEU N 379 51.65 34.31 -29.18
N PRO N 380 52.47 33.29 -29.41
CA PRO N 380 53.24 33.25 -30.67
C PRO N 380 52.32 33.10 -31.87
N ILE N 381 52.61 33.86 -32.92
CA ILE N 381 51.79 33.88 -34.11
C ILE N 381 52.67 33.74 -35.34
N THR N 382 52.07 33.28 -36.42
CA THR N 382 52.73 33.12 -37.72
C THR N 382 51.65 33.02 -38.78
N ILE N 383 52.03 32.65 -39.99
CA ILE N 383 51.10 32.48 -41.10
C ILE N 383 51.22 31.07 -41.65
N ASP N 384 50.15 30.59 -42.26
CA ASP N 384 50.12 29.27 -42.86
C ASP N 384 50.46 29.38 -44.35
N GLU N 385 50.29 28.27 -45.08
CA GLU N 385 50.59 28.28 -46.50
C GLU N 385 49.64 29.18 -47.28
N ASP N 386 48.43 29.39 -46.77
CA ASP N 386 47.44 30.23 -47.43
C ASP N 386 47.52 31.69 -47.00
N GLY N 387 48.46 32.04 -46.12
CA GLY N 387 48.64 33.40 -45.68
C GLY N 387 47.77 33.84 -44.52
N TYR N 388 46.90 32.96 -44.01
CA TYR N 388 46.06 33.29 -42.88
C TYR N 388 46.87 33.32 -41.60
N LEU N 389 46.51 34.24 -40.70
CA LEU N 389 47.19 34.33 -39.42
C LEU N 389 46.82 33.14 -38.53
N VAL N 390 47.83 32.48 -37.99
CA VAL N 390 47.64 31.30 -37.15
C VAL N 390 48.51 31.45 -35.90
N ALA N 391 48.18 30.65 -34.89
CA ALA N 391 48.96 30.63 -33.66
C ALA N 391 50.12 29.65 -33.81
N ASN N 392 51.34 30.14 -33.54
CA ASN N 392 52.53 29.31 -33.67
C ASN N 392 52.66 28.28 -32.55
N GLY N 393 51.85 28.38 -31.51
CA GLY N 393 51.92 27.44 -30.41
C GLY N 393 51.06 27.88 -29.26
N ASP N 394 51.34 27.32 -28.08
CA ASP N 394 50.61 27.65 -26.87
C ASP N 394 51.37 28.71 -26.07
N PHE N 395 50.67 29.30 -25.10
CA PHE N 395 51.30 30.27 -24.22
C PHE N 395 52.40 29.60 -23.40
N VAL N 396 53.48 30.33 -23.15
CA VAL N 396 54.63 29.80 -22.42
C VAL N 396 54.43 30.01 -20.93
N GLU N 397 53.26 30.50 -20.54
CA GLU N 397 52.94 30.76 -19.15
C GLU N 397 51.43 30.73 -18.99
N PRO N 398 50.94 30.47 -17.78
CA PRO N 398 49.49 30.49 -17.55
C PRO N 398 48.89 31.87 -17.83
N VAL N 399 47.66 31.86 -18.31
CA VAL N 399 46.95 33.08 -18.70
C VAL N 399 45.93 33.41 -17.64
N GLY N 400 45.79 34.70 -17.32
CA GLY N 400 44.78 35.15 -16.39
C GLY N 400 45.36 35.50 -15.03
N PRO N 401 44.48 35.63 -14.03
CA PRO N 401 44.95 35.99 -12.69
C PRO N 401 45.83 34.91 -12.10
N ALA N 402 46.77 35.33 -11.25
CA ALA N 402 47.70 34.41 -10.64
C ALA N 402 47.03 33.68 -9.47
N PHE N 403 47.61 32.53 -9.12
CA PHE N 403 47.14 31.72 -8.01
C PHE N 403 48.32 31.18 -7.22
N TRP N 404 48.05 30.35 -6.21
CA TRP N 404 49.11 29.93 -5.30
C TRP N 404 50.13 29.03 -5.98
N GLU N 405 49.62 28.05 -6.76
CA GLU N 405 50.48 27.03 -7.43
C GLU N 405 50.99 27.52 -8.80
N ARG N 406 50.97 28.83 -9.05
CA ARG N 406 51.46 29.34 -10.31
C ARG N 406 52.98 29.50 -10.29
N LYS N 407 53.61 29.18 -11.41
CA LYS N 407 55.06 29.29 -11.61
C LYS N 407 55.86 28.73 -10.44
N CYS O 21 57.79 42.36 -4.62
CA CYS O 21 58.85 41.64 -5.32
C CYS O 21 58.60 41.62 -6.83
N SER O 22 59.64 41.32 -7.59
CA SER O 22 59.51 41.24 -9.04
C SER O 22 59.31 39.80 -9.47
N PRO O 23 58.48 39.55 -10.49
CA PRO O 23 58.27 38.19 -10.96
C PRO O 23 59.54 37.61 -11.56
N PRO O 24 60.04 36.50 -11.02
CA PRO O 24 61.27 35.92 -11.54
C PRO O 24 61.20 35.50 -13.00
N GLY O 25 60.03 35.05 -13.46
CA GLY O 25 59.89 34.61 -14.83
C GLY O 25 59.44 35.70 -15.77
N GLU O 26 59.95 36.92 -15.56
CA GLU O 26 59.58 38.07 -16.38
C GLU O 26 60.78 39.01 -16.44
N THR O 27 61.60 38.85 -17.48
CA THR O 27 62.76 39.69 -17.68
C THR O 27 62.89 40.05 -19.16
N ALA O 28 63.50 41.20 -19.42
CA ALA O 28 63.70 41.67 -20.78
C ALA O 28 64.82 40.89 -21.46
N SER O 29 64.78 40.89 -22.80
CA SER O 29 65.77 40.20 -23.61
C SER O 29 66.34 41.16 -24.64
N SER O 30 67.63 41.00 -24.93
CA SER O 30 68.31 41.83 -25.92
C SER O 30 68.62 41.09 -27.21
N GLU O 31 68.48 39.78 -27.24
CA GLU O 31 68.76 39.02 -28.46
C GLU O 31 67.69 39.32 -29.50
N PRO O 32 68.07 39.62 -30.74
CA PRO O 32 67.06 39.90 -31.78
C PRO O 32 66.20 38.70 -32.08
N GLY O 33 64.97 38.96 -32.48
CA GLY O 33 64.03 37.91 -32.82
C GLY O 33 64.05 37.58 -34.30
N THR O 34 63.84 36.29 -34.60
CA THR O 34 63.84 35.80 -35.96
C THR O 34 62.41 35.65 -36.47
N THR O 35 62.25 35.76 -37.78
CA THR O 35 60.93 35.62 -38.39
C THR O 35 60.43 34.20 -38.22
N PRO O 36 59.23 33.99 -37.68
CA PRO O 36 58.72 32.62 -37.51
C PRO O 36 58.49 31.94 -38.85
N ALA O 37 58.66 30.62 -38.84
CA ALA O 37 58.44 29.83 -40.03
C ALA O 37 56.96 29.70 -40.32
N ILE O 38 56.64 29.39 -41.58
CA ILE O 38 55.25 29.22 -41.98
C ILE O 38 54.69 27.95 -41.34
N TRP O 39 53.38 27.94 -41.14
CA TRP O 39 52.71 26.81 -40.48
C TRP O 39 52.25 25.80 -41.52
N THR O 40 52.56 24.53 -41.29
CA THR O 40 52.19 23.45 -42.21
C THR O 40 50.92 22.74 -41.75
N GLY O 41 50.93 22.19 -40.53
CA GLY O 41 49.76 21.54 -39.98
C GLY O 41 49.76 20.04 -40.16
N SER O 42 49.97 19.31 -39.07
CA SER O 42 49.95 17.85 -39.11
C SER O 42 48.60 17.36 -38.60
N PRO O 43 47.76 16.75 -39.45
CA PRO O 43 46.44 16.30 -39.00
C PRO O 43 46.53 14.93 -38.32
N SER O 44 46.09 14.87 -37.07
CA SER O 44 46.06 13.61 -36.33
C SER O 44 44.87 12.75 -36.73
N PRO O 45 43.63 13.29 -36.78
CA PRO O 45 42.56 12.39 -37.21
C PRO O 45 42.45 12.26 -38.73
#